data_6ZWW
#
_entry.id   6ZWW
#
_cell.length_a   220.854
_cell.length_b   126.198
_cell.length_c   179.253
_cell.angle_alpha   90.000
_cell.angle_beta   110.758
_cell.angle_gamma   90.000
#
_symmetry.space_group_name_H-M   'C 1 2 1'
#
loop_
_entity.id
_entity.type
_entity.pdbx_description
1 polymer 'ATP-dependent RNA helicase HrpA'
2 polymer ssRNA
3 non-polymer 'CALCIUM ION'
#
loop_
_entity_poly.entity_id
_entity_poly.type
_entity_poly.pdbx_seq_one_letter_code
_entity_poly.pdbx_strand_id
1 'polypeptide(L)'
;GAMTEQQKLTFTALQQRLDSLMLRDRLRFSRRLHGVKKVKNPDAQQAIFQEMAKEIDQAAGKVLLREAARPEITYPDNLP
VSQKKQDILEAIRDHQVVIVAGETGSGKTTQLPKICMELGRGIKGLIGHTQPRRLAARTVANRIAEELKTEPGGCIGYKV
RFSDHVSDNTMVKLMTDGILLAEIQQDRLLMQYDTIIIDEAHERSLNIDFLLGYLKELLPRRPDLKIIITSATIDPERFS
RHFNNAPIIEVSGRTYPVEVRYRPIVEEADDTERDQLQAIFDAVDELSQESHGDILIFMSGEREIRDTADALNKLNLRHT
EILPLYARLSNSEQNRVFQSHSGRRIVLATNVAETSLTVPGIKYVIDPGTARISRYSYRTKVQRLPIEPISQASANQRKG
RCGRVSEGICIRLYSEDDFLSRPEFTDPEILRTNLASVILQMTALGLGDIAAFPFVEAPDKRNIQDGVRLLEELGAITTD
EQASAYKLTPLGRQLSQLPVDPRLARMVLEAQKHGCVREAMIITSALSIQDPRERPMDKQQASDEKHRRFHDKESDFLAF
VNLWNYLGEQQKALSSNAFRRLCRTDYLNYLRVREWQDIYTQLRQVVKELGIPVNSEPAEYREIHIALLTGLLSHIGMKD
ADKQEYTGARNARFSIFPGSGLFKKPPKWVMVAELVETSRLWGRIAARIDPEWVEPVAQHLIKRTYSEPHWERAQGAVMA
TEKVTVYGLPIVAARKVNYSQIDPALCRELFIRHALVEGDWQTRHAFFRENLKLRAEVEELEHKS
;
A,C,E,G
2 'polyribonucleotide' UUUUUUUUUUUU B,D,F,H
#
# COMPACT_ATOMS: atom_id res chain seq x y z
N THR A 4 -35.39 -47.52 -34.77
CA THR A 4 -35.63 -48.14 -33.47
C THR A 4 -37.07 -47.94 -33.03
N GLU A 5 -37.85 -49.02 -33.03
CA GLU A 5 -39.23 -48.97 -32.56
C GLU A 5 -39.42 -49.57 -31.18
N GLN A 6 -38.64 -50.61 -30.83
CA GLN A 6 -38.68 -51.11 -29.46
C GLN A 6 -38.06 -50.13 -28.48
N GLN A 7 -37.02 -49.40 -28.90
CA GLN A 7 -36.42 -48.39 -28.04
C GLN A 7 -37.40 -47.26 -27.74
N LYS A 8 -38.27 -46.93 -28.69
CA LYS A 8 -39.29 -45.90 -28.44
C LYS A 8 -40.42 -46.41 -27.56
N LEU A 9 -40.58 -47.73 -27.44
CA LEU A 9 -41.54 -48.28 -26.47
C LEU A 9 -41.03 -48.09 -25.05
N THR A 10 -39.76 -48.41 -24.80
CA THR A 10 -39.14 -48.08 -23.52
C THR A 10 -39.10 -46.58 -23.29
N PHE A 11 -39.15 -45.78 -24.36
CA PHE A 11 -39.22 -44.33 -24.22
C PHE A 11 -40.63 -43.88 -23.86
N THR A 12 -41.63 -44.36 -24.62
CA THR A 12 -43.01 -43.93 -24.38
C THR A 12 -43.51 -44.43 -23.03
N ALA A 13 -43.12 -45.65 -22.65
CA ALA A 13 -43.54 -46.19 -21.36
C ALA A 13 -42.91 -45.42 -20.20
N LEU A 14 -41.71 -44.86 -20.41
CA LEU A 14 -41.03 -44.16 -19.34
C LEU A 14 -41.66 -42.79 -19.08
N GLN A 15 -41.91 -42.02 -20.15
CA GLN A 15 -42.57 -40.73 -19.99
C GLN A 15 -43.93 -40.87 -19.34
N GLN A 16 -44.68 -41.92 -19.70
CA GLN A 16 -46.00 -42.12 -19.12
C GLN A 16 -45.92 -42.30 -17.60
N ARG A 17 -44.92 -43.05 -17.13
CA ARG A 17 -44.67 -43.16 -15.70
C ARG A 17 -44.29 -41.82 -15.08
N LEU A 18 -43.67 -40.94 -15.87
CA LEU A 18 -43.08 -39.70 -15.37
C LEU A 18 -44.11 -38.71 -14.82
N ASP A 19 -45.40 -38.90 -15.11
CA ASP A 19 -46.45 -38.06 -14.54
C ASP A 19 -46.61 -38.25 -13.03
N SER A 20 -45.96 -39.25 -12.44
CA SER A 20 -46.01 -39.46 -11.00
C SER A 20 -44.70 -39.02 -10.35
N LEU A 21 -44.39 -37.74 -10.53
CA LEU A 21 -43.19 -37.14 -9.96
C LEU A 21 -43.50 -35.71 -9.58
N MET A 22 -42.54 -35.10 -8.88
CA MET A 22 -42.63 -33.68 -8.61
C MET A 22 -42.44 -32.91 -9.91
N LEU A 23 -43.09 -31.74 -9.99
CA LEU A 23 -43.08 -30.98 -11.23
C LEU A 23 -41.66 -30.56 -11.62
N ARG A 24 -40.84 -30.23 -10.63
CA ARG A 24 -39.44 -29.89 -10.91
C ARG A 24 -38.73 -31.04 -11.61
N ASP A 25 -38.88 -32.26 -11.09
CA ASP A 25 -38.24 -33.43 -11.71
C ASP A 25 -38.87 -33.75 -13.06
N ARG A 26 -40.21 -33.69 -13.14
CA ARG A 26 -40.93 -34.02 -14.37
C ARG A 26 -40.46 -33.19 -15.55
N LEU A 27 -39.90 -32.01 -15.31
CA LEU A 27 -39.42 -31.17 -16.41
C LEU A 27 -38.07 -31.65 -16.92
N ARG A 28 -37.10 -31.84 -16.02
CA ARG A 28 -35.74 -32.14 -16.44
C ARG A 28 -35.65 -33.51 -17.11
N PHE A 29 -36.38 -34.50 -16.61
CA PHE A 29 -36.35 -35.82 -17.24
C PHE A 29 -37.02 -35.80 -18.61
N SER A 30 -38.11 -35.04 -18.75
CA SER A 30 -38.80 -34.97 -20.03
C SER A 30 -37.90 -34.35 -21.11
N ARG A 31 -37.14 -33.32 -20.74
CA ARG A 31 -36.17 -32.76 -21.69
C ARG A 31 -35.03 -33.72 -21.96
N ARG A 32 -34.53 -34.37 -20.90
CA ARG A 32 -33.38 -35.26 -21.04
C ARG A 32 -33.69 -36.45 -21.94
N LEU A 33 -34.94 -36.95 -21.90
CA LEU A 33 -35.35 -38.02 -22.80
C LEU A 33 -35.39 -37.54 -24.25
N HIS A 34 -35.89 -36.32 -24.46
CA HIS A 34 -36.00 -35.78 -25.81
C HIS A 34 -34.66 -35.60 -26.49
N GLY A 35 -33.57 -35.58 -25.73
CA GLY A 35 -32.23 -35.56 -26.29
C GLY A 35 -31.58 -36.91 -26.41
N VAL A 36 -32.30 -37.99 -26.10
CA VAL A 36 -31.71 -39.32 -26.12
C VAL A 36 -31.71 -39.90 -27.54
N LYS A 37 -32.84 -39.79 -28.25
CA LYS A 37 -32.87 -40.29 -29.62
C LYS A 37 -31.86 -39.56 -30.51
N LYS A 38 -31.39 -38.39 -30.07
CA LYS A 38 -30.34 -37.69 -30.82
C LYS A 38 -29.07 -38.52 -30.93
N VAL A 39 -28.78 -39.37 -29.95
CA VAL A 39 -27.60 -40.21 -30.06
C VAL A 39 -27.88 -41.31 -31.07
N LYS A 40 -26.85 -41.65 -31.85
CA LYS A 40 -27.03 -42.60 -32.93
C LYS A 40 -27.20 -44.02 -32.40
N ASN A 41 -26.23 -44.49 -31.64
CA ASN A 41 -26.13 -45.91 -31.29
C ASN A 41 -27.31 -46.36 -30.43
N PRO A 42 -28.12 -47.32 -30.89
CA PRO A 42 -29.20 -47.84 -30.03
C PRO A 42 -28.67 -48.60 -28.83
N ASP A 43 -27.48 -49.20 -28.93
CA ASP A 43 -26.86 -49.82 -27.76
C ASP A 43 -26.59 -48.80 -26.67
N ALA A 44 -26.27 -47.56 -27.04
CA ALA A 44 -26.09 -46.51 -26.04
C ALA A 44 -27.44 -46.12 -25.43
N GLN A 45 -28.49 -46.03 -26.25
CA GLN A 45 -29.80 -45.64 -25.76
C GLN A 45 -30.29 -46.59 -24.67
N GLN A 46 -30.27 -47.89 -24.95
CA GLN A 46 -30.74 -48.87 -23.96
C GLN A 46 -29.95 -48.80 -22.66
N ALA A 47 -28.77 -48.18 -22.69
CA ALA A 47 -27.99 -47.97 -21.47
C ALA A 47 -28.37 -46.69 -20.74
N ILE A 48 -29.02 -45.74 -21.41
CA ILE A 48 -29.31 -44.44 -20.81
C ILE A 48 -30.76 -44.38 -20.36
N PHE A 49 -31.64 -45.16 -21.01
CA PHE A 49 -32.97 -45.35 -20.45
C PHE A 49 -32.90 -46.12 -19.14
N GLN A 50 -32.10 -47.19 -19.10
CA GLN A 50 -31.96 -47.98 -17.89
C GLN A 50 -31.45 -47.14 -16.73
N GLU A 51 -30.56 -46.18 -17.02
CA GLU A 51 -30.06 -45.32 -15.94
C GLU A 51 -31.10 -44.30 -15.50
N MET A 52 -31.77 -43.64 -16.45
CA MET A 52 -32.75 -42.65 -16.04
C MET A 52 -33.92 -43.30 -15.32
N ALA A 53 -34.28 -44.52 -15.71
CA ALA A 53 -35.34 -45.21 -14.97
C ALA A 53 -34.90 -45.52 -13.55
N LYS A 54 -33.61 -45.74 -13.33
CA LYS A 54 -33.08 -45.85 -11.98
C LYS A 54 -33.15 -44.52 -11.24
N GLU A 55 -32.94 -43.41 -11.97
CA GLU A 55 -33.07 -42.07 -11.39
C GLU A 55 -34.53 -41.66 -11.30
N ILE A 56 -35.36 -42.07 -12.26
CA ILE A 56 -36.79 -41.81 -12.20
C ILE A 56 -37.40 -42.57 -11.02
N ASP A 57 -36.92 -43.79 -10.80
CA ASP A 57 -37.40 -44.59 -9.67
C ASP A 57 -37.12 -43.90 -8.35
N GLN A 58 -35.94 -43.28 -8.21
CA GLN A 58 -35.67 -42.53 -6.98
C GLN A 58 -36.61 -41.34 -6.85
N ALA A 59 -36.83 -40.62 -7.95
CA ALA A 59 -37.74 -39.49 -7.92
C ALA A 59 -39.17 -39.93 -7.70
N ALA A 60 -39.58 -41.04 -8.33
CA ALA A 60 -40.95 -41.50 -8.12
C ALA A 60 -41.16 -41.92 -6.67
N GLY A 61 -40.15 -42.52 -6.07
CA GLY A 61 -40.24 -42.88 -4.66
C GLY A 61 -40.13 -41.68 -3.76
N LYS A 62 -39.48 -40.63 -4.23
CA LYS A 62 -39.33 -39.41 -3.44
C LYS A 62 -40.69 -38.82 -3.08
N VAL A 63 -41.63 -38.76 -4.03
CA VAL A 63 -42.94 -38.21 -3.74
C VAL A 63 -43.73 -39.13 -2.80
N LEU A 64 -43.58 -40.45 -2.98
CA LEU A 64 -44.28 -41.40 -2.12
C LEU A 64 -43.83 -41.26 -0.67
N LEU A 65 -42.51 -41.19 -0.45
CA LEU A 65 -42.01 -40.89 0.89
C LEU A 65 -42.52 -39.55 1.39
N ARG A 66 -42.62 -38.57 0.48
CA ARG A 66 -43.10 -37.24 0.82
C ARG A 66 -44.53 -37.26 1.32
N GLU A 67 -45.39 -38.08 0.70
CA GLU A 67 -46.78 -38.19 1.14
C GLU A 67 -46.90 -38.78 2.53
N ALA A 68 -45.89 -39.52 3.00
CA ALA A 68 -45.96 -40.08 4.34
C ALA A 68 -45.82 -39.00 5.40
N ALA A 69 -45.09 -37.93 5.10
CA ALA A 69 -44.85 -36.86 6.06
C ALA A 69 -46.03 -35.89 6.16
N ARG A 70 -47.10 -36.10 5.40
CA ARG A 70 -48.28 -35.26 5.52
C ARG A 70 -48.85 -35.37 6.94
N PRO A 71 -49.03 -34.26 7.63
CA PRO A 71 -49.50 -34.30 9.02
C PRO A 71 -51.02 -34.21 9.13
N GLU A 72 -51.50 -34.36 10.36
CA GLU A 72 -52.92 -34.22 10.63
C GLU A 72 -53.37 -32.80 10.32
N ILE A 73 -54.61 -32.67 9.86
CA ILE A 73 -55.22 -31.38 9.57
C ILE A 73 -56.10 -30.97 10.75
N THR A 74 -55.81 -29.81 11.34
CA THR A 74 -56.57 -29.31 12.47
C THR A 74 -56.97 -27.86 12.22
N TYR A 75 -58.24 -27.55 12.46
CA TYR A 75 -58.77 -26.20 12.32
C TYR A 75 -59.30 -25.76 13.68
N PRO A 76 -58.72 -24.76 14.33
CA PRO A 76 -59.28 -24.30 15.60
C PRO A 76 -60.68 -23.74 15.40
N ASP A 77 -61.58 -24.07 16.33
CA ASP A 77 -62.97 -23.60 16.25
C ASP A 77 -63.12 -22.13 16.58
N ASN A 78 -62.05 -21.47 17.05
CA ASN A 78 -62.16 -20.07 17.43
C ASN A 78 -62.36 -19.19 16.20
N LEU A 79 -61.73 -19.55 15.10
CA LEU A 79 -61.68 -18.70 13.92
C LEU A 79 -62.96 -18.84 13.11
N PRO A 80 -63.51 -17.73 12.62
CA PRO A 80 -64.69 -17.82 11.75
C PRO A 80 -64.41 -18.48 10.41
N VAL A 81 -63.16 -18.52 9.95
CA VAL A 81 -62.86 -19.13 8.66
C VAL A 81 -63.17 -20.62 8.67
N SER A 82 -63.00 -21.29 9.82
CA SER A 82 -63.24 -22.72 9.90
C SER A 82 -64.66 -23.09 9.49
N GLN A 83 -65.60 -22.15 9.55
CA GLN A 83 -66.95 -22.39 9.07
C GLN A 83 -67.03 -22.33 7.55
N LYS A 84 -66.44 -21.29 6.96
CA LYS A 84 -66.36 -21.20 5.51
C LYS A 84 -65.36 -22.18 4.91
N LYS A 85 -64.74 -23.08 5.68
CA LYS A 85 -63.73 -23.98 5.14
C LYS A 85 -64.30 -24.89 4.06
N GLN A 86 -65.52 -25.39 4.28
CA GLN A 86 -66.10 -26.32 3.33
C GLN A 86 -66.51 -25.61 2.04
N ASP A 87 -66.89 -24.34 2.13
CA ASP A 87 -67.26 -23.59 0.93
C ASP A 87 -66.04 -23.29 0.07
N ILE A 88 -64.94 -22.86 0.69
CA ILE A 88 -63.74 -22.50 -0.06
C ILE A 88 -63.08 -23.75 -0.64
N LEU A 89 -63.03 -24.84 0.13
CA LEU A 89 -62.35 -26.04 -0.33
C LEU A 89 -62.93 -26.52 -1.66
N GLU A 90 -64.26 -26.46 -1.79
CA GLU A 90 -64.87 -26.84 -3.06
C GLU A 90 -64.48 -25.86 -4.16
N ALA A 91 -64.41 -24.57 -3.83
CA ALA A 91 -64.10 -23.57 -4.83
C ALA A 91 -62.68 -23.70 -5.36
N ILE A 92 -61.73 -24.10 -4.51
CA ILE A 92 -60.34 -24.14 -4.92
C ILE A 92 -60.11 -25.27 -5.93
N ARG A 93 -60.60 -26.46 -5.63
CA ARG A 93 -60.37 -27.58 -6.54
C ARG A 93 -61.10 -27.40 -7.86
N ASP A 94 -62.22 -26.66 -7.86
CA ASP A 94 -63.01 -26.46 -9.06
C ASP A 94 -62.60 -25.25 -9.89
N HIS A 95 -61.95 -24.26 -9.28
CA HIS A 95 -61.56 -23.04 -9.97
C HIS A 95 -60.05 -22.85 -9.88
N GLN A 96 -59.44 -22.36 -10.96
CA GLN A 96 -58.01 -22.11 -10.93
C GLN A 96 -57.67 -20.95 -10.01
N VAL A 97 -58.52 -19.94 -9.96
CA VAL A 97 -58.29 -18.74 -9.17
C VAL A 97 -59.45 -18.55 -8.20
N VAL A 98 -59.12 -18.38 -6.92
CA VAL A 98 -60.10 -18.10 -5.88
C VAL A 98 -59.60 -16.88 -5.12
N ILE A 99 -60.53 -16.14 -4.53
CA ILE A 99 -60.19 -14.90 -3.82
C ILE A 99 -60.90 -14.91 -2.48
N VAL A 100 -60.13 -14.88 -1.39
CA VAL A 100 -60.66 -14.86 -0.04
C VAL A 100 -60.38 -13.47 0.54
N ALA A 101 -61.42 -12.84 1.06
CA ALA A 101 -61.33 -11.53 1.70
C ALA A 101 -62.01 -11.62 3.05
N GLY A 102 -61.34 -11.14 4.10
CA GLY A 102 -61.89 -11.26 5.44
C GLY A 102 -61.53 -10.09 6.32
N GLU A 103 -62.30 -9.94 7.39
CA GLU A 103 -62.03 -8.89 8.36
C GLU A 103 -60.83 -9.30 9.22
N THR A 104 -60.47 -8.43 10.16
CA THR A 104 -59.21 -8.59 10.88
C THR A 104 -59.17 -9.86 11.72
N GLY A 105 -60.31 -10.30 12.25
CA GLY A 105 -60.32 -11.46 13.13
C GLY A 105 -60.28 -12.81 12.44
N SER A 106 -60.56 -12.85 11.13
CA SER A 106 -60.89 -14.10 10.44
C SER A 106 -59.89 -15.23 10.75
N GLY A 107 -58.61 -14.97 10.59
CA GLY A 107 -57.63 -16.05 10.69
C GLY A 107 -57.51 -16.88 9.44
N LYS A 108 -57.88 -16.31 8.28
CA LYS A 108 -57.70 -16.97 7.00
C LYS A 108 -56.22 -17.20 6.69
N THR A 109 -55.35 -16.28 7.14
CA THR A 109 -53.93 -16.36 6.77
C THR A 109 -53.31 -17.66 7.24
N THR A 110 -53.58 -18.06 8.48
CA THR A 110 -52.98 -19.28 9.02
C THR A 110 -53.64 -20.54 8.46
N GLN A 111 -54.96 -20.52 8.30
CA GLN A 111 -55.67 -21.75 7.92
C GLN A 111 -55.70 -21.97 6.41
N LEU A 112 -55.37 -20.97 5.60
CA LEU A 112 -55.40 -21.15 4.15
C LEU A 112 -54.34 -22.15 3.68
N PRO A 113 -53.12 -22.15 4.21
CA PRO A 113 -52.18 -23.23 3.85
C PRO A 113 -52.69 -24.61 4.24
N LYS A 114 -53.45 -24.72 5.33
CA LYS A 114 -53.92 -26.02 5.77
C LYS A 114 -54.96 -26.60 4.81
N ILE A 115 -55.90 -25.78 4.34
CA ILE A 115 -56.90 -26.24 3.39
C ILE A 115 -56.24 -26.67 2.08
N CYS A 116 -55.17 -25.99 1.67
CA CYS A 116 -54.46 -26.42 0.47
C CYS A 116 -53.88 -27.82 0.68
N MET A 117 -53.35 -28.09 1.87
CA MET A 117 -52.80 -29.42 2.16
C MET A 117 -53.91 -30.46 2.23
N GLU A 118 -55.01 -30.14 2.92
CA GLU A 118 -56.16 -31.04 2.94
C GLU A 118 -56.64 -31.36 1.53
N LEU A 119 -56.49 -30.43 0.58
CA LEU A 119 -56.87 -30.73 -0.80
C LEU A 119 -55.88 -31.68 -1.46
N GLY A 120 -54.68 -31.82 -0.89
CA GLY A 120 -53.66 -32.70 -1.42
C GLY A 120 -52.51 -31.99 -2.08
N ARG A 121 -52.50 -30.66 -2.06
CA ARG A 121 -51.40 -29.89 -2.63
C ARG A 121 -50.26 -29.79 -1.63
N GLY A 122 -49.08 -29.49 -2.14
CA GLY A 122 -47.90 -29.36 -1.32
C GLY A 122 -46.96 -30.55 -1.40
N ILE A 123 -47.37 -31.63 -2.06
CA ILE A 123 -46.54 -32.84 -2.12
C ILE A 123 -45.77 -32.87 -3.45
N LYS A 124 -46.49 -32.89 -4.57
CA LYS A 124 -45.80 -32.90 -5.86
C LYS A 124 -45.10 -31.57 -6.12
N GLY A 125 -45.59 -30.49 -5.54
CA GLY A 125 -44.92 -29.21 -5.65
C GLY A 125 -45.23 -28.38 -4.42
N LEU A 126 -44.33 -27.44 -4.13
CA LEU A 126 -44.48 -26.61 -2.95
C LEU A 126 -45.69 -25.67 -3.09
N ILE A 127 -46.20 -25.20 -1.95
CA ILE A 127 -47.25 -24.17 -1.96
C ILE A 127 -46.67 -22.90 -1.35
N GLY A 128 -46.55 -21.88 -2.20
CA GLY A 128 -45.94 -20.64 -1.80
C GLY A 128 -46.96 -19.69 -1.20
N HIS A 129 -46.63 -19.15 -0.04
CA HIS A 129 -47.45 -18.14 0.65
C HIS A 129 -46.61 -16.89 0.80
N THR A 130 -47.11 -15.78 0.30
CA THR A 130 -46.35 -14.54 0.24
C THR A 130 -46.95 -13.47 1.14
N GLN A 131 -46.07 -12.78 1.89
CA GLN A 131 -46.38 -11.71 2.82
C GLN A 131 -45.59 -10.46 2.48
N PRO A 132 -46.15 -9.27 2.74
CA PRO A 132 -45.43 -8.03 2.39
C PRO A 132 -44.21 -7.74 3.24
N ARG A 133 -44.17 -8.17 4.49
CA ARG A 133 -43.02 -7.93 5.36
C ARG A 133 -42.41 -9.26 5.77
N ARG A 134 -41.13 -9.20 6.18
CA ARG A 134 -40.45 -10.43 6.60
C ARG A 134 -41.12 -11.05 7.82
N LEU A 135 -41.29 -10.26 8.89
CA LEU A 135 -41.85 -10.81 10.11
C LEU A 135 -43.22 -11.42 9.88
N ALA A 136 -44.01 -10.85 8.96
CA ALA A 136 -45.29 -11.44 8.62
C ALA A 136 -45.11 -12.83 8.02
N ALA A 137 -44.07 -13.02 7.21
CA ALA A 137 -43.78 -14.34 6.67
C ALA A 137 -43.26 -15.27 7.77
N ARG A 138 -42.44 -14.73 8.68
CA ARG A 138 -41.81 -15.56 9.69
C ARG A 138 -42.82 -15.98 10.76
N THR A 139 -43.61 -15.02 11.27
CA THR A 139 -44.56 -15.31 12.33
C THR A 139 -45.69 -16.20 11.83
N VAL A 140 -46.14 -16.02 10.59
CA VAL A 140 -47.21 -16.86 10.08
C VAL A 140 -46.72 -18.29 9.91
N ALA A 141 -45.46 -18.46 9.49
CA ALA A 141 -44.89 -19.81 9.41
C ALA A 141 -44.79 -20.44 10.79
N ASN A 142 -44.23 -19.71 11.77
CA ASN A 142 -44.16 -20.23 13.13
C ASN A 142 -45.53 -20.54 13.71
N ARG A 143 -46.58 -19.89 13.22
CA ARG A 143 -47.90 -20.13 13.80
C ARG A 143 -48.52 -21.39 13.24
N ILE A 144 -48.38 -21.64 11.94
CA ILE A 144 -48.94 -22.86 11.35
C ILE A 144 -48.18 -24.08 11.86
N ALA A 145 -46.90 -23.92 12.18
CA ALA A 145 -46.14 -25.01 12.78
C ALA A 145 -46.66 -25.31 14.19
N GLU A 146 -46.92 -24.26 14.98
CA GLU A 146 -47.48 -24.43 16.31
C GLU A 146 -48.80 -25.21 16.27
N GLU A 147 -49.69 -24.82 15.36
CA GLU A 147 -51.00 -25.45 15.22
C GLU A 147 -50.94 -26.85 14.61
N LEU A 148 -49.76 -27.32 14.20
CA LEU A 148 -49.61 -28.68 13.69
C LEU A 148 -48.66 -29.52 14.55
N LYS A 149 -48.28 -29.01 15.72
CA LYS A 149 -47.39 -29.72 16.66
C LYS A 149 -46.07 -30.11 16.00
N THR A 150 -45.62 -29.31 15.04
CA THR A 150 -44.31 -29.44 14.40
C THR A 150 -43.55 -28.13 14.57
N GLU A 151 -42.28 -28.17 14.28
CA GLU A 151 -41.54 -26.93 14.45
C GLU A 151 -41.21 -26.28 13.11
N PRO A 152 -41.00 -24.96 13.07
CA PRO A 152 -40.76 -24.29 11.79
C PRO A 152 -39.48 -24.75 11.13
N GLY A 153 -39.46 -24.61 9.80
CA GLY A 153 -38.40 -25.16 8.98
C GLY A 153 -38.63 -26.59 8.53
N GLY A 154 -39.57 -27.29 9.15
CA GLY A 154 -39.91 -28.64 8.76
C GLY A 154 -41.01 -28.63 7.73
N CYS A 155 -42.17 -29.20 8.09
CA CYS A 155 -43.30 -29.24 7.17
C CYS A 155 -43.68 -27.84 6.69
N ILE A 156 -43.65 -26.86 7.59
CA ILE A 156 -43.94 -25.47 7.25
C ILE A 156 -42.64 -24.70 7.38
N GLY A 157 -42.26 -24.00 6.30
CA GLY A 157 -41.03 -23.26 6.27
C GLY A 157 -41.21 -21.87 5.71
N TYR A 158 -40.22 -21.02 5.98
CA TYR A 158 -40.26 -19.63 5.55
C TYR A 158 -38.91 -19.23 4.98
N LYS A 159 -38.94 -18.47 3.89
CA LYS A 159 -37.73 -17.96 3.24
C LYS A 159 -37.83 -16.44 3.14
N VAL A 160 -36.82 -15.75 3.68
CA VAL A 160 -36.67 -14.30 3.56
C VAL A 160 -35.25 -14.00 3.08
N ARG A 161 -34.93 -12.70 2.96
CA ARG A 161 -33.70 -12.27 2.30
C ARG A 161 -32.44 -12.92 2.88
N PHE A 162 -32.44 -13.28 4.16
CA PHE A 162 -31.25 -13.88 4.73
C PHE A 162 -31.53 -15.11 5.59
N SER A 163 -32.74 -15.67 5.52
CA SER A 163 -33.06 -16.91 6.23
C SER A 163 -33.81 -17.84 5.30
N ASP A 164 -33.18 -18.94 4.91
CA ASP A 164 -33.79 -19.93 4.03
C ASP A 164 -34.11 -21.19 4.82
N HIS A 165 -35.13 -21.08 5.68
CA HIS A 165 -35.58 -22.18 6.52
C HIS A 165 -36.60 -22.99 5.75
N VAL A 166 -36.09 -23.87 4.90
CA VAL A 166 -36.88 -24.80 4.12
C VAL A 166 -36.15 -26.15 4.12
N SER A 167 -36.91 -27.24 4.18
CA SER A 167 -36.36 -28.59 4.16
C SER A 167 -36.92 -29.36 2.97
N ASP A 168 -36.47 -30.62 2.83
CA ASP A 168 -36.96 -31.44 1.73
C ASP A 168 -38.40 -31.89 1.95
N ASN A 169 -38.85 -31.99 3.20
CA ASN A 169 -40.23 -32.36 3.50
C ASN A 169 -41.15 -31.15 3.61
N THR A 170 -40.66 -29.94 3.32
CA THR A 170 -41.47 -28.74 3.41
C THR A 170 -42.59 -28.79 2.37
N MET A 171 -43.76 -28.27 2.74
CA MET A 171 -44.94 -28.31 1.88
C MET A 171 -45.56 -26.93 1.75
N VAL A 172 -45.35 -26.07 2.74
CA VAL A 172 -45.83 -24.69 2.73
C VAL A 172 -44.62 -23.80 2.88
N LYS A 173 -44.49 -22.82 2.00
CA LYS A 173 -43.32 -21.94 1.95
C LYS A 173 -43.79 -20.51 2.18
N LEU A 174 -43.65 -20.02 3.40
CA LEU A 174 -43.85 -18.60 3.66
C LEU A 174 -42.66 -17.81 3.15
N MET A 175 -42.93 -16.58 2.71
CA MET A 175 -41.88 -15.75 2.11
C MET A 175 -42.42 -14.36 1.90
N THR A 176 -41.50 -13.41 1.75
CA THR A 176 -41.86 -12.09 1.29
C THR A 176 -42.13 -12.13 -0.21
N ASP A 177 -42.98 -11.21 -0.67
CA ASP A 177 -43.34 -11.18 -2.09
C ASP A 177 -42.14 -10.95 -2.99
N GLY A 178 -41.13 -10.22 -2.50
CA GLY A 178 -39.93 -10.02 -3.28
C GLY A 178 -39.10 -11.27 -3.45
N ILE A 179 -39.17 -12.19 -2.48
CA ILE A 179 -38.48 -13.47 -2.61
C ILE A 179 -39.00 -14.23 -3.82
N LEU A 180 -40.33 -14.32 -3.93
CA LEU A 180 -40.92 -15.01 -5.09
C LEU A 180 -40.50 -14.34 -6.40
N LEU A 181 -40.37 -13.01 -6.40
CA LEU A 181 -39.94 -12.30 -7.60
C LEU A 181 -38.52 -12.68 -7.97
N ALA A 182 -37.62 -12.76 -6.98
CA ALA A 182 -36.25 -13.14 -7.26
C ALA A 182 -36.16 -14.53 -7.86
N GLU A 183 -37.08 -15.40 -7.48
CA GLU A 183 -37.10 -16.76 -8.00
C GLU A 183 -37.57 -16.84 -9.43
N ILE A 184 -38.17 -15.77 -9.96
CA ILE A 184 -38.72 -15.83 -11.31
C ILE A 184 -37.62 -15.87 -12.37
N GLN A 185 -36.52 -15.15 -12.18
CA GLN A 185 -35.48 -15.18 -13.21
C GLN A 185 -34.93 -16.59 -13.40
N GLN A 186 -34.72 -17.29 -12.29
CA GLN A 186 -34.17 -18.64 -12.33
C GLN A 186 -35.21 -19.67 -12.76
N ASP A 187 -36.48 -19.51 -12.35
CA ASP A 187 -37.55 -20.46 -12.66
C ASP A 187 -38.74 -19.65 -13.16
N ARG A 188 -38.73 -19.31 -14.45
CA ARG A 188 -39.77 -18.44 -14.98
C ARG A 188 -41.16 -19.08 -14.94
N LEU A 189 -41.24 -20.41 -15.06
CA LEU A 189 -42.54 -21.06 -15.00
C LEU A 189 -42.99 -21.35 -13.57
N LEU A 190 -42.16 -21.04 -12.57
CA LEU A 190 -42.46 -21.30 -11.16
C LEU A 190 -42.84 -22.76 -10.96
N MET A 191 -42.06 -23.65 -11.57
CA MET A 191 -42.32 -25.09 -11.50
C MET A 191 -42.09 -25.62 -10.10
N GLN A 192 -41.40 -24.87 -9.25
CA GLN A 192 -41.17 -25.26 -7.86
C GLN A 192 -42.48 -25.39 -7.09
N TYR A 193 -43.52 -24.68 -7.50
CA TYR A 193 -44.73 -24.53 -6.70
C TYR A 193 -45.91 -25.25 -7.32
N ASP A 194 -46.73 -25.86 -6.47
CA ASP A 194 -47.99 -26.49 -6.88
C ASP A 194 -49.17 -25.56 -6.75
N THR A 195 -49.13 -24.63 -5.81
CA THR A 195 -50.16 -23.60 -5.70
C THR A 195 -49.51 -22.36 -5.10
N ILE A 196 -50.03 -21.19 -5.48
CA ILE A 196 -49.54 -19.92 -4.97
C ILE A 196 -50.69 -19.15 -4.33
N ILE A 197 -50.49 -18.77 -3.07
CA ILE A 197 -51.41 -17.92 -2.33
C ILE A 197 -50.73 -16.59 -2.08
N ILE A 198 -51.35 -15.50 -2.55
CA ILE A 198 -50.86 -14.15 -2.35
C ILE A 198 -51.72 -13.46 -1.30
N ASP A 199 -51.10 -13.06 -0.19
CA ASP A 199 -51.81 -12.51 0.96
C ASP A 199 -51.45 -11.04 1.12
N GLU A 200 -52.32 -10.32 1.86
CA GLU A 200 -52.22 -8.88 2.07
C GLU A 200 -52.17 -8.13 0.73
N ALA A 201 -52.91 -8.63 -0.25
CA ALA A 201 -52.86 -8.01 -1.57
C ALA A 201 -53.54 -6.65 -1.59
N HIS A 202 -54.36 -6.35 -0.58
CA HIS A 202 -54.99 -5.04 -0.49
C HIS A 202 -53.97 -3.93 -0.34
N GLU A 203 -52.77 -4.23 0.18
CA GLU A 203 -51.74 -3.22 0.30
C GLU A 203 -51.32 -2.68 -1.06
N ARG A 204 -51.56 -3.42 -2.14
CA ARG A 204 -51.30 -2.97 -3.50
C ARG A 204 -49.88 -2.44 -3.66
N SER A 205 -48.92 -3.27 -3.22
CA SER A 205 -47.51 -2.93 -3.33
C SER A 205 -47.06 -3.02 -4.78
N LEU A 206 -45.90 -2.40 -5.04
CA LEU A 206 -45.28 -2.52 -6.35
C LEU A 206 -44.99 -3.99 -6.66
N ASN A 207 -44.44 -4.72 -5.69
CA ASN A 207 -44.23 -6.15 -5.88
C ASN A 207 -45.55 -6.89 -5.99
N ILE A 208 -46.55 -6.52 -5.18
CA ILE A 208 -47.83 -7.20 -5.24
C ILE A 208 -48.47 -7.00 -6.61
N ASP A 209 -48.49 -5.75 -7.09
CA ASP A 209 -49.09 -5.48 -8.39
C ASP A 209 -48.34 -6.19 -9.50
N PHE A 210 -47.01 -6.23 -9.43
CA PHE A 210 -46.23 -6.91 -10.47
C PHE A 210 -46.48 -8.41 -10.45
N LEU A 211 -46.61 -9.01 -9.26
CA LEU A 211 -46.91 -10.44 -9.18
C LEU A 211 -48.29 -10.74 -9.76
N LEU A 212 -49.27 -9.87 -9.50
CA LEU A 212 -50.61 -10.11 -10.01
C LEU A 212 -50.65 -10.08 -11.53
N GLY A 213 -49.72 -9.35 -12.15
CA GLY A 213 -49.63 -9.32 -13.59
C GLY A 213 -48.93 -10.53 -14.12
N TYR A 214 -47.76 -10.84 -13.54
CA TYR A 214 -46.96 -11.95 -14.03
C TYR A 214 -47.70 -13.28 -13.89
N LEU A 215 -48.47 -13.44 -12.81
CA LEU A 215 -49.21 -14.68 -12.64
C LEU A 215 -50.33 -14.79 -13.66
N LYS A 216 -50.96 -13.66 -14.01
CA LYS A 216 -51.96 -13.66 -15.08
C LYS A 216 -51.34 -14.14 -16.39
N GLU A 217 -50.06 -13.85 -16.61
CA GLU A 217 -49.41 -14.18 -17.87
C GLU A 217 -49.06 -15.67 -17.97
N LEU A 218 -48.65 -16.31 -16.88
CA LEU A 218 -48.21 -17.71 -16.97
C LEU A 218 -49.32 -18.74 -16.74
N LEU A 219 -50.49 -18.34 -16.25
CA LEU A 219 -51.58 -19.30 -16.07
C LEU A 219 -51.89 -20.16 -17.29
N PRO A 220 -51.86 -19.65 -18.53
CA PRO A 220 -52.00 -20.56 -19.68
C PRO A 220 -50.86 -21.56 -19.81
N ARG A 221 -49.63 -21.17 -19.49
CA ARG A 221 -48.50 -22.11 -19.57
C ARG A 221 -48.37 -22.99 -18.33
N ARG A 222 -49.18 -22.77 -17.29
CA ARG A 222 -49.15 -23.59 -16.08
C ARG A 222 -50.58 -23.94 -15.67
N PRO A 223 -51.20 -24.88 -16.38
CA PRO A 223 -52.61 -25.19 -16.07
C PRO A 223 -52.74 -26.03 -14.81
N ASP A 224 -51.69 -26.78 -14.47
CA ASP A 224 -51.78 -27.67 -13.32
C ASP A 224 -51.72 -26.92 -11.99
N LEU A 225 -51.23 -25.68 -11.98
CA LEU A 225 -51.17 -24.95 -10.72
C LEU A 225 -52.45 -24.13 -10.57
N LYS A 226 -52.85 -23.94 -9.32
CA LYS A 226 -53.99 -23.13 -8.96
C LYS A 226 -53.49 -22.02 -8.04
N ILE A 227 -54.13 -20.87 -8.12
CA ILE A 227 -53.64 -19.68 -7.45
C ILE A 227 -54.80 -19.00 -6.73
N ILE A 228 -54.54 -18.53 -5.51
CA ILE A 228 -55.53 -17.80 -4.73
C ILE A 228 -54.89 -16.53 -4.19
N ILE A 229 -55.62 -15.42 -4.26
CA ILE A 229 -55.14 -14.13 -3.79
C ILE A 229 -56.05 -13.68 -2.64
N THR A 230 -55.44 -13.28 -1.53
CA THR A 230 -56.14 -12.96 -0.31
C THR A 230 -55.84 -11.55 0.15
N SER A 231 -56.83 -10.91 0.78
CA SER A 231 -56.75 -9.51 1.20
C SER A 231 -57.84 -9.23 2.22
N ALA A 232 -58.03 -7.96 2.53
CA ALA A 232 -59.13 -7.52 3.36
C ALA A 232 -60.35 -7.33 2.46
N THR A 233 -61.44 -6.84 3.05
CA THR A 233 -62.68 -6.67 2.32
C THR A 233 -62.68 -5.36 1.53
N ILE A 234 -61.50 -4.91 1.11
CA ILE A 234 -61.34 -3.64 0.43
C ILE A 234 -61.11 -3.95 -1.05
N ASP A 235 -62.09 -3.66 -1.88
CA ASP A 235 -62.02 -3.85 -3.33
C ASP A 235 -61.56 -5.25 -3.73
N PRO A 236 -62.27 -6.30 -3.32
CA PRO A 236 -61.93 -7.64 -3.80
C PRO A 236 -62.42 -7.93 -5.21
N GLU A 237 -63.15 -7.00 -5.82
CA GLU A 237 -63.65 -7.21 -7.17
C GLU A 237 -62.63 -6.83 -8.24
N ARG A 238 -61.67 -5.95 -7.93
CA ARG A 238 -60.55 -5.74 -8.84
C ARG A 238 -59.84 -7.05 -9.13
N PHE A 239 -59.57 -7.81 -8.07
CA PHE A 239 -58.82 -9.06 -8.21
C PHE A 239 -59.61 -10.07 -9.04
N SER A 240 -60.91 -10.17 -8.81
CA SER A 240 -61.73 -11.09 -9.59
C SER A 240 -61.78 -10.70 -11.06
N ARG A 241 -61.96 -9.40 -11.32
CA ARG A 241 -61.93 -8.92 -12.70
C ARG A 241 -60.60 -9.23 -13.38
N HIS A 242 -59.50 -9.17 -12.63
CA HIS A 242 -58.18 -9.39 -13.23
C HIS A 242 -58.05 -10.81 -13.77
N PHE A 243 -58.53 -11.79 -13.02
CA PHE A 243 -58.42 -13.20 -13.40
C PHE A 243 -59.79 -13.67 -13.90
N ASN A 244 -60.06 -13.38 -15.18
CA ASN A 244 -61.36 -13.64 -15.77
C ASN A 244 -62.45 -13.03 -14.90
N ASN A 245 -63.18 -13.87 -14.18
CA ASN A 245 -64.13 -13.43 -13.17
C ASN A 245 -64.04 -14.46 -12.04
N ALA A 246 -62.96 -14.38 -11.27
CA ALA A 246 -62.66 -15.37 -10.26
C ALA A 246 -63.66 -15.30 -9.11
N PRO A 247 -64.00 -16.44 -8.51
CA PRO A 247 -64.94 -16.43 -7.39
C PRO A 247 -64.35 -15.72 -6.19
N ILE A 248 -65.25 -15.14 -5.38
CA ILE A 248 -64.88 -14.42 -4.17
C ILE A 248 -65.57 -15.08 -2.98
N ILE A 249 -64.87 -15.13 -1.85
CA ILE A 249 -65.39 -15.67 -0.60
C ILE A 249 -65.05 -14.70 0.52
N GLU A 250 -66.06 -14.30 1.29
CA GLU A 250 -65.88 -13.34 2.38
C GLU A 250 -66.09 -14.01 3.74
N VAL A 251 -65.21 -13.67 4.69
CA VAL A 251 -65.20 -14.27 6.02
C VAL A 251 -65.26 -13.17 7.08
N SER A 252 -66.06 -13.40 8.12
CA SER A 252 -66.23 -12.42 9.19
C SER A 252 -64.94 -12.25 9.99
N GLY A 253 -64.96 -11.29 10.89
CA GLY A 253 -63.82 -11.02 11.74
C GLY A 253 -64.23 -10.90 13.20
N ARG A 254 -63.28 -11.26 14.08
CA ARG A 254 -63.50 -11.18 15.52
C ARG A 254 -62.98 -9.83 16.01
N THR A 255 -63.87 -8.82 16.01
CA THR A 255 -63.55 -7.48 16.49
C THR A 255 -64.80 -6.91 17.12
N TYR A 256 -64.62 -6.12 18.18
CA TYR A 256 -65.76 -5.52 18.84
C TYR A 256 -66.21 -4.25 18.10
N PRO A 257 -67.50 -3.89 18.23
CA PRO A 257 -68.02 -2.76 17.46
C PRO A 257 -67.30 -1.45 17.78
N VAL A 258 -67.07 -0.66 16.73
CA VAL A 258 -66.44 0.65 16.83
C VAL A 258 -67.41 1.74 16.37
N GLU A 259 -67.43 2.84 17.11
CA GLU A 259 -68.29 3.99 16.82
C GLU A 259 -67.46 5.14 16.28
N VAL A 260 -67.97 5.83 15.26
CA VAL A 260 -67.28 6.95 14.63
C VAL A 260 -67.91 8.25 15.13
N ARG A 261 -67.06 9.23 15.45
CA ARG A 261 -67.50 10.55 15.89
C ARG A 261 -66.69 11.60 15.14
N TYR A 262 -67.34 12.30 14.22
CA TYR A 262 -66.67 13.32 13.41
C TYR A 262 -66.67 14.66 14.14
N ARG A 263 -65.47 15.14 14.51
CA ARG A 263 -65.32 16.40 15.22
C ARG A 263 -64.24 17.26 14.56
N PRO A 264 -64.61 18.07 13.57
CA PRO A 264 -63.61 18.84 12.82
C PRO A 264 -63.26 20.14 13.52
N ILE A 265 -61.96 20.40 13.66
CA ILE A 265 -61.46 21.65 14.26
C ILE A 265 -62.02 21.85 15.67
N ARG A 274 -52.00 26.24 15.76
CA ARG A 274 -52.33 25.43 16.93
C ARG A 274 -53.76 24.92 16.85
N ASP A 275 -54.56 25.54 15.96
CA ASP A 275 -55.92 25.06 15.71
C ASP A 275 -55.95 23.56 15.49
N GLN A 276 -54.90 23.01 14.87
CA GLN A 276 -54.76 21.57 14.73
C GLN A 276 -54.45 20.91 16.07
N LEU A 277 -53.51 21.49 16.83
CA LEU A 277 -53.14 20.91 18.12
C LEU A 277 -54.26 21.05 19.13
N GLN A 278 -55.00 22.16 19.09
CA GLN A 278 -56.12 22.34 20.00
C GLN A 278 -57.20 21.29 19.77
N ALA A 279 -57.46 20.96 18.50
CA ALA A 279 -58.45 19.92 18.19
C ALA A 279 -58.10 18.60 18.85
N ILE A 280 -56.80 18.29 18.97
CA ILE A 280 -56.37 17.06 19.63
C ILE A 280 -56.63 17.15 21.14
N PHE A 281 -56.39 18.32 21.74
CA PHE A 281 -56.63 18.48 23.18
C PHE A 281 -58.09 18.19 23.52
N ASP A 282 -59.02 18.74 22.74
CA ASP A 282 -60.43 18.50 23.02
C ASP A 282 -60.81 17.03 22.86
N ALA A 283 -60.15 16.33 21.94
CA ALA A 283 -60.46 14.91 21.76
C ALA A 283 -59.98 14.09 22.95
N VAL A 284 -58.80 14.40 23.49
CA VAL A 284 -58.29 13.68 24.65
C VAL A 284 -59.14 13.98 25.88
N ASP A 285 -59.62 15.23 26.00
CA ASP A 285 -60.51 15.58 27.10
C ASP A 285 -61.83 14.82 27.03
N GLU A 286 -62.38 14.67 25.82
CA GLU A 286 -63.64 13.96 25.66
C GLU A 286 -63.51 12.50 26.06
N LEU A 287 -62.38 11.88 25.69
CA LEU A 287 -62.24 10.46 25.96
C LEU A 287 -62.06 10.19 27.45
N SER A 288 -61.40 11.11 28.17
CA SER A 288 -61.18 10.91 29.59
C SER A 288 -62.49 10.89 30.37
N GLN A 289 -63.51 11.58 29.88
CA GLN A 289 -64.82 11.56 30.54
C GLN A 289 -65.46 10.17 30.45
N GLU A 290 -65.48 9.58 29.26
CA GLU A 290 -66.24 8.36 29.06
C GLU A 290 -65.54 7.15 29.68
N SER A 291 -64.21 7.10 29.58
CA SER A 291 -63.45 6.06 30.28
C SER A 291 -61.98 6.46 30.34
N HIS A 292 -61.28 5.84 31.29
CA HIS A 292 -59.85 6.09 31.47
C HIS A 292 -59.05 4.97 30.81
N GLY A 293 -59.06 5.01 29.47
CA GLY A 293 -58.44 3.98 28.67
C GLY A 293 -57.35 4.56 27.78
N ASP A 294 -56.63 3.66 27.13
CA ASP A 294 -55.54 4.07 26.23
C ASP A 294 -56.09 4.75 24.99
N ILE A 295 -55.32 5.72 24.49
CA ILE A 295 -55.67 6.47 23.31
C ILE A 295 -54.50 6.37 22.34
N LEU A 296 -54.79 5.96 21.11
CA LEU A 296 -53.79 5.91 20.05
C LEU A 296 -54.06 7.09 19.13
N ILE A 297 -53.12 8.02 19.06
CA ILE A 297 -53.27 9.22 18.25
C ILE A 297 -52.31 9.11 17.08
N PHE A 298 -52.85 9.07 15.88
CA PHE A 298 -52.00 8.95 14.70
C PHE A 298 -51.36 10.29 14.39
N MET A 299 -50.07 10.24 14.07
CA MET A 299 -49.25 11.43 13.85
C MET A 299 -48.50 11.24 12.54
N SER A 300 -48.15 12.34 11.89
CA SER A 300 -47.60 12.23 10.54
C SER A 300 -46.09 12.33 10.46
N GLY A 301 -45.41 12.80 11.51
CA GLY A 301 -43.98 12.98 11.36
C GLY A 301 -43.28 13.04 12.71
N GLU A 302 -41.95 12.98 12.65
CA GLU A 302 -41.17 13.16 13.87
C GLU A 302 -41.32 14.58 14.40
N ARG A 303 -41.34 15.58 13.51
CA ARG A 303 -41.60 16.95 13.96
C ARG A 303 -43.02 17.10 14.49
N GLU A 304 -43.98 16.39 13.89
CA GLU A 304 -45.36 16.45 14.38
C GLU A 304 -45.55 15.66 15.67
N ILE A 305 -44.85 14.53 15.81
CA ILE A 305 -44.92 13.77 17.05
C ILE A 305 -44.19 14.50 18.17
N ARG A 306 -43.20 15.33 17.83
CA ARG A 306 -42.45 16.07 18.83
C ARG A 306 -43.22 17.30 19.32
N ASP A 307 -43.99 17.92 18.43
CA ASP A 307 -44.76 19.09 18.82
C ASP A 307 -45.97 18.69 19.69
N THR A 308 -46.61 17.56 19.35
CA THR A 308 -47.73 17.08 20.14
C THR A 308 -47.28 16.48 21.48
N ALA A 309 -46.12 15.79 21.48
CA ALA A 309 -45.62 15.23 22.72
C ALA A 309 -45.27 16.32 23.73
N ASP A 310 -44.61 17.38 23.24
CA ASP A 310 -44.29 18.49 24.13
C ASP A 310 -45.54 19.19 24.64
N ALA A 311 -46.61 19.19 23.84
CA ALA A 311 -47.85 19.86 24.23
C ALA A 311 -48.59 19.07 25.32
N LEU A 312 -48.73 17.75 25.12
CA LEU A 312 -49.44 16.95 26.10
C LEU A 312 -48.65 16.82 27.40
N ASN A 313 -47.32 16.69 27.29
CA ASN A 313 -46.49 16.65 28.49
C ASN A 313 -46.42 18.00 29.18
N LYS A 314 -46.64 19.09 28.43
CA LYS A 314 -46.69 20.42 29.02
C LYS A 314 -47.89 20.57 29.96
N LEU A 315 -49.02 19.98 29.58
CA LEU A 315 -50.21 20.04 30.42
C LEU A 315 -50.01 19.28 31.72
N ASN A 316 -49.14 18.28 31.71
CA ASN A 316 -48.84 17.44 32.88
C ASN A 316 -50.13 16.93 33.53
N LEU A 317 -50.80 16.06 32.77
CA LEU A 317 -51.94 15.34 33.29
C LEU A 317 -51.47 14.36 34.35
N ARG A 318 -52.27 14.19 35.40
CA ARG A 318 -51.82 13.45 36.58
C ARG A 318 -51.52 11.99 36.25
N HIS A 319 -52.53 11.26 35.78
CA HIS A 319 -52.40 9.84 35.49
C HIS A 319 -52.26 9.66 33.98
N THR A 320 -51.04 9.80 33.48
CA THR A 320 -50.74 9.63 32.06
C THR A 320 -49.30 9.19 31.87
N GLU A 321 -49.01 8.77 30.63
CA GLU A 321 -47.65 8.62 30.14
C GLU A 321 -47.68 8.90 28.64
N ILE A 322 -46.82 9.79 28.17
CA ILE A 322 -46.75 10.18 26.77
C ILE A 322 -45.66 9.34 26.11
N LEU A 323 -46.07 8.37 25.29
CA LEU A 323 -45.09 7.43 24.74
C LEU A 323 -45.12 7.51 23.21
N PRO A 324 -43.98 7.77 22.57
CA PRO A 324 -43.94 7.85 21.10
C PRO A 324 -43.64 6.50 20.46
N LEU A 325 -44.07 6.37 19.21
CA LEU A 325 -43.83 5.17 18.43
C LEU A 325 -43.77 5.53 16.94
N TYR A 326 -42.61 5.32 16.34
CA TYR A 326 -42.40 5.55 14.91
C TYR A 326 -41.37 4.56 14.42
N ALA A 327 -41.26 4.46 13.09
CA ALA A 327 -40.51 3.36 12.50
C ALA A 327 -39.04 3.40 12.89
N ARG A 328 -38.42 4.58 12.84
CA ARG A 328 -36.99 4.69 13.09
C ARG A 328 -36.63 4.66 14.57
N LEU A 329 -37.61 4.57 15.47
CA LEU A 329 -37.32 4.56 16.89
C LEU A 329 -36.48 3.34 17.24
N SER A 330 -35.67 3.48 18.31
CA SER A 330 -34.81 2.38 18.74
C SER A 330 -35.62 1.13 18.96
N ASN A 331 -35.09 -0.01 18.52
CA ASN A 331 -35.80 -1.28 18.67
C ASN A 331 -36.12 -1.55 20.13
N SER A 332 -35.25 -1.12 21.05
CA SER A 332 -35.57 -1.23 22.46
C SER A 332 -36.70 -0.27 22.84
N GLU A 333 -36.54 1.01 22.52
CA GLU A 333 -37.56 2.00 22.85
C GLU A 333 -38.87 1.73 22.11
N GLN A 334 -38.79 1.13 20.92
CA GLN A 334 -40.00 0.78 20.18
C GLN A 334 -40.76 -0.34 20.88
N ASN A 335 -40.05 -1.38 21.30
CA ASN A 335 -40.67 -2.53 21.96
C ASN A 335 -41.06 -2.24 23.40
N ARG A 336 -40.88 -1.01 23.86
CA ARG A 336 -41.36 -0.61 25.18
C ARG A 336 -42.89 -0.56 25.22
N VAL A 337 -43.52 -0.24 24.08
CA VAL A 337 -44.97 -0.16 23.99
C VAL A 337 -45.60 -1.54 24.19
N PHE A 338 -44.87 -2.61 23.91
CA PHE A 338 -45.38 -3.97 23.97
C PHE A 338 -45.09 -4.66 25.30
N GLN A 339 -44.85 -3.89 26.37
CA GLN A 339 -44.56 -4.49 27.67
C GLN A 339 -45.84 -4.65 28.49
N SER A 340 -46.11 -3.72 29.41
CA SER A 340 -47.28 -3.86 30.28
C SER A 340 -47.94 -2.51 30.51
N HIS A 341 -49.28 -2.52 30.50
CA HIS A 341 -50.06 -1.32 30.73
C HIS A 341 -50.05 -0.94 32.20
N SER A 342 -49.59 0.27 32.49
CA SER A 342 -49.60 0.82 33.85
C SER A 342 -50.09 2.25 33.81
N GLY A 343 -51.05 2.57 34.66
CA GLY A 343 -51.63 3.90 34.72
C GLY A 343 -52.46 4.25 33.50
N ARG A 344 -51.99 5.24 32.72
CA ARG A 344 -52.63 5.62 31.46
C ARG A 344 -51.57 5.82 30.40
N ARG A 345 -51.85 5.34 29.19
CA ARG A 345 -50.93 5.47 28.07
C ARG A 345 -51.65 6.09 26.89
N ILE A 346 -51.10 7.17 26.34
CA ILE A 346 -51.54 7.73 25.06
C ILE A 346 -50.36 7.65 24.11
N VAL A 347 -50.46 6.82 23.08
CA VAL A 347 -49.38 6.56 22.14
C VAL A 347 -49.55 7.46 20.94
N LEU A 348 -48.56 8.31 20.70
CA LEU A 348 -48.53 9.16 19.51
C LEU A 348 -47.74 8.40 18.45
N ALA A 349 -48.43 7.88 17.45
CA ALA A 349 -47.82 6.95 16.52
C ALA A 349 -48.09 7.40 15.08
N THR A 350 -47.37 6.77 14.16
CA THR A 350 -47.52 7.04 12.73
C THR A 350 -48.06 5.81 12.01
N ASN A 351 -47.78 5.70 10.70
CA ASN A 351 -48.34 4.60 9.91
C ASN A 351 -47.97 3.23 10.45
N VAL A 352 -46.85 3.12 11.17
CA VAL A 352 -46.42 1.81 11.67
C VAL A 352 -47.55 1.15 12.44
N ALA A 353 -48.34 1.95 13.16
CA ALA A 353 -49.47 1.43 13.93
C ALA A 353 -50.69 1.16 13.07
N GLU A 354 -50.65 1.49 11.77
CA GLU A 354 -51.81 1.30 10.90
C GLU A 354 -51.79 -0.04 10.16
N THR A 355 -50.61 -0.49 9.75
CA THR A 355 -50.48 -1.72 8.96
C THR A 355 -49.49 -2.69 9.60
N SER A 356 -48.30 -2.21 9.92
CA SER A 356 -47.21 -3.10 10.30
C SER A 356 -47.36 -3.60 11.74
N LEU A 357 -47.47 -2.68 12.71
CA LEU A 357 -47.23 -3.04 14.11
C LEU A 357 -48.45 -3.60 14.84
N THR A 358 -49.61 -2.94 14.77
CA THR A 358 -50.77 -3.27 15.60
C THR A 358 -50.47 -3.12 17.09
N VAL A 359 -50.57 -1.89 17.60
CA VAL A 359 -50.22 -1.55 18.98
C VAL A 359 -51.21 -2.20 19.94
N PRO A 360 -50.75 -2.85 21.01
CA PRO A 360 -51.65 -3.62 21.87
C PRO A 360 -52.30 -2.76 22.96
N GLY A 361 -53.38 -3.31 23.52
CA GLY A 361 -54.07 -2.66 24.61
C GLY A 361 -54.59 -1.28 24.27
N ILE A 362 -55.41 -1.19 23.22
CA ILE A 362 -55.93 0.08 22.75
C ILE A 362 -57.43 0.07 22.93
N LYS A 363 -57.95 1.13 23.54
CA LYS A 363 -59.38 1.30 23.78
C LYS A 363 -60.00 2.35 22.87
N TYR A 364 -59.28 3.44 22.61
CA TYR A 364 -59.77 4.54 21.81
C TYR A 364 -58.67 4.99 20.85
N VAL A 365 -59.09 5.51 19.70
CA VAL A 365 -58.17 5.98 18.67
C VAL A 365 -58.62 7.36 18.18
N ILE A 366 -57.67 8.25 18.00
CA ILE A 366 -57.92 9.61 17.51
C ILE A 366 -57.27 9.76 16.15
N ASP A 367 -58.07 10.12 15.15
CA ASP A 367 -57.64 10.11 13.74
C ASP A 367 -57.67 11.53 13.19
N PRO A 368 -56.53 12.23 13.15
CA PRO A 368 -56.49 13.53 12.45
C PRO A 368 -56.66 13.42 10.94
N GLY A 369 -56.47 12.24 10.35
CA GLY A 369 -56.74 12.07 8.93
C GLY A 369 -55.68 12.54 7.96
N THR A 370 -54.44 12.73 8.43
CA THR A 370 -53.35 13.20 7.59
C THR A 370 -52.20 12.21 7.66
N ALA A 371 -51.54 11.97 6.52
CA ALA A 371 -50.37 11.11 6.48
C ALA A 371 -49.45 11.50 5.34
N ARG A 372 -48.16 11.23 5.52
CA ARG A 372 -47.18 11.52 4.49
C ARG A 372 -47.16 10.37 3.48
N ILE A 373 -47.25 10.71 2.20
CA ILE A 373 -47.37 9.74 1.12
C ILE A 373 -46.25 10.03 0.11
N SER A 374 -45.66 8.98 -0.47
CA SER A 374 -44.53 9.17 -1.36
C SER A 374 -45.01 9.25 -2.81
N ARG A 375 -44.57 10.29 -3.52
CA ARG A 375 -45.05 10.58 -4.87
C ARG A 375 -43.88 10.98 -5.75
N TYR A 376 -43.93 10.55 -7.00
CA TYR A 376 -42.89 10.86 -8.00
C TYR A 376 -43.40 11.95 -8.94
N SER A 377 -42.81 13.13 -8.84
CA SER A 377 -43.18 14.28 -9.67
C SER A 377 -42.42 14.20 -10.99
N TYR A 378 -43.07 13.64 -12.00
CA TYR A 378 -42.47 13.55 -13.33
C TYR A 378 -42.30 14.91 -13.99
N ARG A 379 -42.67 16.00 -13.31
CA ARG A 379 -42.26 17.34 -13.71
C ARG A 379 -40.84 17.65 -13.22
N THR A 380 -40.65 17.59 -11.91
CA THR A 380 -39.34 17.85 -11.32
C THR A 380 -38.42 16.64 -11.38
N LYS A 381 -38.97 15.44 -11.55
CA LYS A 381 -38.20 14.19 -11.55
C LYS A 381 -37.58 13.89 -10.19
N VAL A 382 -38.27 14.27 -9.11
CA VAL A 382 -37.77 14.15 -7.75
C VAL A 382 -38.83 13.47 -6.89
N GLN A 383 -38.39 12.70 -5.90
CA GLN A 383 -39.31 12.07 -4.96
C GLN A 383 -39.87 13.10 -3.99
N ARG A 384 -41.19 13.19 -3.92
CA ARG A 384 -41.90 14.14 -3.08
C ARG A 384 -42.60 13.39 -1.95
N LEU A 385 -42.61 13.98 -0.75
CA LEU A 385 -43.31 13.43 0.41
C LEU A 385 -44.28 14.48 0.95
N PRO A 386 -45.44 14.65 0.33
CA PRO A 386 -46.42 15.60 0.86
C PRO A 386 -47.26 15.00 1.97
N ILE A 387 -47.81 15.89 2.80
CA ILE A 387 -48.75 15.51 3.83
C ILE A 387 -50.14 15.69 3.25
N GLU A 388 -50.87 14.61 3.09
CA GLU A 388 -52.15 14.62 2.40
C GLU A 388 -53.26 14.08 3.30
N PRO A 389 -54.52 14.39 2.98
CA PRO A 389 -55.62 13.69 3.63
C PRO A 389 -55.61 12.23 3.23
N ILE A 390 -55.81 11.35 4.21
CA ILE A 390 -55.76 9.91 3.97
C ILE A 390 -57.04 9.47 3.27
N SER A 391 -57.06 8.24 2.77
CA SER A 391 -58.23 7.76 2.06
C SER A 391 -59.29 7.26 3.03
N GLN A 392 -60.47 6.92 2.49
CA GLN A 392 -61.51 6.32 3.32
C GLN A 392 -61.05 4.98 3.89
N ALA A 393 -60.41 4.16 3.05
CA ALA A 393 -59.92 2.87 3.52
C ALA A 393 -58.85 3.05 4.59
N SER A 394 -57.99 4.07 4.44
CA SER A 394 -56.94 4.32 5.43
C SER A 394 -57.54 4.75 6.76
N ALA A 395 -58.59 5.59 6.74
CA ALA A 395 -59.25 5.97 7.97
C ALA A 395 -59.93 4.77 8.62
N ASN A 396 -60.55 3.91 7.82
CA ASN A 396 -61.17 2.69 8.34
C ASN A 396 -60.15 1.71 8.90
N GLN A 397 -58.94 1.69 8.34
CA GLN A 397 -57.88 0.87 8.92
C GLN A 397 -57.41 1.44 10.25
N ARG A 398 -57.26 2.75 10.34
CA ARG A 398 -56.95 3.39 11.62
C ARG A 398 -58.07 3.14 12.61
N LYS A 399 -59.32 3.23 12.13
CA LYS A 399 -60.48 2.96 12.97
C LYS A 399 -60.44 1.53 13.51
N GLY A 400 -59.96 0.58 12.70
CA GLY A 400 -59.93 -0.82 13.11
C GLY A 400 -58.88 -1.17 14.14
N ARG A 401 -57.88 -0.32 14.32
CA ARG A 401 -56.78 -0.58 15.25
C ARG A 401 -57.16 -0.33 16.70
N CYS A 402 -58.44 -0.09 16.99
CA CYS A 402 -58.88 0.21 18.34
C CYS A 402 -59.91 -0.76 18.91
N GLY A 403 -60.48 -1.64 18.10
CA GLY A 403 -61.54 -2.51 18.58
C GLY A 403 -61.10 -3.82 19.18
N ARG A 404 -59.79 -4.02 19.35
CA ARG A 404 -59.17 -5.32 19.66
C ARG A 404 -59.97 -6.18 20.63
N VAL A 405 -59.81 -5.92 21.93
CA VAL A 405 -60.33 -6.80 22.98
C VAL A 405 -61.68 -6.33 23.51
N SER A 406 -61.87 -5.02 23.65
CA SER A 406 -63.13 -4.50 24.15
C SER A 406 -63.72 -3.49 23.16
N GLU A 407 -64.99 -3.18 23.36
CA GLU A 407 -65.68 -2.17 22.57
C GLU A 407 -64.93 -0.83 22.60
N GLY A 408 -64.74 -0.26 21.41
CA GLY A 408 -64.01 0.99 21.27
C GLY A 408 -64.83 1.99 20.48
N ILE A 409 -64.38 3.26 20.55
CA ILE A 409 -64.94 4.33 19.74
C ILE A 409 -63.78 5.04 19.06
N CYS A 410 -64.02 5.51 17.84
CA CYS A 410 -63.01 6.21 17.05
C CYS A 410 -63.50 7.61 16.76
N ILE A 411 -62.71 8.61 17.16
CA ILE A 411 -63.03 10.00 16.90
C ILE A 411 -62.19 10.48 15.73
N ARG A 412 -62.87 10.99 14.70
CA ARG A 412 -62.23 11.48 13.49
C ARG A 412 -62.32 13.00 13.47
N LEU A 413 -61.16 13.64 13.41
CA LEU A 413 -61.00 15.08 13.53
C LEU A 413 -61.27 15.80 12.21
N TYR A 414 -62.39 15.47 11.56
CA TYR A 414 -62.77 16.11 10.31
C TYR A 414 -64.26 15.84 10.08
N SER A 415 -64.83 16.56 9.11
CA SER A 415 -66.25 16.43 8.83
C SER A 415 -66.50 15.15 8.03
N GLU A 416 -67.71 14.61 8.19
CA GLU A 416 -68.10 13.42 7.44
C GLU A 416 -68.17 13.71 5.94
N ASP A 417 -68.57 14.92 5.55
CA ASP A 417 -68.56 15.27 4.14
C ASP A 417 -67.14 15.25 3.57
N ASP A 418 -66.15 15.65 4.37
CA ASP A 418 -64.76 15.52 3.95
C ASP A 418 -64.39 14.06 3.76
N PHE A 419 -64.76 13.22 4.74
CA PHE A 419 -64.44 11.79 4.66
C PHE A 419 -65.07 11.17 3.43
N LEU A 420 -66.35 11.44 3.19
CA LEU A 420 -67.03 10.90 2.02
C LEU A 420 -66.53 11.53 0.73
N SER A 421 -65.93 12.72 0.79
CA SER A 421 -65.33 13.33 -0.38
C SER A 421 -63.99 12.69 -0.75
N ARG A 422 -63.34 12.02 0.19
CA ARG A 422 -62.03 11.43 -0.02
C ARG A 422 -62.15 10.16 -0.86
N PRO A 423 -61.10 9.81 -1.61
CA PRO A 423 -61.14 8.58 -2.41
C PRO A 423 -61.34 7.35 -1.54
N GLU A 424 -61.95 6.31 -2.14
CA GLU A 424 -62.21 5.08 -1.39
C GLU A 424 -60.90 4.42 -0.96
N PHE A 425 -59.92 4.36 -1.86
CA PHE A 425 -58.67 3.64 -1.65
C PHE A 425 -57.48 4.55 -1.97
N THR A 426 -56.36 4.28 -1.31
CA THR A 426 -55.13 5.02 -1.60
C THR A 426 -54.52 4.56 -2.92
N ASP A 427 -53.83 5.48 -3.58
CA ASP A 427 -53.25 5.20 -4.89
C ASP A 427 -52.21 4.09 -4.79
N PRO A 428 -52.31 3.04 -5.59
CA PRO A 428 -51.30 1.98 -5.56
C PRO A 428 -49.90 2.51 -5.86
N GLU A 429 -48.90 1.78 -5.37
CA GLU A 429 -47.53 2.25 -5.44
C GLU A 429 -47.01 2.32 -6.87
N ILE A 430 -47.50 1.45 -7.75
CA ILE A 430 -47.03 1.44 -9.13
C ILE A 430 -47.34 2.75 -9.83
N LEU A 431 -48.38 3.46 -9.37
CA LEU A 431 -48.79 4.68 -10.04
C LEU A 431 -47.98 5.90 -9.63
N ARG A 432 -47.27 5.86 -8.50
CA ARG A 432 -46.67 7.08 -7.97
C ARG A 432 -45.19 6.94 -7.63
N THR A 433 -44.54 5.87 -8.05
CA THR A 433 -43.09 5.77 -7.87
C THR A 433 -42.46 5.60 -9.25
N ASN A 434 -41.16 5.84 -9.31
CA ASN A 434 -40.46 5.64 -10.56
C ASN A 434 -40.38 4.16 -10.90
N LEU A 435 -40.62 3.84 -12.15
CA LEU A 435 -40.65 2.47 -12.62
C LEU A 435 -39.32 2.06 -13.22
N ALA A 436 -38.23 2.73 -12.82
CA ALA A 436 -36.92 2.48 -13.40
C ALA A 436 -36.47 1.04 -13.15
N SER A 437 -36.47 0.61 -11.89
CA SER A 437 -36.10 -0.77 -11.61
C SER A 437 -37.16 -1.74 -12.10
N VAL A 438 -38.42 -1.32 -12.11
CA VAL A 438 -39.50 -2.22 -12.53
C VAL A 438 -39.30 -2.64 -13.97
N ILE A 439 -39.09 -1.67 -14.86
CA ILE A 439 -38.95 -1.99 -16.28
C ILE A 439 -37.63 -2.72 -16.54
N LEU A 440 -36.61 -2.44 -15.73
CA LEU A 440 -35.33 -3.14 -15.88
C LEU A 440 -35.50 -4.63 -15.64
N GLN A 441 -36.16 -4.99 -14.54
CA GLN A 441 -36.41 -6.40 -14.27
C GLN A 441 -37.33 -7.01 -15.30
N MET A 442 -38.27 -6.23 -15.84
CA MET A 442 -39.15 -6.75 -16.87
C MET A 442 -38.36 -7.11 -18.13
N THR A 443 -37.45 -6.22 -18.53
CA THR A 443 -36.63 -6.49 -19.70
C THR A 443 -35.69 -7.67 -19.46
N ALA A 444 -35.29 -7.91 -18.21
CA ALA A 444 -34.46 -9.07 -17.92
C ALA A 444 -35.21 -10.37 -18.22
N LEU A 445 -36.52 -10.38 -18.00
CA LEU A 445 -37.33 -11.56 -18.26
C LEU A 445 -37.83 -11.64 -19.68
N GLY A 446 -37.49 -10.68 -20.54
CA GLY A 446 -38.00 -10.69 -21.89
C GLY A 446 -39.33 -10.00 -22.06
N LEU A 447 -39.76 -9.23 -21.07
CA LEU A 447 -41.04 -8.54 -21.11
C LEU A 447 -40.82 -7.07 -21.49
N GLY A 448 -40.39 -6.89 -22.74
CA GLY A 448 -40.05 -5.55 -23.20
C GLY A 448 -41.26 -4.66 -23.42
N ASP A 449 -42.32 -5.20 -24.00
CA ASP A 449 -43.52 -4.41 -24.28
C ASP A 449 -44.31 -4.12 -23.01
N ILE A 450 -44.00 -3.01 -22.33
CA ILE A 450 -44.63 -2.72 -21.05
C ILE A 450 -46.11 -2.37 -21.22
N ALA A 451 -46.52 -1.90 -22.39
CA ALA A 451 -47.95 -1.65 -22.60
C ALA A 451 -48.75 -2.93 -22.71
N ALA A 452 -48.13 -4.01 -23.19
CA ALA A 452 -48.82 -5.28 -23.31
C ALA A 452 -48.90 -6.06 -22.01
N PHE A 453 -48.05 -5.75 -21.04
CA PHE A 453 -48.05 -6.48 -19.78
C PHE A 453 -49.36 -6.23 -19.03
N PRO A 454 -50.05 -7.28 -18.58
CA PRO A 454 -51.39 -7.09 -17.96
C PRO A 454 -51.35 -6.57 -16.53
N PHE A 455 -51.10 -5.27 -16.40
CA PHE A 455 -51.12 -4.65 -15.08
C PHE A 455 -52.53 -4.67 -14.53
N VAL A 456 -52.64 -4.73 -13.20
CA VAL A 456 -53.94 -4.62 -12.56
C VAL A 456 -54.38 -3.15 -12.55
N GLU A 457 -53.42 -2.22 -12.54
CA GLU A 457 -53.68 -0.79 -12.72
C GLU A 457 -52.48 -0.27 -13.50
N ALA A 458 -52.69 -0.05 -14.79
CA ALA A 458 -51.57 0.31 -15.66
C ALA A 458 -51.06 1.70 -15.30
N PRO A 459 -49.74 1.90 -15.29
CA PRO A 459 -49.21 3.23 -14.97
C PRO A 459 -49.31 4.16 -16.16
N ASP A 460 -49.11 5.45 -15.88
CA ASP A 460 -49.22 6.46 -16.91
C ASP A 460 -48.06 6.31 -17.90
N LYS A 461 -48.37 6.52 -19.18
CA LYS A 461 -47.37 6.32 -20.23
C LYS A 461 -46.16 7.20 -20.01
N ARG A 462 -46.39 8.47 -19.65
CA ARG A 462 -45.28 9.38 -19.38
C ARG A 462 -44.48 8.92 -18.17
N ASN A 463 -45.13 8.25 -17.22
CA ASN A 463 -44.43 7.76 -16.04
C ASN A 463 -43.46 6.65 -16.41
N ILE A 464 -43.87 5.74 -17.31
CA ILE A 464 -42.98 4.66 -17.73
C ILE A 464 -41.74 5.22 -18.40
N GLN A 465 -41.93 6.19 -19.30
CA GLN A 465 -40.83 6.74 -20.07
C GLN A 465 -39.77 7.38 -19.17
N ASP A 466 -40.19 7.97 -18.05
CA ASP A 466 -39.22 8.49 -17.10
C ASP A 466 -38.27 7.40 -16.63
N GLY A 467 -38.81 6.21 -16.33
CA GLY A 467 -37.95 5.09 -16.00
C GLY A 467 -37.03 4.69 -17.14
N VAL A 468 -37.58 4.64 -18.36
CA VAL A 468 -36.74 4.31 -19.51
C VAL A 468 -35.60 5.31 -19.64
N ARG A 469 -35.88 6.60 -19.42
CA ARG A 469 -34.83 7.61 -19.51
C ARG A 469 -33.78 7.38 -18.42
N LEU A 470 -34.20 7.05 -17.21
CA LEU A 470 -33.23 6.84 -16.15
C LEU A 470 -32.35 5.62 -16.44
N LEU A 471 -32.92 4.60 -17.07
CA LEU A 471 -32.10 3.44 -17.46
C LEU A 471 -31.08 3.84 -18.51
N GLU A 472 -31.50 4.66 -19.48
CA GLU A 472 -30.57 5.20 -20.46
C GLU A 472 -29.50 6.06 -19.78
N GLU A 473 -29.89 6.79 -18.74
CA GLU A 473 -28.93 7.56 -17.94
C GLU A 473 -27.90 6.66 -17.31
N LEU A 474 -28.27 5.43 -16.98
CA LEU A 474 -27.38 4.44 -16.41
C LEU A 474 -26.75 3.53 -17.46
N GLY A 475 -27.18 3.61 -18.71
CA GLY A 475 -26.63 2.76 -19.75
C GLY A 475 -27.16 1.36 -19.74
N ALA A 476 -28.37 1.16 -19.23
CA ALA A 476 -28.92 -0.16 -19.03
C ALA A 476 -29.81 -0.63 -20.17
N ILE A 477 -30.40 0.27 -20.94
CA ILE A 477 -31.43 -0.11 -21.89
C ILE A 477 -31.14 0.48 -23.26
N THR A 478 -31.55 -0.27 -24.30
CA THR A 478 -31.62 0.18 -25.69
C THR A 478 -32.77 -0.56 -26.37
N THR A 479 -33.19 -0.04 -27.51
CA THR A 479 -34.21 -0.70 -28.31
C THR A 479 -33.57 -1.26 -29.59
N ASP A 480 -34.07 -2.41 -30.04
CA ASP A 480 -33.60 -3.03 -31.28
C ASP A 480 -34.39 -2.50 -32.48
N GLU A 481 -34.31 -1.17 -32.65
CA GLU A 481 -35.03 -0.42 -33.69
C GLU A 481 -36.51 -0.79 -33.76
N GLN A 482 -37.10 -1.07 -32.61
CA GLN A 482 -38.53 -1.36 -32.50
C GLN A 482 -39.30 -0.14 -32.00
N ALA A 483 -40.60 -0.32 -31.79
CA ALA A 483 -41.46 0.80 -31.42
C ALA A 483 -41.47 1.02 -29.91
N SER A 484 -41.66 -0.05 -29.13
CA SER A 484 -41.76 0.10 -27.69
C SER A 484 -41.39 -1.19 -26.96
N ALA A 485 -40.48 -1.98 -27.53
CA ALA A 485 -40.00 -3.22 -26.92
C ALA A 485 -38.49 -3.09 -26.74
N TYR A 486 -38.03 -3.04 -25.50
CA TYR A 486 -36.64 -2.74 -25.20
C TYR A 486 -35.83 -4.01 -24.96
N LYS A 487 -34.53 -3.90 -25.22
CA LYS A 487 -33.54 -4.93 -24.92
C LYS A 487 -32.40 -4.31 -24.15
N LEU A 488 -31.96 -4.95 -23.08
CA LEU A 488 -31.01 -4.29 -22.21
C LEU A 488 -29.56 -4.59 -22.62
N THR A 489 -28.67 -3.71 -22.20
CA THR A 489 -27.24 -3.79 -22.50
C THR A 489 -26.54 -4.82 -21.62
N PRO A 490 -25.35 -5.26 -22.04
CA PRO A 490 -24.55 -6.13 -21.16
C PRO A 490 -24.38 -5.65 -19.74
N LEU A 491 -24.25 -4.35 -19.48
CA LEU A 491 -24.26 -3.95 -18.07
C LEU A 491 -25.67 -3.76 -17.54
N GLY A 492 -26.64 -3.52 -18.43
CA GLY A 492 -28.03 -3.51 -18.00
C GLY A 492 -28.47 -4.85 -17.45
N ARG A 493 -27.82 -5.94 -17.88
CA ARG A 493 -28.09 -7.24 -17.30
C ARG A 493 -27.33 -7.43 -15.99
N GLN A 494 -26.15 -6.83 -15.85
CA GLN A 494 -25.44 -6.89 -14.58
C GLN A 494 -26.16 -6.06 -13.52
N LEU A 495 -26.70 -4.90 -13.92
CA LEU A 495 -27.53 -4.12 -13.01
C LEU A 495 -28.70 -4.94 -12.50
N SER A 496 -29.21 -5.85 -13.33
CA SER A 496 -30.29 -6.73 -12.91
C SER A 496 -29.81 -7.79 -11.93
N GLN A 497 -28.55 -8.21 -12.03
CA GLN A 497 -28.03 -9.24 -11.14
C GLN A 497 -27.71 -8.73 -9.74
N LEU A 498 -27.57 -7.41 -9.56
CA LEU A 498 -27.28 -6.92 -8.21
C LEU A 498 -28.57 -6.54 -7.50
N PRO A 499 -28.75 -6.94 -6.22
CA PRO A 499 -30.03 -6.74 -5.53
C PRO A 499 -30.12 -5.40 -4.82
N VAL A 500 -29.79 -4.33 -5.53
CA VAL A 500 -29.71 -2.99 -4.96
C VAL A 500 -30.35 -2.03 -5.96
N ASP A 501 -30.48 -0.77 -5.54
CA ASP A 501 -31.08 0.24 -6.41
C ASP A 501 -30.29 0.40 -7.70
N PRO A 502 -30.95 0.62 -8.84
CA PRO A 502 -30.21 0.77 -10.11
C PRO A 502 -29.16 1.87 -10.06
N ARG A 503 -29.45 3.01 -9.41
CA ARG A 503 -28.43 4.04 -9.25
C ARG A 503 -27.21 3.48 -8.53
N LEU A 504 -27.46 2.75 -7.44
CA LEU A 504 -26.36 2.19 -6.65
C LEU A 504 -25.68 1.04 -7.39
N ALA A 505 -26.46 0.18 -8.05
CA ALA A 505 -25.86 -0.91 -8.80
C ALA A 505 -24.89 -0.39 -9.85
N ARG A 506 -25.25 0.73 -10.48
CA ARG A 506 -24.42 1.30 -11.54
C ARG A 506 -23.08 1.78 -11.00
N MET A 507 -23.06 2.38 -9.80
CA MET A 507 -21.80 2.88 -9.28
C MET A 507 -20.88 1.73 -8.85
N VAL A 508 -21.44 0.61 -8.39
CA VAL A 508 -20.62 -0.55 -8.06
C VAL A 508 -19.96 -1.11 -9.31
N LEU A 509 -20.66 -1.09 -10.45
CA LEU A 509 -20.04 -1.59 -11.67
C LEU A 509 -18.92 -0.66 -12.12
N GLU A 510 -19.20 0.64 -12.20
CA GLU A 510 -18.16 1.62 -12.48
C GLU A 510 -17.04 1.59 -11.45
N ALA A 511 -17.31 1.06 -10.26
CA ALA A 511 -16.30 0.97 -9.22
C ALA A 511 -15.09 0.12 -9.60
N GLN A 512 -15.22 -0.77 -10.59
CA GLN A 512 -14.11 -1.65 -10.92
C GLN A 512 -13.08 -0.98 -11.82
N LYS A 513 -13.51 -0.03 -12.65
CA LYS A 513 -12.55 0.74 -13.45
C LYS A 513 -11.54 1.45 -12.57
N HIS A 514 -11.94 1.83 -11.36
CA HIS A 514 -11.03 2.43 -10.39
C HIS A 514 -10.79 1.44 -9.28
N GLY A 515 -9.90 1.80 -8.36
CA GLY A 515 -9.49 0.84 -7.36
C GLY A 515 -10.42 0.75 -6.16
N CYS A 516 -11.74 0.85 -6.37
CA CYS A 516 -12.67 1.02 -5.25
C CYS A 516 -13.95 0.21 -5.39
N VAL A 517 -13.85 -1.12 -5.32
CA VAL A 517 -15.03 -1.96 -5.34
C VAL A 517 -15.48 -2.30 -3.93
N ARG A 518 -14.53 -2.50 -3.03
CA ARG A 518 -14.89 -2.70 -1.63
C ARG A 518 -15.59 -1.48 -1.09
N GLU A 519 -14.96 -0.31 -1.22
CA GLU A 519 -15.56 0.92 -0.72
C GLU A 519 -16.93 1.16 -1.34
N ALA A 520 -17.07 0.92 -2.65
CA ALA A 520 -18.35 1.14 -3.29
C ALA A 520 -19.41 0.20 -2.74
N MET A 521 -19.04 -1.06 -2.49
CA MET A 521 -19.99 -2.00 -1.91
C MET A 521 -20.39 -1.58 -0.49
N ILE A 522 -19.45 -1.02 0.27
CA ILE A 522 -19.78 -0.51 1.60
C ILE A 522 -20.77 0.63 1.47
N ILE A 523 -20.51 1.57 0.55
CA ILE A 523 -21.36 2.74 0.42
C ILE A 523 -22.76 2.33 -0.02
N THR A 524 -22.85 1.53 -1.08
CA THR A 524 -24.16 1.20 -1.64
C THR A 524 -24.98 0.37 -0.66
N SER A 525 -24.35 -0.58 0.04
CA SER A 525 -25.06 -1.37 1.04
C SER A 525 -25.66 -0.47 2.12
N ALA A 526 -24.89 0.51 2.60
CA ALA A 526 -25.38 1.41 3.63
C ALA A 526 -26.55 2.24 3.11
N LEU A 527 -26.46 2.70 1.87
CA LEU A 527 -27.54 3.49 1.29
C LEU A 527 -28.78 2.65 0.96
N SER A 528 -28.75 1.34 1.18
CA SER A 528 -29.90 0.49 0.92
C SER A 528 -30.71 0.19 2.16
N ILE A 529 -30.33 0.76 3.30
CA ILE A 529 -31.04 0.56 4.56
C ILE A 529 -31.32 1.92 5.18
N GLN A 530 -32.17 1.92 6.20
CA GLN A 530 -32.30 3.09 7.05
C GLN A 530 -30.99 3.33 7.77
N ASP A 531 -30.65 4.59 7.98
CA ASP A 531 -29.36 4.93 8.56
C ASP A 531 -29.17 4.23 9.90
N PRO A 532 -28.16 3.36 10.04
CA PRO A 532 -27.97 2.66 11.32
C PRO A 532 -27.62 3.60 12.46
N ARG A 533 -27.03 4.75 12.18
CA ARG A 533 -26.76 5.72 13.22
C ARG A 533 -28.07 6.34 13.69
N GLU A 534 -28.28 6.32 15.00
CA GLU A 534 -29.53 6.73 15.60
C GLU A 534 -29.34 8.07 16.29
N ARG A 535 -30.31 8.96 16.10
CA ARG A 535 -30.35 10.25 16.76
C ARG A 535 -31.62 10.23 17.59
N PRO A 536 -31.56 9.81 18.84
CA PRO A 536 -32.78 9.74 19.65
C PRO A 536 -33.30 11.13 20.00
N MET A 537 -34.58 11.18 20.37
CA MET A 537 -35.19 12.48 20.65
C MET A 537 -34.51 13.17 21.82
N ASP A 538 -34.22 12.44 22.88
CA ASP A 538 -33.37 12.97 23.92
C ASP A 538 -31.91 12.71 23.58
N LYS A 539 -31.03 13.56 24.13
CA LYS A 539 -29.59 13.48 23.90
C LYS A 539 -29.26 13.57 22.41
N GLN A 540 -29.89 14.51 21.72
CA GLN A 540 -29.61 14.68 20.30
C GLN A 540 -28.19 15.20 20.07
N GLN A 541 -27.74 16.17 20.88
CA GLN A 541 -26.36 16.64 20.71
C GLN A 541 -25.36 15.57 21.17
N ALA A 542 -25.71 14.80 22.20
CA ALA A 542 -24.84 13.71 22.66
C ALA A 542 -24.66 12.67 21.55
N SER A 543 -25.76 12.36 20.86
CA SER A 543 -25.68 11.44 19.73
C SER A 543 -24.78 11.99 18.63
N ASP A 544 -24.81 13.30 18.40
CA ASP A 544 -23.99 13.90 17.35
C ASP A 544 -22.51 13.74 17.65
N GLU A 545 -22.09 14.03 18.88
CA GLU A 545 -20.68 13.89 19.21
C GLU A 545 -20.20 12.45 19.01
N LYS A 546 -21.08 11.47 19.23
CA LYS A 546 -20.69 10.08 19.04
C LYS A 546 -20.68 9.72 17.56
N HIS A 547 -21.62 10.28 16.79
CA HIS A 547 -21.70 10.00 15.35
C HIS A 547 -20.67 10.78 14.56
N ARG A 548 -20.30 11.99 15.02
CA ARG A 548 -19.32 12.84 14.34
C ARG A 548 -17.89 12.34 14.50
N ARG A 549 -17.64 11.12 15.00
CA ARG A 549 -16.26 10.64 15.08
C ARG A 549 -15.70 10.35 13.70
N PHE A 550 -16.56 9.99 12.74
CA PHE A 550 -16.11 9.53 11.44
C PHE A 550 -16.40 10.49 10.30
N HIS A 551 -16.92 11.67 10.59
CA HIS A 551 -17.29 12.59 9.52
C HIS A 551 -16.06 13.03 8.74
N ASP A 552 -16.09 12.82 7.43
CA ASP A 552 -15.05 13.32 6.54
C ASP A 552 -15.28 14.78 6.27
N LYS A 553 -14.18 15.53 6.07
CA LYS A 553 -14.29 16.97 5.90
C LYS A 553 -15.18 17.33 4.72
N GLU A 554 -15.29 16.46 3.71
CA GLU A 554 -16.03 16.83 2.52
C GLU A 554 -16.80 15.68 1.87
N SER A 555 -17.01 14.56 2.58
CA SER A 555 -17.72 13.44 1.99
C SER A 555 -18.59 12.75 3.03
N ASP A 556 -19.91 12.81 2.83
CA ASP A 556 -20.81 12.01 3.66
C ASP A 556 -20.66 10.53 3.36
N PHE A 557 -20.34 10.18 2.11
CA PHE A 557 -20.26 8.77 1.75
C PHE A 557 -19.10 8.10 2.49
N LEU A 558 -17.96 8.79 2.57
CA LEU A 558 -16.81 8.21 3.26
C LEU A 558 -17.07 8.00 4.75
N ALA A 559 -18.05 8.71 5.33
CA ALA A 559 -18.38 8.45 6.72
C ALA A 559 -18.80 7.00 6.93
N PHE A 560 -19.52 6.43 5.96
CA PHE A 560 -19.90 5.02 6.07
C PHE A 560 -18.67 4.12 6.08
N VAL A 561 -17.67 4.42 5.25
CA VAL A 561 -16.47 3.59 5.21
C VAL A 561 -15.77 3.60 6.56
N ASN A 562 -15.59 4.78 7.17
CA ASN A 562 -14.95 4.84 8.48
C ASN A 562 -15.77 4.10 9.53
N LEU A 563 -17.09 4.34 9.55
CA LEU A 563 -17.96 3.65 10.48
C LEU A 563 -17.95 2.14 10.23
N TRP A 564 -17.87 1.74 8.96
CA TRP A 564 -17.86 0.32 8.62
C TRP A 564 -16.62 -0.37 9.16
N ASN A 565 -15.44 0.23 8.94
CA ASN A 565 -14.21 -0.37 9.45
C ASN A 565 -14.21 -0.39 10.97
N TYR A 566 -14.77 0.64 11.59
CA TYR A 566 -14.86 0.68 13.04
C TYR A 566 -15.68 -0.47 13.57
N LEU A 567 -16.90 -0.63 13.05
CA LEU A 567 -17.79 -1.68 13.54
C LEU A 567 -17.26 -3.08 13.23
N GLY A 568 -16.61 -3.25 12.07
CA GLY A 568 -16.04 -4.55 11.75
C GLY A 568 -14.90 -4.91 12.68
N GLU A 569 -14.11 -3.91 13.07
CA GLU A 569 -13.01 -4.15 14.00
C GLU A 569 -13.52 -4.43 15.40
N GLN A 570 -14.55 -3.69 15.84
CA GLN A 570 -15.11 -3.92 17.16
C GLN A 570 -15.96 -5.17 17.23
N GLN A 571 -16.51 -5.63 16.10
CA GLN A 571 -17.29 -6.86 16.12
C GLN A 571 -16.40 -8.07 16.37
N LYS A 572 -15.18 -8.05 15.84
CA LYS A 572 -14.28 -9.18 15.94
C LYS A 572 -13.45 -9.12 17.20
N ALA A 573 -13.33 -7.94 17.82
CA ALA A 573 -12.37 -7.79 18.90
C ALA A 573 -12.98 -8.13 20.25
N LEU A 574 -14.29 -8.05 20.37
CA LEU A 574 -14.96 -8.26 21.64
C LEU A 574 -16.19 -9.14 21.44
N SER A 575 -16.78 -9.56 22.56
CA SER A 575 -17.77 -10.63 22.56
C SER A 575 -19.02 -10.24 21.79
N SER A 576 -19.92 -11.20 21.65
CA SER A 576 -21.17 -10.93 20.96
C SER A 576 -22.11 -10.09 21.80
N ASN A 577 -22.13 -10.32 23.11
CA ASN A 577 -22.98 -9.52 23.98
C ASN A 577 -22.38 -8.14 24.24
N ALA A 578 -21.05 -8.04 24.34
CA ALA A 578 -20.45 -6.73 24.53
C ALA A 578 -20.57 -5.85 23.29
N PHE A 579 -20.73 -6.45 22.12
CA PHE A 579 -20.90 -5.68 20.90
C PHE A 579 -22.29 -5.07 20.82
N ARG A 580 -23.32 -5.86 21.12
CA ARG A 580 -24.68 -5.31 21.19
C ARG A 580 -24.75 -4.18 22.20
N ARG A 581 -23.87 -4.19 23.21
CA ARG A 581 -23.78 -3.07 24.13
C ARG A 581 -23.05 -1.88 23.50
N LEU A 582 -21.96 -2.14 22.77
CA LEU A 582 -21.27 -1.04 22.09
C LEU A 582 -22.17 -0.38 21.05
N CYS A 583 -23.09 -1.14 20.45
CA CYS A 583 -24.06 -0.53 19.55
C CYS A 583 -25.00 0.39 20.30
N ARG A 584 -25.39 0.00 21.53
CA ARG A 584 -26.30 0.83 22.31
C ARG A 584 -25.62 2.09 22.83
N THR A 585 -24.36 1.98 23.25
CA THR A 585 -23.66 3.15 23.78
C THR A 585 -23.14 4.08 22.68
N ASP A 586 -23.16 3.67 21.42
CA ASP A 586 -22.79 4.56 20.34
C ASP A 586 -23.98 4.96 19.48
N TYR A 587 -25.21 4.68 19.96
CA TYR A 587 -26.44 5.07 19.27
C TYR A 587 -26.52 4.48 17.87
N LEU A 588 -26.35 3.16 17.79
CA LEU A 588 -26.30 2.42 16.53
C LEU A 588 -27.26 1.25 16.63
N ASN A 589 -28.20 1.17 15.70
CA ASN A 589 -29.14 0.04 15.67
C ASN A 589 -28.39 -1.23 15.28
N TYR A 590 -28.28 -2.16 16.23
CA TYR A 590 -27.52 -3.39 15.99
C TYR A 590 -28.06 -4.14 14.78
N LEU A 591 -29.37 -4.35 14.73
CA LEU A 591 -29.97 -5.12 13.65
C LEU A 591 -29.68 -4.51 12.29
N ARG A 592 -29.70 -3.17 12.18
CA ARG A 592 -29.39 -2.54 10.90
C ARG A 592 -27.90 -2.61 10.57
N VAL A 593 -27.04 -2.45 11.58
CA VAL A 593 -25.60 -2.65 11.38
C VAL A 593 -25.34 -4.06 10.90
N ARG A 594 -26.10 -5.02 11.43
CA ARG A 594 -25.96 -6.39 10.98
C ARG A 594 -26.37 -6.52 9.51
N GLU A 595 -27.52 -5.93 9.14
CA GLU A 595 -28.00 -6.06 7.77
C GLU A 595 -27.14 -5.29 6.78
N TRP A 596 -26.58 -4.16 7.19
CA TRP A 596 -25.62 -3.47 6.34
C TRP A 596 -24.48 -4.41 5.95
N GLN A 597 -24.08 -5.30 6.87
CA GLN A 597 -23.08 -6.31 6.53
C GLN A 597 -23.65 -7.37 5.60
N ASP A 598 -24.90 -7.80 5.83
CA ASP A 598 -25.47 -8.89 5.03
C ASP A 598 -25.63 -8.47 3.58
N ILE A 599 -26.05 -7.23 3.32
CA ILE A 599 -26.11 -6.74 1.94
C ILE A 599 -24.71 -6.64 1.35
N TYR A 600 -23.75 -6.14 2.12
CA TYR A 600 -22.38 -6.10 1.61
C TYR A 600 -21.91 -7.50 1.23
N THR A 601 -22.21 -8.50 2.06
CA THR A 601 -21.79 -9.87 1.78
C THR A 601 -22.47 -10.40 0.52
N GLN A 602 -23.77 -10.13 0.36
CA GLN A 602 -24.48 -10.54 -0.86
C GLN A 602 -23.90 -9.87 -2.09
N LEU A 603 -23.59 -8.57 -2.02
CA LEU A 603 -22.99 -7.90 -3.16
C LEU A 603 -21.66 -8.57 -3.54
N ARG A 604 -20.82 -8.84 -2.54
CA ARG A 604 -19.53 -9.46 -2.79
C ARG A 604 -19.69 -10.81 -3.49
N GLN A 605 -20.80 -11.50 -3.26
CA GLN A 605 -21.03 -12.77 -3.94
C GLN A 605 -21.22 -12.54 -5.44
N VAL A 606 -22.18 -11.69 -5.81
CA VAL A 606 -22.45 -11.46 -7.24
C VAL A 606 -21.30 -10.70 -7.88
N VAL A 607 -20.69 -9.76 -7.15
CA VAL A 607 -19.53 -9.07 -7.69
C VAL A 607 -18.40 -10.05 -7.97
N LYS A 608 -18.18 -11.00 -7.05
CA LYS A 608 -17.21 -12.05 -7.31
C LYS A 608 -17.72 -13.01 -8.40
N GLU A 609 -19.01 -13.33 -8.40
CA GLU A 609 -19.55 -14.25 -9.39
C GLU A 609 -19.51 -13.67 -10.80
N LEU A 610 -19.51 -12.34 -10.95
CA LEU A 610 -19.38 -11.69 -12.24
C LEU A 610 -17.92 -11.47 -12.64
N GLY A 611 -16.98 -11.82 -11.77
CA GLY A 611 -15.58 -11.64 -12.09
C GLY A 611 -15.02 -10.26 -11.84
N ILE A 612 -15.79 -9.36 -11.22
CA ILE A 612 -15.21 -8.06 -10.88
C ILE A 612 -14.18 -8.27 -9.76
N PRO A 613 -12.95 -7.79 -9.92
CA PRO A 613 -11.98 -7.91 -8.82
C PRO A 613 -12.25 -6.86 -7.74
N VAL A 614 -12.10 -7.28 -6.48
CA VAL A 614 -12.28 -6.39 -5.33
C VAL A 614 -10.90 -6.04 -4.79
N ASN A 615 -10.69 -4.76 -4.50
CA ASN A 615 -9.39 -4.31 -4.04
C ASN A 615 -9.11 -4.74 -2.59
N SER A 616 -7.83 -4.68 -2.23
CA SER A 616 -7.38 -4.92 -0.87
C SER A 616 -6.78 -3.68 -0.23
N GLU A 617 -6.43 -2.67 -1.01
CA GLU A 617 -5.87 -1.37 -0.67
C GLU A 617 -6.98 -0.34 -0.51
N PRO A 618 -6.83 0.61 0.41
CA PRO A 618 -7.78 1.73 0.47
C PRO A 618 -7.63 2.62 -0.74
N ALA A 619 -8.76 3.12 -1.23
CA ALA A 619 -8.76 3.93 -2.44
C ALA A 619 -8.69 5.41 -2.10
N GLU A 620 -8.49 6.23 -3.13
CA GLU A 620 -8.41 7.66 -2.94
C GLU A 620 -9.80 8.29 -3.05
N TYR A 621 -9.90 9.55 -2.63
CA TYR A 621 -11.19 10.24 -2.59
C TYR A 621 -11.78 10.39 -3.98
N ARG A 622 -10.93 10.67 -4.98
CA ARG A 622 -11.44 10.94 -6.32
C ARG A 622 -12.04 9.69 -6.96
N GLU A 623 -11.42 8.54 -6.74
CA GLU A 623 -11.87 7.33 -7.43
C GLU A 623 -13.16 6.79 -6.84
N ILE A 624 -13.28 6.76 -5.51
CA ILE A 624 -14.51 6.28 -4.90
C ILE A 624 -15.68 7.13 -5.36
N HIS A 625 -15.48 8.46 -5.40
CA HIS A 625 -16.58 9.38 -5.68
C HIS A 625 -16.87 9.51 -7.16
N ILE A 626 -15.85 9.36 -8.01
CA ILE A 626 -16.11 9.29 -9.45
C ILE A 626 -16.98 8.07 -9.75
N ALA A 627 -16.68 6.94 -9.11
CA ALA A 627 -17.52 5.76 -9.29
C ALA A 627 -18.94 6.03 -8.81
N LEU A 628 -19.09 6.71 -7.66
CA LEU A 628 -20.42 7.04 -7.14
C LEU A 628 -21.17 8.01 -8.04
N LEU A 629 -20.45 8.95 -8.68
CA LEU A 629 -21.09 9.94 -9.54
C LEU A 629 -21.85 9.28 -10.69
N THR A 630 -21.45 8.07 -11.06
CA THR A 630 -22.06 7.40 -12.20
C THR A 630 -23.55 7.17 -12.00
N GLY A 631 -23.98 7.04 -10.75
CA GLY A 631 -25.37 6.85 -10.43
C GLY A 631 -26.07 8.10 -9.95
N LEU A 632 -25.37 9.23 -9.93
CA LEU A 632 -25.87 10.47 -9.38
C LEU A 632 -25.70 11.60 -10.39
N LEU A 633 -25.88 11.30 -11.67
CA LEU A 633 -25.71 12.36 -12.67
C LEU A 633 -26.89 13.34 -12.63
N SER A 634 -28.08 12.86 -12.32
CA SER A 634 -29.23 13.74 -12.10
C SER A 634 -29.19 14.40 -10.73
N HIS A 635 -28.21 14.07 -9.90
CA HIS A 635 -28.12 14.55 -8.53
C HIS A 635 -26.86 15.39 -8.31
N ILE A 636 -26.51 16.23 -9.27
CA ILE A 636 -25.42 17.18 -9.09
C ILE A 636 -26.03 18.56 -8.89
N GLY A 637 -25.28 19.42 -8.24
CA GLY A 637 -25.72 20.78 -8.02
C GLY A 637 -24.54 21.73 -7.99
N MET A 638 -24.83 22.98 -8.32
CA MET A 638 -23.85 24.06 -8.31
C MET A 638 -24.31 25.12 -7.33
N LYS A 639 -23.43 25.51 -6.40
CA LYS A 639 -23.79 26.47 -5.36
C LYS A 639 -23.99 27.86 -5.96
N ASP A 640 -24.95 28.59 -5.42
CA ASP A 640 -25.15 29.98 -5.79
C ASP A 640 -24.10 30.86 -5.12
N ALA A 641 -23.60 31.83 -5.87
CA ALA A 641 -22.59 32.75 -5.34
C ALA A 641 -23.21 33.57 -4.22
N ASP A 642 -22.56 33.57 -3.06
CA ASP A 642 -23.04 34.31 -1.88
C ASP A 642 -24.46 33.86 -1.53
N LYS A 643 -24.62 32.55 -1.38
CA LYS A 643 -25.89 31.92 -1.03
C LYS A 643 -25.64 30.44 -0.79
N GLN A 644 -26.22 29.90 0.28
CA GLN A 644 -26.04 28.49 0.62
C GLN A 644 -27.12 27.61 0.00
N GLU A 645 -27.48 27.87 -1.26
CA GLU A 645 -28.47 27.09 -1.96
C GLU A 645 -27.85 26.56 -3.26
N TYR A 646 -28.41 25.46 -3.77
CA TYR A 646 -27.84 24.79 -4.93
C TYR A 646 -28.82 24.73 -6.08
N THR A 647 -28.29 24.90 -7.30
CA THR A 647 -29.03 24.71 -8.54
C THR A 647 -28.67 23.34 -9.10
N GLY A 648 -29.67 22.47 -9.24
CA GLY A 648 -29.45 21.09 -9.62
C GLY A 648 -30.00 20.77 -11.00
N ALA A 649 -30.23 19.48 -11.23
CA ALA A 649 -30.69 19.02 -12.53
C ALA A 649 -32.01 19.69 -12.91
N ARG A 650 -32.26 19.75 -14.21
CA ARG A 650 -33.27 20.65 -14.77
C ARG A 650 -33.07 22.03 -14.14
N ASN A 651 -34.16 22.70 -13.77
CA ASN A 651 -34.06 24.00 -13.11
C ASN A 651 -34.50 23.93 -11.66
N ALA A 652 -34.29 22.78 -11.01
CA ALA A 652 -34.69 22.62 -9.63
C ALA A 652 -33.61 23.17 -8.69
N ARG A 653 -34.06 23.61 -7.51
CA ARG A 653 -33.19 24.19 -6.51
C ARG A 653 -33.33 23.40 -5.22
N PHE A 654 -32.20 22.99 -4.66
CA PHE A 654 -32.21 22.16 -3.46
C PHE A 654 -31.22 22.70 -2.44
N SER A 655 -31.53 22.47 -1.17
CA SER A 655 -30.67 22.82 -0.04
C SER A 655 -30.01 21.56 0.53
N ILE A 656 -28.83 21.75 1.12
CA ILE A 656 -28.12 20.63 1.73
C ILE A 656 -28.80 20.27 3.04
N PHE A 657 -28.91 18.98 3.32
CA PHE A 657 -29.55 18.50 4.53
C PHE A 657 -28.78 19.00 5.76
N PRO A 658 -29.47 19.41 6.82
CA PRO A 658 -28.75 19.97 7.98
C PRO A 658 -27.87 18.98 8.70
N GLY A 659 -28.20 17.69 8.66
CA GLY A 659 -27.38 16.68 9.31
C GLY A 659 -26.20 16.21 8.47
N SER A 660 -25.73 17.07 7.58
CA SER A 660 -24.67 16.73 6.64
C SER A 660 -23.32 17.28 7.12
N GLY A 661 -22.27 16.50 6.90
CA GLY A 661 -20.93 16.92 7.28
C GLY A 661 -20.42 18.12 6.52
N LEU A 662 -20.99 18.42 5.35
CA LEU A 662 -20.62 19.59 4.57
C LEU A 662 -21.75 20.61 4.49
N PHE A 663 -22.65 20.59 5.49
CA PHE A 663 -23.71 21.59 5.56
C PHE A 663 -23.15 22.95 5.97
N LYS A 664 -22.13 22.97 6.83
CA LYS A 664 -21.56 24.24 7.28
C LYS A 664 -20.76 24.92 6.17
N LYS A 665 -19.97 24.16 5.42
CA LYS A 665 -19.14 24.69 4.33
C LYS A 665 -19.52 23.98 3.03
N PRO A 666 -20.58 24.43 2.36
CA PRO A 666 -21.00 23.76 1.12
C PRO A 666 -20.15 24.20 -0.06
N PRO A 667 -19.56 23.25 -0.79
CA PRO A 667 -18.72 23.60 -1.94
C PRO A 667 -19.57 23.99 -3.14
N LYS A 668 -18.89 24.47 -4.18
CA LYS A 668 -19.58 24.89 -5.40
C LYS A 668 -20.31 23.71 -6.04
N TRP A 669 -19.57 22.65 -6.37
CA TRP A 669 -20.12 21.49 -7.05
C TRP A 669 -20.29 20.33 -6.07
N VAL A 670 -21.50 19.77 -6.02
CA VAL A 670 -21.80 18.68 -5.10
C VAL A 670 -22.52 17.59 -5.89
N MET A 671 -22.55 16.39 -5.31
CA MET A 671 -23.47 15.36 -5.72
C MET A 671 -24.12 14.82 -4.46
N VAL A 672 -25.42 14.60 -4.53
CA VAL A 672 -26.15 14.06 -3.38
C VAL A 672 -26.65 12.67 -3.75
N ALA A 673 -26.85 11.84 -2.73
CA ALA A 673 -27.32 10.49 -3.00
C ALA A 673 -28.83 10.46 -3.18
N GLU A 674 -29.55 11.38 -2.57
CA GLU A 674 -31.00 11.32 -2.56
C GLU A 674 -31.57 12.74 -2.53
N LEU A 675 -32.51 13.02 -3.43
CA LEU A 675 -33.23 14.28 -3.46
C LEU A 675 -34.70 14.03 -3.09
N VAL A 676 -35.15 14.64 -2.00
CA VAL A 676 -36.53 14.50 -1.56
C VAL A 676 -37.07 15.88 -1.18
N GLU A 677 -38.29 16.16 -1.61
CA GLU A 677 -38.94 17.45 -1.37
C GLU A 677 -40.02 17.31 -0.31
N THR A 678 -39.84 18.01 0.81
CA THR A 678 -40.85 18.08 1.85
C THR A 678 -41.33 19.52 1.97
N SER A 679 -40.53 20.38 2.59
CA SER A 679 -40.76 21.81 2.55
C SER A 679 -39.87 22.51 1.53
N ARG A 680 -38.61 22.14 1.46
CA ARG A 680 -37.75 22.49 0.34
C ARG A 680 -37.31 21.20 -0.36
N LEU A 681 -36.30 21.32 -1.21
CA LEU A 681 -35.64 20.17 -1.80
C LEU A 681 -34.36 19.89 -1.02
N TRP A 682 -34.25 18.69 -0.47
CA TRP A 682 -33.14 18.32 0.39
C TRP A 682 -32.28 17.26 -0.30
N GLY A 683 -30.96 17.45 -0.22
CA GLY A 683 -30.03 16.43 -0.67
C GLY A 683 -29.37 15.78 0.52
N ARG A 684 -29.81 14.58 0.89
CA ARG A 684 -29.45 13.97 2.17
C ARG A 684 -27.97 13.67 2.29
N ILE A 685 -27.45 12.74 1.51
CA ILE A 685 -26.06 12.31 1.62
C ILE A 685 -25.28 12.98 0.50
N ALA A 686 -24.36 13.88 0.85
CA ALA A 686 -23.71 14.74 -0.14
C ALA A 686 -22.20 14.69 0.02
N ALA A 687 -21.49 15.10 -1.04
CA ALA A 687 -20.04 15.11 -1.03
C ALA A 687 -19.54 16.06 -2.11
N ARG A 688 -18.37 16.65 -1.86
CA ARG A 688 -17.78 17.59 -2.81
C ARG A 688 -17.29 16.86 -4.04
N ILE A 689 -17.53 17.45 -5.21
CA ILE A 689 -17.03 16.92 -6.47
C ILE A 689 -16.39 18.06 -7.24
N ASP A 690 -15.42 17.70 -8.08
CA ASP A 690 -14.81 18.61 -9.04
C ASP A 690 -15.56 18.51 -10.36
N PRO A 691 -16.01 19.62 -10.94
CA PRO A 691 -16.82 19.54 -12.16
C PRO A 691 -16.08 18.92 -13.34
N GLU A 692 -14.74 18.86 -13.29
CA GLU A 692 -13.99 18.18 -14.36
C GLU A 692 -14.37 16.71 -14.47
N TRP A 693 -14.84 16.10 -13.37
CA TRP A 693 -15.16 14.68 -13.38
C TRP A 693 -16.43 14.39 -14.17
N VAL A 694 -17.34 15.37 -14.25
CA VAL A 694 -18.67 15.09 -14.77
C VAL A 694 -18.63 14.86 -16.27
N GLU A 695 -17.71 15.52 -16.98
CA GLU A 695 -17.68 15.42 -18.44
C GLU A 695 -17.35 14.01 -18.96
N PRO A 696 -16.31 13.31 -18.49
CA PRO A 696 -16.00 11.98 -19.05
C PRO A 696 -17.10 10.94 -18.88
N VAL A 697 -17.98 11.09 -17.90
CA VAL A 697 -18.99 10.08 -17.63
C VAL A 697 -20.35 10.43 -18.25
N ALA A 698 -20.59 11.69 -18.61
CA ALA A 698 -21.87 12.13 -19.12
C ALA A 698 -21.87 12.33 -20.63
N GLN A 699 -21.04 11.57 -21.35
CA GLN A 699 -20.94 11.75 -22.80
C GLN A 699 -22.30 11.63 -23.47
N HIS A 700 -23.13 10.70 -22.99
CA HIS A 700 -24.48 10.52 -23.52
C HIS A 700 -25.44 11.63 -23.11
N LEU A 701 -25.01 12.52 -22.23
CA LEU A 701 -25.89 13.54 -21.70
C LEU A 701 -25.47 14.97 -22.05
N ILE A 702 -24.18 15.23 -22.23
CA ILE A 702 -23.71 16.59 -22.42
C ILE A 702 -24.38 17.19 -23.65
N LYS A 703 -24.68 18.48 -23.56
CA LYS A 703 -25.14 19.28 -24.69
C LYS A 703 -24.11 20.37 -24.93
N ARG A 704 -23.63 20.47 -26.15
CA ARG A 704 -22.58 21.42 -26.51
C ARG A 704 -23.20 22.61 -27.25
N THR A 705 -22.88 23.82 -26.78
CA THR A 705 -23.29 25.05 -27.42
C THR A 705 -22.04 25.88 -27.74
N TYR A 706 -22.01 26.49 -28.91
CA TYR A 706 -20.86 27.26 -29.36
C TYR A 706 -21.28 28.72 -29.60
N SER A 707 -20.40 29.65 -29.25
CA SER A 707 -20.75 31.06 -29.27
C SER A 707 -19.53 31.89 -29.65
N GLU A 708 -19.80 33.12 -30.09
CA GLU A 708 -18.77 34.08 -30.47
C GLU A 708 -17.76 33.45 -31.44
N PRO A 709 -18.19 33.03 -32.62
CA PRO A 709 -17.23 32.45 -33.58
C PRO A 709 -16.47 33.56 -34.28
N HIS A 710 -15.16 33.40 -34.38
CA HIS A 710 -14.32 34.42 -34.98
C HIS A 710 -13.08 33.76 -35.57
N TRP A 711 -12.53 34.39 -36.61
CA TRP A 711 -11.37 33.86 -37.29
C TRP A 711 -10.11 34.46 -36.67
N GLU A 712 -9.27 33.60 -36.09
CA GLU A 712 -8.02 34.02 -35.48
C GLU A 712 -6.86 33.70 -36.42
N ARG A 713 -6.03 34.71 -36.69
CA ARG A 713 -5.00 34.58 -37.71
C ARG A 713 -3.92 33.59 -37.29
N ALA A 714 -3.45 33.68 -36.03
CA ALA A 714 -2.27 32.94 -35.61
C ALA A 714 -2.44 31.45 -35.79
N GLN A 715 -3.60 30.91 -35.42
CA GLN A 715 -3.82 29.48 -35.53
C GLN A 715 -4.44 29.07 -36.86
N GLY A 716 -4.87 30.03 -37.67
CA GLY A 716 -5.38 29.72 -39.00
C GLY A 716 -6.64 28.89 -39.00
N ALA A 717 -7.57 29.19 -38.11
CA ALA A 717 -8.83 28.44 -38.02
C ALA A 717 -9.87 29.34 -37.36
N VAL A 718 -11.11 28.87 -37.37
CA VAL A 718 -12.20 29.58 -36.71
C VAL A 718 -12.29 29.12 -35.26
N MET A 719 -12.47 30.08 -34.35
CA MET A 719 -12.53 29.84 -32.91
C MET A 719 -13.90 30.24 -32.38
N ALA A 720 -14.28 29.64 -31.25
CA ALA A 720 -15.54 29.95 -30.60
C ALA A 720 -15.43 29.55 -29.13
N THR A 721 -16.42 29.94 -28.34
CA THR A 721 -16.48 29.59 -26.92
C THR A 721 -17.57 28.56 -26.71
N GLU A 722 -17.20 27.39 -26.18
CA GLU A 722 -18.14 26.29 -26.02
C GLU A 722 -18.55 26.18 -24.56
N LYS A 723 -19.81 25.80 -24.36
CA LYS A 723 -20.41 25.61 -23.03
C LYS A 723 -21.09 24.25 -23.00
N VAL A 724 -20.54 23.31 -22.23
CA VAL A 724 -21.13 21.97 -22.12
C VAL A 724 -22.15 21.99 -21.00
N THR A 725 -23.23 21.25 -21.19
CA THR A 725 -24.41 21.34 -20.33
C THR A 725 -25.00 19.97 -20.09
N VAL A 726 -25.03 19.54 -18.83
CA VAL A 726 -25.73 18.34 -18.42
C VAL A 726 -26.94 18.76 -17.58
N TYR A 727 -28.13 18.40 -18.06
CA TYR A 727 -29.39 18.74 -17.39
C TYR A 727 -29.50 20.23 -17.09
N GLY A 728 -28.79 21.06 -17.87
CA GLY A 728 -28.80 22.50 -17.71
C GLY A 728 -27.64 23.09 -16.94
N LEU A 729 -26.70 22.27 -16.44
CA LEU A 729 -25.66 22.80 -15.57
C LEU A 729 -24.37 23.03 -16.32
N PRO A 730 -23.80 24.23 -16.21
CA PRO A 730 -22.55 24.53 -16.93
C PRO A 730 -21.31 23.89 -16.32
N ILE A 731 -21.00 22.66 -16.75
CA ILE A 731 -19.77 22.00 -16.33
C ILE A 731 -18.55 22.82 -16.73
N VAL A 732 -18.57 23.38 -17.94
CA VAL A 732 -17.57 24.36 -18.36
C VAL A 732 -18.32 25.59 -18.85
N ALA A 733 -18.05 26.75 -18.23
CA ALA A 733 -18.76 27.96 -18.61
C ALA A 733 -18.36 28.41 -20.00
N ALA A 734 -17.06 28.41 -20.30
CA ALA A 734 -16.57 28.73 -21.63
C ALA A 734 -15.12 28.32 -21.74
N ARG A 735 -14.73 27.90 -22.95
CA ARG A 735 -13.33 27.63 -23.25
C ARG A 735 -13.13 27.81 -24.75
N LYS A 736 -12.13 28.60 -25.12
CA LYS A 736 -11.85 28.82 -26.53
C LYS A 736 -11.29 27.56 -27.17
N VAL A 737 -11.92 27.14 -28.28
CA VAL A 737 -11.56 25.94 -29.01
C VAL A 737 -11.62 26.28 -30.49
N ASN A 738 -10.82 25.58 -31.29
CA ASN A 738 -10.81 25.83 -32.74
C ASN A 738 -12.04 25.16 -33.35
N TYR A 739 -13.00 26.00 -33.74
CA TYR A 739 -14.27 25.53 -34.27
C TYR A 739 -14.09 24.79 -35.59
N SER A 740 -13.00 25.06 -36.29
CA SER A 740 -12.77 24.43 -37.59
C SER A 740 -12.63 22.91 -37.49
N GLN A 741 -11.98 22.41 -36.44
CA GLN A 741 -11.88 20.96 -36.29
C GLN A 741 -13.21 20.34 -35.87
N ILE A 742 -14.05 21.10 -35.15
CA ILE A 742 -15.28 20.53 -34.61
C ILE A 742 -16.30 20.32 -35.72
N ASP A 743 -16.49 21.31 -36.59
CA ASP A 743 -17.45 21.21 -37.69
C ASP A 743 -16.88 21.99 -38.87
N PRO A 744 -16.03 21.36 -39.68
CA PRO A 744 -15.38 22.10 -40.78
C PRO A 744 -16.35 22.65 -41.80
N ALA A 745 -17.44 21.95 -42.09
CA ALA A 745 -18.38 22.41 -43.10
C ALA A 745 -19.07 23.70 -42.69
N LEU A 746 -19.47 23.80 -41.42
CA LEU A 746 -20.15 24.99 -40.93
C LEU A 746 -19.21 26.19 -40.90
N CYS A 747 -17.94 25.96 -40.49
CA CYS A 747 -16.97 27.04 -40.46
C CYS A 747 -16.68 27.57 -41.85
N ARG A 748 -16.60 26.68 -42.84
CA ARG A 748 -16.47 27.14 -44.21
C ARG A 748 -17.69 27.95 -44.63
N GLU A 749 -18.89 27.49 -44.23
CA GLU A 749 -20.09 28.22 -44.61
C GLU A 749 -20.17 29.57 -43.91
N LEU A 750 -19.67 29.68 -42.67
CA LEU A 750 -19.59 30.98 -42.03
C LEU A 750 -18.52 31.85 -42.68
N PHE A 751 -17.37 31.25 -43.01
CA PHE A 751 -16.31 31.97 -43.71
C PHE A 751 -16.80 32.50 -45.05
N ILE A 752 -17.57 31.69 -45.77
CA ILE A 752 -18.10 32.11 -47.08
C ILE A 752 -19.05 33.28 -46.92
N ARG A 753 -19.98 33.19 -45.97
CA ARG A 753 -20.95 34.25 -45.76
C ARG A 753 -20.40 35.42 -44.94
N HIS A 754 -19.11 35.41 -44.62
CA HIS A 754 -18.43 36.51 -43.93
C HIS A 754 -19.06 36.77 -42.55
N ALA A 755 -18.93 35.77 -41.68
CA ALA A 755 -19.45 35.85 -40.33
C ALA A 755 -18.81 34.82 -39.41
N GLN B 6 -16.11 -35.83 -30.08
CA GLN B 6 -15.20 -34.96 -30.81
C GLN B 6 -13.75 -35.38 -30.62
N GLN B 7 -13.45 -35.89 -29.42
CA GLN B 7 -12.13 -36.39 -29.07
C GLN B 7 -12.28 -37.72 -28.35
N LYS B 8 -11.23 -38.54 -28.42
CA LYS B 8 -11.24 -39.84 -27.76
C LYS B 8 -11.33 -39.67 -26.26
N LEU B 9 -12.36 -40.26 -25.65
CA LEU B 9 -12.54 -40.23 -24.20
C LEU B 9 -12.18 -41.58 -23.60
N THR B 10 -11.38 -41.55 -22.53
CA THR B 10 -10.98 -42.74 -21.81
C THR B 10 -11.69 -42.79 -20.46
N PHE B 11 -12.00 -44.01 -20.01
CA PHE B 11 -12.49 -44.20 -18.65
C PHE B 11 -11.54 -43.58 -17.64
N THR B 12 -10.23 -43.73 -17.86
CA THR B 12 -9.26 -43.06 -17.01
C THR B 12 -9.48 -41.56 -16.99
N ALA B 13 -9.78 -40.99 -18.17
CA ALA B 13 -9.89 -39.54 -18.29
C ALA B 13 -11.14 -39.00 -17.61
N LEU B 14 -12.20 -39.79 -17.51
CA LEU B 14 -13.42 -39.29 -16.86
C LEU B 14 -13.33 -39.39 -15.33
N GLN B 15 -12.85 -40.53 -14.81
CA GLN B 15 -12.64 -40.63 -13.37
C GLN B 15 -11.76 -39.51 -12.84
N GLN B 16 -10.68 -39.20 -13.56
CA GLN B 16 -9.79 -38.13 -13.13
C GLN B 16 -10.50 -36.78 -13.19
N ARG B 17 -11.18 -36.51 -14.32
CA ARG B 17 -12.01 -35.31 -14.44
C ARG B 17 -13.03 -35.24 -13.31
N LEU B 18 -13.61 -36.39 -12.97
CA LEU B 18 -14.63 -36.51 -11.94
C LEU B 18 -14.12 -36.14 -10.54
N ASP B 19 -12.81 -36.01 -10.36
CA ASP B 19 -12.30 -35.69 -9.03
C ASP B 19 -12.69 -34.27 -8.61
N SER B 20 -12.78 -33.36 -9.57
CA SER B 20 -13.18 -31.97 -9.30
C SER B 20 -14.71 -31.85 -9.30
N LEU B 21 -15.32 -32.53 -8.34
CA LEU B 21 -16.77 -32.54 -8.20
C LEU B 21 -17.13 -32.55 -6.72
N MET B 22 -18.43 -32.43 -6.46
CA MET B 22 -18.91 -32.60 -5.11
C MET B 22 -18.72 -34.05 -4.69
N LEU B 23 -18.37 -34.27 -3.42
CA LEU B 23 -18.04 -35.63 -3.00
C LEU B 23 -19.24 -36.55 -3.12
N ARG B 24 -20.45 -36.01 -2.98
CA ARG B 24 -21.65 -36.82 -3.08
C ARG B 24 -21.97 -37.17 -4.53
N ASP B 25 -21.93 -36.17 -5.42
CA ASP B 25 -22.10 -36.46 -6.85
C ASP B 25 -21.09 -37.49 -7.33
N ARG B 26 -19.89 -37.50 -6.75
CA ARG B 26 -18.77 -38.25 -7.31
C ARG B 26 -19.03 -39.75 -7.34
N LEU B 27 -19.69 -40.28 -6.29
CA LEU B 27 -19.90 -41.72 -6.24
C LEU B 27 -20.98 -42.18 -7.21
N ARG B 28 -21.91 -41.30 -7.55
CA ARG B 28 -22.96 -41.67 -8.51
C ARG B 28 -22.37 -41.94 -9.89
N PHE B 29 -21.41 -41.11 -10.31
CA PHE B 29 -20.79 -41.32 -11.61
C PHE B 29 -19.79 -42.47 -11.58
N SER B 30 -19.00 -42.58 -10.52
CA SER B 30 -17.99 -43.64 -10.44
C SER B 30 -18.64 -45.02 -10.46
N ARG B 31 -19.86 -45.14 -9.91
CA ARG B 31 -20.60 -46.39 -10.03
C ARG B 31 -21.04 -46.65 -11.46
N ARG B 32 -21.26 -45.58 -12.24
CA ARG B 32 -21.66 -45.76 -13.63
C ARG B 32 -20.48 -46.19 -14.50
N LEU B 33 -19.29 -45.67 -14.21
CA LEU B 33 -18.13 -45.97 -15.05
C LEU B 33 -17.72 -47.44 -14.96
N HIS B 34 -17.81 -48.05 -13.77
CA HIS B 34 -17.48 -49.46 -13.64
C HIS B 34 -18.49 -50.37 -14.34
N GLY B 35 -19.67 -49.85 -14.66
CA GLY B 35 -20.66 -50.61 -15.40
C GLY B 35 -20.62 -50.43 -16.91
N VAL B 36 -19.74 -49.56 -17.41
CA VAL B 36 -19.69 -49.33 -18.86
C VAL B 36 -19.01 -50.49 -19.56
N LYS B 37 -18.02 -51.12 -18.91
CA LYS B 37 -17.36 -52.28 -19.49
C LYS B 37 -18.33 -53.44 -19.74
N LYS B 38 -19.53 -53.38 -19.17
CA LYS B 38 -20.55 -54.39 -19.47
C LYS B 38 -20.99 -54.31 -20.93
N VAL B 39 -21.36 -53.11 -21.40
CA VAL B 39 -21.68 -52.94 -22.81
C VAL B 39 -20.38 -52.98 -23.61
N LYS B 40 -20.37 -53.79 -24.66
CA LYS B 40 -19.12 -54.24 -25.28
C LYS B 40 -18.73 -53.47 -26.54
N ASN B 41 -19.70 -53.14 -27.39
CA ASN B 41 -19.41 -52.49 -28.66
C ASN B 41 -18.76 -51.12 -28.41
N PRO B 42 -17.52 -50.91 -28.84
CA PRO B 42 -16.82 -49.66 -28.48
C PRO B 42 -17.47 -48.43 -29.08
N ASP B 43 -18.17 -48.58 -30.21
CA ASP B 43 -18.94 -47.46 -30.74
C ASP B 43 -19.97 -46.98 -29.73
N ALA B 44 -20.51 -47.89 -28.92
CA ALA B 44 -21.51 -47.52 -27.94
C ALA B 44 -20.87 -46.98 -26.66
N GLN B 45 -19.79 -47.61 -26.20
CA GLN B 45 -19.16 -47.16 -24.97
C GLN B 45 -18.51 -45.80 -25.12
N GLN B 46 -18.19 -45.38 -26.36
CA GLN B 46 -17.67 -44.03 -26.55
C GLN B 46 -18.77 -43.00 -26.61
N ALA B 47 -19.95 -43.35 -27.12
CA ALA B 47 -21.07 -42.42 -27.08
C ALA B 47 -21.57 -42.23 -25.65
N ILE B 48 -21.55 -43.31 -24.86
CA ILE B 48 -21.94 -43.20 -23.46
C ILE B 48 -21.02 -42.26 -22.71
N PHE B 49 -19.71 -42.40 -22.92
CA PHE B 49 -18.76 -41.45 -22.34
C PHE B 49 -19.06 -40.04 -22.80
N GLN B 50 -19.36 -39.86 -24.09
CA GLN B 50 -19.61 -38.52 -24.62
C GLN B 50 -20.83 -37.88 -23.95
N GLU B 51 -21.97 -38.58 -23.97
CA GLU B 51 -23.19 -38.03 -23.39
C GLU B 51 -23.15 -37.98 -21.87
N MET B 52 -22.13 -38.57 -21.24
CA MET B 52 -21.96 -38.48 -19.80
C MET B 52 -20.95 -37.42 -19.38
N ALA B 53 -19.95 -37.14 -20.20
CA ALA B 53 -19.03 -36.04 -19.89
C ALA B 53 -19.77 -34.72 -19.90
N LYS B 54 -20.84 -34.61 -20.68
CA LYS B 54 -21.71 -33.44 -20.60
C LYS B 54 -22.37 -33.37 -19.24
N GLU B 55 -22.66 -34.52 -18.63
CA GLU B 55 -23.26 -34.58 -17.31
C GLU B 55 -22.25 -34.25 -16.21
N ILE B 56 -20.99 -34.62 -16.40
CA ILE B 56 -19.95 -34.29 -15.45
C ILE B 56 -19.73 -32.78 -15.39
N ASP B 57 -19.74 -32.12 -16.56
CA ASP B 57 -19.56 -30.68 -16.59
C ASP B 57 -20.69 -29.97 -15.86
N GLN B 58 -21.91 -30.47 -15.98
CA GLN B 58 -23.02 -29.85 -15.26
C GLN B 58 -22.81 -29.92 -13.75
N ALA B 59 -22.33 -31.06 -13.25
CA ALA B 59 -22.05 -31.17 -11.83
C ALA B 59 -20.85 -30.31 -11.43
N ALA B 60 -19.85 -30.20 -12.31
CA ALA B 60 -18.65 -29.45 -11.99
C ALA B 60 -18.95 -27.98 -11.70
N GLY B 61 -19.97 -27.41 -12.34
CA GLY B 61 -20.27 -26.01 -12.09
C GLY B 61 -20.74 -25.75 -10.68
N LYS B 62 -21.32 -26.75 -10.03
CA LYS B 62 -21.72 -26.59 -8.64
C LYS B 62 -20.52 -26.24 -7.75
N VAL B 63 -19.40 -26.94 -7.95
CA VAL B 63 -18.22 -26.69 -7.11
C VAL B 63 -17.63 -25.33 -7.41
N LEU B 64 -17.65 -24.91 -8.68
CA LEU B 64 -17.11 -23.60 -9.03
C LEU B 64 -17.97 -22.47 -8.47
N LEU B 65 -19.28 -22.60 -8.59
CA LEU B 65 -20.19 -21.61 -8.02
C LEU B 65 -20.01 -21.46 -6.52
N ARG B 66 -19.81 -22.58 -5.83
CA ARG B 66 -19.60 -22.54 -4.38
C ARG B 66 -18.32 -21.80 -4.02
N GLU B 67 -17.28 -21.93 -4.84
CA GLU B 67 -16.03 -21.25 -4.55
C GLU B 67 -16.20 -19.74 -4.53
N ALA B 68 -17.20 -19.22 -5.25
CA ALA B 68 -17.45 -17.79 -5.24
C ALA B 68 -18.12 -17.34 -3.93
N ALA B 69 -18.92 -18.21 -3.31
CA ALA B 69 -19.62 -17.84 -2.09
C ALA B 69 -18.74 -17.97 -0.85
N ARG B 70 -17.50 -18.43 -0.99
CA ARG B 70 -16.59 -18.46 0.14
C ARG B 70 -16.31 -17.03 0.59
N PRO B 71 -16.52 -16.70 1.86
CA PRO B 71 -16.34 -15.31 2.31
C PRO B 71 -14.91 -15.07 2.77
N GLU B 72 -14.59 -13.79 2.92
CA GLU B 72 -13.28 -13.41 3.39
C GLU B 72 -13.12 -13.88 4.81
N ILE B 73 -12.30 -14.86 5.02
CA ILE B 73 -12.11 -15.35 6.38
C ILE B 73 -11.00 -14.55 7.03
N THR B 74 -11.13 -14.37 8.34
CA THR B 74 -10.36 -13.37 9.08
C THR B 74 -10.24 -13.85 10.53
N TYR B 75 -9.06 -13.66 11.11
CA TYR B 75 -8.76 -14.13 12.45
C TYR B 75 -8.47 -12.98 13.40
N PRO B 76 -9.27 -12.78 14.44
CA PRO B 76 -8.99 -11.70 15.40
C PRO B 76 -7.65 -11.89 16.10
N ASP B 77 -6.95 -10.77 16.31
CA ASP B 77 -5.63 -10.80 16.94
C ASP B 77 -5.70 -11.09 18.44
N ASN B 78 -6.90 -11.09 19.05
CA ASN B 78 -7.00 -11.30 20.49
C ASN B 78 -6.68 -12.74 20.86
N LEU B 79 -7.10 -13.67 20.03
CA LEU B 79 -7.08 -15.07 20.36
C LEU B 79 -5.67 -15.64 20.20
N PRO B 80 -5.21 -16.45 21.15
CA PRO B 80 -3.89 -17.09 20.99
C PRO B 80 -3.84 -18.08 19.83
N VAL B 81 -4.99 -18.59 19.39
CA VAL B 81 -5.01 -19.50 18.25
C VAL B 81 -4.53 -18.80 16.99
N SER B 82 -4.76 -17.49 16.90
CA SER B 82 -4.36 -16.74 15.71
C SER B 82 -2.87 -16.90 15.41
N GLN B 83 -2.02 -16.85 16.45
CA GLN B 83 -0.60 -17.08 16.25
C GLN B 83 -0.34 -18.45 15.65
N LYS B 84 -0.76 -19.51 16.36
CA LYS B 84 -0.56 -20.90 15.94
C LYS B 84 -1.32 -21.28 14.64
N LYS B 85 -1.88 -20.33 13.90
CA LYS B 85 -2.67 -20.66 12.71
C LYS B 85 -1.82 -21.39 11.67
N GLN B 86 -0.67 -20.82 11.32
CA GLN B 86 0.17 -21.45 10.30
C GLN B 86 0.58 -22.86 10.72
N ASP B 87 0.80 -23.07 12.01
CA ASP B 87 1.13 -24.41 12.49
C ASP B 87 -0.04 -25.36 12.26
N ILE B 88 -1.25 -24.92 12.59
CA ILE B 88 -2.43 -25.78 12.44
C ILE B 88 -2.75 -25.98 10.96
N LEU B 89 -2.73 -24.90 10.17
CA LEU B 89 -3.08 -25.00 8.75
C LEU B 89 -2.14 -25.96 8.01
N GLU B 90 -0.84 -25.88 8.29
CA GLU B 90 0.09 -26.82 7.67
C GLU B 90 -0.13 -28.24 8.18
N ALA B 91 -0.40 -28.40 9.47
CA ALA B 91 -0.56 -29.73 10.04
C ALA B 91 -1.79 -30.43 9.48
N ILE B 92 -2.86 -29.68 9.21
CA ILE B 92 -4.09 -30.29 8.72
C ILE B 92 -3.90 -30.81 7.31
N ARG B 93 -3.33 -29.99 6.42
CA ARG B 93 -3.17 -30.43 5.03
C ARG B 93 -2.18 -31.57 4.91
N ASP B 94 -1.22 -31.66 5.85
CA ASP B 94 -0.18 -32.69 5.79
C ASP B 94 -0.57 -34.02 6.43
N HIS B 95 -1.51 -34.00 7.37
CA HIS B 95 -1.89 -35.21 8.09
C HIS B 95 -3.39 -35.44 7.95
N GLN B 96 -3.80 -36.70 7.84
CA GLN B 96 -5.22 -37.02 7.78
C GLN B 96 -5.91 -36.72 9.11
N VAL B 97 -5.20 -36.90 10.23
CA VAL B 97 -5.74 -36.71 11.57
C VAL B 97 -4.86 -35.70 12.30
N VAL B 98 -5.47 -34.66 12.84
CA VAL B 98 -4.78 -33.67 13.65
C VAL B 98 -5.57 -33.50 14.94
N ILE B 99 -4.87 -33.12 16.01
CA ILE B 99 -5.50 -32.96 17.32
C ILE B 99 -5.05 -31.65 17.92
N VAL B 100 -5.99 -30.75 18.15
CA VAL B 100 -5.72 -29.45 18.76
C VAL B 100 -6.28 -29.47 20.16
N ALA B 101 -5.46 -29.11 21.14
CA ALA B 101 -5.89 -29.04 22.53
C ALA B 101 -5.53 -27.67 23.07
N GLY B 102 -6.49 -27.02 23.71
CA GLY B 102 -6.26 -25.68 24.21
C GLY B 102 -7.00 -25.45 25.51
N GLU B 103 -6.53 -24.43 26.23
CA GLU B 103 -7.14 -24.01 27.47
C GLU B 103 -8.43 -23.26 27.18
N THR B 104 -9.12 -22.82 28.24
CA THR B 104 -10.47 -22.28 28.06
C THR B 104 -10.46 -20.99 27.25
N GLY B 105 -9.40 -20.19 27.34
CA GLY B 105 -9.36 -18.94 26.62
C GLY B 105 -9.02 -19.06 25.14
N SER B 106 -8.46 -20.20 24.73
CA SER B 106 -7.80 -20.30 23.42
C SER B 106 -8.65 -19.74 22.29
N GLY B 107 -9.89 -20.20 22.18
CA GLY B 107 -10.72 -19.87 21.04
C GLY B 107 -10.44 -20.71 19.82
N LYS B 108 -9.90 -21.93 20.01
CA LYS B 108 -9.72 -22.84 18.89
C LYS B 108 -11.06 -23.24 18.30
N THR B 109 -12.10 -23.30 19.14
CA THR B 109 -13.40 -23.75 18.65
C THR B 109 -13.93 -22.84 17.56
N THR B 110 -13.80 -21.53 17.74
CA THR B 110 -14.36 -20.60 16.76
C THR B 110 -13.52 -20.51 15.49
N GLN B 111 -12.20 -20.47 15.61
CA GLN B 111 -11.36 -20.24 14.44
C GLN B 111 -10.98 -21.50 13.68
N LEU B 112 -11.13 -22.68 14.28
CA LEU B 112 -10.72 -23.91 13.62
C LEU B 112 -11.50 -24.20 12.34
N PRO B 113 -12.83 -24.04 12.28
CA PRO B 113 -13.52 -24.22 10.98
C PRO B 113 -12.99 -23.28 9.91
N LYS B 114 -12.55 -22.08 10.30
CA LYS B 114 -12.03 -21.13 9.33
C LYS B 114 -10.70 -21.60 8.74
N ILE B 115 -9.84 -22.21 9.56
CA ILE B 115 -8.57 -22.73 9.04
C ILE B 115 -8.83 -23.78 7.96
N CYS B 116 -9.87 -24.59 8.13
CA CYS B 116 -10.22 -25.56 7.11
C CYS B 116 -10.66 -24.86 5.82
N MET B 117 -11.37 -23.75 5.93
CA MET B 117 -11.80 -23.02 4.74
C MET B 117 -10.61 -22.39 4.03
N GLU B 118 -9.72 -21.75 4.78
CA GLU B 118 -8.47 -21.23 4.20
C GLU B 118 -7.69 -22.33 3.50
N LEU B 119 -7.82 -23.58 3.95
CA LEU B 119 -7.16 -24.70 3.31
C LEU B 119 -7.86 -25.15 2.03
N GLY B 120 -9.12 -24.74 1.83
CA GLY B 120 -9.88 -25.13 0.67
C GLY B 120 -10.97 -26.12 0.98
N ARG B 121 -11.18 -26.45 2.24
CA ARG B 121 -12.23 -27.37 2.65
C ARG B 121 -13.57 -26.64 2.73
N GLY B 122 -14.64 -27.42 2.67
CA GLY B 122 -15.98 -26.89 2.77
C GLY B 122 -16.72 -26.72 1.46
N ILE B 123 -16.02 -26.91 0.33
CA ILE B 123 -16.62 -26.70 -0.99
C ILE B 123 -17.10 -28.03 -1.55
N LYS B 124 -16.18 -28.98 -1.72
CA LYS B 124 -16.55 -30.30 -2.23
C LYS B 124 -17.36 -31.10 -1.21
N GLY B 125 -17.13 -30.84 0.08
CA GLY B 125 -17.90 -31.49 1.13
C GLY B 125 -17.96 -30.59 2.35
N LEU B 126 -18.96 -30.83 3.19
CA LEU B 126 -19.16 -30.01 4.38
C LEU B 126 -18.04 -30.20 5.39
N ILE B 127 -17.89 -29.22 6.27
CA ILE B 127 -16.95 -29.29 7.38
C ILE B 127 -17.80 -29.56 8.62
N GLY B 128 -17.71 -30.78 9.12
CA GLY B 128 -18.55 -31.20 10.23
C GLY B 128 -17.89 -30.82 11.54
N HIS B 129 -18.65 -30.11 12.37
CA HIS B 129 -18.18 -29.68 13.68
C HIS B 129 -19.16 -30.18 14.73
N THR B 130 -18.64 -30.89 15.71
CA THR B 130 -19.44 -31.61 16.69
C THR B 130 -19.33 -30.97 18.06
N GLN B 131 -20.48 -30.77 18.70
CA GLN B 131 -20.57 -30.21 20.03
C GLN B 131 -21.36 -31.16 20.91
N PRO B 132 -21.05 -31.21 22.21
CA PRO B 132 -21.79 -32.12 23.10
C PRO B 132 -23.22 -31.67 23.39
N ARG B 133 -23.50 -30.37 23.40
CA ARG B 133 -24.83 -29.86 23.71
C ARG B 133 -25.41 -29.13 22.50
N ARG B 134 -26.74 -29.01 22.50
CA ARG B 134 -27.40 -28.24 21.45
C ARG B 134 -26.96 -26.78 21.50
N LEU B 135 -27.07 -26.16 22.68
CA LEU B 135 -26.68 -24.76 22.80
C LEU B 135 -25.21 -24.56 22.45
N ALA B 136 -24.38 -25.57 22.71
CA ALA B 136 -22.99 -25.50 22.29
C ALA B 136 -22.87 -25.40 20.77
N ALA B 137 -23.73 -26.14 20.05
CA ALA B 137 -23.70 -26.07 18.59
C ALA B 137 -24.15 -24.70 18.10
N ARG B 138 -25.31 -24.23 18.57
CA ARG B 138 -25.87 -22.97 18.10
C ARG B 138 -24.95 -21.80 18.40
N THR B 139 -24.37 -21.76 19.60
CA THR B 139 -23.62 -20.58 20.03
C THR B 139 -22.39 -20.37 19.16
N VAL B 140 -21.61 -21.43 18.91
CA VAL B 140 -20.43 -21.27 18.07
C VAL B 140 -20.83 -21.06 16.61
N ALA B 141 -21.91 -21.72 16.16
CA ALA B 141 -22.39 -21.47 14.81
C ALA B 141 -22.81 -20.02 14.65
N ASN B 142 -23.65 -19.50 15.57
CA ASN B 142 -24.00 -18.08 15.53
C ASN B 142 -22.77 -17.19 15.67
N ARG B 143 -21.70 -17.69 16.29
CA ARG B 143 -20.51 -16.87 16.49
C ARG B 143 -19.61 -16.85 15.27
N ILE B 144 -19.42 -17.99 14.58
CA ILE B 144 -18.56 -17.94 13.40
C ILE B 144 -19.21 -17.10 12.33
N ALA B 145 -20.54 -17.08 12.27
CA ALA B 145 -21.23 -16.25 11.30
C ALA B 145 -21.05 -14.77 11.61
N GLU B 146 -21.16 -14.38 12.88
CA GLU B 146 -20.89 -13.00 13.26
C GLU B 146 -19.47 -12.60 12.88
N GLU B 147 -18.49 -13.46 13.16
CA GLU B 147 -17.10 -13.15 12.85
C GLU B 147 -16.79 -13.14 11.36
N LEU B 148 -17.75 -13.51 10.50
CA LEU B 148 -17.55 -13.47 9.06
C LEU B 148 -18.53 -12.55 8.36
N LYS B 149 -19.28 -11.72 9.10
CA LYS B 149 -20.27 -10.81 8.53
C LYS B 149 -21.33 -11.54 7.71
N THR B 150 -21.64 -12.78 8.11
CA THR B 150 -22.69 -13.57 7.51
C THR B 150 -23.73 -13.94 8.56
N GLU B 151 -24.90 -14.44 8.09
CA GLU B 151 -25.84 -14.80 9.13
C GLU B 151 -25.91 -16.32 9.29
N PRO B 152 -26.26 -16.81 10.46
CA PRO B 152 -26.28 -18.26 10.68
C PRO B 152 -27.33 -18.94 9.81
N GLY B 153 -27.04 -20.20 9.48
CA GLY B 153 -27.80 -20.92 8.49
C GLY B 153 -27.31 -20.72 7.07
N GLY B 154 -26.48 -19.70 6.84
CA GLY B 154 -25.91 -19.47 5.54
C GLY B 154 -24.60 -20.19 5.39
N CYS B 155 -23.50 -19.44 5.22
CA CYS B 155 -22.19 -20.07 5.06
C CYS B 155 -21.90 -21.02 6.20
N ILE B 156 -22.26 -20.62 7.41
CA ILE B 156 -22.09 -21.45 8.60
C ILE B 156 -23.48 -21.84 9.08
N GLY B 157 -23.70 -23.14 9.25
CA GLY B 157 -25.00 -23.64 9.63
C GLY B 157 -24.88 -24.64 10.78
N TYR B 158 -26.03 -24.87 11.41
CA TYR B 158 -26.08 -25.78 12.54
C TYR B 158 -27.34 -26.64 12.42
N LYS B 159 -27.18 -27.93 12.72
CA LYS B 159 -28.28 -28.89 12.73
C LYS B 159 -28.30 -29.57 14.09
N VAL B 160 -29.43 -29.45 14.79
CA VAL B 160 -29.67 -30.21 16.00
C VAL B 160 -31.08 -30.78 15.92
N ARG B 161 -31.45 -31.52 16.94
CA ARG B 161 -32.73 -32.21 16.95
C ARG B 161 -33.84 -31.17 16.79
N PHE B 162 -34.65 -31.32 15.75
CA PHE B 162 -35.80 -30.47 15.41
C PHE B 162 -35.43 -29.09 14.90
N SER B 163 -34.16 -28.81 14.62
CA SER B 163 -33.75 -27.55 13.99
C SER B 163 -32.70 -27.86 12.94
N ASP B 164 -33.08 -27.77 11.67
CA ASP B 164 -32.17 -28.08 10.56
C ASP B 164 -31.80 -26.81 9.82
N HIS B 165 -31.01 -25.95 10.47
CA HIS B 165 -30.63 -24.66 9.88
C HIS B 165 -29.40 -24.88 9.00
N VAL B 166 -29.65 -25.40 7.80
CA VAL B 166 -28.63 -25.63 6.80
C VAL B 166 -29.18 -25.25 5.43
N SER B 167 -28.34 -24.62 4.60
CA SER B 167 -28.67 -24.21 3.25
C SER B 167 -27.67 -24.80 2.26
N ASP B 168 -27.88 -24.47 0.98
CA ASP B 168 -26.98 -24.93 -0.10
C ASP B 168 -25.64 -24.21 -0.07
N ASN B 169 -25.55 -23.02 0.51
CA ASN B 169 -24.28 -22.31 0.63
C ASN B 169 -23.52 -22.68 1.90
N THR B 170 -24.06 -23.62 2.70
CA THR B 170 -23.39 -24.00 3.94
C THR B 170 -22.05 -24.65 3.68
N MET B 171 -21.08 -24.32 4.52
CA MET B 171 -19.71 -24.81 4.35
C MET B 171 -19.19 -25.42 5.64
N VAL B 172 -19.67 -24.92 6.77
CA VAL B 172 -19.36 -25.48 8.09
C VAL B 172 -20.68 -25.82 8.74
N LYS B 173 -20.78 -27.03 9.28
CA LYS B 173 -22.02 -27.56 9.85
C LYS B 173 -21.76 -27.89 11.32
N LEU B 174 -22.20 -27.00 12.22
CA LEU B 174 -22.20 -27.32 13.64
C LEU B 174 -23.36 -28.26 13.96
N MET B 175 -23.16 -29.11 14.97
CA MET B 175 -24.17 -30.11 15.28
C MET B 175 -23.80 -30.80 16.59
N THR B 176 -24.82 -31.41 17.20
CA THR B 176 -24.58 -32.29 18.33
C THR B 176 -24.00 -33.59 17.83
N ASP B 177 -23.23 -34.24 18.71
CA ASP B 177 -22.55 -35.47 18.33
C ASP B 177 -23.54 -36.55 17.90
N GLY B 178 -24.74 -36.56 18.49
CA GLY B 178 -25.74 -37.54 18.10
C GLY B 178 -26.28 -37.33 16.70
N ILE B 179 -26.32 -36.09 16.24
CA ILE B 179 -26.78 -35.83 14.88
C ILE B 179 -25.89 -36.54 13.87
N LEU B 180 -24.58 -36.39 14.03
CA LEU B 180 -23.64 -37.05 13.13
C LEU B 180 -23.80 -38.56 13.20
N LEU B 181 -24.11 -39.09 14.39
CA LEU B 181 -24.34 -40.53 14.53
C LEU B 181 -25.58 -40.97 13.76
N ALA B 182 -26.67 -40.19 13.86
CA ALA B 182 -27.88 -40.55 13.14
C ALA B 182 -27.64 -40.56 11.63
N GLU B 183 -26.73 -39.69 11.16
CA GLU B 183 -26.44 -39.63 9.75
C GLU B 183 -25.64 -40.83 9.26
N ILE B 184 -25.10 -41.63 10.17
CA ILE B 184 -24.33 -42.81 9.77
C ILE B 184 -25.25 -43.86 9.15
N GLN B 185 -26.49 -43.98 9.65
CA GLN B 185 -27.43 -44.94 9.09
C GLN B 185 -27.70 -44.65 7.62
N GLN B 186 -27.91 -43.37 7.29
CA GLN B 186 -28.23 -42.98 5.92
C GLN B 186 -26.98 -42.96 5.03
N ASP B 187 -25.84 -42.50 5.57
CA ASP B 187 -24.60 -42.32 4.80
C ASP B 187 -23.46 -42.96 5.59
N ARG B 188 -23.23 -44.25 5.36
CA ARG B 188 -22.22 -44.99 6.10
C ARG B 188 -20.81 -44.46 5.86
N LEU B 189 -20.53 -43.95 4.67
CA LEU B 189 -19.21 -43.43 4.36
C LEU B 189 -19.04 -41.96 4.73
N LEU B 190 -20.09 -41.31 5.23
CA LEU B 190 -20.07 -39.89 5.56
C LEU B 190 -19.58 -39.08 4.36
N MET B 191 -20.17 -39.37 3.19
CA MET B 191 -19.79 -38.67 1.98
C MET B 191 -20.26 -37.22 1.98
N GLN B 192 -21.21 -36.88 2.87
CA GLN B 192 -21.66 -35.50 2.99
C GLN B 192 -20.51 -34.59 3.43
N TYR B 193 -19.56 -35.12 4.16
CA TYR B 193 -18.53 -34.30 4.81
C TYR B 193 -17.16 -34.57 4.20
N ASP B 194 -16.39 -33.51 4.02
CA ASP B 194 -14.98 -33.61 3.70
C ASP B 194 -14.10 -33.44 4.93
N THR B 195 -14.63 -32.86 6.01
CA THR B 195 -13.89 -32.69 7.25
C THR B 195 -14.83 -32.95 8.43
N ILE B 196 -14.28 -33.53 9.49
CA ILE B 196 -15.01 -33.77 10.72
C ILE B 196 -14.19 -33.18 11.86
N ILE B 197 -14.75 -32.23 12.58
CA ILE B 197 -14.12 -31.69 13.77
C ILE B 197 -14.97 -32.14 14.95
N ILE B 198 -14.41 -32.98 15.81
CA ILE B 198 -15.10 -33.42 17.01
C ILE B 198 -14.50 -32.66 18.18
N ASP B 199 -15.32 -31.83 18.81
CA ASP B 199 -14.87 -30.85 19.77
C ASP B 199 -15.31 -31.24 21.18
N GLU B 200 -14.61 -30.68 22.16
CA GLU B 200 -14.85 -31.01 23.57
C GLU B 200 -14.77 -32.51 23.77
N ALA B 201 -13.78 -33.13 23.13
CA ALA B 201 -13.67 -34.59 23.18
C ALA B 201 -13.28 -35.09 24.56
N HIS B 202 -12.76 -34.23 25.43
CA HIS B 202 -12.39 -34.67 26.77
C HIS B 202 -13.59 -35.16 27.56
N GLU B 203 -14.80 -34.69 27.21
CA GLU B 203 -15.99 -35.15 27.91
C GLU B 203 -16.15 -36.66 27.78
N ARG B 204 -15.54 -37.27 26.76
CA ARG B 204 -15.49 -38.72 26.60
C ARG B 204 -16.88 -39.33 26.70
N SER B 205 -17.82 -38.75 25.98
CA SER B 205 -19.17 -39.25 26.02
C SER B 205 -19.24 -40.59 25.29
N LEU B 206 -20.32 -41.31 25.56
CA LEU B 206 -20.58 -42.53 24.81
C LEU B 206 -20.69 -42.23 23.32
N ASN B 207 -21.37 -41.14 22.97
CA ASN B 207 -21.39 -40.70 21.58
C ASN B 207 -20.00 -40.28 21.10
N ILE B 208 -19.25 -39.58 21.95
CA ILE B 208 -17.89 -39.17 21.56
C ILE B 208 -17.02 -40.40 21.33
N ASP B 209 -17.03 -41.34 22.28
CA ASP B 209 -16.21 -42.54 22.13
C ASP B 209 -16.66 -43.38 20.94
N PHE B 210 -17.97 -43.48 20.73
CA PHE B 210 -18.45 -44.27 19.59
C PHE B 210 -18.04 -43.64 18.27
N LEU B 211 -18.06 -42.31 18.20
CA LEU B 211 -17.58 -41.62 17.00
C LEU B 211 -16.09 -41.85 16.78
N LEU B 212 -15.30 -41.86 17.86
CA LEU B 212 -13.87 -42.06 17.73
C LEU B 212 -13.53 -43.45 17.19
N GLY B 213 -14.40 -44.44 17.41
CA GLY B 213 -14.18 -45.74 16.84
C GLY B 213 -14.59 -45.79 15.38
N TYR B 214 -15.81 -45.34 15.09
CA TYR B 214 -16.32 -45.40 13.73
C TYR B 214 -15.47 -44.60 12.77
N LEU B 215 -14.95 -43.45 13.23
CA LEU B 215 -14.11 -42.64 12.35
C LEU B 215 -12.80 -43.33 12.05
N LYS B 216 -12.22 -44.00 13.05
CA LYS B 216 -11.03 -44.81 12.82
C LYS B 216 -11.31 -45.92 11.82
N GLU B 217 -12.53 -46.45 11.83
CA GLU B 217 -12.87 -47.58 10.99
C GLU B 217 -13.04 -47.20 9.52
N LEU B 218 -13.56 -46.01 9.21
CA LEU B 218 -13.75 -45.64 7.81
C LEU B 218 -12.57 -44.87 7.22
N LEU B 219 -11.61 -44.43 8.03
CA LEU B 219 -10.45 -43.71 7.49
C LEU B 219 -9.77 -44.42 6.32
N PRO B 220 -9.60 -45.75 6.31
CA PRO B 220 -9.13 -46.39 5.08
C PRO B 220 -10.12 -46.27 3.93
N ARG B 221 -11.41 -46.53 4.21
CA ARG B 221 -12.45 -46.42 3.18
C ARG B 221 -12.71 -44.99 2.74
N ARG B 222 -12.02 -44.01 3.34
CA ARG B 222 -12.31 -42.60 3.12
C ARG B 222 -10.99 -41.85 3.21
N PRO B 223 -10.14 -41.97 2.19
CA PRO B 223 -8.78 -41.41 2.29
C PRO B 223 -8.73 -39.91 2.07
N ASP B 224 -9.66 -39.40 1.28
CA ASP B 224 -9.70 -37.99 0.94
C ASP B 224 -10.21 -37.12 2.09
N LEU B 225 -10.80 -37.73 3.11
CA LEU B 225 -11.38 -37.02 4.25
C LEU B 225 -10.35 -36.79 5.34
N LYS B 226 -10.50 -35.66 6.05
CA LYS B 226 -9.64 -35.29 7.17
C LYS B 226 -10.49 -35.03 8.41
N ILE B 227 -9.91 -35.31 9.58
CA ILE B 227 -10.61 -35.20 10.85
C ILE B 227 -9.72 -34.44 11.83
N ILE B 228 -10.34 -33.62 12.68
CA ILE B 228 -9.65 -32.88 13.72
C ILE B 228 -10.36 -33.14 15.03
N ILE B 229 -9.60 -33.45 16.08
CA ILE B 229 -10.13 -33.73 17.40
C ILE B 229 -9.62 -32.66 18.34
N THR B 230 -10.53 -31.99 19.04
CA THR B 230 -10.21 -30.90 19.94
C THR B 230 -10.78 -31.18 21.33
N SER B 231 -10.08 -30.67 22.34
CA SER B 231 -10.34 -30.97 23.75
C SER B 231 -9.61 -29.95 24.61
N ALA B 232 -9.52 -30.23 25.91
CA ALA B 232 -8.79 -29.39 26.86
C ALA B 232 -7.31 -29.79 26.88
N THR B 233 -6.54 -29.08 27.69
CA THR B 233 -5.09 -29.27 27.72
C THR B 233 -4.66 -30.40 28.63
N ILE B 234 -5.56 -31.30 28.99
CA ILE B 234 -5.26 -32.41 29.88
C ILE B 234 -5.45 -33.71 29.13
N ASP B 235 -4.37 -34.47 28.96
CA ASP B 235 -4.37 -35.78 28.30
C ASP B 235 -4.87 -35.79 26.86
N PRO B 236 -4.21 -35.05 25.95
CA PRO B 236 -4.53 -35.19 24.52
C PRO B 236 -3.91 -36.40 23.88
N GLU B 237 -2.94 -37.05 24.53
CA GLU B 237 -2.18 -38.12 23.91
C GLU B 237 -3.01 -39.38 23.68
N ARG B 238 -4.08 -39.59 24.44
CA ARG B 238 -4.97 -40.73 24.18
C ARG B 238 -5.40 -40.73 22.73
N PHE B 239 -5.85 -39.58 22.26
CA PHE B 239 -6.32 -39.46 20.89
C PHE B 239 -5.19 -39.64 19.90
N SER B 240 -4.00 -39.09 20.18
CA SER B 240 -2.89 -39.23 19.25
C SER B 240 -2.45 -40.69 19.13
N ARG B 241 -2.32 -41.38 20.26
CA ARG B 241 -2.07 -42.81 20.21
C ARG B 241 -3.16 -43.53 19.44
N HIS B 242 -4.40 -43.05 19.56
CA HIS B 242 -5.53 -43.68 18.92
C HIS B 242 -5.38 -43.68 17.40
N PHE B 243 -4.92 -42.57 16.83
CA PHE B 243 -4.72 -42.43 15.40
C PHE B 243 -3.22 -42.49 15.14
N ASN B 244 -2.68 -43.70 15.07
CA ASN B 244 -1.24 -43.93 14.99
C ASN B 244 -0.56 -43.17 16.11
N ASN B 245 0.27 -42.19 15.75
CA ASN B 245 0.60 -41.10 16.64
C ASN B 245 0.38 -39.81 15.84
N ALA B 246 -0.89 -39.51 15.62
CA ALA B 246 -1.26 -38.27 14.93
C ALA B 246 -0.70 -37.08 15.69
N PRO B 247 -0.26 -36.03 15.01
CA PRO B 247 0.32 -34.90 15.71
C PRO B 247 -0.72 -34.15 16.53
N ILE B 248 -0.24 -33.55 17.62
CA ILE B 248 -1.06 -32.74 18.51
C ILE B 248 -0.46 -31.35 18.55
N ILE B 249 -1.32 -30.34 18.64
CA ILE B 249 -0.90 -28.95 18.70
C ILE B 249 -1.62 -28.30 19.88
N GLU B 250 -0.86 -27.70 20.78
CA GLU B 250 -1.40 -27.09 21.99
C GLU B 250 -1.31 -25.58 21.87
N VAL B 251 -2.39 -24.91 22.24
CA VAL B 251 -2.49 -23.46 22.17
C VAL B 251 -2.90 -22.94 23.54
N SER B 252 -2.25 -21.89 23.99
CA SER B 252 -2.49 -21.36 25.33
C SER B 252 -3.91 -20.81 25.45
N GLY B 253 -4.26 -20.42 26.67
CA GLY B 253 -5.56 -19.83 26.93
C GLY B 253 -5.40 -18.53 27.69
N ARG B 254 -6.33 -17.62 27.43
CA ARG B 254 -6.32 -16.29 28.06
C ARG B 254 -7.17 -16.33 29.32
N THR B 255 -6.51 -16.45 30.47
CA THR B 255 -7.18 -16.46 31.77
C THR B 255 -6.26 -15.78 32.78
N TYR B 256 -6.88 -15.09 33.75
CA TYR B 256 -6.14 -14.44 34.82
C TYR B 256 -5.69 -15.46 35.85
N PRO B 257 -4.57 -15.20 36.54
CA PRO B 257 -4.05 -16.19 37.48
C PRO B 257 -5.00 -16.44 38.64
N VAL B 258 -5.16 -17.71 38.99
CA VAL B 258 -5.97 -18.12 40.13
C VAL B 258 -5.07 -18.80 41.14
N GLU B 259 -5.26 -18.48 42.40
CA GLU B 259 -4.46 -19.03 43.49
C GLU B 259 -5.34 -20.03 44.24
N VAL B 260 -4.79 -21.20 44.52
CA VAL B 260 -5.51 -22.28 45.18
C VAL B 260 -5.01 -22.39 46.62
N ARG B 261 -5.95 -22.62 47.54
CA ARG B 261 -5.63 -22.85 48.95
C ARG B 261 -6.44 -24.03 49.47
N TYR B 262 -5.75 -25.08 49.88
CA TYR B 262 -6.37 -26.31 50.38
C TYR B 262 -6.71 -26.17 51.86
N ARG B 263 -7.99 -26.26 52.20
CA ARG B 263 -8.48 -26.09 53.58
C ARG B 263 -9.37 -27.26 53.95
N PRO B 264 -8.79 -28.33 54.49
CA PRO B 264 -9.56 -29.56 54.75
C PRO B 264 -10.35 -29.51 56.05
N ILE B 265 -11.44 -30.29 56.06
CA ILE B 265 -12.35 -30.34 57.19
C ILE B 265 -11.70 -31.07 58.37
N VAL B 266 -11.98 -30.61 59.59
CA VAL B 266 -11.47 -31.21 60.83
C VAL B 266 -12.63 -31.23 61.80
N GLU B 267 -13.34 -32.36 61.89
CA GLU B 267 -14.27 -32.65 62.97
C GLU B 267 -13.81 -33.95 63.64
N GLU B 268 -13.62 -33.90 64.96
CA GLU B 268 -13.23 -35.09 65.69
C GLU B 268 -14.32 -36.15 65.65
N ALA B 269 -15.59 -35.74 65.55
CA ALA B 269 -16.70 -36.67 65.43
C ALA B 269 -17.00 -37.09 64.00
N ASP B 270 -16.57 -36.28 63.02
CA ASP B 270 -16.79 -36.55 61.60
C ASP B 270 -18.29 -36.68 61.29
N ASP B 271 -19.05 -35.63 61.63
CA ASP B 271 -20.45 -35.51 61.22
C ASP B 271 -20.47 -34.98 59.80
N THR B 272 -20.94 -35.81 58.86
CA THR B 272 -20.69 -35.57 57.44
C THR B 272 -21.34 -34.27 56.96
N GLU B 273 -22.64 -34.10 57.23
CA GLU B 273 -23.35 -32.96 56.66
C GLU B 273 -23.03 -31.66 57.39
N ARG B 274 -23.01 -31.68 58.72
CA ARG B 274 -22.86 -30.44 59.48
C ARG B 274 -21.52 -29.78 59.21
N ASP B 275 -20.42 -30.52 59.36
CA ASP B 275 -19.13 -29.87 59.18
C ASP B 275 -18.82 -29.52 57.73
N GLN B 276 -19.69 -29.84 56.77
CA GLN B 276 -19.50 -29.25 55.46
C GLN B 276 -19.90 -27.78 55.48
N LEU B 277 -21.01 -27.45 56.14
CA LEU B 277 -21.39 -26.05 56.32
C LEU B 277 -20.27 -25.26 56.98
N GLN B 278 -19.77 -25.75 58.12
CA GLN B 278 -18.78 -25.00 58.87
C GLN B 278 -17.49 -24.81 58.07
N ALA B 279 -17.16 -25.77 57.20
CA ALA B 279 -16.03 -25.55 56.29
C ALA B 279 -16.38 -24.53 55.22
N ILE B 280 -17.63 -24.54 54.75
CA ILE B 280 -18.07 -23.53 53.79
C ILE B 280 -18.17 -22.17 54.46
N PHE B 281 -18.72 -22.13 55.68
CA PHE B 281 -18.81 -20.87 56.42
C PHE B 281 -17.43 -20.27 56.61
N ASP B 282 -16.47 -21.09 57.04
CA ASP B 282 -15.12 -20.59 57.23
C ASP B 282 -14.51 -20.16 55.90
N ALA B 283 -14.89 -20.83 54.80
CA ALA B 283 -14.33 -20.47 53.50
C ALA B 283 -14.82 -19.11 53.02
N VAL B 284 -16.12 -18.82 53.19
CA VAL B 284 -16.61 -17.50 52.80
C VAL B 284 -16.05 -16.44 53.74
N ASP B 285 -15.84 -16.79 55.02
CA ASP B 285 -15.23 -15.85 55.96
C ASP B 285 -13.81 -15.53 55.53
N GLU B 286 -13.06 -16.53 55.09
CA GLU B 286 -11.70 -16.28 54.61
C GLU B 286 -11.72 -15.47 53.32
N LEU B 287 -12.66 -15.75 52.42
CA LEU B 287 -12.68 -15.10 51.12
C LEU B 287 -13.11 -13.64 51.23
N SER B 288 -14.05 -13.34 52.14
CA SER B 288 -14.54 -11.98 52.28
C SER B 288 -13.47 -11.05 52.82
N GLN B 289 -12.50 -11.57 53.59
CA GLN B 289 -11.41 -10.73 54.05
C GLN B 289 -10.55 -10.26 52.88
N GLU B 290 -10.39 -11.11 51.86
CA GLU B 290 -9.64 -10.71 50.68
C GLU B 290 -10.39 -9.66 49.88
N SER B 291 -11.70 -9.85 49.70
CA SER B 291 -12.51 -9.00 48.85
C SER B 291 -13.97 -9.42 49.00
N HIS B 292 -14.86 -8.54 48.56
CA HIS B 292 -16.30 -8.79 48.62
C HIS B 292 -16.85 -9.31 47.29
N GLY B 293 -16.00 -9.88 46.44
CA GLY B 293 -16.46 -10.33 45.13
C GLY B 293 -17.41 -11.51 45.23
N ASP B 294 -18.00 -11.85 44.09
CA ASP B 294 -18.95 -12.95 44.03
C ASP B 294 -18.24 -14.29 44.25
N ILE B 295 -18.95 -15.23 44.87
CA ILE B 295 -18.41 -16.54 45.22
C ILE B 295 -19.30 -17.62 44.63
N LEU B 296 -18.68 -18.55 43.91
CA LEU B 296 -19.37 -19.71 43.36
C LEU B 296 -18.98 -20.92 44.20
N ILE B 297 -19.97 -21.51 44.86
CA ILE B 297 -19.76 -22.67 45.73
C ILE B 297 -20.43 -23.85 45.04
N PHE B 298 -19.61 -24.86 44.71
CA PHE B 298 -20.09 -26.05 44.02
C PHE B 298 -20.78 -26.99 44.99
N MET B 299 -21.88 -27.59 44.54
CA MET B 299 -22.71 -28.42 45.38
C MET B 299 -23.00 -29.73 44.67
N SER B 300 -23.27 -30.77 45.44
CA SER B 300 -23.42 -32.10 44.87
C SER B 300 -24.87 -32.47 44.61
N GLY B 301 -25.83 -31.73 45.17
CA GLY B 301 -27.22 -32.09 45.01
C GLY B 301 -28.14 -30.92 45.25
N GLU B 302 -29.37 -31.09 44.78
CA GLU B 302 -30.40 -30.07 44.97
C GLU B 302 -30.85 -30.00 46.43
N ARG B 303 -31.02 -31.16 47.08
CA ARG B 303 -31.36 -31.16 48.50
C ARG B 303 -30.22 -30.58 49.34
N GLU B 304 -28.98 -30.75 48.89
CA GLU B 304 -27.87 -30.12 49.59
C GLU B 304 -27.83 -28.62 49.36
N ILE B 305 -28.26 -28.17 48.17
CA ILE B 305 -28.31 -26.75 47.88
C ILE B 305 -29.36 -26.07 48.76
N ARG B 306 -30.56 -26.65 48.81
CA ARG B 306 -31.62 -26.14 49.68
C ARG B 306 -31.14 -25.98 51.11
N ASP B 307 -30.30 -26.90 51.58
CA ASP B 307 -29.85 -26.86 52.98
C ASP B 307 -28.73 -25.86 53.19
N THR B 308 -27.82 -25.71 52.23
CA THR B 308 -26.77 -24.72 52.38
C THR B 308 -27.31 -23.31 52.21
N ALA B 309 -28.31 -23.13 51.33
CA ALA B 309 -28.92 -21.83 51.14
C ALA B 309 -29.64 -21.37 52.40
N ASP B 310 -30.40 -22.28 53.03
CA ASP B 310 -31.10 -21.91 54.26
C ASP B 310 -30.12 -21.54 55.37
N ALA B 311 -28.94 -22.15 55.38
CA ALA B 311 -27.96 -21.83 56.41
C ALA B 311 -27.36 -20.45 56.20
N LEU B 312 -26.97 -20.14 54.96
CA LEU B 312 -26.37 -18.85 54.67
C LEU B 312 -27.40 -17.73 54.80
N ASN B 313 -28.65 -17.99 54.39
CA ASN B 313 -29.67 -16.97 54.49
C ASN B 313 -30.09 -16.71 55.94
N LYS B 314 -29.96 -17.72 56.79
CA LYS B 314 -30.21 -17.51 58.22
C LYS B 314 -29.16 -16.60 58.82
N LEU B 315 -27.93 -16.68 58.34
CA LEU B 315 -26.84 -15.86 58.83
C LEU B 315 -27.08 -14.37 58.60
N ASN B 316 -27.95 -14.04 57.63
CA ASN B 316 -28.31 -12.65 57.32
C ASN B 316 -27.05 -11.83 57.03
N LEU B 317 -26.21 -12.36 56.15
CA LEU B 317 -24.98 -11.67 55.80
C LEU B 317 -25.30 -10.34 55.12
N ARG B 318 -24.44 -9.35 55.35
CA ARG B 318 -24.74 -8.00 54.88
C ARG B 318 -24.35 -7.85 53.42
N HIS B 319 -25.31 -7.35 52.62
CA HIS B 319 -25.11 -7.06 51.21
C HIS B 319 -24.67 -8.29 50.42
N THR B 320 -25.38 -9.39 50.66
CA THR B 320 -25.12 -10.66 49.99
C THR B 320 -26.46 -11.30 49.68
N GLU B 321 -26.60 -11.90 48.50
CA GLU B 321 -27.77 -12.70 48.19
C GLU B 321 -27.33 -14.09 47.74
N ILE B 322 -27.99 -15.12 48.29
CA ILE B 322 -27.69 -16.51 48.00
C ILE B 322 -28.65 -17.02 46.93
N LEU B 323 -28.10 -17.56 45.84
CA LEU B 323 -28.90 -17.89 44.67
C LEU B 323 -28.57 -19.30 44.19
N PRO B 324 -29.56 -20.17 44.00
CA PRO B 324 -29.29 -21.54 43.57
C PRO B 324 -29.26 -21.66 42.05
N LEU B 325 -28.55 -22.69 41.59
CA LEU B 325 -28.46 -23.00 40.17
C LEU B 325 -28.29 -24.51 40.01
N TYR B 326 -29.26 -25.14 39.35
CA TYR B 326 -29.19 -26.55 39.04
C TYR B 326 -29.97 -26.80 37.75
N ALA B 327 -29.79 -27.99 37.19
CA ALA B 327 -30.27 -28.24 35.82
C ALA B 327 -31.79 -28.14 35.73
N ARG B 328 -32.52 -28.71 36.69
CA ARG B 328 -33.97 -28.74 36.62
C ARG B 328 -34.63 -27.43 37.02
N LEU B 329 -33.83 -26.42 37.38
CA LEU B 329 -34.36 -25.15 37.84
C LEU B 329 -35.17 -24.47 36.74
N SER B 330 -36.12 -23.64 37.17
CA SER B 330 -36.97 -22.89 36.24
C SER B 330 -36.12 -22.04 35.31
N ASN B 331 -36.51 -22.01 34.02
CA ASN B 331 -35.75 -21.22 33.05
C ASN B 331 -35.68 -19.76 33.45
N SER B 332 -36.75 -19.25 34.08
CA SER B 332 -36.72 -17.89 34.62
C SER B 332 -35.73 -17.80 35.78
N GLU B 333 -35.84 -18.71 36.75
CA GLU B 333 -34.94 -18.69 37.90
C GLU B 333 -33.49 -18.92 37.51
N GLN B 334 -33.24 -19.67 36.43
CA GLN B 334 -31.87 -19.86 35.98
C GLN B 334 -31.29 -18.56 35.41
N ASN B 335 -32.01 -17.94 34.47
CA ASN B 335 -31.55 -16.71 33.86
C ASN B 335 -31.25 -15.63 34.90
N ARG B 336 -31.93 -15.67 36.04
CA ARG B 336 -31.71 -14.67 37.07
C ARG B 336 -30.28 -14.69 37.58
N VAL B 337 -29.63 -15.86 37.53
CA VAL B 337 -28.24 -15.97 37.97
C VAL B 337 -27.32 -15.14 37.07
N PHE B 338 -27.74 -14.92 35.82
CA PHE B 338 -26.95 -14.20 34.82
C PHE B 338 -27.33 -12.73 34.69
N GLN B 339 -28.34 -12.27 35.43
CA GLN B 339 -28.61 -10.85 35.47
C GLN B 339 -27.56 -10.15 36.33
N SER B 340 -27.26 -8.90 35.99
CA SER B 340 -26.31 -8.14 36.79
C SER B 340 -26.99 -7.66 38.07
N HIS B 341 -26.18 -7.46 39.10
CA HIS B 341 -26.70 -7.42 40.46
C HIS B 341 -26.05 -6.28 41.22
N SER B 342 -26.35 -6.23 42.53
CA SER B 342 -25.80 -5.26 43.45
C SER B 342 -25.07 -5.96 44.58
N GLY B 343 -24.10 -5.26 45.16
CA GLY B 343 -23.32 -5.81 46.26
C GLY B 343 -22.60 -7.09 45.90
N ARG B 344 -22.99 -8.18 46.54
CA ARG B 344 -22.39 -9.49 46.30
C ARG B 344 -23.45 -10.59 46.24
N ARG B 345 -23.27 -11.53 45.32
CA ARG B 345 -24.14 -12.71 45.25
C ARG B 345 -23.26 -13.95 45.31
N ILE B 346 -23.67 -14.90 46.13
CA ILE B 346 -23.03 -16.20 46.26
C ILE B 346 -23.96 -17.22 45.64
N VAL B 347 -23.56 -17.79 44.52
CA VAL B 347 -24.37 -18.74 43.76
C VAL B 347 -23.93 -20.16 44.12
N LEU B 348 -24.86 -20.94 44.69
CA LEU B 348 -24.64 -22.33 45.07
C LEU B 348 -25.12 -23.23 43.95
N ALA B 349 -24.18 -23.85 43.23
CA ALA B 349 -24.50 -24.56 42.00
C ALA B 349 -23.95 -25.98 42.02
N THR B 350 -24.36 -26.76 41.01
CA THR B 350 -23.97 -28.14 40.81
C THR B 350 -23.07 -28.24 39.58
N ASN B 351 -23.01 -29.43 38.97
CA ASN B 351 -22.15 -29.64 37.81
C ASN B 351 -22.46 -28.68 36.69
N VAL B 352 -23.69 -28.16 36.68
CA VAL B 352 -24.15 -27.27 35.62
C VAL B 352 -23.18 -26.11 35.45
N ALA B 353 -22.63 -25.60 36.54
CA ALA B 353 -21.64 -24.53 36.53
C ALA B 353 -20.23 -25.02 36.24
N GLU B 354 -20.04 -26.35 36.15
CA GLU B 354 -18.72 -26.93 35.95
C GLU B 354 -18.38 -27.15 34.48
N THR B 355 -19.36 -27.43 33.63
CA THR B 355 -19.08 -27.66 32.22
C THR B 355 -19.88 -26.74 31.31
N SER B 356 -21.21 -26.78 31.38
CA SER B 356 -22.05 -26.16 30.37
C SER B 356 -22.20 -24.65 30.54
N LEU B 357 -22.61 -24.18 31.73
CA LEU B 357 -23.20 -22.84 31.79
C LEU B 357 -22.19 -21.71 31.80
N THR B 358 -21.13 -21.82 32.61
CA THR B 358 -20.20 -20.70 32.84
C THR B 358 -20.90 -19.49 33.47
N VAL B 359 -21.08 -19.51 34.78
CA VAL B 359 -21.77 -18.40 35.45
C VAL B 359 -20.87 -17.17 35.42
N PRO B 360 -21.38 -16.00 35.04
CA PRO B 360 -20.51 -14.84 34.86
C PRO B 360 -20.27 -14.06 36.15
N GLY B 361 -19.23 -13.23 36.12
CA GLY B 361 -18.92 -12.33 37.20
C GLY B 361 -18.67 -12.97 38.54
N ILE B 362 -17.74 -13.92 38.61
CA ILE B 362 -17.42 -14.64 39.83
C ILE B 362 -15.95 -14.41 40.16
N LYS B 363 -15.67 -14.07 41.40
CA LYS B 363 -14.31 -13.78 41.83
C LYS B 363 -13.68 -14.92 42.60
N TYR B 364 -14.48 -15.67 43.35
CA TYR B 364 -13.98 -16.72 44.21
C TYR B 364 -14.83 -17.97 44.03
N VAL B 365 -14.19 -19.13 44.20
CA VAL B 365 -14.86 -20.41 44.05
C VAL B 365 -14.51 -21.27 45.25
N ILE B 366 -15.52 -21.94 45.81
CA ILE B 366 -15.35 -22.85 46.94
C ILE B 366 -15.72 -24.24 46.45
N ASP B 367 -14.78 -25.18 46.57
CA ASP B 367 -14.90 -26.53 45.99
C ASP B 367 -14.90 -27.58 47.09
N PRO B 368 -16.05 -28.11 47.50
CA PRO B 368 -16.04 -29.25 48.41
C PRO B 368 -15.46 -30.50 47.78
N GLY B 369 -15.33 -30.54 46.45
CA GLY B 369 -14.70 -31.68 45.82
C GLY B 369 -15.61 -32.87 45.71
N THR B 370 -16.91 -32.65 45.78
CA THR B 370 -17.90 -33.71 45.78
C THR B 370 -18.93 -33.50 44.67
N ALA B 371 -19.25 -34.57 43.97
CA ALA B 371 -20.27 -34.55 42.93
C ALA B 371 -20.83 -35.95 42.76
N ARG B 372 -22.09 -36.00 42.34
CA ARG B 372 -22.76 -37.28 42.07
C ARG B 372 -22.42 -37.78 40.67
N ILE B 373 -22.07 -39.05 40.56
CA ILE B 373 -21.62 -39.67 39.32
C ILE B 373 -22.53 -40.85 39.04
N SER B 374 -22.85 -41.06 37.76
CA SER B 374 -23.79 -42.11 37.36
C SER B 374 -23.01 -43.38 37.08
N ARG B 375 -23.47 -44.50 37.65
CA ARG B 375 -22.75 -45.77 37.59
C ARG B 375 -23.71 -46.89 37.25
N TYR B 376 -23.27 -47.79 36.38
CA TYR B 376 -24.02 -49.00 36.06
C TYR B 376 -23.02 -50.11 35.79
N SER B 377 -23.07 -51.17 36.58
CA SER B 377 -22.29 -52.38 36.32
C SER B 377 -23.23 -53.58 36.27
N TYR B 378 -22.65 -54.76 36.11
CA TYR B 378 -23.38 -55.99 35.86
C TYR B 378 -23.88 -56.68 37.12
N ARG B 379 -23.27 -56.42 38.27
CA ARG B 379 -23.72 -57.07 39.50
C ARG B 379 -25.10 -56.56 39.91
N THR B 380 -25.21 -55.25 40.13
CA THR B 380 -26.47 -54.70 40.63
C THR B 380 -27.54 -54.63 39.56
N LYS B 381 -27.14 -54.52 38.29
CA LYS B 381 -28.05 -54.41 37.13
C LYS B 381 -28.97 -53.22 37.24
N VAL B 382 -28.61 -52.22 38.03
CA VAL B 382 -29.43 -51.05 38.27
C VAL B 382 -28.53 -49.82 38.21
N GLN B 383 -29.03 -48.73 37.64
CA GLN B 383 -28.25 -47.51 37.60
C GLN B 383 -28.21 -46.90 39.00
N ARG B 384 -27.01 -46.68 39.50
CA ARG B 384 -26.77 -46.10 40.81
C ARG B 384 -25.99 -44.81 40.62
N LEU B 385 -26.18 -43.87 41.54
CA LEU B 385 -25.50 -42.58 41.48
C LEU B 385 -25.03 -42.18 42.87
N PRO B 386 -23.85 -42.64 43.25
CA PRO B 386 -23.30 -42.30 44.57
C PRO B 386 -22.66 -40.92 44.58
N ILE B 387 -22.50 -40.41 45.79
CA ILE B 387 -21.80 -39.14 46.00
C ILE B 387 -20.34 -39.47 46.29
N GLU B 388 -19.46 -39.24 45.32
CA GLU B 388 -18.06 -39.63 45.43
C GLU B 388 -17.14 -38.43 45.21
N PRO B 389 -15.88 -38.54 45.65
CA PRO B 389 -14.91 -37.47 45.38
C PRO B 389 -14.66 -37.27 43.89
N ILE B 390 -14.59 -36.00 43.48
CA ILE B 390 -14.40 -35.69 42.08
C ILE B 390 -12.94 -35.89 41.70
N SER B 391 -12.69 -35.98 40.40
CA SER B 391 -11.34 -36.26 39.91
C SER B 391 -10.50 -34.99 39.87
N GLN B 392 -9.21 -35.16 39.57
CA GLN B 392 -8.34 -33.99 39.40
C GLN B 392 -8.82 -33.13 38.24
N ALA B 393 -9.15 -33.76 37.11
CA ALA B 393 -9.61 -32.99 35.96
C ALA B 393 -10.89 -32.25 36.27
N SER B 394 -11.77 -32.87 37.06
CA SER B 394 -13.02 -32.21 37.45
C SER B 394 -12.75 -31.03 38.39
N ALA B 395 -11.87 -31.20 39.37
CA ALA B 395 -11.52 -30.11 40.26
C ALA B 395 -10.82 -28.97 39.53
N ASN B 396 -9.92 -29.30 38.60
CA ASN B 396 -9.27 -28.27 37.82
C ASN B 396 -10.25 -27.53 36.93
N GLN B 397 -11.31 -28.20 36.47
CA GLN B 397 -12.35 -27.48 35.74
C GLN B 397 -13.07 -26.50 36.66
N ARG B 398 -13.40 -26.96 37.88
CA ARG B 398 -14.01 -26.09 38.87
C ARG B 398 -13.10 -24.93 39.23
N LYS B 399 -11.80 -25.19 39.41
CA LYS B 399 -10.87 -24.12 39.75
C LYS B 399 -10.84 -23.06 38.66
N GLY B 400 -10.99 -23.46 37.41
CA GLY B 400 -10.92 -22.56 36.27
C GLY B 400 -12.12 -21.66 36.09
N ARG B 401 -13.25 -21.95 36.73
CA ARG B 401 -14.47 -21.17 36.55
C ARG B 401 -14.47 -19.84 37.30
N CYS B 402 -13.33 -19.43 37.88
CA CYS B 402 -13.25 -18.22 38.67
C CYS B 402 -12.23 -17.20 38.16
N GLY B 403 -11.40 -17.55 37.19
CA GLY B 403 -10.35 -16.69 36.69
C GLY B 403 -10.74 -15.76 35.56
N ARG B 404 -12.03 -15.65 35.25
CA ARG B 404 -12.46 -15.02 34.00
C ARG B 404 -12.13 -13.52 33.96
N VAL B 405 -12.64 -12.76 34.91
CA VAL B 405 -12.63 -11.30 34.78
C VAL B 405 -11.41 -10.69 35.45
N SER B 406 -11.08 -11.14 36.66
CA SER B 406 -9.93 -10.67 37.41
C SER B 406 -9.18 -11.87 37.97
N GLU B 407 -7.99 -11.60 38.49
CA GLU B 407 -7.26 -12.62 39.25
C GLU B 407 -8.18 -13.20 40.32
N GLY B 408 -8.20 -14.52 40.44
CA GLY B 408 -9.14 -15.21 41.29
C GLY B 408 -8.46 -16.05 42.36
N ILE B 409 -9.27 -16.51 43.32
CA ILE B 409 -8.85 -17.42 44.37
C ILE B 409 -9.80 -18.62 44.38
N CYS B 410 -9.24 -19.81 44.58
CA CYS B 410 -10.02 -21.03 44.66
C CYS B 410 -9.74 -21.72 45.98
N ILE B 411 -10.78 -21.95 46.78
CA ILE B 411 -10.66 -22.62 48.06
C ILE B 411 -11.19 -24.04 47.90
N ARG B 412 -10.34 -25.02 48.20
CA ARG B 412 -10.68 -26.44 48.08
C ARG B 412 -10.78 -27.02 49.48
N LEU B 413 -11.95 -27.56 49.82
CA LEU B 413 -12.23 -28.04 51.16
C LEU B 413 -11.73 -29.47 51.38
N TYR B 414 -10.47 -29.73 51.04
CA TYR B 414 -9.85 -31.04 51.23
C TYR B 414 -8.35 -30.88 51.21
N SER B 415 -7.65 -31.94 51.62
CA SER B 415 -6.20 -31.91 51.73
C SER B 415 -5.54 -31.96 50.36
N GLU B 416 -4.34 -31.39 50.26
CA GLU B 416 -3.62 -31.46 49.00
C GLU B 416 -3.21 -32.90 48.69
N ASP B 417 -2.86 -33.68 49.72
CA ASP B 417 -2.59 -35.10 49.51
C ASP B 417 -3.85 -35.83 49.05
N ASP B 418 -5.02 -35.40 49.52
CA ASP B 418 -6.28 -35.95 49.02
C ASP B 418 -6.42 -35.67 47.53
N PHE B 419 -6.15 -34.43 47.11
CA PHE B 419 -6.24 -34.07 45.70
C PHE B 419 -5.25 -34.89 44.88
N LEU B 420 -4.00 -34.98 45.34
CA LEU B 420 -2.98 -35.73 44.61
C LEU B 420 -3.27 -37.23 44.61
N SER B 421 -4.03 -37.72 45.58
CA SER B 421 -4.44 -39.11 45.60
C SER B 421 -5.55 -39.42 44.61
N ARG B 422 -6.26 -38.41 44.16
CA ARG B 422 -7.45 -38.63 43.34
C ARG B 422 -7.09 -39.04 41.92
N PRO B 423 -7.99 -39.75 41.25
CA PRO B 423 -7.76 -40.13 39.84
C PRO B 423 -7.60 -38.92 38.96
N GLU B 424 -6.83 -39.09 37.89
CA GLU B 424 -6.59 -37.99 36.96
C GLU B 424 -7.88 -37.58 36.27
N PHE B 425 -8.66 -38.55 35.82
CA PHE B 425 -9.85 -38.29 35.02
C PHE B 425 -11.01 -39.09 35.59
N THR B 426 -12.22 -38.56 35.45
CA THR B 426 -13.40 -39.31 35.85
C THR B 426 -13.69 -40.41 34.83
N ASP B 427 -14.29 -41.48 35.31
CA ASP B 427 -14.50 -42.66 34.47
C ASP B 427 -15.31 -42.31 33.24
N PRO B 428 -14.83 -42.64 32.04
CA PRO B 428 -15.61 -42.39 30.83
C PRO B 428 -16.96 -43.11 30.86
N GLU B 429 -17.92 -42.53 30.13
CA GLU B 429 -19.29 -43.00 30.23
C GLU B 429 -19.46 -44.42 29.73
N ILE B 430 -18.66 -44.83 28.73
CA ILE B 430 -18.76 -46.18 28.18
C ILE B 430 -18.39 -47.22 29.23
N LEU B 431 -17.59 -46.84 30.22
CA LEU B 431 -17.15 -47.74 31.28
C LEU B 431 -18.20 -47.91 32.38
N ARG B 432 -19.14 -46.98 32.51
CA ARG B 432 -19.99 -46.95 33.69
C ARG B 432 -21.49 -46.81 33.37
N THR B 433 -21.91 -46.98 32.13
CA THR B 433 -23.33 -46.93 31.82
C THR B 433 -23.82 -48.24 31.21
N ASN B 434 -25.13 -48.39 31.19
CA ASN B 434 -25.75 -49.53 30.55
C ASN B 434 -25.51 -49.46 29.05
N LEU B 435 -25.01 -50.55 28.47
CA LEU B 435 -24.61 -50.57 27.07
C LEU B 435 -25.66 -51.20 26.17
N ALA B 436 -26.91 -51.30 26.63
CA ALA B 436 -27.94 -51.95 25.84
C ALA B 436 -28.22 -51.18 24.56
N SER B 437 -28.49 -49.87 24.68
CA SER B 437 -28.81 -49.07 23.50
C SER B 437 -27.63 -48.94 22.56
N VAL B 438 -26.41 -48.96 23.08
CA VAL B 438 -25.22 -48.80 22.25
C VAL B 438 -25.09 -49.97 21.29
N ILE B 439 -25.15 -51.19 21.81
CA ILE B 439 -24.94 -52.35 20.95
C ILE B 439 -26.11 -52.50 19.98
N LEU B 440 -27.31 -52.10 20.39
CA LEU B 440 -28.47 -52.17 19.49
C LEU B 440 -28.23 -51.33 18.25
N GLN B 441 -27.83 -50.08 18.44
CA GLN B 441 -27.47 -49.25 17.30
C GLN B 441 -26.21 -49.76 16.63
N MET B 442 -25.29 -50.34 17.41
CA MET B 442 -24.04 -50.82 16.84
C MET B 442 -24.27 -51.99 15.89
N THR B 443 -25.04 -53.00 16.32
CA THR B 443 -25.34 -54.12 15.43
C THR B 443 -26.26 -53.71 14.29
N ALA B 444 -27.07 -52.67 14.47
CA ALA B 444 -27.93 -52.21 13.38
C ALA B 444 -27.12 -51.72 12.19
N LEU B 445 -25.96 -51.11 12.44
CA LEU B 445 -25.12 -50.60 11.36
C LEU B 445 -24.22 -51.67 10.76
N GLY B 446 -24.33 -52.92 11.22
CA GLY B 446 -23.52 -54.00 10.74
C GLY B 446 -22.20 -54.23 11.46
N LEU B 447 -21.98 -53.59 12.60
CA LEU B 447 -20.76 -53.81 13.37
C LEU B 447 -21.08 -54.74 14.55
N GLY B 448 -21.39 -55.99 14.19
CA GLY B 448 -21.90 -56.92 15.19
C GLY B 448 -20.86 -57.34 16.21
N ASP B 449 -19.62 -57.59 15.77
CA ASP B 449 -18.60 -58.03 16.71
C ASP B 449 -18.20 -56.84 17.57
N ILE B 450 -18.95 -56.61 18.64
CA ILE B 450 -18.75 -55.43 19.48
C ILE B 450 -17.47 -55.52 20.29
N ALA B 451 -16.97 -56.73 20.54
CA ALA B 451 -15.65 -56.84 21.19
C ALA B 451 -14.55 -56.43 20.23
N ALA B 452 -14.78 -56.60 18.92
CA ALA B 452 -13.79 -56.23 17.90
C ALA B 452 -13.80 -54.75 17.55
N PHE B 453 -14.85 -54.01 17.91
CA PHE B 453 -14.96 -52.60 17.55
C PHE B 453 -13.83 -51.80 18.18
N PRO B 454 -13.12 -50.96 17.40
CA PRO B 454 -11.90 -50.26 17.90
C PRO B 454 -12.24 -49.10 18.83
N PHE B 455 -12.64 -49.44 20.05
CA PHE B 455 -12.90 -48.41 21.05
C PHE B 455 -11.61 -47.72 21.46
N VAL B 456 -11.74 -46.46 21.88
CA VAL B 456 -10.61 -45.77 22.50
C VAL B 456 -10.44 -46.25 23.93
N GLU B 457 -11.51 -46.73 24.55
CA GLU B 457 -11.50 -47.33 25.88
C GLU B 457 -12.51 -48.47 25.87
N ALA B 458 -12.03 -49.69 25.75
CA ALA B 458 -12.93 -50.84 25.62
C ALA B 458 -13.62 -51.11 26.95
N PRO B 459 -14.91 -51.43 26.92
CA PRO B 459 -15.63 -51.75 28.16
C PRO B 459 -15.37 -53.19 28.59
N ASP B 460 -15.81 -53.51 29.81
CA ASP B 460 -15.70 -54.89 30.28
C ASP B 460 -16.65 -55.78 29.47
N LYS B 461 -16.21 -57.02 29.24
CA LYS B 461 -17.07 -57.97 28.54
C LYS B 461 -18.31 -58.27 29.37
N ARG B 462 -18.23 -58.13 30.70
CA ARG B 462 -19.40 -58.37 31.53
C ARG B 462 -20.47 -57.31 31.28
N ASN B 463 -20.07 -56.05 31.15
CA ASN B 463 -21.03 -55.01 30.81
C ASN B 463 -21.65 -55.27 29.45
N ILE B 464 -20.82 -55.70 28.49
CA ILE B 464 -21.29 -55.96 27.14
C ILE B 464 -22.35 -57.06 27.14
N GLN B 465 -22.04 -58.19 27.78
CA GLN B 465 -22.99 -59.29 27.84
C GLN B 465 -24.27 -58.88 28.57
N ASP B 466 -24.14 -58.09 29.64
CA ASP B 466 -25.32 -57.62 30.35
C ASP B 466 -26.22 -56.82 29.43
N GLY B 467 -25.65 -55.94 28.62
CA GLY B 467 -26.43 -55.22 27.63
C GLY B 467 -27.09 -56.16 26.65
N VAL B 468 -26.35 -57.17 26.19
CA VAL B 468 -26.92 -58.19 25.33
C VAL B 468 -28.09 -58.88 26.02
N ARG B 469 -27.97 -59.11 27.34
CA ARG B 469 -29.07 -59.72 28.08
C ARG B 469 -30.31 -58.83 28.06
N LEU B 470 -30.11 -57.53 28.25
CA LEU B 470 -31.23 -56.59 28.28
C LEU B 470 -31.93 -56.52 26.93
N LEU B 471 -31.16 -56.64 25.84
CA LEU B 471 -31.77 -56.71 24.52
C LEU B 471 -32.53 -58.01 24.32
N GLU B 472 -31.98 -59.13 24.81
CA GLU B 472 -32.71 -60.40 24.78
C GLU B 472 -33.99 -60.29 25.60
N GLU B 473 -33.93 -59.57 26.72
CA GLU B 473 -35.13 -59.32 27.51
C GLU B 473 -36.19 -58.59 26.70
N LEU B 474 -35.78 -57.73 25.77
CA LEU B 474 -36.72 -57.01 24.94
C LEU B 474 -37.03 -57.73 23.63
N GLY B 475 -36.33 -58.82 23.33
CA GLY B 475 -36.58 -59.52 22.09
C GLY B 475 -35.94 -58.86 20.89
N ALA B 476 -34.84 -58.15 21.09
CA ALA B 476 -34.27 -57.33 20.03
C ALA B 476 -33.19 -58.05 19.23
N ILE B 477 -32.47 -58.98 19.85
CA ILE B 477 -31.34 -59.65 19.22
C ILE B 477 -31.44 -61.15 19.51
N THR B 478 -30.87 -61.95 18.62
CA THR B 478 -30.66 -63.38 18.84
C THR B 478 -29.35 -63.79 18.18
N THR B 479 -28.79 -64.91 18.64
CA THR B 479 -27.56 -65.46 18.10
C THR B 479 -27.52 -66.96 18.31
N ASP B 480 -26.65 -67.63 17.55
CA ASP B 480 -26.32 -69.03 17.74
C ASP B 480 -25.09 -69.40 16.91
N ALA B 483 -22.06 -67.50 14.16
CA ALA B 483 -20.85 -66.88 14.70
C ALA B 483 -21.10 -66.36 16.11
N SER B 484 -20.34 -65.34 16.50
CA SER B 484 -20.56 -64.63 17.75
C SER B 484 -20.93 -63.17 17.55
N ALA B 485 -20.88 -62.66 16.31
CA ALA B 485 -21.36 -61.32 16.00
C ALA B 485 -22.88 -61.37 15.86
N TYR B 486 -23.56 -60.45 16.55
CA TYR B 486 -25.01 -60.51 16.65
C TYR B 486 -25.69 -59.92 15.43
N LYS B 487 -26.89 -60.44 15.14
CA LYS B 487 -27.78 -59.93 14.11
C LYS B 487 -29.17 -59.76 14.71
N LEU B 488 -29.85 -58.69 14.31
CA LEU B 488 -31.05 -58.22 14.98
C LEU B 488 -32.32 -58.90 14.48
N THR B 489 -33.34 -58.83 15.33
CA THR B 489 -34.69 -59.32 15.09
C THR B 489 -35.46 -58.30 14.23
N PRO B 490 -36.49 -58.75 13.51
CA PRO B 490 -37.40 -57.77 12.89
C PRO B 490 -37.91 -56.72 13.85
N LEU B 491 -38.29 -57.11 15.07
CA LEU B 491 -38.62 -56.13 16.10
C LEU B 491 -37.38 -55.45 16.65
N GLY B 492 -36.27 -56.18 16.74
CA GLY B 492 -35.03 -55.56 17.17
C GLY B 492 -34.62 -54.40 16.28
N ARG B 493 -34.79 -54.57 14.96
CA ARG B 493 -34.45 -53.49 14.04
C ARG B 493 -35.36 -52.29 14.26
N GLN B 494 -36.67 -52.54 14.35
CA GLN B 494 -37.61 -51.45 14.61
C GLN B 494 -37.25 -50.67 15.86
N LEU B 495 -36.73 -51.37 16.89
CA LEU B 495 -36.24 -50.70 18.09
C LEU B 495 -35.19 -49.64 17.76
N SER B 496 -34.36 -49.91 16.74
CA SER B 496 -33.39 -48.92 16.30
C SER B 496 -34.04 -47.82 15.45
N GLN B 497 -35.17 -48.13 14.79
CA GLN B 497 -35.83 -47.12 13.96
C GLN B 497 -36.54 -46.06 14.79
N LEU B 498 -36.85 -46.34 16.06
CA LEU B 498 -37.50 -45.36 16.91
C LEU B 498 -36.46 -44.60 17.71
N PRO B 499 -36.59 -43.26 17.79
CA PRO B 499 -35.56 -42.42 18.41
C PRO B 499 -35.75 -42.21 19.91
N VAL B 500 -35.94 -43.29 20.66
CA VAL B 500 -36.13 -43.26 22.10
C VAL B 500 -35.35 -44.40 22.73
N ASP B 501 -35.38 -44.47 24.05
CA ASP B 501 -34.71 -45.55 24.77
C ASP B 501 -35.27 -46.89 24.30
N PRO B 502 -34.42 -47.92 24.18
CA PRO B 502 -34.91 -49.23 23.70
C PRO B 502 -36.06 -49.79 24.52
N ARG B 503 -36.03 -49.64 25.84
CA ARG B 503 -37.15 -50.09 26.66
C ARG B 503 -38.44 -49.42 26.21
N LEU B 504 -38.40 -48.10 26.00
CA LEU B 504 -39.59 -47.36 25.61
C LEU B 504 -40.02 -47.71 24.19
N ALA B 505 -39.06 -47.87 23.29
CA ALA B 505 -39.38 -48.27 21.92
C ALA B 505 -40.14 -49.58 21.90
N ARG B 506 -39.78 -50.50 22.80
CA ARG B 506 -40.47 -51.78 22.87
C ARG B 506 -41.94 -51.59 23.24
N MET B 507 -42.23 -50.62 24.12
CA MET B 507 -43.61 -50.39 24.54
C MET B 507 -44.45 -49.85 23.40
N VAL B 508 -43.85 -49.07 22.51
CA VAL B 508 -44.58 -48.57 21.35
C VAL B 508 -44.97 -49.72 20.42
N LEU B 509 -44.09 -50.71 20.30
CA LEU B 509 -44.37 -51.83 19.41
C LEU B 509 -45.49 -52.71 19.98
N GLU B 510 -45.37 -53.14 21.23
CA GLU B 510 -46.43 -53.92 21.87
C GLU B 510 -47.75 -53.17 21.93
N ALA B 511 -47.71 -51.84 21.79
CA ALA B 511 -48.94 -51.06 21.79
C ALA B 511 -49.86 -51.45 20.63
N GLN B 512 -49.27 -51.92 19.52
CA GLN B 512 -50.08 -52.31 18.38
C GLN B 512 -50.94 -53.54 18.69
N LYS B 513 -50.46 -54.43 19.54
CA LYS B 513 -51.23 -55.63 19.89
C LYS B 513 -52.57 -55.27 20.50
N HIS B 514 -52.65 -54.15 21.20
CA HIS B 514 -53.87 -53.64 21.79
C HIS B 514 -54.30 -52.37 21.06
N GLY B 515 -55.44 -51.82 21.47
CA GLY B 515 -55.97 -50.65 20.80
C GLY B 515 -55.43 -49.34 21.32
N CYS B 516 -54.13 -49.30 21.70
CA CYS B 516 -53.56 -48.18 22.44
C CYS B 516 -52.18 -47.81 21.90
N VAL B 517 -52.13 -47.29 20.68
CA VAL B 517 -50.86 -46.89 20.11
C VAL B 517 -50.56 -45.42 20.36
N ARG B 518 -51.60 -44.58 20.34
CA ARG B 518 -51.44 -43.15 20.62
C ARG B 518 -50.89 -42.92 22.03
N GLU B 519 -51.56 -43.49 23.04
CA GLU B 519 -51.11 -43.32 24.41
C GLU B 519 -49.68 -43.80 24.60
N ALA B 520 -49.30 -44.89 23.92
CA ALA B 520 -47.95 -45.42 24.07
C ALA B 520 -46.90 -44.44 23.60
N MET B 521 -47.17 -43.71 22.51
CA MET B 521 -46.24 -42.70 22.06
C MET B 521 -46.21 -41.51 23.01
N ILE B 522 -47.36 -41.16 23.59
CA ILE B 522 -47.43 -40.04 24.53
C ILE B 522 -46.61 -40.32 25.78
N ILE B 523 -46.78 -41.51 26.36
CA ILE B 523 -46.08 -41.84 27.60
C ILE B 523 -44.58 -41.91 27.37
N THR B 524 -44.16 -42.63 26.32
CA THR B 524 -42.74 -42.83 26.06
C THR B 524 -42.05 -41.51 25.72
N SER B 525 -42.69 -40.67 24.90
CA SER B 525 -42.13 -39.36 24.62
C SER B 525 -41.95 -38.56 25.90
N ALA B 526 -42.95 -38.60 26.80
CA ALA B 526 -42.89 -37.87 28.05
C ALA B 526 -41.78 -38.38 28.96
N LEU B 527 -41.61 -39.69 29.03
CA LEU B 527 -40.53 -40.28 29.83
C LEU B 527 -39.17 -40.14 29.15
N SER B 528 -39.11 -39.57 27.96
CA SER B 528 -37.87 -39.41 27.23
C SER B 528 -37.26 -38.03 27.42
N ILE B 529 -37.85 -37.17 28.24
CA ILE B 529 -37.35 -35.83 28.51
C ILE B 529 -37.29 -35.63 30.01
N GLN B 530 -36.64 -34.54 30.41
CA GLN B 530 -36.71 -34.08 31.79
C GLN B 530 -38.15 -33.65 32.10
N ASP B 531 -38.56 -33.86 33.34
CA ASP B 531 -39.96 -33.66 33.74
C ASP B 531 -40.44 -32.25 33.42
N PRO B 532 -41.43 -32.08 32.54
CA PRO B 532 -41.90 -30.73 32.22
C PRO B 532 -42.60 -30.05 33.38
N ARG B 533 -43.26 -30.79 34.28
CA ARG B 533 -43.89 -30.17 35.43
C ARG B 533 -42.84 -29.73 36.44
N GLU B 534 -42.94 -28.48 36.88
CA GLU B 534 -41.92 -27.84 37.70
C GLU B 534 -42.40 -27.67 39.14
N ARG B 535 -41.51 -28.00 40.08
CA ARG B 535 -41.72 -27.79 41.51
C ARG B 535 -40.59 -26.89 42.01
N PRO B 536 -40.77 -25.57 42.06
CA PRO B 536 -39.69 -24.70 42.50
C PRO B 536 -39.40 -24.90 43.98
N MET B 537 -38.22 -24.46 44.40
CA MET B 537 -37.81 -24.68 45.79
C MET B 537 -38.74 -23.96 46.76
N ASP B 538 -39.09 -22.71 46.46
CA ASP B 538 -40.16 -22.04 47.18
C ASP B 538 -41.48 -22.34 46.48
N LYS B 539 -42.57 -22.21 47.26
CA LYS B 539 -43.91 -22.51 46.77
C LYS B 539 -43.99 -23.95 46.26
N GLN B 540 -43.45 -24.88 47.05
CA GLN B 540 -43.52 -26.28 46.67
C GLN B 540 -44.96 -26.77 46.69
N GLN B 541 -45.71 -26.41 47.73
CA GLN B 541 -47.10 -26.83 47.84
C GLN B 541 -47.97 -26.13 46.81
N ALA B 542 -47.67 -24.87 46.49
CA ALA B 542 -48.48 -24.16 45.51
C ALA B 542 -48.44 -24.84 44.15
N SER B 543 -47.23 -25.22 43.70
CA SER B 543 -47.10 -25.93 42.43
C SER B 543 -47.74 -27.32 42.50
N ASP B 544 -47.60 -28.02 43.62
CA ASP B 544 -48.16 -29.37 43.74
C ASP B 544 -49.68 -29.34 43.65
N GLU B 545 -50.31 -28.24 44.06
CA GLU B 545 -51.75 -28.12 43.87
C GLU B 545 -52.10 -28.13 42.38
N LYS B 546 -51.29 -27.46 41.55
CA LYS B 546 -51.61 -27.35 40.13
C LYS B 546 -51.38 -28.67 39.39
N HIS B 547 -50.35 -29.42 39.79
CA HIS B 547 -50.02 -30.68 39.10
C HIS B 547 -50.99 -31.80 39.48
N ARG B 548 -51.61 -31.73 40.66
CA ARG B 548 -52.51 -32.82 41.08
C ARG B 548 -53.83 -32.87 40.29
N ARG B 549 -53.96 -32.07 39.23
CA ARG B 549 -55.15 -32.11 38.40
C ARG B 549 -55.23 -33.39 37.56
N PHE B 550 -54.08 -33.96 37.19
CA PHE B 550 -54.05 -35.07 36.25
C PHE B 550 -53.65 -36.40 36.87
N HIS B 551 -53.71 -36.52 38.20
CA HIS B 551 -53.29 -37.76 38.82
C HIS B 551 -54.27 -38.89 38.52
N ASP B 552 -53.73 -40.11 38.48
CA ASP B 552 -54.53 -41.33 38.56
C ASP B 552 -54.20 -42.03 39.87
N LYS B 553 -55.22 -42.64 40.47
CA LYS B 553 -55.05 -43.25 41.80
C LYS B 553 -54.02 -44.35 41.81
N GLU B 554 -53.78 -44.99 40.66
CA GLU B 554 -52.92 -46.16 40.62
C GLU B 554 -51.80 -46.10 39.59
N SER B 555 -51.78 -45.12 38.69
CA SER B 555 -50.79 -45.11 37.61
C SER B 555 -50.21 -43.72 37.43
N ASP B 556 -48.91 -43.59 37.69
CA ASP B 556 -48.21 -42.34 37.41
C ASP B 556 -48.14 -42.07 35.91
N PHE B 557 -48.11 -43.13 35.10
CA PHE B 557 -47.91 -42.98 33.66
C PHE B 557 -49.08 -42.25 33.02
N LEU B 558 -50.32 -42.60 33.40
CA LEU B 558 -51.49 -41.98 32.81
C LEU B 558 -51.58 -40.49 33.09
N ALA B 559 -50.87 -39.99 34.11
CA ALA B 559 -50.87 -38.56 34.38
C ALA B 559 -50.41 -37.77 33.16
N PHE B 560 -49.46 -38.32 32.41
CA PHE B 560 -49.04 -37.69 31.15
C PHE B 560 -50.19 -37.65 30.14
N VAL B 561 -50.99 -38.72 30.07
CA VAL B 561 -52.10 -38.76 29.12
C VAL B 561 -53.08 -37.62 29.37
N ASN B 562 -53.48 -37.45 30.63
CA ASN B 562 -54.43 -36.37 30.95
C ASN B 562 -53.84 -35.00 30.67
N LEU B 563 -52.59 -34.78 31.11
CA LEU B 563 -51.94 -33.52 30.83
C LEU B 563 -51.80 -33.29 29.34
N TRP B 564 -51.56 -34.36 28.58
CA TRP B 564 -51.41 -34.24 27.14
C TRP B 564 -52.71 -33.77 26.49
N ASN B 565 -53.83 -34.39 26.84
CA ASN B 565 -55.10 -33.99 26.27
C ASN B 565 -55.46 -32.57 26.68
N TYR B 566 -55.14 -32.19 27.91
CA TYR B 566 -55.39 -30.82 28.36
C TYR B 566 -54.60 -29.83 27.53
N LEU B 567 -53.28 -30.03 27.43
CA LEU B 567 -52.44 -29.10 26.68
C LEU B 567 -52.76 -29.11 25.19
N GLY B 568 -53.19 -30.25 24.66
CA GLY B 568 -53.59 -30.28 23.26
C GLY B 568 -54.85 -29.46 23.00
N GLU B 569 -55.78 -29.47 23.96
CA GLU B 569 -56.98 -28.66 23.85
C GLU B 569 -56.66 -27.18 23.99
N GLN B 570 -55.74 -26.84 24.91
CA GLN B 570 -55.32 -25.46 25.08
C GLN B 570 -54.45 -25.01 23.93
N GLN B 571 -53.84 -25.96 23.21
CA GLN B 571 -53.02 -25.63 22.05
C GLN B 571 -53.88 -25.06 20.92
N LYS B 572 -55.06 -25.64 20.70
CA LYS B 572 -55.96 -25.23 19.64
C LYS B 572 -56.91 -24.11 20.06
N ALA B 573 -57.08 -23.87 21.37
CA ALA B 573 -58.06 -22.92 21.85
C ALA B 573 -57.50 -21.54 22.15
N LEU B 574 -56.25 -21.44 22.60
CA LEU B 574 -55.67 -20.17 23.00
C LEU B 574 -54.68 -19.68 21.95
N SER B 575 -54.17 -18.48 22.16
CA SER B 575 -53.20 -17.88 21.26
C SER B 575 -51.80 -18.39 21.60
N SER B 576 -50.83 -18.00 20.77
CA SER B 576 -49.45 -18.44 21.00
C SER B 576 -48.83 -17.73 22.21
N ASN B 577 -49.14 -16.44 22.40
CA ASN B 577 -48.62 -15.73 23.56
C ASN B 577 -49.36 -16.11 24.84
N ALA B 578 -50.66 -16.38 24.74
CA ALA B 578 -51.43 -16.81 25.90
C ALA B 578 -51.05 -18.21 26.37
N PHE B 579 -50.47 -19.02 25.50
CA PHE B 579 -50.06 -20.36 25.90
C PHE B 579 -48.84 -20.32 26.81
N ARG B 580 -47.80 -19.58 26.42
CA ARG B 580 -46.61 -19.50 27.27
C ARG B 580 -46.97 -18.98 28.66
N ARG B 581 -47.89 -18.01 28.74
CA ARG B 581 -48.36 -17.52 30.03
C ARG B 581 -49.14 -18.60 30.76
N LEU B 582 -49.98 -19.36 30.04
CA LEU B 582 -50.72 -20.44 30.68
C LEU B 582 -49.80 -21.51 31.23
N CYS B 583 -48.68 -21.77 30.55
CA CYS B 583 -47.71 -22.74 31.06
C CYS B 583 -47.00 -22.21 32.30
N ARG B 584 -46.71 -20.91 32.32
CA ARG B 584 -46.00 -20.35 33.48
C ARG B 584 -46.91 -20.24 34.70
N THR B 585 -48.20 -19.97 34.48
CA THR B 585 -49.16 -19.93 35.57
C THR B 585 -49.58 -21.33 36.03
N ASP B 586 -49.26 -22.37 35.27
CA ASP B 586 -49.51 -23.75 35.68
C ASP B 586 -48.22 -24.49 36.03
N TYR B 587 -47.11 -23.77 36.18
CA TYR B 587 -45.82 -24.33 36.61
C TYR B 587 -45.32 -25.40 35.65
N LEU B 588 -45.22 -25.02 34.38
CA LEU B 588 -44.82 -25.92 33.30
C LEU B 588 -43.73 -25.28 32.46
N ASN B 589 -42.61 -25.99 32.31
CA ASN B 589 -41.51 -25.52 31.46
C ASN B 589 -41.97 -25.54 30.01
N TYR B 590 -42.16 -24.36 29.42
CA TYR B 590 -42.71 -24.26 28.07
C TYR B 590 -41.85 -25.00 27.05
N LEU B 591 -40.54 -24.73 27.07
CA LEU B 591 -39.65 -25.36 26.10
C LEU B 591 -39.70 -26.87 26.21
N ARG B 592 -39.79 -27.40 27.43
CA ARG B 592 -39.86 -28.85 27.59
C ARG B 592 -41.20 -29.38 27.11
N VAL B 593 -42.28 -28.62 27.32
CA VAL B 593 -43.58 -29.00 26.76
C VAL B 593 -43.48 -29.06 25.23
N ARG B 594 -42.72 -28.15 24.62
CA ARG B 594 -42.57 -28.18 23.17
C ARG B 594 -41.85 -29.43 22.71
N GLU B 595 -40.75 -29.79 23.38
CA GLU B 595 -39.99 -30.97 22.94
C GLU B 595 -40.79 -32.24 23.13
N TRP B 596 -41.55 -32.33 24.22
CA TRP B 596 -42.44 -33.47 24.39
C TRP B 596 -43.39 -33.60 23.21
N GLN B 597 -43.85 -32.47 22.67
CA GLN B 597 -44.67 -32.53 21.46
C GLN B 597 -43.83 -32.92 20.25
N ASP B 598 -42.61 -32.36 20.14
CA ASP B 598 -41.78 -32.61 18.97
C ASP B 598 -41.36 -34.07 18.91
N ILE B 599 -41.05 -34.66 20.06
CA ILE B 599 -40.72 -36.09 20.10
C ILE B 599 -41.93 -36.92 19.69
N TYR B 600 -43.11 -36.57 20.20
CA TYR B 600 -44.33 -37.31 19.84
C TYR B 600 -44.54 -37.29 18.32
N THR B 601 -44.37 -36.13 17.68
CA THR B 601 -44.60 -36.05 16.25
C THR B 601 -43.63 -36.93 15.48
N GLN B 602 -42.36 -36.95 15.89
CA GLN B 602 -41.37 -37.81 15.26
C GLN B 602 -41.74 -39.28 15.40
N LEU B 603 -42.13 -39.71 16.60
CA LEU B 603 -42.52 -41.10 16.80
C LEU B 603 -43.66 -41.49 15.87
N ARG B 604 -44.67 -40.63 15.76
CA ARG B 604 -45.78 -40.93 14.85
C ARG B 604 -45.28 -41.14 13.42
N GLN B 605 -44.30 -40.33 13.01
CA GLN B 605 -43.81 -40.42 11.63
C GLN B 605 -43.16 -41.77 11.35
N VAL B 606 -42.24 -42.20 12.23
CA VAL B 606 -41.63 -43.51 12.06
C VAL B 606 -42.65 -44.61 12.33
N VAL B 607 -43.56 -44.41 13.29
CA VAL B 607 -44.61 -45.38 13.51
C VAL B 607 -45.50 -45.49 12.28
N LYS B 608 -45.85 -44.35 11.67
CA LYS B 608 -46.65 -44.39 10.44
C LYS B 608 -45.86 -45.01 9.30
N GLU B 609 -44.57 -44.67 9.20
CA GLU B 609 -43.70 -45.22 8.15
C GLU B 609 -43.50 -46.73 8.30
N LEU B 610 -43.68 -47.28 9.51
CA LEU B 610 -43.60 -48.71 9.73
C LEU B 610 -44.90 -49.45 9.43
N GLY B 611 -45.98 -48.72 9.11
CA GLY B 611 -47.25 -49.36 8.82
C GLY B 611 -48.05 -49.72 10.04
N ILE B 612 -47.58 -49.34 11.22
CA ILE B 612 -48.33 -49.57 12.47
C ILE B 612 -49.56 -48.67 12.51
N PRO B 613 -50.75 -49.20 12.76
CA PRO B 613 -51.93 -48.33 12.86
C PRO B 613 -51.98 -47.59 14.19
N VAL B 614 -52.37 -46.32 14.12
CA VAL B 614 -52.54 -45.48 15.30
C VAL B 614 -54.02 -45.36 15.57
N ASN B 615 -54.42 -45.56 16.83
CA ASN B 615 -55.83 -45.50 17.15
C ASN B 615 -56.31 -44.05 17.16
N SER B 616 -57.63 -43.88 16.98
CA SER B 616 -58.27 -42.58 17.10
C SER B 616 -59.27 -42.57 18.25
N GLU B 617 -59.03 -43.40 19.26
CA GLU B 617 -59.95 -43.50 20.38
C GLU B 617 -59.20 -43.99 21.63
N PRO B 618 -59.41 -43.34 22.77
CA PRO B 618 -58.61 -43.68 23.96
C PRO B 618 -58.94 -45.06 24.51
N ALA B 619 -57.91 -45.74 24.97
CA ALA B 619 -57.99 -47.12 25.46
C ALA B 619 -58.17 -47.15 26.98
N GLU B 620 -58.37 -48.35 27.49
CA GLU B 620 -58.59 -48.59 28.91
C GLU B 620 -57.27 -48.77 29.65
N TYR B 621 -57.37 -48.82 30.98
CA TYR B 621 -56.19 -48.90 31.84
C TYR B 621 -55.40 -50.18 31.61
N ARG B 622 -56.09 -51.31 31.39
CA ARG B 622 -55.42 -52.60 31.29
C ARG B 622 -54.57 -52.70 30.04
N GLU B 623 -55.03 -52.13 28.93
CA GLU B 623 -54.37 -52.34 27.66
C GLU B 623 -53.07 -51.55 27.57
N ILE B 624 -53.11 -50.27 27.95
CA ILE B 624 -51.92 -49.43 27.90
C ILE B 624 -50.82 -49.97 28.80
N HIS B 625 -51.20 -50.50 29.97
CA HIS B 625 -50.20 -50.88 30.97
C HIS B 625 -49.56 -52.23 30.65
N ILE B 626 -50.28 -53.12 29.96
CA ILE B 626 -49.65 -54.33 29.46
C ILE B 626 -48.54 -53.97 28.47
N ALA B 627 -48.83 -53.04 27.56
CA ALA B 627 -47.82 -52.58 26.60
C ALA B 627 -46.63 -51.94 27.30
N LEU B 628 -46.89 -51.15 28.35
CA LEU B 628 -45.79 -50.57 29.12
C LEU B 628 -45.00 -51.65 29.84
N LEU B 629 -45.68 -52.69 30.31
CA LEU B 629 -45.05 -53.75 31.08
C LEU B 629 -43.97 -54.46 30.26
N THR B 630 -44.12 -54.47 28.93
CA THR B 630 -43.23 -55.22 28.06
C THR B 630 -41.80 -54.68 28.09
N GLY B 631 -41.61 -53.40 28.38
CA GLY B 631 -40.28 -52.83 28.36
C GLY B 631 -39.60 -52.64 29.71
N LEU B 632 -40.26 -53.02 30.79
CA LEU B 632 -39.75 -52.82 32.13
C LEU B 632 -39.95 -54.07 33.00
N LEU B 633 -39.70 -55.24 32.40
CA LEU B 633 -39.85 -56.49 33.15
C LEU B 633 -38.80 -56.60 34.26
N SER B 634 -37.63 -55.99 34.08
CA SER B 634 -36.64 -55.91 35.15
C SER B 634 -37.04 -54.95 36.24
N HIS B 635 -38.16 -54.25 36.05
CA HIS B 635 -38.63 -53.20 36.94
C HIS B 635 -39.94 -53.59 37.58
N ILE B 636 -40.08 -54.84 37.99
CA ILE B 636 -41.26 -55.29 38.69
C ILE B 636 -40.90 -55.43 40.16
N GLY B 637 -41.92 -55.33 41.01
CA GLY B 637 -41.74 -55.50 42.44
C GLY B 637 -42.99 -56.10 43.03
N MET B 638 -42.83 -56.78 44.16
CA MET B 638 -43.93 -57.41 44.86
C MET B 638 -44.04 -56.82 46.26
N LYS B 639 -45.24 -56.35 46.60
CA LYS B 639 -45.49 -55.69 47.88
C LYS B 639 -45.16 -56.61 49.04
N ASP B 640 -44.26 -56.16 49.91
CA ASP B 640 -44.01 -56.87 51.16
C ASP B 640 -45.27 -56.78 52.02
N ALA B 641 -45.69 -57.91 52.57
CA ALA B 641 -46.89 -57.93 53.41
C ALA B 641 -46.64 -57.16 54.70
N ASP B 642 -47.49 -56.17 54.96
CA ASP B 642 -47.42 -55.36 56.17
C ASP B 642 -46.05 -54.69 56.34
N LYS B 643 -45.54 -54.12 55.24
CA LYS B 643 -44.36 -53.27 55.22
C LYS B 643 -44.47 -52.39 53.98
N GLN B 644 -43.69 -51.32 53.96
CA GLN B 644 -43.72 -50.37 52.85
C GLN B 644 -42.48 -50.50 51.98
N GLU B 645 -42.05 -51.74 51.74
CA GLU B 645 -40.92 -52.04 50.89
C GLU B 645 -41.38 -52.99 49.79
N TYR B 646 -40.67 -52.98 48.67
CA TYR B 646 -40.99 -53.83 47.54
C TYR B 646 -39.81 -54.75 47.26
N THR B 647 -40.12 -56.00 46.93
CA THR B 647 -39.12 -56.98 46.51
C THR B 647 -39.17 -57.10 44.99
N GLY B 648 -38.06 -56.80 44.33
CA GLY B 648 -38.01 -56.72 42.89
C GLY B 648 -37.18 -57.83 42.27
N ALA B 649 -36.71 -57.57 41.05
CA ALA B 649 -35.93 -58.56 40.32
C ALA B 649 -34.67 -58.93 41.08
N ARG B 650 -34.28 -60.20 40.99
CA ARG B 650 -33.18 -60.75 41.79
C ARG B 650 -33.53 -60.56 43.28
N ASN B 651 -32.54 -60.30 44.13
CA ASN B 651 -32.75 -60.02 45.54
C ASN B 651 -32.77 -58.53 45.85
N ALA B 652 -33.22 -57.72 44.89
CA ALA B 652 -33.26 -56.28 45.09
C ALA B 652 -34.53 -55.87 45.81
N ARG B 653 -34.37 -54.94 46.76
CA ARG B 653 -35.47 -54.32 47.48
C ARG B 653 -35.44 -52.82 47.23
N PHE B 654 -36.62 -52.22 47.08
CA PHE B 654 -36.71 -50.80 46.77
C PHE B 654 -38.02 -50.24 47.31
N SER B 655 -37.98 -48.95 47.66
CA SER B 655 -39.15 -48.21 48.09
C SER B 655 -39.62 -47.33 46.95
N ILE B 656 -40.93 -47.07 46.92
CA ILE B 656 -41.50 -46.24 45.87
C ILE B 656 -41.14 -44.78 46.12
N PHE B 657 -40.88 -44.05 45.04
CA PHE B 657 -40.44 -42.66 45.15
C PHE B 657 -41.50 -41.83 45.88
N PRO B 658 -41.09 -40.90 46.75
CA PRO B 658 -42.08 -40.17 47.57
C PRO B 658 -43.03 -39.31 46.77
N GLY B 659 -42.63 -38.84 45.59
CA GLY B 659 -43.50 -38.00 44.78
C GLY B 659 -44.49 -38.74 43.90
N SER B 660 -44.86 -39.96 44.28
CA SER B 660 -45.76 -40.79 43.49
C SER B 660 -47.17 -40.73 44.04
N GLY B 661 -48.16 -40.75 43.13
CA GLY B 661 -49.54 -40.74 43.55
C GLY B 661 -49.93 -41.99 44.33
N LEU B 662 -49.12 -43.04 44.23
CA LEU B 662 -49.34 -44.29 44.95
C LEU B 662 -48.30 -44.51 46.03
N PHE B 663 -47.69 -43.43 46.53
CA PHE B 663 -46.75 -43.54 47.65
C PHE B 663 -47.47 -43.85 48.95
N LYS B 664 -48.63 -43.22 49.19
CA LYS B 664 -49.43 -43.51 50.36
C LYS B 664 -50.43 -44.63 50.14
N LYS B 665 -50.73 -44.96 48.87
CA LYS B 665 -51.58 -46.09 48.52
C LYS B 665 -50.79 -47.01 47.59
N PRO B 666 -49.95 -47.88 48.15
CA PRO B 666 -49.14 -48.77 47.31
C PRO B 666 -49.87 -50.08 47.02
N PRO B 667 -49.98 -50.46 45.76
CA PRO B 667 -50.65 -51.72 45.41
C PRO B 667 -49.74 -52.92 45.63
N LYS B 668 -50.34 -54.11 45.53
CA LYS B 668 -49.55 -55.33 45.70
C LYS B 668 -48.52 -55.46 44.59
N TRP B 669 -48.98 -55.50 43.35
CA TRP B 669 -48.10 -55.68 42.20
C TRP B 669 -47.94 -54.35 41.49
N VAL B 670 -46.69 -53.95 41.26
CA VAL B 670 -46.38 -52.64 40.70
C VAL B 670 -45.42 -52.86 39.54
N MET B 671 -45.33 -51.83 38.70
CA MET B 671 -44.23 -51.68 37.77
C MET B 671 -43.72 -50.25 37.86
N VAL B 672 -42.41 -50.10 37.87
CA VAL B 672 -41.78 -48.78 37.94
C VAL B 672 -41.01 -48.52 36.66
N ALA B 673 -40.85 -47.24 36.34
CA ALA B 673 -40.12 -46.89 35.13
C ALA B 673 -38.62 -46.80 35.35
N GLU B 674 -38.18 -46.52 36.58
CA GLU B 674 -36.77 -46.25 36.81
C GLU B 674 -36.35 -46.72 38.20
N LEU B 675 -35.24 -47.44 38.26
CA LEU B 675 -34.61 -47.83 39.52
C LEU B 675 -33.31 -47.06 39.68
N VAL B 676 -33.22 -46.23 40.72
CA VAL B 676 -32.03 -45.45 40.98
C VAL B 676 -31.63 -45.62 42.43
N GLU B 677 -30.34 -45.84 42.67
CA GLU B 677 -29.81 -46.05 44.00
C GLU B 677 -29.05 -44.80 44.44
N THR B 678 -29.54 -44.15 45.48
CA THR B 678 -28.83 -43.02 46.06
C THR B 678 -28.42 -43.37 47.48
N SER B 679 -29.37 -43.24 48.41
CA SER B 679 -29.24 -43.73 49.77
C SER B 679 -29.99 -45.03 50.00
N ARG B 680 -31.11 -45.22 49.30
CA ARG B 680 -31.79 -46.50 49.19
C ARG B 680 -32.18 -46.69 47.73
N LEU B 681 -32.78 -47.84 47.42
CA LEU B 681 -33.24 -48.10 46.06
C LEU B 681 -34.61 -47.48 45.85
N TRP B 682 -34.72 -46.60 44.87
CA TRP B 682 -35.94 -45.85 44.61
C TRP B 682 -36.55 -46.24 43.28
N GLY B 683 -37.87 -46.42 43.25
CA GLY B 683 -38.59 -46.63 42.01
C GLY B 683 -39.37 -45.39 41.62
N ARG B 684 -39.08 -44.82 40.45
CA ARG B 684 -39.41 -43.43 40.15
C ARG B 684 -40.85 -43.23 39.67
N ILE B 685 -41.23 -43.87 38.55
CA ILE B 685 -42.56 -43.71 37.98
C ILE B 685 -43.26 -45.06 38.09
N ALA B 686 -44.32 -45.15 38.89
CA ALA B 686 -44.90 -46.44 39.25
C ALA B 686 -46.39 -46.50 38.91
N ALA B 687 -46.89 -47.73 38.82
CA ALA B 687 -48.30 -47.96 38.48
C ALA B 687 -48.74 -49.35 38.92
N ARG B 688 -50.02 -49.48 39.26
CA ARG B 688 -50.58 -50.76 39.67
C ARG B 688 -50.72 -51.69 38.47
N ILE B 689 -50.38 -52.97 38.67
CA ILE B 689 -50.55 -53.99 37.63
C ILE B 689 -51.25 -55.21 38.22
N ASP B 690 -51.94 -55.94 37.35
CA ASP B 690 -52.50 -57.23 37.70
C ASP B 690 -51.47 -58.30 37.36
N PRO B 691 -51.05 -59.15 38.31
CA PRO B 691 -50.00 -60.14 38.01
C PRO B 691 -50.40 -61.15 36.95
N GLU B 692 -51.68 -61.28 36.64
CA GLU B 692 -52.09 -62.15 35.54
C GLU B 692 -51.54 -61.66 34.20
N TRP B 693 -51.26 -60.35 34.08
CA TRP B 693 -50.82 -59.76 32.82
C TRP B 693 -49.38 -60.12 32.47
N VAL B 694 -48.52 -60.31 33.46
CA VAL B 694 -47.09 -60.43 33.17
C VAL B 694 -46.75 -61.77 32.54
N GLU B 695 -47.49 -62.83 32.86
CA GLU B 695 -47.14 -64.15 32.35
C GLU B 695 -47.20 -64.23 30.82
N PRO B 696 -48.25 -63.77 30.14
CA PRO B 696 -48.26 -63.84 28.66
C PRO B 696 -47.12 -63.08 28.00
N VAL B 697 -46.53 -62.11 28.67
CA VAL B 697 -45.51 -61.27 28.06
C VAL B 697 -44.09 -61.72 28.38
N ALA B 698 -43.90 -62.48 29.46
CA ALA B 698 -42.58 -62.91 29.89
C ALA B 698 -42.30 -64.37 29.57
N GLN B 699 -42.88 -64.89 28.48
CA GLN B 699 -42.72 -66.29 28.12
C GLN B 699 -41.25 -66.68 28.03
N HIS B 700 -40.41 -65.80 27.48
CA HIS B 700 -38.98 -66.06 27.38
C HIS B 700 -38.26 -65.90 28.71
N LEU B 701 -38.95 -65.47 29.76
CA LEU B 701 -38.33 -65.21 31.05
C LEU B 701 -38.86 -66.07 32.18
N ILE B 702 -40.11 -66.52 32.12
CA ILE B 702 -40.67 -67.27 33.23
C ILE B 702 -39.88 -68.55 33.42
N LYS B 703 -39.70 -68.93 34.68
CA LYS B 703 -39.15 -70.23 35.04
C LYS B 703 -40.22 -70.97 35.81
N ARG B 704 -40.51 -72.20 35.39
CA ARG B 704 -41.62 -72.96 35.95
C ARG B 704 -41.09 -74.01 36.92
N THR B 705 -41.67 -74.06 38.10
CA THR B 705 -41.37 -75.07 39.11
C THR B 705 -42.64 -75.81 39.46
N TYR B 706 -42.54 -77.13 39.61
CA TYR B 706 -43.68 -77.99 39.91
C TYR B 706 -43.49 -78.69 41.25
N SER B 707 -44.59 -78.86 41.98
CA SER B 707 -44.50 -79.41 43.32
C SER B 707 -45.74 -80.23 43.63
N GLU B 708 -45.60 -81.10 44.63
CA GLU B 708 -46.68 -81.95 45.12
C GLU B 708 -47.40 -82.76 44.04
N PRO B 709 -46.70 -83.68 43.37
CA PRO B 709 -47.36 -84.55 42.40
C PRO B 709 -48.11 -85.69 43.07
N HIS B 710 -49.32 -85.95 42.59
CA HIS B 710 -50.17 -86.98 43.16
C HIS B 710 -51.10 -87.52 42.07
N TRP B 711 -51.52 -88.78 42.23
CA TRP B 711 -52.39 -89.42 41.25
C TRP B 711 -53.84 -89.22 41.63
N GLU B 712 -54.59 -88.58 40.74
CA GLU B 712 -56.00 -88.24 40.96
C GLU B 712 -56.86 -89.19 40.15
N ARG B 713 -57.74 -89.92 40.83
CA ARG B 713 -58.51 -90.97 40.15
C ARG B 713 -59.56 -90.38 39.22
N ALA B 714 -60.29 -89.36 39.68
CA ALA B 714 -61.43 -88.84 38.92
C ALA B 714 -61.02 -88.36 37.55
N GLN B 715 -59.90 -87.63 37.45
CA GLN B 715 -59.45 -87.06 36.19
C GLN B 715 -58.49 -87.98 35.44
N GLY B 716 -58.03 -89.07 36.06
CA GLY B 716 -57.20 -90.05 35.37
C GLY B 716 -55.85 -89.54 34.92
N ALA B 717 -55.19 -88.76 35.77
CA ALA B 717 -53.88 -88.18 35.42
C ALA B 717 -53.13 -87.85 36.71
N VAL B 718 -51.87 -87.46 36.54
CA VAL B 718 -51.05 -86.96 37.63
C VAL B 718 -51.24 -85.45 37.73
N MET B 719 -51.40 -84.94 38.95
CA MET B 719 -51.63 -83.51 39.20
C MET B 719 -50.48 -82.95 40.02
N ALA B 720 -50.26 -81.64 39.89
CA ALA B 720 -49.19 -80.99 40.63
C ALA B 720 -49.50 -79.50 40.73
N THR B 721 -48.74 -78.81 41.57
CA THR B 721 -48.86 -77.36 41.77
C THR B 721 -47.63 -76.67 41.19
N GLU B 722 -47.85 -75.72 40.28
CA GLU B 722 -46.79 -75.06 39.55
C GLU B 722 -46.52 -73.65 40.08
N LYS B 723 -45.25 -73.25 40.03
CA LYS B 723 -44.81 -71.94 40.53
C LYS B 723 -44.01 -71.21 39.46
N VAL B 724 -44.61 -70.19 38.87
CA VAL B 724 -43.99 -69.38 37.81
C VAL B 724 -43.25 -68.19 38.41
N THR B 725 -42.06 -67.92 37.90
CA THR B 725 -41.16 -66.93 38.47
C THR B 725 -40.39 -66.21 37.37
N VAL B 726 -40.49 -64.88 37.34
CA VAL B 726 -39.67 -64.04 36.49
C VAL B 726 -38.66 -63.32 37.37
N TYR B 727 -37.37 -63.54 37.11
CA TYR B 727 -36.28 -62.97 37.91
C TYR B 727 -36.42 -63.27 39.39
N GLY B 728 -37.12 -64.36 39.73
CA GLY B 728 -37.33 -64.77 41.10
C GLY B 728 -38.64 -64.35 41.73
N LEU B 729 -39.52 -63.68 40.98
CA LEU B 729 -40.73 -63.13 41.55
C LEU B 729 -41.92 -64.03 41.26
N PRO B 730 -42.68 -64.45 42.28
CA PRO B 730 -43.77 -65.39 42.04
C PRO B 730 -45.01 -64.81 41.38
N ILE B 731 -45.02 -64.78 40.04
CA ILE B 731 -46.24 -64.43 39.32
C ILE B 731 -47.37 -65.36 39.72
N VAL B 732 -47.04 -66.64 39.86
CA VAL B 732 -47.96 -67.65 40.36
C VAL B 732 -47.29 -68.30 41.57
N ALA B 733 -47.91 -68.17 42.74
CA ALA B 733 -47.35 -68.76 43.94
C ALA B 733 -47.49 -70.27 43.93
N ALA B 734 -48.67 -70.76 43.54
CA ALA B 734 -48.93 -72.18 43.36
C ALA B 734 -50.21 -72.27 42.53
N ARG B 735 -50.26 -73.26 41.64
CA ARG B 735 -51.42 -73.44 40.78
C ARG B 735 -51.53 -74.90 40.38
N LYS B 736 -52.69 -75.49 40.63
CA LYS B 736 -52.92 -76.88 40.27
C LYS B 736 -53.01 -77.01 38.76
N VAL B 737 -52.19 -77.88 38.21
CA VAL B 737 -52.09 -78.07 36.76
C VAL B 737 -51.99 -79.56 36.49
N ASN B 738 -52.45 -79.97 35.31
CA ASN B 738 -52.40 -81.37 34.93
C ASN B 738 -50.97 -81.69 34.51
N TYR B 739 -50.20 -82.27 35.45
CA TYR B 739 -48.79 -82.54 35.19
C TYR B 739 -48.61 -83.65 34.16
N SER B 740 -49.57 -84.56 34.06
CA SER B 740 -49.45 -85.66 33.10
C SER B 740 -49.43 -85.14 31.68
N GLN B 741 -50.21 -84.08 31.41
CA GLN B 741 -50.22 -83.49 30.07
C GLN B 741 -48.94 -82.70 29.82
N ILE B 742 -48.32 -82.15 30.86
CA ILE B 742 -47.15 -81.29 30.69
C ILE B 742 -45.90 -82.11 30.41
N ASP B 743 -45.68 -83.19 31.16
CA ASP B 743 -44.51 -84.03 30.96
C ASP B 743 -44.90 -85.48 31.24
N PRO B 744 -45.50 -86.16 30.26
CA PRO B 744 -45.97 -87.54 30.49
C PRO B 744 -44.85 -88.51 30.83
N ALA B 745 -43.66 -88.32 30.26
CA ALA B 745 -42.57 -89.26 30.51
C ALA B 745 -42.13 -89.20 31.97
N LEU B 746 -42.06 -88.00 32.54
CA LEU B 746 -41.69 -87.87 33.95
C LEU B 746 -42.77 -88.42 34.86
N CYS B 747 -44.04 -88.21 34.51
CA CYS B 747 -45.12 -88.74 35.33
C CYS B 747 -45.12 -90.26 35.34
N ARG B 748 -44.88 -90.89 34.18
CA ARG B 748 -44.74 -92.34 34.13
C ARG B 748 -43.53 -92.80 34.94
N GLU B 749 -42.42 -92.05 34.85
CA GLU B 749 -41.23 -92.42 35.61
C GLU B 749 -41.44 -92.18 37.10
N LEU B 750 -42.22 -91.17 37.47
CA LEU B 750 -42.55 -90.95 38.87
C LEU B 750 -43.57 -91.99 39.35
N PHE B 751 -44.55 -92.33 38.50
CA PHE B 751 -45.55 -93.35 38.85
C PHE B 751 -44.91 -94.68 39.19
N ILE B 752 -43.90 -95.08 38.42
CA ILE B 752 -43.22 -96.33 38.67
C ILE B 752 -42.46 -96.27 39.99
N ARG B 753 -41.78 -95.14 40.27
CA ARG B 753 -40.91 -95.07 41.44
C ARG B 753 -41.73 -94.90 42.72
N HIS B 754 -42.84 -94.16 42.66
CA HIS B 754 -43.73 -94.09 43.82
C HIS B 754 -44.57 -95.34 43.99
N ALA B 755 -44.71 -96.17 42.95
CA ALA B 755 -45.38 -97.46 43.12
C ALA B 755 -44.46 -98.49 43.78
N LEU B 756 -43.16 -98.34 43.62
CA LEU B 756 -42.19 -99.25 44.22
C LEU B 756 -41.00 -98.49 44.78
N THR C 10 -0.64 52.18 -22.46
CA THR C 10 0.26 52.20 -21.30
C THR C 10 -0.23 51.21 -20.23
N PHE C 11 -1.55 51.14 -20.05
CA PHE C 11 -2.14 50.07 -19.25
C PHE C 11 -1.82 48.70 -19.83
N THR C 12 -1.67 48.63 -21.16
CA THR C 12 -1.32 47.40 -21.85
C THR C 12 0.03 47.47 -22.56
N ALA C 13 0.59 48.66 -22.76
CA ALA C 13 1.84 48.79 -23.50
C ALA C 13 2.97 48.05 -22.81
N LEU C 14 2.98 48.05 -21.48
CA LEU C 14 3.95 47.27 -20.72
C LEU C 14 3.47 45.84 -20.44
N GLN C 15 2.18 45.55 -20.64
CA GLN C 15 1.66 44.22 -20.33
C GLN C 15 2.19 43.16 -21.27
N GLN C 16 2.05 43.38 -22.58
CA GLN C 16 2.48 42.40 -23.57
C GLN C 16 3.99 42.25 -23.60
N ARG C 17 4.73 43.30 -23.24
CA ARG C 17 6.18 43.20 -23.22
C ARG C 17 6.69 42.40 -22.02
N LEU C 18 5.88 42.26 -20.97
CA LEU C 18 6.19 41.35 -19.88
C LEU C 18 6.04 39.89 -20.29
N ASP C 19 5.26 39.63 -21.35
CA ASP C 19 5.04 38.25 -21.79
C ASP C 19 6.31 37.66 -22.39
N SER C 20 7.03 38.44 -23.18
CA SER C 20 8.16 37.91 -23.94
C SER C 20 9.49 38.21 -23.25
N LEU C 21 9.61 37.75 -22.01
CA LEU C 21 10.84 37.87 -21.25
C LEU C 21 10.93 36.70 -20.28
N MET C 22 12.04 36.60 -19.56
CA MET C 22 12.24 35.54 -18.58
C MET C 22 11.26 35.64 -17.41
N LEU C 23 10.88 34.47 -16.88
CA LEU C 23 9.82 34.38 -15.88
C LEU C 23 10.19 35.12 -14.60
N ARG C 24 11.46 35.06 -14.19
CA ARG C 24 11.85 35.73 -12.95
C ARG C 24 11.65 37.24 -13.05
N ASP C 25 11.93 37.80 -14.23
CA ASP C 25 11.80 39.25 -14.40
C ASP C 25 10.34 39.67 -14.59
N ARG C 26 9.49 38.76 -15.07
CA ARG C 26 8.09 39.10 -15.32
C ARG C 26 7.39 39.49 -14.03
N LEU C 27 7.54 38.69 -12.98
CA LEU C 27 6.93 39.01 -11.70
C LEU C 27 7.58 40.24 -11.06
N ARG C 28 8.89 40.43 -11.30
CA ARG C 28 9.55 41.64 -10.80
C ARG C 28 8.91 42.90 -11.36
N PHE C 29 8.85 43.00 -12.68
CA PHE C 29 8.42 44.25 -13.31
C PHE C 29 6.91 44.47 -13.18
N SER C 30 6.11 43.41 -13.28
CA SER C 30 4.66 43.58 -13.20
C SER C 30 4.24 44.11 -11.83
N ARG C 31 4.94 43.73 -10.77
CA ARG C 31 4.63 44.23 -9.44
C ARG C 31 5.12 45.66 -9.25
N ARG C 32 6.23 46.02 -9.91
CA ARG C 32 6.71 47.40 -9.90
C ARG C 32 5.66 48.35 -10.46
N LEU C 33 4.88 47.90 -11.44
CA LEU C 33 3.83 48.73 -12.04
C LEU C 33 2.74 49.07 -11.03
N HIS C 34 2.27 48.08 -10.28
CA HIS C 34 1.19 48.28 -9.32
C HIS C 34 1.58 49.25 -8.22
N PRO C 42 -2.39 60.15 -15.00
CA PRO C 42 -2.02 61.58 -15.02
C PRO C 42 -0.75 61.83 -15.83
N ASP C 43 -0.59 63.06 -16.33
CA ASP C 43 0.60 63.38 -17.13
C ASP C 43 1.89 63.20 -16.35
N ALA C 44 1.84 63.36 -15.03
CA ALA C 44 3.03 63.21 -14.20
C ALA C 44 3.55 61.78 -14.27
N GLN C 45 2.65 60.81 -14.30
CA GLN C 45 3.05 59.40 -14.25
C GLN C 45 3.52 58.88 -15.60
N GLN C 46 3.05 59.49 -16.70
CA GLN C 46 3.47 59.07 -18.03
C GLN C 46 4.98 59.19 -18.23
N ALA C 47 5.65 60.05 -17.45
CA ALA C 47 7.10 60.14 -17.53
C ALA C 47 7.79 59.01 -16.79
N ILE C 48 7.10 58.41 -15.81
CA ILE C 48 7.71 57.35 -15.02
C ILE C 48 7.90 56.09 -15.87
N PHE C 49 6.94 55.80 -16.74
CA PHE C 49 7.00 54.59 -17.57
C PHE C 49 8.22 54.59 -18.47
N GLN C 50 8.61 55.77 -18.97
CA GLN C 50 9.72 55.89 -19.92
C GLN C 50 10.98 55.21 -19.41
N GLU C 51 11.27 55.34 -18.11
CA GLU C 51 12.50 54.75 -17.57
C GLU C 51 12.36 53.26 -17.35
N MET C 52 11.24 52.82 -16.74
CA MET C 52 11.04 51.39 -16.51
C MET C 52 11.01 50.62 -17.82
N ALA C 53 10.53 51.25 -18.90
CA ALA C 53 10.55 50.63 -20.22
C ALA C 53 11.98 50.45 -20.73
N LYS C 54 12.93 51.29 -20.28
CA LYS C 54 14.32 51.09 -20.63
C LYS C 54 14.85 49.78 -20.06
N GLU C 55 14.34 49.38 -18.90
CA GLU C 55 14.72 48.09 -18.33
C GLU C 55 14.00 46.93 -19.04
N ILE C 56 12.75 47.17 -19.47
CA ILE C 56 11.99 46.13 -20.18
C ILE C 56 12.62 45.82 -21.52
N ASP C 57 13.04 46.86 -22.26
CA ASP C 57 13.70 46.62 -23.54
C ASP C 57 14.99 45.84 -23.33
N GLN C 58 15.71 46.16 -22.26
CA GLN C 58 16.91 45.41 -21.90
C GLN C 58 16.58 43.96 -21.54
N ALA C 59 15.49 43.74 -20.82
CA ALA C 59 15.12 42.39 -20.42
C ALA C 59 14.71 41.54 -21.63
N ALA C 60 14.02 42.13 -22.59
CA ALA C 60 13.61 41.37 -23.76
C ALA C 60 14.82 40.90 -24.57
N GLY C 61 15.86 41.73 -24.65
CA GLY C 61 17.05 41.36 -25.41
C GLY C 61 17.86 40.24 -24.78
N LYS C 62 17.82 40.14 -23.45
CA LYS C 62 18.49 39.03 -22.77
C LYS C 62 17.93 37.69 -23.24
N VAL C 63 16.60 37.62 -23.41
CA VAL C 63 15.95 36.39 -23.83
C VAL C 63 16.31 36.04 -25.27
N LEU C 64 16.38 37.04 -26.14
CA LEU C 64 16.70 36.77 -27.54
C LEU C 64 18.11 36.21 -27.69
N LEU C 65 19.07 36.77 -26.94
CA LEU C 65 20.42 36.22 -26.95
C LEU C 65 20.44 34.75 -26.57
N ARG C 66 19.60 34.36 -25.61
CA ARG C 66 19.51 32.95 -25.24
C ARG C 66 19.03 32.11 -26.41
N GLU C 67 18.08 32.64 -27.18
CA GLU C 67 17.58 31.90 -28.33
C GLU C 67 18.67 31.68 -29.38
N ALA C 68 19.69 32.54 -29.42
CA ALA C 68 20.79 32.37 -30.36
C ALA C 68 21.73 31.25 -29.93
N ALA C 69 21.86 31.02 -28.62
CA ALA C 69 22.79 30.04 -28.07
C ALA C 69 22.27 28.60 -28.12
N ARG C 70 21.06 28.36 -28.63
CA ARG C 70 20.58 26.99 -28.75
C ARG C 70 21.48 26.18 -29.68
N PRO C 71 21.99 25.02 -29.24
CA PRO C 71 22.90 24.23 -30.08
C PRO C 71 22.12 23.22 -30.91
N GLU C 72 22.87 22.55 -31.80
CA GLU C 72 22.27 21.55 -32.67
C GLU C 72 21.66 20.42 -31.85
N ILE C 73 20.37 20.17 -32.07
CA ILE C 73 19.62 19.14 -31.36
C ILE C 73 19.57 17.90 -32.24
N THR C 74 20.37 16.89 -31.89
CA THR C 74 20.48 15.67 -32.65
C THR C 74 20.05 14.47 -31.80
N TYR C 75 19.29 13.56 -32.39
CA TYR C 75 18.80 12.39 -31.69
C TYR C 75 19.43 11.14 -32.31
N PRO C 76 20.26 10.39 -31.57
CA PRO C 76 20.85 9.18 -32.13
C PRO C 76 19.78 8.14 -32.47
N ASP C 77 19.97 7.47 -33.61
CA ASP C 77 19.06 6.42 -34.03
C ASP C 77 19.20 5.16 -33.20
N ASN C 78 20.23 5.11 -32.34
CA ASN C 78 20.52 3.89 -31.58
C ASN C 78 19.48 3.62 -30.51
N LEU C 79 19.01 4.67 -29.83
CA LEU C 79 18.15 4.55 -28.66
C LEU C 79 16.69 4.35 -29.08
N PRO C 80 15.94 3.49 -28.39
CA PRO C 80 14.52 3.33 -28.70
C PRO C 80 13.69 4.58 -28.45
N VAL C 81 14.17 5.49 -27.61
CA VAL C 81 13.43 6.73 -27.34
C VAL C 81 13.34 7.58 -28.59
N SER C 82 14.34 7.50 -29.48
CA SER C 82 14.36 8.34 -30.67
C SER C 82 13.11 8.15 -31.53
N GLN C 83 12.64 6.90 -31.67
CA GLN C 83 11.44 6.66 -32.47
C GLN C 83 10.22 7.34 -31.84
N LYS C 84 10.01 7.10 -30.55
CA LYS C 84 8.83 7.63 -29.87
C LYS C 84 8.97 9.11 -29.55
N LYS C 85 10.04 9.76 -30.02
CA LYS C 85 10.23 11.18 -29.74
C LYS C 85 9.11 12.01 -30.36
N GLN C 86 8.76 11.70 -31.61
CA GLN C 86 7.69 12.41 -32.29
C GLN C 86 6.34 12.19 -31.61
N ASP C 87 6.20 11.10 -30.85
CA ASP C 87 5.01 10.90 -30.04
C ASP C 87 5.09 11.67 -28.73
N ILE C 88 6.26 11.66 -28.08
CA ILE C 88 6.42 12.34 -26.81
C ILE C 88 6.36 13.85 -27.01
N LEU C 89 7.02 14.36 -28.05
CA LEU C 89 7.10 15.80 -28.27
C LEU C 89 5.72 16.43 -28.42
N GLU C 90 4.83 15.80 -29.17
CA GLU C 90 3.47 16.32 -29.32
C GLU C 90 2.72 16.29 -27.99
N ALA C 91 2.94 15.25 -27.19
CA ALA C 91 2.22 15.10 -25.93
C ALA C 91 2.56 16.21 -24.93
N ILE C 92 3.81 16.69 -24.93
CA ILE C 92 4.20 17.67 -23.93
C ILE C 92 3.53 19.02 -24.18
N ARG C 93 3.54 19.49 -25.43
CA ARG C 93 2.97 20.81 -25.70
C ARG C 93 1.46 20.82 -25.47
N ASP C 94 0.81 19.65 -25.57
CA ASP C 94 -0.64 19.60 -25.48
C ASP C 94 -1.14 19.51 -24.03
N HIS C 95 -0.35 18.94 -23.14
CA HIS C 95 -0.76 18.76 -21.75
C HIS C 95 0.27 19.35 -20.81
N GLN C 96 -0.21 19.92 -19.70
CA GLN C 96 0.69 20.45 -18.68
C GLN C 96 1.48 19.35 -17.99
N VAL C 97 0.90 18.15 -17.87
CA VAL C 97 1.54 17.02 -17.19
C VAL C 97 1.66 15.87 -18.19
N VAL C 98 2.88 15.32 -18.30
CA VAL C 98 3.18 14.17 -19.15
C VAL C 98 3.95 13.16 -18.32
N ILE C 99 3.85 11.88 -18.70
CA ILE C 99 4.50 10.81 -17.96
C ILE C 99 5.16 9.84 -18.94
N VAL C 100 6.48 9.69 -18.82
CA VAL C 100 7.28 8.81 -19.67
C VAL C 100 7.73 7.62 -18.84
N ALA C 101 7.56 6.42 -19.37
CA ALA C 101 8.02 5.20 -18.72
C ALA C 101 8.82 4.38 -19.72
N GLY C 102 10.00 3.94 -19.32
CA GLY C 102 10.84 3.15 -20.21
C GLY C 102 11.64 2.13 -19.44
N GLU C 103 12.08 1.09 -20.17
CA GLU C 103 12.90 0.06 -19.58
C GLU C 103 14.34 0.54 -19.45
N THR C 104 15.21 -0.34 -18.95
CA THR C 104 16.55 0.08 -18.55
C THR C 104 17.39 0.55 -19.73
N GLY C 105 17.17 -0.02 -20.93
CA GLY C 105 18.01 0.34 -22.07
C GLY C 105 17.64 1.64 -22.75
N SER C 106 16.41 2.13 -22.53
CA SER C 106 15.85 3.20 -23.35
C SER C 106 16.80 4.38 -23.50
N GLY C 107 17.31 4.90 -22.40
CA GLY C 107 18.05 6.14 -22.46
C GLY C 107 17.17 7.35 -22.52
N LYS C 108 15.95 7.26 -21.97
CA LYS C 108 15.03 8.39 -21.94
C LYS C 108 15.61 9.57 -21.17
N THR C 109 16.44 9.31 -20.17
CA THR C 109 16.95 10.38 -19.31
C THR C 109 17.76 11.39 -20.10
N THR C 110 18.63 10.93 -20.99
CA THR C 110 19.51 11.85 -21.71
C THR C 110 18.78 12.60 -22.82
N GLN C 111 17.89 11.93 -23.56
CA GLN C 111 17.28 12.54 -24.73
C GLN C 111 16.02 13.34 -24.42
N LEU C 112 15.41 13.16 -23.24
CA LEU C 112 14.17 13.87 -22.90
C LEU C 112 14.37 15.39 -22.78
N PRO C 113 15.45 15.87 -22.14
CA PRO C 113 15.68 17.33 -22.13
C PRO C 113 15.83 17.92 -23.52
N LYS C 114 16.36 17.15 -24.48
CA LYS C 114 16.51 17.67 -25.83
C LYS C 114 15.14 17.89 -26.47
N ILE C 115 14.18 17.01 -26.21
CA ILE C 115 12.83 17.22 -26.69
C ILE C 115 12.26 18.51 -26.12
N CYS C 116 12.60 18.81 -24.86
CA CYS C 116 12.14 20.05 -24.24
C CYS C 116 12.71 21.27 -24.96
N MET C 117 14.00 21.22 -25.34
CA MET C 117 14.59 22.34 -26.05
C MET C 117 14.01 22.48 -27.46
N GLU C 118 13.87 21.35 -28.17
CA GLU C 118 13.23 21.34 -29.47
C GLU C 118 11.81 21.91 -29.39
N LEU C 119 11.12 21.73 -28.26
CA LEU C 119 9.79 22.27 -28.09
C LEU C 119 9.81 23.77 -27.77
N GLY C 120 10.96 24.31 -27.39
CA GLY C 120 11.08 25.72 -27.06
C GLY C 120 11.32 26.04 -25.60
N ARG C 121 11.53 25.03 -24.76
CA ARG C 121 11.80 25.28 -23.36
C ARG C 121 13.28 25.66 -23.19
N GLY C 122 13.58 26.33 -22.09
CA GLY C 122 14.93 26.71 -21.78
C GLY C 122 15.27 28.16 -22.04
N ILE C 123 14.37 28.92 -22.66
CA ILE C 123 14.65 30.32 -23.00
C ILE C 123 14.07 31.24 -21.94
N LYS C 124 12.75 31.20 -21.75
CA LYS C 124 12.12 32.03 -20.72
C LYS C 124 12.43 31.52 -19.32
N GLY C 125 12.65 30.22 -19.17
CA GLY C 125 13.05 29.67 -17.89
C GLY C 125 13.83 28.38 -18.08
N LEU C 126 14.61 28.03 -17.07
CA LEU C 126 15.42 26.82 -17.11
C LEU C 126 14.54 25.57 -17.13
N ILE C 127 15.11 24.46 -17.57
CA ILE C 127 14.42 23.17 -17.51
C ILE C 127 15.13 22.31 -16.46
N GLY C 128 14.44 22.05 -15.36
CA GLY C 128 15.02 21.32 -14.25
C GLY C 128 14.81 19.81 -14.38
N HIS C 129 15.91 19.07 -14.27
CA HIS C 129 15.89 17.61 -14.32
C HIS C 129 16.50 17.13 -13.01
N THR C 130 15.76 16.30 -12.29
CA THR C 130 16.12 15.90 -10.93
C THR C 130 16.50 14.42 -10.87
N GLN C 131 17.60 14.13 -10.18
CA GLN C 131 18.15 12.79 -10.02
C GLN C 131 18.29 12.42 -8.54
N PRO C 132 18.19 11.12 -8.21
CA PRO C 132 18.31 10.74 -6.79
C PRO C 132 19.72 10.86 -6.23
N ARG C 133 20.76 10.67 -7.03
CA ARG C 133 22.14 10.76 -6.56
C ARG C 133 22.89 11.85 -7.30
N ARG C 134 23.98 12.33 -6.67
CA ARG C 134 24.84 13.31 -7.32
C ARG C 134 25.47 12.73 -8.58
N LEU C 135 26.09 11.55 -8.47
CA LEU C 135 26.72 10.94 -9.63
C LEU C 135 25.73 10.71 -10.75
N ALA C 136 24.48 10.37 -10.41
CA ALA C 136 23.45 10.25 -11.43
C ALA C 136 23.20 11.59 -12.12
N ALA C 137 23.23 12.67 -11.34
CA ALA C 137 23.09 13.99 -11.93
C ALA C 137 24.31 14.37 -12.74
N ARG C 138 25.51 14.01 -12.26
CA ARG C 138 26.72 14.37 -12.98
C ARG C 138 26.85 13.61 -14.29
N THR C 139 26.81 12.27 -14.22
CA THR C 139 27.06 11.48 -15.43
C THR C 139 26.04 11.79 -16.52
N VAL C 140 24.78 11.99 -16.16
CA VAL C 140 23.77 12.30 -17.16
C VAL C 140 24.02 13.70 -17.73
N ALA C 141 24.44 14.64 -16.88
CA ALA C 141 24.77 15.98 -17.37
C ALA C 141 25.96 15.94 -18.33
N ASN C 142 27.03 15.23 -17.93
CA ASN C 142 28.17 15.09 -18.81
C ASN C 142 27.80 14.41 -20.12
N ARG C 143 26.75 13.59 -20.12
CA ARG C 143 26.39 12.84 -21.33
C ARG C 143 25.57 13.66 -22.31
N ILE C 144 24.59 14.42 -21.81
CA ILE C 144 23.79 15.23 -22.73
C ILE C 144 24.63 16.37 -23.31
N ALA C 145 25.61 16.87 -22.55
CA ALA C 145 26.49 17.91 -23.08
C ALA C 145 27.39 17.36 -24.18
N GLU C 146 27.98 16.18 -23.94
CA GLU C 146 28.79 15.53 -24.97
C GLU C 146 27.99 15.27 -26.24
N GLU C 147 26.77 14.76 -26.10
CA GLU C 147 25.93 14.44 -27.25
C GLU C 147 25.47 15.69 -28.01
N LEU C 148 25.79 16.87 -27.49
CA LEU C 148 25.48 18.15 -28.12
C LEU C 148 26.74 18.92 -28.48
N LYS C 149 27.91 18.28 -28.39
CA LYS C 149 29.21 18.88 -28.70
C LYS C 149 29.51 20.12 -27.84
N THR C 150 28.99 20.15 -26.61
CA THR C 150 29.30 21.20 -25.65
C THR C 150 29.83 20.55 -24.37
N GLU C 151 30.45 21.39 -23.52
CA GLU C 151 30.93 20.77 -22.30
C GLU C 151 30.02 21.13 -21.12
N PRO C 152 29.99 20.29 -20.10
CA PRO C 152 29.10 20.55 -18.95
C PRO C 152 29.52 21.80 -18.21
N GLY C 153 28.54 22.45 -17.59
CA GLY C 153 28.71 23.77 -17.04
C GLY C 153 28.40 24.88 -18.03
N GLY C 154 28.33 24.56 -19.31
CA GLY C 154 27.94 25.52 -20.33
C GLY C 154 26.45 25.47 -20.61
N CYS C 155 26.07 25.09 -21.83
CA CYS C 155 24.66 24.99 -22.18
C CYS C 155 23.93 24.04 -21.25
N ILE C 156 24.56 22.94 -20.89
CA ILE C 156 24.00 21.97 -19.95
C ILE C 156 24.84 22.02 -18.68
N GLY C 157 24.17 22.20 -17.54
CA GLY C 157 24.85 22.32 -16.27
C GLY C 157 24.18 21.44 -15.22
N TYR C 158 24.92 21.24 -14.13
CA TYR C 158 24.43 20.41 -13.05
C TYR C 158 24.75 21.10 -11.73
N LYS C 159 23.78 21.08 -10.82
CA LYS C 159 23.95 21.66 -9.49
C LYS C 159 23.66 20.59 -8.46
N VAL C 160 24.66 20.27 -7.65
CA VAL C 160 24.52 19.39 -6.50
C VAL C 160 25.18 20.07 -5.31
N ARG C 161 25.14 19.41 -4.16
CA ARG C 161 25.69 20.02 -2.95
C ARG C 161 27.16 20.34 -3.17
N PHE C 162 27.53 21.60 -2.93
CA PHE C 162 28.88 22.15 -3.02
C PHE C 162 29.43 22.25 -4.45
N SER C 163 28.62 21.99 -5.48
CA SER C 163 29.06 22.19 -6.86
C SER C 163 27.93 22.81 -7.67
N ASP C 164 28.06 24.10 -8.00
CA ASP C 164 27.07 24.83 -8.80
C ASP C 164 27.66 25.14 -10.17
N HIS C 165 27.79 24.09 -10.98
CA HIS C 165 28.35 24.27 -12.32
C HIS C 165 27.21 24.63 -13.26
N VAL C 166 26.84 25.91 -13.22
CA VAL C 166 25.81 26.50 -14.07
C VAL C 166 26.29 27.88 -14.50
N SER C 167 26.00 28.25 -15.74
CA SER C 167 26.34 29.56 -16.28
C SER C 167 25.07 30.27 -16.74
N ASP C 168 25.24 31.50 -17.24
CA ASP C 168 24.10 32.30 -17.65
C ASP C 168 23.45 31.78 -18.92
N ASN C 169 24.20 31.10 -19.78
CA ASN C 169 23.65 30.51 -21.00
C ASN C 169 23.15 29.08 -20.78
N THR C 170 23.16 28.59 -19.53
CA THR C 170 22.69 27.24 -19.26
C THR C 170 21.20 27.12 -19.56
N MET C 171 20.79 25.96 -20.07
CA MET C 171 19.41 25.75 -20.48
C MET C 171 18.80 24.50 -19.86
N VAL C 172 19.61 23.52 -19.49
CA VAL C 172 19.17 22.33 -18.79
C VAL C 172 19.96 22.21 -17.50
N LYS C 173 19.25 22.03 -16.39
CA LYS C 173 19.85 22.04 -15.05
C LYS C 173 19.58 20.69 -14.38
N LEU C 174 20.55 19.79 -14.42
CA LEU C 174 20.45 18.57 -13.62
C LEU C 174 20.76 18.86 -12.17
N MET C 175 20.20 18.04 -11.28
CA MET C 175 20.34 18.25 -9.85
C MET C 175 19.81 17.03 -9.12
N THR C 176 20.22 16.90 -7.87
CA THR C 176 19.60 15.93 -6.98
C THR C 176 18.25 16.46 -6.53
N ASP C 177 17.35 15.54 -6.18
CA ASP C 177 16.01 15.94 -5.78
C ASP C 177 16.02 16.90 -4.61
N GLY C 178 17.03 16.78 -3.73
CA GLY C 178 17.13 17.71 -2.61
C GLY C 178 17.50 19.12 -3.03
N ILE C 179 18.24 19.27 -4.14
CA ILE C 179 18.59 20.60 -4.62
C ILE C 179 17.34 21.39 -4.96
N LEU C 180 16.42 20.78 -5.71
CA LEU C 180 15.16 21.44 -6.01
C LEU C 180 14.39 21.77 -4.75
N LEU C 181 14.50 20.92 -3.72
CA LEU C 181 13.79 21.16 -2.47
C LEU C 181 14.32 22.40 -1.76
N ALA C 182 15.65 22.56 -1.70
CA ALA C 182 16.22 23.72 -1.04
C ALA C 182 15.81 25.02 -1.71
N GLU C 183 15.60 24.98 -3.03
CA GLU C 183 15.19 26.15 -3.80
C GLU C 183 13.73 26.52 -3.57
N ILE C 184 12.94 25.67 -2.89
CA ILE C 184 11.54 26.01 -2.65
C ILE C 184 11.43 27.20 -1.70
N GLN C 185 12.29 27.26 -0.68
CA GLN C 185 12.24 28.35 0.27
C GLN C 185 12.55 29.69 -0.38
N GLN C 186 13.54 29.72 -1.27
CA GLN C 186 13.90 30.98 -1.91
C GLN C 186 12.87 31.38 -2.95
N ASP C 187 12.34 30.40 -3.68
CA ASP C 187 11.43 30.61 -4.80
C ASP C 187 10.25 29.67 -4.62
N ARG C 188 9.22 30.13 -3.89
CA ARG C 188 8.08 29.26 -3.61
C ARG C 188 7.37 28.87 -4.89
N LEU C 189 7.35 29.76 -5.88
CA LEU C 189 6.69 29.48 -7.14
C LEU C 189 7.60 28.79 -8.15
N LEU C 190 8.88 28.56 -7.81
CA LEU C 190 9.83 27.95 -8.74
C LEU C 190 9.92 28.74 -10.05
N MET C 191 10.09 30.06 -9.91
CA MET C 191 10.17 30.94 -11.07
C MET C 191 11.42 30.73 -11.89
N GLN C 192 12.46 30.11 -11.32
CA GLN C 192 13.67 29.85 -12.09
C GLN C 192 13.44 28.90 -13.26
N TYR C 193 12.45 28.01 -13.15
CA TYR C 193 12.32 26.91 -14.10
C TYR C 193 11.11 27.09 -14.99
N ASP C 194 11.27 26.71 -16.25
CA ASP C 194 10.17 26.69 -17.21
C ASP C 194 9.53 25.31 -17.32
N THR C 195 10.28 24.25 -17.06
CA THR C 195 9.73 22.91 -17.04
C THR C 195 10.52 22.09 -16.04
N ILE C 196 9.87 21.10 -15.43
CA ILE C 196 10.52 20.20 -14.48
C ILE C 196 10.27 18.76 -14.90
N ILE C 197 11.35 18.00 -15.09
CA ILE C 197 11.29 16.58 -15.38
C ILE C 197 11.87 15.82 -14.20
N ILE C 198 11.05 14.96 -13.58
CA ILE C 198 11.43 14.18 -12.41
C ILE C 198 11.72 12.75 -12.82
N ASP C 199 12.95 12.31 -12.60
CA ASP C 199 13.46 11.03 -13.06
C ASP C 199 13.68 10.08 -11.90
N GLU C 200 13.75 8.79 -12.22
CA GLU C 200 13.91 7.73 -11.23
C GLU C 200 12.81 7.78 -10.17
N ALA C 201 11.58 8.04 -10.60
CA ALA C 201 10.48 8.12 -9.66
C ALA C 201 10.13 6.76 -9.06
N HIS C 202 10.57 5.67 -9.69
CA HIS C 202 10.30 4.34 -9.15
C HIS C 202 10.99 4.14 -7.81
N GLU C 203 12.10 4.84 -7.57
CA GLU C 203 12.79 4.71 -6.29
C GLU C 203 11.93 5.17 -5.13
N ARG C 204 10.96 6.03 -5.39
CA ARG C 204 9.97 6.45 -4.40
C ARG C 204 10.65 6.97 -3.12
N SER C 205 11.60 7.88 -3.31
CA SER C 205 12.31 8.46 -2.18
C SER C 205 11.41 9.45 -1.43
N LEU C 206 11.83 9.78 -0.21
CA LEU C 206 11.15 10.81 0.57
C LEU C 206 11.15 12.15 -0.17
N ASN C 207 12.30 12.53 -0.73
CA ASN C 207 12.36 13.76 -1.53
C ASN C 207 11.52 13.66 -2.81
N ILE C 208 11.53 12.50 -3.47
CA ILE C 208 10.76 12.35 -4.70
C ILE C 208 9.27 12.55 -4.44
N ASP C 209 8.75 11.86 -3.41
CA ASP C 209 7.33 11.97 -3.08
C ASP C 209 6.98 13.37 -2.61
N PHE C 210 7.84 14.01 -1.82
CA PHE C 210 7.54 15.35 -1.33
C PHE C 210 7.50 16.36 -2.49
N LEU C 211 8.38 16.19 -3.47
CA LEU C 211 8.35 17.04 -4.67
C LEU C 211 7.06 16.85 -5.45
N LEU C 212 6.59 15.61 -5.55
CA LEU C 212 5.35 15.33 -6.27
C LEU C 212 4.16 15.99 -5.60
N GLY C 213 4.24 16.22 -4.29
CA GLY C 213 3.17 16.89 -3.56
C GLY C 213 3.18 18.39 -3.79
N TYR C 214 4.35 19.02 -3.64
CA TYR C 214 4.44 20.46 -3.79
C TYR C 214 4.01 20.90 -5.18
N LEU C 215 4.35 20.09 -6.19
CA LEU C 215 4.02 20.43 -7.58
C LEU C 215 2.53 20.32 -7.85
N LYS C 216 1.85 19.35 -7.22
CA LYS C 216 0.40 19.28 -7.37
C LYS C 216 -0.26 20.56 -6.86
N GLU C 217 0.30 21.14 -5.81
CA GLU C 217 -0.24 22.39 -5.27
C GLU C 217 0.19 23.59 -6.11
N LEU C 218 1.36 23.52 -6.74
CA LEU C 218 1.93 24.64 -7.48
C LEU C 218 1.47 24.72 -8.93
N LEU C 219 0.96 23.62 -9.49
CA LEU C 219 0.50 23.65 -10.87
C LEU C 219 -0.61 24.66 -11.13
N PRO C 220 -1.61 24.85 -10.26
CA PRO C 220 -2.59 25.91 -10.51
C PRO C 220 -1.99 27.32 -10.51
N ARG C 221 -1.28 27.69 -9.45
CA ARG C 221 -0.78 29.07 -9.36
C ARG C 221 0.37 29.35 -10.31
N ARG C 222 0.67 28.49 -11.28
CA ARG C 222 1.72 28.71 -12.27
C ARG C 222 1.40 27.92 -13.54
N PRO C 223 0.50 28.41 -14.38
CA PRO C 223 0.06 27.63 -15.54
C PRO C 223 1.07 27.53 -16.67
N ASP C 224 2.00 28.48 -16.79
CA ASP C 224 2.92 28.48 -17.92
C ASP C 224 3.96 27.38 -17.87
N LEU C 225 4.14 26.71 -16.73
CA LEU C 225 5.15 25.67 -16.62
C LEU C 225 4.53 24.32 -16.99
N LYS C 226 5.39 23.43 -17.50
CA LYS C 226 4.99 22.07 -17.81
C LYS C 226 5.88 21.11 -17.04
N ILE C 227 5.33 19.96 -16.68
CA ILE C 227 6.03 19.00 -15.84
C ILE C 227 5.83 17.60 -16.43
N ILE C 228 6.92 16.83 -16.47
CA ILE C 228 6.88 15.44 -16.93
C ILE C 228 7.64 14.57 -15.93
N ILE C 229 7.12 13.39 -15.65
CA ILE C 229 7.72 12.46 -14.71
C ILE C 229 8.10 11.18 -15.46
N THR C 230 9.36 10.75 -15.30
CA THR C 230 9.87 9.59 -16.00
C THR C 230 10.44 8.57 -15.00
N SER C 231 10.29 7.30 -15.33
CA SER C 231 10.67 6.20 -14.44
C SER C 231 10.71 4.89 -15.21
N ALA C 232 10.80 3.78 -14.47
CA ALA C 232 10.77 2.44 -15.02
C ALA C 232 9.33 1.96 -15.21
N THR C 233 9.18 0.69 -15.58
CA THR C 233 7.88 0.10 -15.91
C THR C 233 7.12 -0.36 -14.67
N ILE C 234 7.41 0.25 -13.52
CA ILE C 234 6.81 -0.16 -12.25
C ILE C 234 5.83 0.91 -11.81
N ASP C 235 4.54 0.56 -11.79
CA ASP C 235 3.47 1.46 -11.33
C ASP C 235 3.48 2.80 -12.05
N PRO C 236 3.31 2.81 -13.38
CA PRO C 236 3.28 4.10 -14.09
C PRO C 236 1.97 4.86 -13.93
N GLU C 237 0.86 4.16 -13.72
CA GLU C 237 -0.45 4.80 -13.74
C GLU C 237 -0.75 5.60 -12.48
N ARG C 238 -0.06 5.34 -11.37
CA ARG C 238 -0.28 6.12 -10.16
C ARG C 238 -0.03 7.60 -10.39
N PHE C 239 1.08 7.92 -11.06
CA PHE C 239 1.43 9.32 -11.30
C PHE C 239 0.39 10.00 -12.18
N SER C 240 -0.12 9.29 -13.20
CA SER C 240 -1.16 9.86 -14.05
C SER C 240 -2.43 10.11 -13.27
N ARG C 241 -2.83 9.16 -12.44
CA ARG C 241 -3.98 9.36 -11.56
C ARG C 241 -3.74 10.53 -10.61
N HIS C 242 -2.50 10.69 -10.14
CA HIS C 242 -2.20 11.75 -9.18
C HIS C 242 -2.41 13.14 -9.80
N PHE C 243 -1.99 13.31 -11.06
CA PHE C 243 -2.11 14.59 -11.75
C PHE C 243 -3.27 14.48 -12.74
N ASN C 244 -4.48 14.62 -12.20
CA ASN C 244 -5.71 14.40 -12.95
C ASN C 244 -5.68 13.04 -13.66
N ASN C 245 -5.71 13.06 -15.00
CA ASN C 245 -5.66 11.88 -15.86
C ASN C 245 -4.55 12.13 -16.87
N ALA C 246 -3.33 12.23 -16.36
CA ALA C 246 -2.19 12.62 -17.18
C ALA C 246 -1.88 11.51 -18.18
N PRO C 247 -1.45 11.86 -19.39
CA PRO C 247 -1.11 10.83 -20.38
C PRO C 247 0.15 10.08 -19.98
N ILE C 248 0.21 8.81 -20.38
CA ILE C 248 1.36 7.95 -20.12
C ILE C 248 1.93 7.49 -21.46
N ILE C 249 3.25 7.38 -21.52
CA ILE C 249 3.97 6.90 -22.71
C ILE C 249 4.98 5.86 -22.28
N GLU C 250 4.94 4.70 -22.92
CA GLU C 250 5.85 3.60 -22.60
C GLU C 250 6.87 3.47 -23.72
N VAL C 251 8.13 3.29 -23.35
CA VAL C 251 9.24 3.23 -24.29
C VAL C 251 10.01 1.94 -24.05
N SER C 252 10.39 1.27 -25.14
CA SER C 252 11.07 0.00 -25.05
C SER C 252 12.45 0.18 -24.38
N GLY C 253 13.09 -0.93 -24.11
CA GLY C 253 14.44 -0.92 -23.56
C GLY C 253 15.34 -1.85 -24.35
N ARG C 254 16.61 -1.46 -24.44
CA ARG C 254 17.60 -2.26 -25.17
C ARG C 254 18.28 -3.18 -24.16
N THR C 255 17.79 -4.41 -24.08
CA THR C 255 18.39 -5.43 -23.21
C THR C 255 18.23 -6.79 -23.86
N TYR C 256 19.23 -7.64 -23.67
CA TYR C 256 19.09 -8.99 -24.20
C TYR C 256 18.18 -9.79 -23.28
N PRO C 257 17.47 -10.79 -23.81
CA PRO C 257 16.55 -11.55 -22.97
C PRO C 257 17.29 -12.25 -21.85
N VAL C 258 16.74 -12.19 -20.65
CA VAL C 258 17.29 -12.83 -19.46
C VAL C 258 16.33 -13.92 -19.01
N GLU C 259 16.88 -15.08 -18.68
CA GLU C 259 16.09 -16.23 -18.27
C GLU C 259 16.24 -16.45 -16.76
N VAL C 260 15.13 -16.76 -16.11
CA VAL C 260 15.07 -16.98 -14.66
C VAL C 260 15.01 -18.47 -14.39
N ARG C 261 15.72 -18.90 -13.35
CA ARG C 261 15.74 -20.30 -12.92
C ARG C 261 15.46 -20.31 -11.42
N TYR C 262 14.27 -20.78 -11.04
CA TYR C 262 13.89 -20.83 -9.63
C TYR C 262 14.42 -22.14 -9.07
N ARG C 263 15.47 -22.05 -8.25
CA ARG C 263 16.08 -23.24 -7.65
C ARG C 263 16.40 -22.96 -6.18
N PRO C 264 15.45 -23.22 -5.27
CA PRO C 264 15.68 -22.92 -3.85
C PRO C 264 16.45 -24.02 -3.15
N ILE C 265 16.14 -24.22 -1.87
CA ILE C 265 16.61 -25.33 -1.05
C ILE C 265 15.54 -25.79 -0.04
N ASP C 270 18.79 -27.79 4.83
CA ASP C 270 19.28 -28.13 6.17
C ASP C 270 18.71 -27.13 7.19
N ASP C 271 19.44 -26.86 8.28
CA ASP C 271 18.88 -26.13 9.41
C ASP C 271 19.76 -24.95 9.85
N THR C 272 20.49 -24.32 8.94
CA THR C 272 21.37 -23.23 9.35
C THR C 272 21.65 -22.30 8.18
N GLU C 273 22.24 -21.14 8.51
CA GLU C 273 22.71 -20.21 7.49
C GLU C 273 23.84 -20.80 6.67
N ARG C 274 24.64 -21.69 7.27
CA ARG C 274 25.73 -22.34 6.56
C ARG C 274 25.22 -23.27 5.47
N ASP C 275 23.97 -23.73 5.60
CA ASP C 275 23.35 -24.54 4.56
C ASP C 275 23.03 -23.72 3.33
N GLN C 276 22.59 -22.47 3.52
CA GLN C 276 22.28 -21.60 2.40
C GLN C 276 23.47 -21.39 1.47
N LEU C 277 24.69 -21.61 1.98
CA LEU C 277 25.88 -21.54 1.14
C LEU C 277 25.88 -22.60 0.05
N GLN C 278 25.61 -23.85 0.43
CA GLN C 278 25.56 -24.95 -0.55
C GLN C 278 24.53 -24.69 -1.64
N ALA C 279 23.49 -23.89 -1.35
CA ALA C 279 22.59 -23.43 -2.40
C ALA C 279 23.31 -22.58 -3.42
N ILE C 280 24.22 -21.72 -2.95
CA ILE C 280 25.02 -20.92 -3.86
C ILE C 280 26.08 -21.78 -4.53
N PHE C 281 26.70 -22.68 -3.77
CA PHE C 281 27.71 -23.57 -4.34
C PHE C 281 27.12 -24.39 -5.49
N ASP C 282 25.94 -24.98 -5.28
CA ASP C 282 25.30 -25.74 -6.35
C ASP C 282 24.92 -24.84 -7.52
N ALA C 283 24.57 -23.58 -7.25
CA ALA C 283 24.19 -22.67 -8.32
C ALA C 283 25.40 -22.27 -9.16
N VAL C 284 26.55 -22.07 -8.52
CA VAL C 284 27.76 -21.72 -9.25
C VAL C 284 28.22 -22.89 -10.13
N ASP C 285 28.06 -24.12 -9.65
CA ASP C 285 28.36 -25.28 -10.48
C ASP C 285 27.42 -25.34 -11.68
N GLU C 286 26.14 -25.02 -11.48
CA GLU C 286 25.19 -25.07 -12.58
C GLU C 286 25.50 -24.02 -13.65
N LEU C 287 25.84 -22.80 -13.24
CA LEU C 287 26.08 -21.76 -14.24
C LEU C 287 27.41 -21.95 -14.95
N SER C 288 28.44 -22.41 -14.22
CA SER C 288 29.74 -22.64 -14.84
C SER C 288 29.70 -23.77 -15.85
N GLN C 289 28.78 -24.74 -15.65
CA GLN C 289 28.58 -25.80 -16.63
C GLN C 289 27.99 -25.25 -17.92
N GLU C 290 27.20 -24.18 -17.83
CA GLU C 290 26.60 -23.55 -19.00
C GLU C 290 27.62 -22.73 -19.78
N SER C 291 28.40 -21.90 -19.07
CA SER C 291 29.47 -21.12 -19.67
C SER C 291 30.32 -20.52 -18.55
N HIS C 292 31.52 -20.08 -18.89
CA HIS C 292 32.46 -19.48 -17.96
C HIS C 292 32.39 -17.97 -18.08
N GLY C 293 32.20 -17.28 -16.97
CA GLY C 293 32.03 -15.84 -17.02
C GLY C 293 31.91 -15.26 -15.63
N ASP C 294 31.89 -13.93 -15.59
CA ASP C 294 31.77 -13.21 -14.33
C ASP C 294 30.37 -13.42 -13.73
N ILE C 295 30.31 -13.47 -12.40
CA ILE C 295 29.07 -13.74 -11.67
C ILE C 295 28.87 -12.63 -10.64
N LEU C 296 27.68 -12.04 -10.63
CA LEU C 296 27.30 -11.06 -9.62
C LEU C 296 26.37 -11.75 -8.64
N ILE C 297 26.79 -11.86 -7.38
CA ILE C 297 26.02 -12.53 -6.34
C ILE C 297 25.55 -11.47 -5.36
N PHE C 298 24.23 -11.33 -5.22
CA PHE C 298 23.67 -10.34 -4.32
C PHE C 298 23.77 -10.80 -2.88
N MET C 299 24.12 -9.87 -2.01
CA MET C 299 24.33 -10.15 -0.60
C MET C 299 23.58 -9.12 0.23
N SER C 300 23.18 -9.51 1.43
CA SER C 300 22.33 -8.66 2.25
C SER C 300 23.10 -7.89 3.32
N GLY C 301 24.34 -8.27 3.62
CA GLY C 301 25.09 -7.60 4.66
C GLY C 301 26.58 -7.78 4.47
N GLU C 302 27.34 -6.91 5.13
CA GLU C 302 28.80 -6.97 5.04
C GLU C 302 29.36 -8.19 5.76
N ARG C 303 28.78 -8.55 6.91
CA ARG C 303 29.20 -9.78 7.59
C ARG C 303 28.91 -11.01 6.74
N GLU C 304 27.85 -10.96 5.92
CA GLU C 304 27.57 -12.05 5.01
C GLU C 304 28.57 -12.09 3.85
N ILE C 305 29.09 -10.92 3.47
CA ILE C 305 30.09 -10.85 2.40
C ILE C 305 31.38 -11.54 2.85
N ARG C 306 31.93 -11.12 3.99
CA ARG C 306 33.23 -11.62 4.42
C ARG C 306 33.20 -13.13 4.65
N ASP C 307 32.12 -13.64 5.25
CA ASP C 307 31.99 -15.07 5.44
C ASP C 307 31.94 -15.80 4.10
N THR C 308 31.27 -15.20 3.11
CA THR C 308 31.19 -15.80 1.79
C THR C 308 32.51 -15.70 1.04
N ALA C 309 33.25 -14.60 1.23
CA ALA C 309 34.53 -14.44 0.53
C ALA C 309 35.55 -15.47 1.00
N ASP C 310 35.67 -15.65 2.32
CA ASP C 310 36.61 -16.65 2.83
C ASP C 310 36.18 -18.07 2.47
N ALA C 311 34.88 -18.31 2.30
CA ALA C 311 34.41 -19.66 1.98
C ALA C 311 34.79 -20.04 0.56
N LEU C 312 34.56 -19.14 -0.40
CA LEU C 312 34.89 -19.41 -1.79
C LEU C 312 36.40 -19.46 -2.01
N ASN C 313 37.16 -18.66 -1.27
CA ASN C 313 38.61 -18.66 -1.40
C ASN C 313 39.24 -19.95 -0.90
N LYS C 314 38.55 -20.73 -0.05
CA LYS C 314 39.08 -22.00 0.39
C LYS C 314 39.21 -22.98 -0.77
N LEU C 315 38.28 -22.93 -1.73
CA LEU C 315 38.37 -23.81 -2.90
C LEU C 315 39.60 -23.49 -3.73
N ASN C 316 40.01 -22.22 -3.77
CA ASN C 316 41.25 -21.78 -4.42
C ASN C 316 41.30 -22.18 -5.88
N LEU C 317 40.16 -22.12 -6.56
CA LEU C 317 40.13 -22.20 -8.01
C LEU C 317 40.89 -21.01 -8.58
N ARG C 318 41.95 -21.28 -9.35
CA ARG C 318 42.92 -20.23 -9.66
C ARG C 318 42.36 -19.20 -10.64
N HIS C 319 41.64 -19.66 -11.68
CA HIS C 319 41.19 -18.72 -12.70
C HIS C 319 40.21 -17.69 -12.16
N THR C 320 39.49 -18.01 -11.08
CA THR C 320 38.52 -17.10 -10.50
C THR C 320 39.17 -16.26 -9.42
N GLU C 321 38.76 -14.99 -9.32
CA GLU C 321 39.32 -14.04 -8.36
C GLU C 321 38.19 -13.41 -7.56
N ILE C 322 38.32 -13.42 -6.23
CA ILE C 322 37.28 -12.94 -5.33
C ILE C 322 37.42 -11.44 -5.11
N LEU C 323 36.35 -10.69 -5.37
CA LEU C 323 36.35 -9.25 -5.16
C LEU C 323 35.07 -8.79 -4.49
N PRO C 324 35.15 -8.08 -3.36
CA PRO C 324 33.95 -7.57 -2.70
C PRO C 324 33.57 -6.19 -3.19
N LEU C 325 32.29 -5.86 -3.03
CA LEU C 325 31.78 -4.54 -3.39
C LEU C 325 30.63 -4.15 -2.47
N TYR C 326 30.82 -3.10 -1.70
CA TYR C 326 29.80 -2.53 -0.83
C TYR C 326 30.07 -1.04 -0.69
N ALA C 327 29.10 -0.32 -0.14
CA ALA C 327 29.15 1.14 -0.14
C ALA C 327 30.35 1.66 0.64
N ARG C 328 30.62 1.08 1.82
CA ARG C 328 31.65 1.60 2.70
C ARG C 328 33.07 1.25 2.26
N LEU C 329 33.25 0.51 1.16
CA LEU C 329 34.58 0.13 0.71
C LEU C 329 35.40 1.34 0.29
N SER C 330 36.72 1.23 0.47
CA SER C 330 37.62 2.27 0.02
C SER C 330 37.47 2.46 -1.49
N ASN C 331 37.50 3.72 -1.92
CA ASN C 331 37.31 4.04 -3.34
C ASN C 331 38.32 3.30 -4.23
N SER C 332 39.54 3.08 -3.73
CA SER C 332 40.51 2.31 -4.51
C SER C 332 40.09 0.86 -4.66
N GLU C 333 39.84 0.17 -3.54
CA GLU C 333 39.41 -1.22 -3.60
C GLU C 333 38.03 -1.36 -4.24
N GLN C 334 37.19 -0.32 -4.12
CA GLN C 334 35.89 -0.34 -4.77
C GLN C 334 36.05 -0.28 -6.29
N ASN C 335 36.91 0.61 -6.77
CA ASN C 335 37.11 0.78 -8.20
C ASN C 335 37.81 -0.41 -8.85
N ARG C 336 38.32 -1.36 -8.06
CA ARG C 336 38.88 -2.56 -8.66
C ARG C 336 37.81 -3.39 -9.35
N VAL C 337 36.55 -3.29 -8.89
CA VAL C 337 35.49 -4.07 -9.50
C VAL C 337 35.26 -3.66 -10.94
N PHE C 338 35.53 -2.41 -11.27
CA PHE C 338 35.33 -1.91 -12.63
C PHE C 338 36.60 -1.96 -13.44
N GLN C 339 37.68 -2.49 -12.87
CA GLN C 339 38.92 -2.74 -13.60
C GLN C 339 38.75 -3.96 -14.49
N SER C 340 39.60 -4.03 -15.52
CA SER C 340 39.50 -5.08 -16.53
C SER C 340 39.64 -6.45 -15.92
N HIS C 341 38.66 -7.32 -16.20
CA HIS C 341 38.65 -8.70 -15.70
C HIS C 341 39.72 -9.48 -16.45
N SER C 342 40.91 -9.61 -15.85
CA SER C 342 42.02 -10.28 -16.51
C SER C 342 41.74 -11.77 -16.69
N GLY C 343 41.06 -12.38 -15.73
CA GLY C 343 40.73 -13.80 -15.75
C GLY C 343 39.23 -13.97 -15.65
N ARG C 344 38.78 -14.39 -14.47
CA ARG C 344 37.38 -14.51 -14.14
C ARG C 344 37.17 -13.76 -12.84
N ARG C 345 36.05 -13.05 -12.75
CA ARG C 345 35.76 -12.20 -11.60
C ARG C 345 34.44 -12.65 -10.98
N ILE C 346 34.45 -12.85 -9.67
CA ILE C 346 33.24 -13.11 -8.91
C ILE C 346 33.03 -11.93 -7.97
N VAL C 347 32.01 -11.13 -8.25
CA VAL C 347 31.74 -9.92 -7.48
C VAL C 347 30.61 -10.20 -6.50
N LEU C 348 30.93 -10.13 -5.21
CA LEU C 348 29.95 -10.30 -4.14
C LEU C 348 29.51 -8.91 -3.69
N ALA C 349 28.28 -8.52 -4.03
CA ALA C 349 27.83 -7.15 -3.87
C ALA C 349 26.51 -7.08 -3.11
N THR C 350 26.15 -5.86 -2.72
CA THR C 350 24.91 -5.58 -2.01
C THR C 350 23.98 -4.69 -2.82
N ASN C 351 23.11 -3.92 -2.14
CA ASN C 351 22.12 -3.10 -2.84
C ASN C 351 22.75 -2.11 -3.82
N VAL C 352 24.01 -1.72 -3.60
CA VAL C 352 24.67 -0.77 -4.49
C VAL C 352 24.60 -1.22 -5.94
N ALA C 353 24.71 -2.53 -6.17
CA ALA C 353 24.63 -3.07 -7.52
C ALA C 353 23.20 -3.17 -8.04
N GLU C 354 22.20 -2.87 -7.20
CA GLU C 354 20.81 -3.01 -7.61
C GLU C 354 20.21 -1.72 -8.16
N THR C 355 20.64 -0.57 -7.65
CA THR C 355 20.08 0.71 -8.08
C THR C 355 21.14 1.67 -8.61
N SER C 356 22.15 2.00 -7.81
CA SER C 356 23.05 3.10 -8.17
C SER C 356 24.12 2.65 -9.17
N LEU C 357 24.86 1.59 -8.86
CA LEU C 357 26.13 1.38 -9.54
C LEU C 357 25.97 0.75 -10.92
N THR C 358 25.20 -0.35 -11.01
CA THR C 358 25.12 -1.15 -12.24
C THR C 358 26.51 -1.67 -12.60
N VAL C 359 26.92 -2.78 -11.96
CA VAL C 359 28.26 -3.31 -12.12
C VAL C 359 28.45 -3.85 -13.54
N PRO C 360 29.55 -3.53 -14.22
CA PRO C 360 29.71 -3.92 -15.62
C PRO C 360 30.31 -5.32 -15.78
N GLY C 361 30.18 -5.83 -16.99
CA GLY C 361 30.72 -7.13 -17.33
C GLY C 361 30.14 -8.25 -16.48
N ILE C 362 28.82 -8.37 -16.47
CA ILE C 362 28.11 -9.36 -15.69
C ILE C 362 27.34 -10.26 -16.64
N LYS C 363 27.52 -11.57 -16.48
CA LYS C 363 26.81 -12.56 -17.29
C LYS C 363 25.80 -13.38 -16.49
N TYR C 364 26.06 -13.64 -15.21
CA TYR C 364 25.19 -14.45 -14.37
C TYR C 364 24.95 -13.74 -13.05
N VAL C 365 23.75 -13.95 -12.50
CA VAL C 365 23.35 -13.32 -11.25
C VAL C 365 22.69 -14.35 -10.34
N ILE C 366 23.04 -14.30 -9.06
CA ILE C 366 22.46 -15.17 -8.04
C ILE C 366 21.70 -14.29 -7.06
N ASP C 367 20.42 -14.56 -6.88
CA ASP C 367 19.54 -13.72 -6.07
C ASP C 367 19.04 -14.49 -4.85
N PRO C 368 19.65 -14.31 -3.68
CA PRO C 368 19.09 -14.92 -2.46
C PRO C 368 17.74 -14.36 -2.07
N GLY C 369 17.36 -13.19 -2.59
CA GLY C 369 16.04 -12.64 -2.32
C GLY C 369 15.89 -11.98 -0.98
N THR C 370 16.99 -11.67 -0.30
CA THR C 370 16.97 -11.04 1.01
C THR C 370 17.82 -9.77 0.97
N ALA C 371 17.34 -8.74 1.68
CA ALA C 371 18.09 -7.49 1.78
C ALA C 371 17.75 -6.81 3.09
N ARG C 372 18.71 -6.06 3.62
CA ARG C 372 18.52 -5.32 4.86
C ARG C 372 17.82 -4.00 4.58
N ILE C 373 16.74 -3.74 5.31
CA ILE C 373 15.88 -2.59 5.07
C ILE C 373 15.68 -1.83 6.38
N SER C 374 15.62 -0.50 6.30
CA SER C 374 15.49 0.37 7.46
C SER C 374 14.03 0.72 7.70
N ARG C 375 13.56 0.54 8.94
CA ARG C 375 12.17 0.75 9.30
C ARG C 375 12.07 1.46 10.64
N TYR C 376 11.14 2.42 10.74
CA TYR C 376 10.87 3.14 11.98
C TYR C 376 9.37 3.08 12.27
N SER C 377 8.99 2.34 13.30
CA SER C 377 7.59 2.22 13.69
C SER C 377 7.19 3.36 14.62
N TYR C 378 5.89 3.46 14.88
CA TYR C 378 5.40 4.53 15.76
C TYR C 378 5.47 4.16 17.23
N ARG C 379 5.48 2.86 17.56
CA ARG C 379 5.47 2.45 18.95
C ARG C 379 6.85 2.07 19.46
N THR C 380 7.60 1.27 18.70
CA THR C 380 8.96 0.95 19.15
C THR C 380 9.85 2.18 19.16
N LYS C 381 9.58 3.15 18.26
CA LYS C 381 10.25 4.44 18.22
C LYS C 381 11.78 4.33 18.10
N VAL C 382 12.26 3.26 17.48
CA VAL C 382 13.69 3.00 17.35
C VAL C 382 13.98 2.62 15.91
N GLN C 383 15.16 2.98 15.44
CA GLN C 383 15.58 2.61 14.10
C GLN C 383 15.87 1.12 14.04
N ARG C 384 15.36 0.45 13.01
CA ARG C 384 15.28 -1.00 12.97
C ARG C 384 15.73 -1.49 11.60
N LEU C 385 16.63 -2.49 11.59
CA LEU C 385 17.21 -3.05 10.37
C LEU C 385 16.95 -4.55 10.29
N PRO C 386 15.75 -4.97 9.90
CA PRO C 386 15.49 -6.40 9.75
C PRO C 386 15.94 -6.93 8.39
N ILE C 387 16.15 -8.25 8.35
CA ILE C 387 16.45 -8.96 7.11
C ILE C 387 15.13 -9.51 6.59
N GLU C 388 14.64 -8.95 5.49
CA GLU C 388 13.33 -9.31 4.97
C GLU C 388 13.44 -9.82 3.54
N PRO C 389 12.46 -10.60 3.08
CA PRO C 389 12.40 -10.92 1.65
C PRO C 389 12.12 -9.67 0.85
N ILE C 390 12.82 -9.53 -0.27
CA ILE C 390 12.72 -8.35 -1.12
C ILE C 390 11.40 -8.41 -1.87
N SER C 391 11.02 -7.30 -2.48
CA SER C 391 9.76 -7.25 -3.20
C SER C 391 9.93 -7.88 -4.59
N GLN C 392 8.79 -8.04 -5.28
CA GLN C 392 8.83 -8.55 -6.65
C GLN C 392 9.63 -7.61 -7.54
N ALA C 393 9.39 -6.30 -7.42
CA ALA C 393 10.07 -5.33 -8.26
C ALA C 393 11.57 -5.33 -8.00
N SER C 394 11.99 -5.53 -6.74
CA SER C 394 13.41 -5.53 -6.44
C SER C 394 14.12 -6.73 -7.07
N ALA C 395 13.49 -7.90 -7.06
CA ALA C 395 14.04 -9.06 -7.76
C ALA C 395 14.06 -8.85 -9.27
N ASN C 396 13.00 -8.24 -9.81
CA ASN C 396 12.95 -7.98 -11.25
C ASN C 396 14.02 -6.97 -11.65
N GLN C 397 14.32 -6.03 -10.75
CA GLN C 397 15.45 -5.13 -10.96
C GLN C 397 16.78 -5.85 -10.81
N ARG C 398 16.86 -6.77 -9.83
CA ARG C 398 18.07 -7.53 -9.59
C ARG C 398 18.45 -8.40 -10.79
N LYS C 399 17.47 -9.09 -11.41
CA LYS C 399 17.82 -9.95 -12.55
C LYS C 399 18.31 -9.12 -13.74
N GLY C 400 17.79 -7.91 -13.93
CA GLY C 400 18.15 -7.12 -15.08
C GLY C 400 19.59 -6.63 -15.08
N ARG C 401 20.28 -6.74 -13.94
CA ARG C 401 21.65 -6.26 -13.83
C ARG C 401 22.67 -7.18 -14.49
N CYS C 402 22.22 -8.20 -15.21
CA CYS C 402 23.09 -9.17 -15.86
C CYS C 402 22.90 -9.29 -17.35
N GLY C 403 21.84 -8.71 -17.92
CA GLY C 403 21.49 -8.82 -19.31
C GLY C 403 22.07 -7.80 -20.28
N ARG C 404 22.98 -6.94 -19.81
CA ARG C 404 23.36 -5.77 -20.59
C ARG C 404 24.10 -6.12 -21.87
N VAL C 405 25.22 -6.84 -21.76
CA VAL C 405 26.14 -7.01 -22.88
C VAL C 405 25.89 -8.29 -23.66
N SER C 406 25.65 -9.41 -22.96
CA SER C 406 25.42 -10.69 -23.60
C SER C 406 24.17 -11.33 -23.00
N GLU C 407 23.73 -12.41 -23.65
CA GLU C 407 22.65 -13.22 -23.12
C GLU C 407 22.94 -13.61 -21.66
N GLY C 408 21.93 -13.45 -20.81
CA GLY C 408 22.16 -13.71 -19.40
C GLY C 408 21.21 -14.73 -18.82
N ILE C 409 21.54 -15.26 -17.64
CA ILE C 409 20.69 -16.17 -16.89
C ILE C 409 20.62 -15.66 -15.46
N CYS C 410 19.44 -15.80 -14.83
CA CYS C 410 19.25 -15.38 -13.45
C CYS C 410 18.81 -16.58 -12.61
N ILE C 411 19.56 -16.85 -11.54
CA ILE C 411 19.25 -17.94 -10.62
C ILE C 411 18.60 -17.32 -9.39
N ARG C 412 17.38 -17.76 -9.07
CA ARG C 412 16.64 -17.27 -7.93
C ARG C 412 16.59 -18.39 -6.89
N LEU C 413 17.16 -18.13 -5.72
CA LEU C 413 17.25 -19.15 -4.66
C LEU C 413 16.00 -19.18 -3.80
N TYR C 414 14.83 -19.25 -4.44
CA TYR C 414 13.57 -19.36 -3.73
C TYR C 414 12.51 -19.89 -4.70
N SER C 415 11.39 -20.32 -4.13
CA SER C 415 10.32 -20.92 -4.91
C SER C 415 9.53 -19.86 -5.66
N GLU C 416 8.93 -20.28 -6.79
CA GLU C 416 8.08 -19.37 -7.54
C GLU C 416 6.85 -18.96 -6.72
N ASP C 417 6.34 -19.87 -5.87
CA ASP C 417 5.24 -19.51 -4.98
C ASP C 417 5.65 -18.39 -4.03
N ASP C 418 6.91 -18.37 -3.61
CA ASP C 418 7.42 -17.27 -2.79
C ASP C 418 7.38 -15.95 -3.55
N PHE C 419 7.79 -15.95 -4.81
CA PHE C 419 7.82 -14.73 -5.62
C PHE C 419 6.43 -14.11 -5.74
N LEU C 420 5.42 -14.93 -6.08
CA LEU C 420 4.07 -14.42 -6.21
C LEU C 420 3.46 -14.02 -4.88
N SER C 421 3.94 -14.59 -3.77
CA SER C 421 3.45 -14.19 -2.45
C SER C 421 4.05 -12.88 -1.97
N ARG C 422 5.19 -12.47 -2.51
CA ARG C 422 5.85 -11.25 -2.05
C ARG C 422 5.11 -10.03 -2.59
N PRO C 423 5.19 -8.90 -1.89
CA PRO C 423 4.53 -7.68 -2.38
C PRO C 423 5.09 -7.26 -3.73
N GLU C 424 4.24 -6.62 -4.53
CA GLU C 424 4.68 -6.17 -5.86
C GLU C 424 5.75 -5.10 -5.77
N PHE C 425 5.60 -4.15 -4.85
CA PHE C 425 6.51 -3.03 -4.73
C PHE C 425 6.97 -2.90 -3.29
N THR C 426 8.20 -2.40 -3.12
CA THR C 426 8.74 -2.16 -1.80
C THR C 426 8.12 -0.90 -1.19
N ASP C 427 8.02 -0.88 0.13
CA ASP C 427 7.33 0.19 0.84
C ASP C 427 8.01 1.54 0.62
N PRO C 428 7.26 2.59 0.23
CA PRO C 428 7.84 3.93 0.09
C PRO C 428 8.46 4.41 1.39
N GLU C 429 9.41 5.35 1.24
CA GLU C 429 10.23 5.77 2.36
C GLU C 429 9.43 6.47 3.45
N ILE C 430 8.32 7.14 3.10
CA ILE C 430 7.53 7.85 4.10
C ILE C 430 6.96 6.86 5.12
N LEU C 431 6.78 5.61 4.72
CA LEU C 431 6.13 4.62 5.57
C LEU C 431 7.05 4.06 6.64
N ARG C 432 8.37 4.18 6.49
CA ARG C 432 9.28 3.46 7.38
C ARG C 432 10.38 4.34 7.99
N THR C 433 10.30 5.66 7.85
CA THR C 433 11.23 6.57 8.53
C THR C 433 10.47 7.58 9.37
N ASN C 434 11.18 8.22 10.31
CA ASN C 434 10.56 9.26 11.13
C ASN C 434 10.29 10.51 10.30
N LEU C 435 9.12 11.10 10.50
CA LEU C 435 8.68 12.24 9.72
C LEU C 435 9.02 13.56 10.40
N ALA C 436 9.98 13.56 11.32
CA ALA C 436 10.32 14.77 12.06
C ALA C 436 10.90 15.85 11.14
N SER C 437 11.92 15.49 10.36
CA SER C 437 12.51 16.45 9.44
C SER C 437 11.56 16.83 8.32
N VAL C 438 10.68 15.90 7.93
CA VAL C 438 9.74 16.17 6.85
C VAL C 438 8.76 17.27 7.25
N ILE C 439 8.11 17.11 8.40
CA ILE C 439 7.08 18.06 8.80
C ILE C 439 7.69 19.40 9.21
N LEU C 440 8.91 19.39 9.75
CA LEU C 440 9.54 20.65 10.14
C LEU C 440 9.72 21.55 8.93
N GLN C 441 10.27 21.01 7.84
CA GLN C 441 10.39 21.81 6.63
C GLN C 441 9.02 22.15 6.06
N MET C 442 8.05 21.26 6.21
CA MET C 442 6.70 21.53 5.68
C MET C 442 6.06 22.71 6.38
N THR C 443 6.07 22.71 7.72
CA THR C 443 5.52 23.84 8.47
C THR C 443 6.36 25.10 8.30
N ALA C 444 7.64 24.96 7.98
CA ALA C 444 8.47 26.13 7.70
C ALA C 444 7.98 26.89 6.47
N LEU C 445 7.45 26.17 5.49
CA LEU C 445 6.93 26.77 4.27
C LEU C 445 5.48 27.23 4.41
N GLY C 446 4.89 27.08 5.58
CA GLY C 446 3.49 27.41 5.80
C GLY C 446 2.53 26.27 5.52
N LEU C 447 3.03 25.05 5.35
CA LEU C 447 2.19 23.89 5.08
C LEU C 447 2.02 23.08 6.36
N GLY C 448 1.32 23.69 7.32
CA GLY C 448 1.19 23.08 8.64
C GLY C 448 0.28 21.87 8.64
N ASP C 449 -0.83 21.94 7.90
CA ASP C 449 -1.81 20.86 7.86
C ASP C 449 -1.28 19.69 7.04
N ILE C 450 -0.60 18.74 7.70
CA ILE C 450 0.01 17.64 6.97
C ILE C 450 -1.04 16.72 6.38
N ALA C 451 -2.24 16.68 6.97
CA ALA C 451 -3.32 15.90 6.39
C ALA C 451 -3.88 16.57 5.14
N ALA C 452 -3.80 17.89 5.06
CA ALA C 452 -4.29 18.62 3.89
C ALA C 452 -3.29 18.62 2.75
N PHE C 453 -2.03 18.31 3.02
CA PHE C 453 -1.02 18.31 1.97
C PHE C 453 -1.35 17.20 0.98
N PRO C 454 -1.38 17.49 -0.33
CA PRO C 454 -1.80 16.48 -1.33
C PRO C 454 -0.72 15.44 -1.63
N PHE C 455 -0.56 14.51 -0.69
CA PHE C 455 0.38 13.42 -0.86
C PHE C 455 -0.08 12.47 -1.98
N VAL C 456 0.90 11.83 -2.62
CA VAL C 456 0.57 10.77 -3.57
C VAL C 456 0.24 9.47 -2.82
N GLU C 457 0.83 9.28 -1.64
CA GLU C 457 0.46 8.16 -0.76
C GLU C 457 0.64 8.65 0.67
N ALA C 458 -0.47 8.96 1.35
CA ALA C 458 -0.40 9.53 2.68
C ALA C 458 0.05 8.49 3.70
N PRO C 459 0.90 8.86 4.65
CA PRO C 459 1.32 7.91 5.68
C PRO C 459 0.29 7.81 6.80
N ASP C 460 0.50 6.85 7.68
CA ASP C 460 -0.39 6.66 8.81
C ASP C 460 -0.27 7.84 9.76
N LYS C 461 -1.41 8.35 10.23
CA LYS C 461 -1.42 9.53 11.08
C LYS C 461 -0.69 9.29 12.39
N ARG C 462 -0.44 8.03 12.75
CA ARG C 462 0.34 7.74 13.95
C ARG C 462 1.79 8.18 13.78
N ASN C 463 2.40 7.81 12.64
CA ASN C 463 3.78 8.22 12.38
C ASN C 463 3.92 9.74 12.37
N ILE C 464 2.93 10.44 11.82
CA ILE C 464 3.01 11.90 11.71
C ILE C 464 3.15 12.53 13.09
N GLN C 465 2.27 12.16 14.02
CA GLN C 465 2.35 12.74 15.36
C GLN C 465 3.63 12.33 16.07
N ASP C 466 4.13 11.12 15.78
CA ASP C 466 5.44 10.72 16.31
C ASP C 466 6.52 11.72 15.90
N GLY C 467 6.51 12.16 14.64
CA GLY C 467 7.42 13.21 14.24
C GLY C 467 7.17 14.52 14.97
N VAL C 468 5.89 14.89 15.12
CA VAL C 468 5.55 16.10 15.87
C VAL C 468 6.09 16.01 17.29
N ARG C 469 6.00 14.83 17.89
CA ARG C 469 6.51 14.65 19.25
C ARG C 469 8.01 14.91 19.31
N LEU C 470 8.77 14.40 18.34
CA LEU C 470 10.21 14.61 18.34
C LEU C 470 10.55 16.08 18.15
N LEU C 471 9.75 16.81 17.38
CA LEU C 471 9.96 18.25 17.23
C LEU C 471 9.72 18.98 18.54
N GLU C 472 8.67 18.59 19.26
CA GLU C 472 8.42 19.16 20.59
C GLU C 472 9.55 18.81 21.56
N GLU C 473 10.14 17.62 21.43
CA GLU C 473 11.30 17.26 22.25
C GLU C 473 12.45 18.23 22.02
N LEU C 474 12.56 18.79 20.82
CA LEU C 474 13.58 19.76 20.49
C LEU C 474 13.12 21.20 20.68
N GLY C 475 11.84 21.42 20.97
CA GLY C 475 11.36 22.77 21.14
C GLY C 475 11.10 23.48 19.84
N ALA C 476 10.80 22.74 18.79
CA ALA C 476 10.70 23.29 17.43
C ALA C 476 9.29 23.67 17.03
N ILE C 477 8.27 23.04 17.60
CA ILE C 477 6.90 23.20 17.12
C ILE C 477 5.96 23.44 18.29
N THR C 478 4.86 24.15 18.01
CA THR C 478 3.73 24.33 18.92
C THR C 478 2.45 24.37 18.11
N THR C 479 1.33 24.15 18.79
CA THR C 479 0.01 24.22 18.16
C THR C 479 -0.23 25.56 17.46
N TYR C 486 0.06 23.69 12.39
CA TYR C 486 1.07 24.00 13.40
C TYR C 486 1.77 25.32 13.16
N LYS C 487 2.27 25.91 14.25
CA LYS C 487 3.10 27.10 14.18
C LYS C 487 4.38 26.81 14.96
N LEU C 488 5.52 27.05 14.33
CA LEU C 488 6.79 26.63 14.90
C LEU C 488 7.44 27.76 15.70
N THR C 489 8.34 27.36 16.59
CA THR C 489 9.05 28.27 17.47
C THR C 489 10.17 29.00 16.75
N PRO C 490 10.63 30.13 17.29
CA PRO C 490 11.83 30.78 16.73
C PRO C 490 13.00 29.82 16.58
N LEU C 491 13.16 28.90 17.53
CA LEU C 491 14.19 27.88 17.42
C LEU C 491 13.83 26.84 16.38
N GLY C 492 12.53 26.65 16.12
CA GLY C 492 12.11 25.77 15.04
C GLY C 492 12.53 26.27 13.68
N ARG C 493 12.48 27.60 13.47
CA ARG C 493 12.98 28.18 12.23
C ARG C 493 14.46 27.87 12.03
N GLN C 494 15.27 28.10 13.06
CA GLN C 494 16.70 27.88 12.95
C GLN C 494 17.03 26.42 12.65
N LEU C 495 16.26 25.50 13.23
CA LEU C 495 16.39 24.10 12.87
C LEU C 495 16.19 23.89 11.37
N SER C 496 15.27 24.65 10.77
CA SER C 496 15.02 24.54 9.33
C SER C 496 16.14 25.16 8.51
N GLN C 497 16.82 26.17 9.03
CA GLN C 497 17.88 26.84 8.29
C GLN C 497 19.16 26.01 8.23
N LEU C 498 19.33 25.00 9.12
CA LEU C 498 20.52 24.17 9.11
C LEU C 498 20.28 22.91 8.28
N PRO C 499 21.21 22.54 7.38
CA PRO C 499 20.99 21.43 6.45
C PRO C 499 21.44 20.09 7.02
N VAL C 500 21.02 19.79 8.24
CA VAL C 500 21.41 18.58 8.94
C VAL C 500 20.18 18.02 9.65
N ASP C 501 20.35 16.85 10.26
CA ASP C 501 19.27 16.20 10.99
C ASP C 501 18.73 17.10 12.10
N PRO C 502 17.41 17.11 12.33
CA PRO C 502 16.86 18.02 13.35
C PRO C 502 17.45 17.85 14.74
N ARG C 503 17.66 16.61 15.19
CA ARG C 503 18.30 16.39 16.47
C ARG C 503 19.68 17.04 16.51
N LEU C 504 20.47 16.84 15.44
CA LEU C 504 21.81 17.42 15.40
C LEU C 504 21.75 18.93 15.29
N ALA C 505 20.78 19.45 14.53
CA ALA C 505 20.62 20.89 14.44
C ALA C 505 20.34 21.51 15.81
N ARG C 506 19.55 20.82 16.64
CA ARG C 506 19.22 21.36 17.96
C ARG C 506 20.47 21.48 18.84
N MET C 507 21.35 20.48 18.79
CA MET C 507 22.53 20.54 19.64
C MET C 507 23.49 21.64 19.19
N VAL C 508 23.48 21.97 17.90
CA VAL C 508 24.24 23.13 17.45
C VAL C 508 23.68 24.40 18.07
N LEU C 509 22.36 24.49 18.22
CA LEU C 509 21.73 25.68 18.78
C LEU C 509 21.98 25.79 20.29
N GLU C 510 21.69 24.71 21.04
CA GLU C 510 21.99 24.71 22.48
C GLU C 510 23.47 24.90 22.75
N ALA C 511 24.33 24.60 21.77
CA ALA C 511 25.77 24.77 21.96
C ALA C 511 26.14 26.21 22.24
N GLN C 512 25.26 27.16 21.89
CA GLN C 512 25.57 28.57 22.09
C GLN C 512 25.46 28.96 23.56
N LYS C 513 24.56 28.31 24.32
CA LYS C 513 24.44 28.57 25.74
C LYS C 513 25.74 28.29 26.48
N HIS C 514 26.51 27.32 26.00
CA HIS C 514 27.79 26.95 26.58
C HIS C 514 28.91 27.33 25.63
N GLY C 515 30.15 27.10 26.05
CA GLY C 515 31.29 27.57 25.29
C GLY C 515 31.78 26.65 24.19
N CYS C 516 30.86 25.96 23.50
CA CYS C 516 31.22 24.86 22.60
C CYS C 516 30.43 24.93 21.29
N VAL C 517 30.69 25.96 20.49
CA VAL C 517 30.01 26.06 19.21
C VAL C 517 30.84 25.44 18.08
N ARG C 518 32.17 25.60 18.16
CA ARG C 518 33.06 24.96 17.20
C ARG C 518 32.94 23.45 17.30
N GLU C 519 33.15 22.91 18.51
CA GLU C 519 33.07 21.46 18.70
C GLU C 519 31.72 20.91 18.29
N ALA C 520 30.64 21.63 18.59
CA ALA C 520 29.31 21.13 18.24
C ALA C 520 29.14 21.02 16.73
N MET C 521 29.68 21.99 15.99
CA MET C 521 29.61 21.91 14.53
C MET C 521 30.49 20.78 14.00
N ILE C 522 31.64 20.54 14.61
CA ILE C 522 32.51 19.45 14.18
C ILE C 522 31.82 18.11 14.40
N ILE C 523 31.23 17.92 15.58
CA ILE C 523 30.59 16.66 15.92
C ILE C 523 29.37 16.42 15.04
N THR C 524 28.49 17.42 14.92
CA THR C 524 27.26 17.24 14.16
C THR C 524 27.55 17.00 12.68
N SER C 525 28.52 17.72 12.11
CA SER C 525 28.90 17.47 10.73
C SER C 525 29.36 16.03 10.56
N ALA C 526 30.16 15.53 11.49
CA ALA C 526 30.69 14.18 11.39
C ALA C 526 29.58 13.14 11.44
N LEU C 527 28.58 13.34 12.30
CA LEU C 527 27.45 12.43 12.40
C LEU C 527 26.50 12.54 11.22
N SER C 528 26.78 13.44 10.27
CA SER C 528 25.93 13.65 9.12
C SER C 528 26.41 12.89 7.89
N ILE C 529 27.49 12.11 8.01
CA ILE C 529 28.06 11.33 6.93
C ILE C 529 28.31 9.92 7.44
N GLN C 530 28.66 9.03 6.50
CA GLN C 530 29.22 7.74 6.88
C GLN C 530 30.59 7.98 7.52
N ASP C 531 30.91 7.15 8.50
CA ASP C 531 32.12 7.37 9.30
C ASP C 531 33.34 7.45 8.38
N PRO C 532 34.04 8.58 8.35
CA PRO C 532 35.19 8.69 7.44
C PRO C 532 36.32 7.74 7.76
N ARG C 533 36.49 7.35 9.03
CA ARG C 533 37.46 6.33 9.34
C ARG C 533 36.92 4.97 8.93
N GLU C 534 37.69 4.24 8.12
CA GLU C 534 37.27 2.99 7.52
C GLU C 534 38.09 1.84 8.10
N ARG C 535 37.42 0.71 8.36
CA ARG C 535 38.03 -0.50 8.89
C ARG C 535 37.89 -1.61 7.86
N PRO C 536 38.89 -1.81 7.00
CA PRO C 536 38.78 -2.81 5.94
C PRO C 536 38.78 -4.24 6.47
N MET C 537 38.33 -5.15 5.62
CA MET C 537 38.20 -6.55 6.01
C MET C 537 39.55 -7.18 6.34
N ASP C 538 40.55 -6.95 5.50
CA ASP C 538 41.92 -7.34 5.83
C ASP C 538 42.59 -6.23 6.62
N LYS C 539 43.59 -6.62 7.41
CA LYS C 539 44.30 -5.69 8.30
C LYS C 539 43.31 -4.98 9.23
N GLN C 540 42.42 -5.76 9.85
CA GLN C 540 41.43 -5.17 10.75
C GLN C 540 42.08 -4.55 11.97
N GLN C 541 43.06 -5.23 12.57
CA GLN C 541 43.72 -4.66 13.74
C GLN C 541 44.59 -3.48 13.35
N ALA C 542 45.24 -3.54 12.19
CA ALA C 542 46.16 -2.49 11.78
C ALA C 542 45.45 -1.14 11.67
N SER C 543 44.25 -1.13 11.07
CA SER C 543 43.48 0.11 11.00
C SER C 543 43.07 0.57 12.40
N ASP C 544 42.74 -0.37 13.28
CA ASP C 544 42.25 -0.03 14.62
C ASP C 544 43.32 0.66 15.46
N GLU C 545 44.60 0.24 15.38
CA GLU C 545 45.60 1.01 16.11
C GLU C 545 45.72 2.42 15.55
N LYS C 546 45.39 2.62 14.28
CA LYS C 546 45.41 3.98 13.72
C LYS C 546 44.15 4.75 14.11
N HIS C 547 43.00 4.09 14.19
CA HIS C 547 41.78 4.79 14.57
C HIS C 547 41.74 5.09 16.06
N ARG C 548 42.36 4.25 16.89
CA ARG C 548 42.45 4.49 18.32
C ARG C 548 43.46 5.57 18.67
N ARG C 549 44.05 6.25 17.69
CA ARG C 549 44.98 7.33 17.98
C ARG C 549 44.24 8.54 18.55
N PHE C 550 43.00 8.75 18.13
CA PHE C 550 42.21 9.91 18.51
C PHE C 550 41.06 9.53 19.42
N HIS C 551 40.88 8.24 19.68
CA HIS C 551 39.86 7.80 20.63
C HIS C 551 40.10 8.44 21.99
N ASP C 552 39.01 8.69 22.70
CA ASP C 552 39.08 9.30 24.01
C ASP C 552 38.33 8.45 25.02
N LYS C 553 38.88 8.37 26.24
CA LYS C 553 38.23 7.61 27.28
C LYS C 553 36.90 8.28 27.64
N GLU C 554 35.86 7.46 27.78
CA GLU C 554 34.52 7.87 28.18
C GLU C 554 33.88 8.91 27.25
N SER C 555 34.46 9.17 26.09
CA SER C 555 33.82 10.04 25.11
C SER C 555 34.10 9.53 23.71
N ASP C 556 33.08 8.98 23.06
CA ASP C 556 33.16 8.65 21.63
C ASP C 556 33.05 9.89 20.76
N PHE C 557 32.27 10.88 21.21
CA PHE C 557 32.03 12.06 20.39
C PHE C 557 33.29 12.90 20.23
N LEU C 558 34.05 13.07 21.30
CA LEU C 558 35.26 13.89 21.24
C LEU C 558 36.33 13.31 20.32
N ALA C 559 36.26 12.00 20.02
CA ALA C 559 37.21 11.40 19.09
C ALA C 559 37.18 12.10 17.74
N PHE C 560 36.00 12.55 17.30
CA PHE C 560 35.90 13.30 16.06
C PHE C 560 36.65 14.63 16.14
N VAL C 561 36.56 15.32 17.28
CA VAL C 561 37.29 16.58 17.43
C VAL C 561 38.79 16.35 17.31
N ASN C 562 39.31 15.32 17.99
CA ASN C 562 40.73 15.03 17.92
C ASN C 562 41.14 14.66 16.51
N LEU C 563 40.36 13.80 15.85
CA LEU C 563 40.64 13.46 14.46
C LEU C 563 40.59 14.69 13.55
N TRP C 564 39.70 15.63 13.85
CA TRP C 564 39.54 16.83 13.03
C TRP C 564 40.78 17.71 13.05
N ASN C 565 41.33 17.98 14.24
CA ASN C 565 42.52 18.83 14.31
C ASN C 565 43.71 18.17 13.64
N TYR C 566 43.83 16.85 13.75
CA TYR C 566 44.90 16.13 13.07
C TYR C 566 44.81 16.34 11.57
N LEU C 567 43.63 16.08 10.99
CA LEU C 567 43.46 16.26 9.56
C LEU C 567 43.56 17.72 9.17
N GLY C 568 43.12 18.63 10.04
CA GLY C 568 43.26 20.05 9.75
C GLY C 568 44.72 20.49 9.77
N GLU C 569 45.51 19.93 10.67
CA GLU C 569 46.93 20.28 10.74
C GLU C 569 47.71 19.66 9.57
N GLN C 570 47.41 18.40 9.22
CA GLN C 570 48.14 17.75 8.14
C GLN C 570 47.72 18.23 6.76
N GLN C 571 46.50 18.70 6.58
CA GLN C 571 46.09 19.18 5.27
C GLN C 571 46.80 20.49 4.93
N LYS C 572 46.96 21.37 5.91
CA LYS C 572 47.60 22.66 5.68
C LYS C 572 49.12 22.58 5.64
N ALA C 573 49.72 21.59 6.30
CA ALA C 573 51.17 21.47 6.38
C ALA C 573 51.79 20.85 5.12
N LEU C 574 51.23 19.73 4.65
CA LEU C 574 51.77 18.99 3.52
C LEU C 574 50.87 19.08 2.30
N SER C 575 51.36 18.52 1.19
CA SER C 575 50.76 18.77 -0.11
C SER C 575 49.45 18.02 -0.28
N SER C 576 48.79 18.27 -1.42
CA SER C 576 47.51 17.63 -1.70
C SER C 576 47.69 16.15 -2.06
N ASN C 577 48.75 15.82 -2.80
CA ASN C 577 48.98 14.42 -3.15
C ASN C 577 49.49 13.64 -1.96
N ALA C 578 50.30 14.27 -1.11
CA ALA C 578 50.76 13.63 0.12
C ALA C 578 49.64 13.46 1.12
N PHE C 579 48.61 14.29 1.02
CA PHE C 579 47.47 14.18 1.93
C PHE C 579 46.62 12.98 1.59
N ARG C 580 46.31 12.78 0.30
CA ARG C 580 45.51 11.63 -0.08
C ARG C 580 46.19 10.32 0.28
N ARG C 581 47.52 10.28 0.20
CA ARG C 581 48.26 9.12 0.67
C ARG C 581 48.20 9.01 2.20
N LEU C 582 48.33 10.15 2.90
CA LEU C 582 48.23 10.11 4.36
C LEU C 582 46.85 9.66 4.81
N CYS C 583 45.81 9.96 4.04
CA CYS C 583 44.49 9.42 4.35
C CYS C 583 44.43 7.92 4.08
N ARG C 584 45.20 7.43 3.10
CA ARG C 584 45.29 5.99 2.89
C ARG C 584 45.98 5.30 4.07
N THR C 585 47.12 5.83 4.50
CA THR C 585 47.91 5.19 5.56
C THR C 585 47.25 5.27 6.92
N ASP C 586 46.23 6.11 7.09
CA ASP C 586 45.47 6.16 8.33
C ASP C 586 44.06 5.62 8.17
N TYR C 587 43.76 4.98 7.04
CA TYR C 587 42.49 4.31 6.80
C TYR C 587 41.32 5.29 6.92
N LEU C 588 41.40 6.36 6.13
CA LEU C 588 40.43 7.44 6.13
C LEU C 588 40.01 7.70 4.69
N ASN C 589 38.70 7.65 4.42
CA ASN C 589 38.20 7.97 3.09
C ASN C 589 38.37 9.46 2.80
N TYR C 590 39.28 9.77 1.87
CA TYR C 590 39.54 11.17 1.54
C TYR C 590 38.27 11.89 1.09
N LEU C 591 37.53 11.28 0.17
CA LEU C 591 36.34 11.92 -0.37
C LEU C 591 35.34 12.27 0.74
N ARG C 592 35.14 11.37 1.70
CA ARG C 592 34.22 11.66 2.79
C ARG C 592 34.81 12.67 3.78
N VAL C 593 36.12 12.58 4.03
CA VAL C 593 36.79 13.60 4.86
C VAL C 593 36.61 14.98 4.22
N ARG C 594 36.61 15.04 2.89
CA ARG C 594 36.38 16.31 2.23
C ARG C 594 34.98 16.84 2.52
N GLU C 595 33.96 15.98 2.41
CA GLU C 595 32.59 16.41 2.67
C GLU C 595 32.38 16.75 4.14
N TRP C 596 33.04 16.00 5.04
CA TRP C 596 33.00 16.35 6.46
C TRP C 596 33.46 17.78 6.67
N GLN C 597 34.46 18.22 5.90
CA GLN C 597 34.86 19.62 5.93
C GLN C 597 33.82 20.50 5.25
N ASP C 598 33.26 20.05 4.13
CA ASP C 598 32.35 20.87 3.35
C ASP C 598 31.04 21.13 4.10
N ILE C 599 30.53 20.11 4.82
CA ILE C 599 29.33 20.30 5.63
C ILE C 599 29.61 21.29 6.76
N TYR C 600 30.78 21.17 7.39
CA TYR C 600 31.14 22.10 8.47
C TYR C 600 31.11 23.55 7.99
N THR C 601 31.66 23.82 6.81
CA THR C 601 31.68 25.18 6.30
C THR C 601 30.27 25.70 6.06
N GLN C 602 29.39 24.86 5.51
CA GLN C 602 28.00 25.26 5.31
C GLN C 602 27.35 25.62 6.64
N LEU C 603 27.57 24.79 7.65
CA LEU C 603 27.01 25.07 8.97
C LEU C 603 27.52 26.40 9.52
N ARG C 604 28.83 26.65 9.40
CA ARG C 604 29.38 27.92 9.86
C ARG C 604 28.75 29.09 9.11
N GLN C 605 28.51 28.91 7.81
CA GLN C 605 27.84 29.95 7.02
C GLN C 605 26.52 30.34 7.65
N VAL C 606 25.66 29.34 7.92
CA VAL C 606 24.34 29.66 8.46
C VAL C 606 24.46 30.07 9.92
N VAL C 607 25.37 29.46 10.67
CA VAL C 607 25.57 29.85 12.07
C VAL C 607 26.03 31.30 12.17
N LYS C 608 26.95 31.72 11.30
CA LYS C 608 27.35 33.13 11.29
C LYS C 608 26.21 34.01 10.78
N GLU C 609 25.48 33.54 9.76
CA GLU C 609 24.38 34.30 9.19
C GLU C 609 23.24 34.51 10.16
N LEU C 610 23.09 33.65 11.17
CA LEU C 610 22.13 33.83 12.26
C LEU C 610 22.70 34.62 13.43
N GLY C 611 23.98 34.99 13.38
CA GLY C 611 24.56 35.77 14.46
C GLY C 611 25.01 34.96 15.66
N ILE C 612 25.00 33.64 15.58
CA ILE C 612 25.49 32.80 16.68
C ILE C 612 26.99 32.98 16.82
N PRO C 613 27.51 33.20 18.02
CA PRO C 613 28.96 33.30 18.19
C PRO C 613 29.64 31.94 18.17
N VAL C 614 30.80 31.89 17.53
CA VAL C 614 31.63 30.70 17.48
C VAL C 614 32.81 30.91 18.41
N ASN C 615 33.08 29.94 19.27
CA ASN C 615 34.16 30.07 20.22
C ASN C 615 35.52 29.89 19.53
N SER C 616 36.56 30.38 20.19
CA SER C 616 37.93 30.16 19.74
C SER C 616 38.76 29.32 20.70
N GLU C 617 38.47 29.37 22.00
CA GLU C 617 39.19 28.50 22.91
C GLU C 617 38.46 27.16 23.04
N PRO C 618 39.18 26.05 23.16
CA PRO C 618 38.52 24.74 23.28
C PRO C 618 37.66 24.67 24.54
N ALA C 619 36.56 23.94 24.42
CA ALA C 619 35.61 23.84 25.52
C ALA C 619 35.91 22.63 26.40
N GLU C 620 35.23 22.57 27.54
CA GLU C 620 35.45 21.49 28.49
C GLU C 620 34.52 20.32 28.19
N TYR C 621 34.78 19.18 28.84
CA TYR C 621 34.02 17.97 28.55
C TYR C 621 32.55 18.15 28.93
N ARG C 622 32.29 18.78 30.08
CA ARG C 622 30.92 18.92 30.55
C ARG C 622 30.14 19.90 29.69
N GLU C 623 30.81 20.93 29.15
CA GLU C 623 30.11 21.93 28.36
C GLU C 623 29.71 21.35 27.01
N ILE C 624 30.61 20.64 26.35
CA ILE C 624 30.33 20.07 25.03
C ILE C 624 29.18 19.09 25.09
N HIS C 625 29.17 18.22 26.10
CA HIS C 625 28.20 17.13 26.13
C HIS C 625 26.85 17.56 26.67
N ILE C 626 26.79 18.61 27.49
CA ILE C 626 25.48 19.17 27.84
C ILE C 626 24.77 19.65 26.59
N ALA C 627 25.50 20.34 25.71
CA ALA C 627 24.92 20.76 24.44
C ALA C 627 24.55 19.55 23.59
N LEU C 628 25.39 18.51 23.60
CA LEU C 628 25.09 17.30 22.84
C LEU C 628 23.85 16.59 23.37
N LEU C 629 23.64 16.63 24.70
CA LEU C 629 22.51 15.97 25.32
C LEU C 629 21.17 16.50 24.81
N THR C 630 21.16 17.76 24.34
CA THR C 630 19.92 18.42 23.95
C THR C 630 19.23 17.72 22.80
N GLY C 631 19.98 17.00 21.98
CA GLY C 631 19.42 16.22 20.90
C GLY C 631 19.32 14.75 21.20
N LEU C 632 19.69 14.32 22.41
CA LEU C 632 19.80 12.91 22.73
C LEU C 632 19.04 12.56 24.00
N LEU C 633 17.89 13.19 24.25
CA LEU C 633 17.13 12.87 25.45
C LEU C 633 16.43 11.52 25.34
N SER C 634 15.96 11.18 24.14
CA SER C 634 15.42 9.84 23.94
C SER C 634 16.52 8.79 23.86
N HIS C 635 17.79 9.20 23.89
CA HIS C 635 18.94 8.33 23.71
C HIS C 635 19.83 8.33 24.94
N ILE C 636 19.25 8.32 26.14
CA ILE C 636 20.02 8.15 27.37
C ILE C 636 19.72 6.78 27.94
N GLY C 637 20.68 6.25 28.73
CA GLY C 637 20.50 4.99 29.40
C GLY C 637 21.32 4.92 30.66
N MET C 638 20.89 4.09 31.60
CA MET C 638 21.63 3.87 32.82
C MET C 638 22.00 2.39 32.95
N LYS C 639 23.22 2.13 33.41
CA LYS C 639 23.75 0.77 33.42
C LYS C 639 23.05 -0.07 34.48
N ASP C 640 22.70 -1.31 34.10
CA ASP C 640 22.19 -2.27 35.07
C ASP C 640 23.27 -2.61 36.07
N ALA C 641 22.88 -2.68 37.35
CA ALA C 641 23.84 -3.00 38.40
C ALA C 641 24.39 -4.41 38.22
N ASP C 642 25.72 -4.52 38.14
CA ASP C 642 26.41 -5.81 37.96
C ASP C 642 25.90 -6.52 36.70
N LYS C 643 25.98 -5.80 35.59
CA LYS C 643 25.63 -6.33 34.27
C LYS C 643 26.08 -5.36 33.18
N GLN C 644 26.43 -5.85 31.99
CA GLN C 644 26.96 -4.99 30.93
C GLN C 644 25.88 -4.60 29.93
N GLU C 645 24.68 -4.27 30.41
CA GLU C 645 23.57 -3.84 29.57
C GLU C 645 23.05 -2.51 30.08
N TYR C 646 22.39 -1.77 29.19
CA TYR C 646 21.84 -0.46 29.53
C TYR C 646 20.33 -0.45 29.31
N THR C 647 19.61 0.14 30.27
CA THR C 647 18.18 0.36 30.16
C THR C 647 17.92 1.83 29.81
N GLY C 648 17.27 2.06 28.68
CA GLY C 648 17.09 3.38 28.15
C GLY C 648 15.66 3.87 28.22
N ALA C 649 15.37 4.88 27.41
CA ALA C 649 14.06 5.52 27.43
C ALA C 649 12.96 4.53 27.06
N ARG C 650 11.76 4.79 27.60
CA ARG C 650 10.54 4.04 27.26
C ARG C 650 10.71 2.55 27.53
N ASN C 651 11.36 2.21 28.65
CA ASN C 651 11.54 0.84 29.11
C ASN C 651 12.31 -0.02 28.10
N ALA C 652 13.14 0.61 27.27
CA ALA C 652 13.97 -0.12 26.31
C ALA C 652 15.30 -0.48 26.95
N ARG C 653 15.92 -1.55 26.44
CA ARG C 653 17.25 -1.95 26.90
C ARG C 653 18.16 -2.10 25.69
N PHE C 654 19.27 -1.35 25.70
CA PHE C 654 20.23 -1.34 24.61
C PHE C 654 21.62 -1.68 25.13
N SER C 655 22.43 -2.29 24.28
CA SER C 655 23.82 -2.57 24.60
C SER C 655 24.72 -1.58 23.85
N ILE C 656 25.86 -1.26 24.45
CA ILE C 656 26.79 -0.33 23.83
C ILE C 656 27.54 -1.05 22.71
N PHE C 657 27.76 -0.34 21.61
CA PHE C 657 28.38 -0.93 20.43
C PHE C 657 29.80 -1.42 20.73
N PRO C 658 30.20 -2.58 20.21
CA PRO C 658 31.54 -3.12 20.53
C PRO C 658 32.68 -2.28 19.99
N GLY C 659 32.48 -1.55 18.89
CA GLY C 659 33.52 -0.69 18.36
C GLY C 659 33.54 0.69 19.01
N SER C 660 33.00 0.79 20.21
CA SER C 660 32.90 2.06 20.91
C SER C 660 33.99 2.20 21.95
N GLY C 661 34.46 3.43 22.14
CA GLY C 661 35.52 3.67 23.12
C GLY C 661 35.13 3.35 24.54
N LEU C 662 33.83 3.18 24.81
CA LEU C 662 33.37 2.83 26.14
C LEU C 662 32.80 1.42 26.22
N PHE C 663 33.20 0.53 25.31
CA PHE C 663 32.76 -0.87 25.43
C PHE C 663 33.49 -1.61 26.55
N LYS C 664 34.70 -1.17 26.91
CA LYS C 664 35.49 -1.83 27.95
C LYS C 664 35.16 -1.34 29.35
N LYS C 665 34.77 -0.08 29.50
CA LYS C 665 34.45 0.51 30.81
C LYS C 665 33.20 1.37 30.68
N PRO C 666 32.04 0.75 30.57
CA PRO C 666 30.80 1.52 30.40
C PRO C 666 30.39 2.20 31.68
N PRO C 667 30.16 3.51 31.66
CA PRO C 667 29.75 4.21 32.88
C PRO C 667 28.30 3.93 33.20
N LYS C 668 27.89 4.36 34.40
CA LYS C 668 26.51 4.12 34.81
C LYS C 668 25.54 4.86 33.90
N TRP C 669 25.69 6.17 33.78
CA TRP C 669 24.79 6.99 32.97
C TRP C 669 25.48 7.37 31.67
N VAL C 670 24.84 7.04 30.55
CA VAL C 670 25.43 7.24 29.23
C VAL C 670 24.38 7.86 28.30
N MET C 671 24.88 8.46 27.21
CA MET C 671 24.04 8.85 26.07
C MET C 671 24.70 8.43 24.76
N VAL C 672 23.89 7.92 23.84
CA VAL C 672 24.35 7.52 22.51
C VAL C 672 23.68 8.42 21.48
N ALA C 673 24.34 8.56 20.33
CA ALA C 673 23.76 9.38 19.26
C ALA C 673 22.78 8.63 18.39
N GLU C 674 22.88 7.30 18.33
CA GLU C 674 22.04 6.54 17.41
C GLU C 674 21.73 5.19 17.99
N LEU C 675 20.43 4.85 17.97
CA LEU C 675 19.92 3.56 18.43
C LEU C 675 19.45 2.78 17.21
N VAL C 676 20.05 1.61 16.98
CA VAL C 676 19.72 0.78 15.84
C VAL C 676 19.48 -0.65 16.34
N GLU C 677 18.44 -1.29 15.83
CA GLU C 677 18.10 -2.67 16.21
C GLU C 677 18.48 -3.61 15.07
N THR C 678 19.45 -4.48 15.31
CA THR C 678 19.85 -5.50 14.35
C THR C 678 19.52 -6.87 14.92
N SER C 679 20.38 -7.37 15.82
CA SER C 679 20.04 -8.52 16.66
C SER C 679 19.69 -8.11 18.07
N ARG C 680 20.04 -6.90 18.47
CA ARG C 680 19.75 -6.34 19.78
C ARG C 680 19.51 -4.84 19.58
N LEU C 681 19.58 -4.06 20.64
CA LEU C 681 19.62 -2.60 20.53
C LEU C 681 21.04 -2.13 20.81
N TRP C 682 21.63 -1.46 19.82
CA TRP C 682 23.01 -0.98 19.90
C TRP C 682 23.04 0.54 19.85
N GLY C 683 23.85 1.14 20.72
CA GLY C 683 24.11 2.57 20.64
C GLY C 683 25.51 2.82 20.11
N ARG C 684 25.61 3.21 18.83
CA ARG C 684 26.88 3.14 18.12
C ARG C 684 27.93 4.07 18.71
N ILE C 685 27.54 5.28 19.08
CA ILE C 685 28.48 6.30 19.55
C ILE C 685 27.98 6.88 20.86
N ALA C 686 28.73 6.64 21.94
CA ALA C 686 28.30 6.90 23.31
C ALA C 686 29.32 7.75 24.06
N ALA C 687 28.87 8.33 25.17
CA ALA C 687 29.72 9.15 26.02
C ALA C 687 29.13 9.23 27.41
N ARG C 688 30.00 9.36 28.40
CA ARG C 688 29.58 9.45 29.79
C ARG C 688 28.91 10.79 30.08
N ILE C 689 27.83 10.75 30.86
CA ILE C 689 27.17 11.96 31.32
C ILE C 689 26.95 11.86 32.82
N ASP C 690 26.89 13.00 33.46
CA ASP C 690 26.46 13.08 34.85
C ASP C 690 24.96 13.28 34.88
N PRO C 691 24.21 12.44 35.59
CA PRO C 691 22.74 12.55 35.54
C PRO C 691 22.22 13.89 36.04
N GLU C 692 23.03 14.63 36.80
CA GLU C 692 22.63 15.97 37.24
C GLU C 692 22.41 16.92 36.06
N TRP C 693 23.05 16.64 34.92
CA TRP C 693 22.96 17.55 33.79
C TRP C 693 21.60 17.49 33.12
N VAL C 694 20.89 16.37 33.22
CA VAL C 694 19.69 16.17 32.41
C VAL C 694 18.55 17.07 32.89
N GLU C 695 18.48 17.35 34.19
CA GLU C 695 17.34 18.09 34.71
C GLU C 695 17.22 19.50 34.15
N PRO C 696 18.27 20.33 34.12
CA PRO C 696 18.07 21.70 33.62
C PRO C 696 17.58 21.77 32.18
N VAL C 697 17.86 20.74 31.38
CA VAL C 697 17.51 20.77 29.97
C VAL C 697 16.23 19.99 29.66
N ALA C 698 15.79 19.10 30.56
CA ALA C 698 14.62 18.27 30.31
C ALA C 698 13.38 18.74 31.08
N GLN C 699 13.29 20.04 31.37
CA GLN C 699 12.12 20.54 32.11
C GLN C 699 10.82 20.23 31.38
N HIS C 700 10.83 20.29 30.05
CA HIS C 700 9.62 20.01 29.29
C HIS C 700 9.26 18.54 29.29
N LEU C 701 10.13 17.68 29.82
CA LEU C 701 9.94 16.24 29.81
C LEU C 701 9.88 15.60 31.19
N ILE C 702 10.55 16.18 32.19
CA ILE C 702 10.59 15.56 33.51
C ILE C 702 9.18 15.48 34.09
N LYS C 703 8.90 14.37 34.76
CA LYS C 703 7.70 14.21 35.56
C LYS C 703 8.10 13.92 37.00
N ARG C 704 7.50 14.67 37.93
CA ARG C 704 7.87 14.63 39.34
C ARG C 704 6.85 13.82 40.13
N THR C 705 7.35 12.88 40.93
CA THR C 705 6.52 12.11 41.85
C THR C 705 7.05 12.31 43.26
N TYR C 706 6.13 12.44 44.21
CA TYR C 706 6.47 12.69 45.60
C TYR C 706 5.98 11.54 46.46
N SER C 707 6.76 11.18 47.46
CA SER C 707 6.47 10.01 48.29
C SER C 707 6.91 10.30 49.72
N GLU C 708 6.35 9.52 50.64
CA GLU C 708 6.63 9.66 52.07
C GLU C 708 6.46 11.10 52.56
N PRO C 709 5.24 11.67 52.46
CA PRO C 709 5.02 13.03 52.98
C PRO C 709 4.85 13.00 54.50
N HIS C 710 5.52 13.93 55.18
CA HIS C 710 5.51 13.99 56.63
C HIS C 710 5.75 15.41 57.09
N TRP C 711 5.26 15.72 58.29
CA TRP C 711 5.39 17.05 58.87
C TRP C 711 6.65 17.12 59.74
N GLU C 712 7.27 18.30 59.75
CA GLU C 712 8.49 18.52 60.53
C GLU C 712 8.34 19.80 61.35
N ARG C 713 8.55 19.68 62.66
CA ARG C 713 8.45 20.85 63.53
C ARG C 713 9.56 21.86 63.24
N ALA C 714 10.77 21.38 62.97
CA ALA C 714 11.93 22.28 62.86
C ALA C 714 11.75 23.27 61.72
N GLN C 715 11.34 22.78 60.55
CA GLN C 715 11.15 23.65 59.40
C GLN C 715 9.72 24.14 59.24
N GLY C 716 8.78 23.60 60.02
CA GLY C 716 7.41 24.08 60.01
C GLY C 716 6.69 23.91 58.69
N ALA C 717 6.89 22.77 58.03
CA ALA C 717 6.27 22.52 56.74
C ALA C 717 6.19 21.01 56.53
N VAL C 718 5.51 20.62 55.45
CA VAL C 718 5.43 19.23 55.02
C VAL C 718 6.59 18.90 54.10
N MET C 719 7.22 17.75 54.31
CA MET C 719 8.39 17.32 53.56
C MET C 719 8.06 16.05 52.78
N ALA C 720 8.81 15.82 51.70
CA ALA C 720 8.61 14.64 50.89
C ALA C 720 9.88 14.31 50.12
N THR C 721 9.88 13.13 49.49
CA THR C 721 10.98 12.69 48.64
C THR C 721 10.52 12.74 47.19
N GLU C 722 11.31 13.41 46.35
CA GLU C 722 10.96 13.66 44.97
C GLU C 722 11.70 12.69 44.07
N LYS C 723 11.02 12.23 43.01
CA LYS C 723 11.61 11.32 42.02
C LYS C 723 11.32 11.86 40.63
N VAL C 724 12.34 12.41 39.97
CA VAL C 724 12.20 12.97 38.63
C VAL C 724 12.48 11.88 37.60
N THR C 725 11.71 11.90 36.51
CA THR C 725 11.68 10.80 35.53
C THR C 725 11.53 11.33 34.11
N VAL C 726 12.48 11.02 33.23
CA VAL C 726 12.36 11.31 31.81
C VAL C 726 12.16 9.99 31.06
N TYR C 727 11.02 9.88 30.36
CA TYR C 727 10.70 8.70 29.56
C TYR C 727 10.84 7.40 30.35
N GLY C 728 10.72 7.48 31.67
CA GLY C 728 10.88 6.32 32.53
C GLY C 728 12.22 6.21 33.24
N LEU C 729 13.11 7.19 33.07
CA LEU C 729 14.47 7.06 33.60
C LEU C 729 14.59 7.81 34.92
N PRO C 730 15.00 7.17 36.01
CA PRO C 730 15.11 7.87 37.31
C PRO C 730 16.35 8.74 37.42
N ILE C 731 16.28 10.00 36.95
CA ILE C 731 17.40 10.92 37.10
C ILE C 731 17.69 11.16 38.58
N VAL C 732 16.65 11.26 39.40
CA VAL C 732 16.79 11.36 40.84
C VAL C 732 15.97 10.24 41.46
N ALA C 733 16.64 9.36 42.21
CA ALA C 733 15.95 8.25 42.87
C ALA C 733 15.07 8.74 44.01
N ALA C 734 15.61 9.66 44.81
CA ALA C 734 14.86 10.31 45.89
C ALA C 734 15.64 11.53 46.34
N ARG C 735 14.92 12.58 46.72
CA ARG C 735 15.54 13.76 47.29
C ARG C 735 14.55 14.43 48.25
N LYS C 736 15.00 14.72 49.47
CA LYS C 736 14.13 15.34 50.45
C LYS C 736 13.84 16.76 50.03
N VAL C 737 12.54 17.10 49.94
CA VAL C 737 12.12 18.40 49.44
C VAL C 737 10.97 18.93 50.31
N ASN C 738 10.86 20.25 50.37
CA ASN C 738 9.81 20.91 51.14
C ASN C 738 8.53 20.84 50.32
N TYR C 739 7.67 19.88 50.66
CA TYR C 739 6.45 19.68 49.88
C TYR C 739 5.49 20.86 50.04
N SER C 740 5.51 21.53 51.18
CA SER C 740 4.60 22.65 51.41
C SER C 740 4.90 23.80 50.45
N GLN C 741 6.17 24.04 50.15
CA GLN C 741 6.49 25.12 49.21
C GLN C 741 6.16 24.73 47.79
N ILE C 742 6.19 23.43 47.46
CA ILE C 742 5.88 23.02 46.09
C ILE C 742 4.39 23.13 45.82
N ASP C 743 3.56 22.64 46.73
CA ASP C 743 2.10 22.65 46.55
C ASP C 743 1.42 22.88 47.89
N PRO C 744 1.26 24.14 48.30
CA PRO C 744 0.67 24.42 49.62
C PRO C 744 -0.76 23.94 49.78
N ALA C 745 -1.55 23.96 48.71
CA ALA C 745 -2.95 23.56 48.83
C ALA C 745 -3.08 22.08 49.16
N LEU C 746 -2.27 21.24 48.50
CA LEU C 746 -2.34 19.80 48.73
C LEU C 746 -1.81 19.44 50.12
N CYS C 747 -0.71 20.07 50.53
CA CYS C 747 -0.17 19.79 51.86
C CYS C 747 -1.13 20.22 52.95
N ARG C 748 -1.76 21.39 52.78
CA ARG C 748 -2.76 21.82 53.76
C ARG C 748 -3.93 20.85 53.81
N GLU C 749 -4.39 20.37 52.66
CA GLU C 749 -5.53 19.44 52.67
C GLU C 749 -5.12 18.10 53.27
N LEU C 750 -3.88 17.68 53.06
CA LEU C 750 -3.42 16.46 53.72
C LEU C 750 -3.22 16.69 55.23
N PHE C 751 -2.68 17.84 55.60
CA PHE C 751 -2.49 18.14 57.02
C PHE C 751 -3.82 18.13 57.76
N ILE C 752 -4.87 18.69 57.14
CA ILE C 752 -6.20 18.64 57.73
C ILE C 752 -6.71 17.21 57.74
N ARG C 753 -6.53 16.48 56.63
CA ARG C 753 -7.02 15.11 56.53
C ARG C 753 -6.29 14.19 57.50
N HIS C 754 -5.01 14.47 57.79
CA HIS C 754 -4.27 13.63 58.73
C HIS C 754 -4.73 13.85 60.15
N ALA C 755 -5.02 15.10 60.51
CA ALA C 755 -5.41 15.43 61.88
C ALA C 755 -6.88 15.12 62.17
N LEU C 756 -7.76 15.30 61.17
CA LEU C 756 -9.19 15.18 61.40
C LEU C 756 -9.79 13.87 60.93
N VAL C 757 -9.13 13.16 60.03
CA VAL C 757 -9.65 11.90 59.52
C VAL C 757 -8.58 10.81 59.55
N LEU D 9 19.92 68.49 -1.86
CA LEU D 9 20.27 67.78 -0.63
C LEU D 9 20.10 66.27 -0.80
N THR D 10 18.94 65.85 -1.33
CA THR D 10 18.67 64.43 -1.52
C THR D 10 19.52 63.82 -2.63
N PHE D 11 20.18 64.65 -3.44
CA PHE D 11 21.21 64.15 -4.35
C PHE D 11 22.49 63.83 -3.60
N THR D 12 23.00 64.78 -2.82
CA THR D 12 24.26 64.60 -2.11
C THR D 12 24.16 63.48 -1.08
N ALA D 13 22.97 63.27 -0.50
CA ALA D 13 22.79 62.19 0.46
C ALA D 13 22.80 60.82 -0.21
N LEU D 14 22.34 60.75 -1.47
CA LEU D 14 22.27 59.46 -2.15
C LEU D 14 23.65 59.00 -2.61
N GLN D 15 24.39 59.86 -3.30
CA GLN D 15 25.73 59.51 -3.78
C GLN D 15 26.63 59.08 -2.62
N GLN D 16 26.54 59.78 -1.49
CA GLN D 16 27.36 59.44 -0.33
C GLN D 16 27.05 58.02 0.15
N ARG D 17 25.78 57.63 0.10
CA ARG D 17 25.43 56.25 0.41
C ARG D 17 25.92 55.29 -0.66
N LEU D 18 25.94 55.73 -1.92
CA LEU D 18 26.27 54.86 -3.05
C LEU D 18 27.70 54.36 -3.00
N ASP D 19 28.59 55.04 -2.27
CA ASP D 19 30.00 54.66 -2.23
C ASP D 19 30.19 53.26 -1.69
N SER D 20 29.37 52.85 -0.71
CA SER D 20 29.50 51.55 -0.06
C SER D 20 28.66 50.51 -0.80
N LEU D 21 29.08 50.26 -2.05
CA LEU D 21 28.40 49.30 -2.91
C LEU D 21 29.47 48.59 -3.75
N MET D 22 29.04 47.55 -4.45
CA MET D 22 29.95 46.89 -5.38
C MET D 22 30.30 47.82 -6.53
N LEU D 23 31.53 47.68 -7.03
CA LEU D 23 32.03 48.59 -8.04
C LEU D 23 31.20 48.54 -9.32
N ARG D 24 30.81 47.33 -9.73
CA ARG D 24 29.91 47.22 -10.89
C ARG D 24 28.58 47.90 -10.64
N ASP D 25 28.09 47.88 -9.39
CA ASP D 25 26.82 48.49 -9.06
C ASP D 25 26.94 50.00 -8.88
N ARG D 26 28.09 50.48 -8.40
CA ARG D 26 28.27 51.89 -8.12
C ARG D 26 28.08 52.74 -9.37
N LEU D 27 28.64 52.31 -10.50
CA LEU D 27 28.61 53.14 -11.69
C LEU D 27 27.26 53.07 -12.39
N ARG D 28 26.62 51.89 -12.41
CA ARG D 28 25.35 51.76 -13.10
C ARG D 28 24.27 52.62 -12.46
N PHE D 29 24.31 52.78 -11.13
CA PHE D 29 23.35 53.67 -10.48
C PHE D 29 23.79 55.12 -10.59
N SER D 30 25.10 55.39 -10.48
CA SER D 30 25.58 56.77 -10.61
C SER D 30 25.36 57.31 -12.02
N ARG D 31 25.33 56.45 -13.04
CA ARG D 31 24.99 56.89 -14.39
C ARG D 31 23.50 57.12 -14.52
N ARG D 32 22.68 56.29 -13.88
CA ARG D 32 21.24 56.52 -13.87
C ARG D 32 20.90 57.79 -13.08
N LEU D 33 21.60 58.01 -11.97
CA LEU D 33 21.41 59.24 -11.19
C LEU D 33 21.91 60.45 -11.95
N HIS D 34 22.87 60.25 -12.85
CA HIS D 34 23.44 61.34 -13.63
C HIS D 34 22.45 61.87 -14.67
N GLY D 35 21.79 60.97 -15.39
CA GLY D 35 20.92 61.40 -16.48
C GLY D 35 19.63 62.05 -16.01
N VAL D 36 18.97 61.44 -15.02
CA VAL D 36 17.69 61.97 -14.55
C VAL D 36 17.87 63.34 -13.91
N LYS D 37 19.05 63.63 -13.39
CA LYS D 37 19.24 64.78 -12.51
C LYS D 37 20.17 65.82 -13.12
N PRO D 42 8.97 68.37 -10.89
CA PRO D 42 9.30 67.46 -9.80
C PRO D 42 8.20 66.41 -9.53
N ASP D 43 7.14 66.44 -10.34
CA ASP D 43 6.11 65.40 -10.23
C ASP D 43 6.68 64.02 -10.52
N ALA D 44 7.38 63.87 -11.64
CA ALA D 44 7.97 62.60 -12.02
C ALA D 44 9.34 62.35 -11.39
N GLN D 45 10.19 63.38 -11.32
CA GLN D 45 11.57 63.19 -10.88
C GLN D 45 11.70 62.97 -9.37
N GLN D 46 10.68 63.32 -8.58
CA GLN D 46 10.67 62.95 -7.17
C GLN D 46 10.12 61.54 -6.94
N ALA D 47 9.32 61.02 -7.86
CA ALA D 47 8.79 59.66 -7.77
C ALA D 47 9.76 58.58 -8.23
N ILE D 48 10.64 58.88 -9.20
CA ILE D 48 11.64 57.91 -9.64
C ILE D 48 12.56 57.54 -8.49
N PHE D 49 13.02 58.55 -7.74
CA PHE D 49 13.98 58.35 -6.67
C PHE D 49 13.52 57.27 -5.69
N GLN D 50 12.22 57.24 -5.37
CA GLN D 50 11.71 56.26 -4.42
C GLN D 50 11.99 54.84 -4.87
N GLU D 51 11.81 54.55 -6.16
CA GLU D 51 12.12 53.22 -6.68
C GLU D 51 13.62 52.99 -6.78
N MET D 52 14.40 54.04 -7.07
CA MET D 52 15.84 53.88 -7.17
C MET D 52 16.47 53.67 -5.79
N ALA D 53 15.92 54.32 -4.76
CA ALA D 53 16.40 54.09 -3.40
C ALA D 53 16.09 52.69 -2.89
N LYS D 54 14.98 52.10 -3.36
CA LYS D 54 14.69 50.71 -3.03
C LYS D 54 15.69 49.76 -3.67
N GLU D 55 16.21 50.10 -4.86
CA GLU D 55 17.19 49.27 -5.53
C GLU D 55 18.58 49.41 -4.90
N ILE D 56 18.92 50.59 -4.40
CA ILE D 56 20.22 50.78 -3.77
C ILE D 56 20.34 49.98 -2.47
N ASP D 57 19.28 49.96 -1.66
CA ASP D 57 19.35 49.21 -0.41
C ASP D 57 19.52 47.71 -0.65
N GLN D 58 18.79 47.13 -1.61
CA GLN D 58 18.99 45.71 -1.88
C GLN D 58 20.40 45.45 -2.37
N ALA D 59 20.95 46.36 -3.19
CA ALA D 59 22.33 46.22 -3.62
C ALA D 59 23.27 46.36 -2.43
N ALA D 60 22.93 47.25 -1.48
CA ALA D 60 23.75 47.39 -0.29
C ALA D 60 23.73 46.12 0.53
N GLY D 61 22.59 45.42 0.56
CA GLY D 61 22.51 44.16 1.28
C GLY D 61 23.31 43.07 0.62
N LYS D 62 23.51 43.16 -0.70
CA LYS D 62 24.39 42.24 -1.40
C LYS D 62 25.79 42.28 -0.83
N VAL D 63 26.29 43.49 -0.57
CA VAL D 63 27.64 43.64 -0.01
C VAL D 63 27.68 43.14 1.42
N LEU D 64 26.65 43.45 2.22
CA LEU D 64 26.62 43.02 3.61
C LEU D 64 26.53 41.49 3.71
N LEU D 65 25.66 40.88 2.89
CA LEU D 65 25.59 39.43 2.85
C LEU D 65 26.93 38.81 2.48
N ARG D 66 27.66 39.46 1.57
CA ARG D 66 28.97 38.99 1.15
C ARG D 66 29.97 39.03 2.31
N GLU D 67 29.91 40.09 3.13
CA GLU D 67 30.84 40.22 4.24
C GLU D 67 30.68 39.09 5.25
N ALA D 68 29.51 38.46 5.31
CA ALA D 68 29.32 37.32 6.21
C ALA D 68 30.01 36.07 5.69
N ALA D 69 30.10 35.93 4.36
CA ALA D 69 30.66 34.73 3.74
C ALA D 69 32.19 34.71 3.70
N ARG D 70 32.84 35.77 4.16
CA ARG D 70 34.30 35.77 4.26
C ARG D 70 34.73 34.70 5.27
N PRO D 71 35.60 33.78 4.89
CA PRO D 71 36.00 32.70 5.81
C PRO D 71 37.24 33.05 6.63
N GLU D 72 37.55 32.17 7.58
CA GLU D 72 38.74 32.32 8.39
C GLU D 72 39.98 32.15 7.52
N ILE D 73 40.97 33.02 7.72
CA ILE D 73 42.18 33.02 6.91
C ILE D 73 43.29 32.36 7.71
N THR D 74 43.91 31.33 7.13
CA THR D 74 44.98 30.59 7.78
C THR D 74 46.20 30.55 6.90
N TYR D 75 47.37 30.75 7.50
CA TYR D 75 48.64 30.72 6.77
C TYR D 75 49.47 29.56 7.29
N PRO D 76 49.74 28.55 6.48
CA PRO D 76 50.54 27.42 6.95
C PRO D 76 51.94 27.86 7.32
N ASP D 77 52.45 27.28 8.42
CA ASP D 77 53.80 27.58 8.88
C ASP D 77 54.86 26.99 7.96
N ASN D 78 54.47 26.13 7.03
CA ASN D 78 55.44 25.44 6.19
C ASN D 78 56.08 26.40 5.19
N LEU D 79 55.29 27.31 4.64
CA LEU D 79 55.73 28.16 3.53
C LEU D 79 56.54 29.34 4.07
N PRO D 80 57.64 29.71 3.40
CA PRO D 80 58.43 30.88 3.85
C PRO D 80 57.70 32.20 3.71
N VAL D 81 56.68 32.30 2.86
CA VAL D 81 55.95 33.54 2.71
C VAL D 81 55.21 33.91 3.99
N SER D 82 54.75 32.92 4.75
CA SER D 82 53.97 33.19 5.95
C SER D 82 54.70 34.10 6.94
N GLN D 83 56.03 34.06 6.94
CA GLN D 83 56.78 35.05 7.72
C GLN D 83 56.65 36.43 7.10
N LYS D 84 56.82 36.53 5.79
CA LYS D 84 56.75 37.81 5.10
C LYS D 84 55.32 38.32 4.93
N LYS D 85 54.31 37.68 5.54
CA LYS D 85 52.95 38.14 5.38
C LYS D 85 52.75 39.52 5.97
N GLN D 86 53.16 39.70 7.23
CA GLN D 86 52.99 40.99 7.90
C GLN D 86 53.78 42.08 7.20
N ASP D 87 54.92 41.73 6.60
CA ASP D 87 55.67 42.69 5.79
C ASP D 87 54.96 42.99 4.48
N ILE D 88 54.44 41.96 3.81
CA ILE D 88 53.73 42.14 2.54
C ILE D 88 52.39 42.82 2.78
N LEU D 89 51.66 42.40 3.82
CA LEU D 89 50.32 42.93 4.06
C LEU D 89 50.34 44.44 4.21
N GLU D 90 51.33 44.97 4.94
CA GLU D 90 51.45 46.41 5.10
C GLU D 90 51.75 47.08 3.76
N ALA D 91 52.57 46.45 2.93
CA ALA D 91 52.94 47.06 1.66
C ALA D 91 51.75 47.18 0.71
N ILE D 92 50.83 46.21 0.74
CA ILE D 92 49.74 46.21 -0.23
C ILE D 92 48.76 47.34 0.05
N ARG D 93 48.36 47.49 1.33
CA ARG D 93 47.35 48.49 1.66
C ARG D 93 47.87 49.92 1.45
N ASP D 94 49.18 50.12 1.54
CA ASP D 94 49.77 51.45 1.41
C ASP D 94 50.07 51.86 -0.03
N HIS D 95 50.26 50.90 -0.94
CA HIS D 95 50.63 51.19 -2.32
C HIS D 95 49.60 50.58 -3.26
N GLN D 96 49.31 51.30 -4.35
CA GLN D 96 48.38 50.78 -5.35
C GLN D 96 48.97 49.58 -6.09
N VAL D 97 50.28 49.59 -6.32
CA VAL D 97 50.96 48.52 -7.05
C VAL D 97 52.09 47.98 -6.19
N VAL D 98 52.10 46.67 -6.02
CA VAL D 98 53.14 45.95 -5.29
C VAL D 98 53.61 44.80 -6.18
N ILE D 99 54.85 44.37 -5.97
CA ILE D 99 55.46 43.33 -6.78
C ILE D 99 56.13 42.33 -5.85
N VAL D 100 55.69 41.07 -5.90
CA VAL D 100 56.24 39.99 -5.09
C VAL D 100 57.03 39.05 -5.99
N ALA D 101 58.26 38.77 -5.60
CA ALA D 101 59.11 37.86 -6.35
C ALA D 101 59.67 36.83 -5.39
N GLY D 102 59.55 35.55 -5.75
CA GLY D 102 60.00 34.49 -4.87
C GLY D 102 60.52 33.30 -5.65
N GLU D 103 61.30 32.48 -4.94
CA GLU D 103 61.81 31.25 -5.52
C GLU D 103 60.68 30.22 -5.56
N THR D 104 61.00 29.04 -6.11
CA THR D 104 59.96 28.06 -6.38
C THR D 104 59.31 27.54 -5.10
N GLY D 105 60.05 27.49 -3.99
CA GLY D 105 59.50 26.95 -2.76
C GLY D 105 58.58 27.91 -2.01
N SER D 106 58.63 29.20 -2.35
CA SER D 106 57.98 30.23 -1.55
C SER D 106 56.51 29.92 -1.28
N GLY D 107 55.74 29.65 -2.34
CA GLY D 107 54.31 29.50 -2.18
C GLY D 107 53.54 30.80 -2.11
N LYS D 108 54.08 31.86 -2.71
CA LYS D 108 53.34 33.13 -2.75
C LYS D 108 52.05 33.01 -3.54
N THR D 109 52.03 32.16 -4.57
CA THR D 109 50.86 32.07 -5.44
C THR D 109 49.61 31.69 -4.66
N THR D 110 49.73 30.73 -3.74
CA THR D 110 48.55 30.28 -3.02
C THR D 110 48.13 31.29 -1.95
N GLN D 111 49.08 31.86 -1.23
CA GLN D 111 48.77 32.68 -0.07
C GLN D 111 48.51 34.15 -0.41
N LEU D 112 48.89 34.61 -1.60
CA LEU D 112 48.70 36.02 -1.92
C LEU D 112 47.24 36.44 -2.01
N PRO D 113 46.34 35.64 -2.61
CA PRO D 113 44.92 36.01 -2.56
C PRO D 113 44.35 36.06 -1.16
N LYS D 114 44.84 35.21 -0.25
CA LYS D 114 44.35 35.24 1.13
C LYS D 114 44.78 36.52 1.83
N ILE D 115 45.99 37.00 1.56
CA ILE D 115 46.42 38.27 2.14
C ILE D 115 45.51 39.40 1.68
N CYS D 116 45.03 39.33 0.44
CA CYS D 116 44.08 40.34 -0.04
C CYS D 116 42.77 40.27 0.73
N MET D 117 42.29 39.06 1.02
CA MET D 117 41.05 38.93 1.79
C MET D 117 41.24 39.41 3.22
N GLU D 118 42.35 39.02 3.86
CA GLU D 118 42.71 39.54 5.18
C GLU D 118 42.73 41.05 5.19
N LEU D 119 43.09 41.66 4.06
CA LEU D 119 43.08 43.11 3.93
C LEU D 119 41.69 43.67 3.71
N GLY D 120 40.72 42.83 3.32
CA GLY D 120 39.37 43.27 3.09
C GLY D 120 38.94 43.32 1.63
N ARG D 121 39.78 42.86 0.71
CA ARG D 121 39.44 42.85 -0.70
C ARG D 121 38.60 41.62 -1.04
N GLY D 122 37.91 41.70 -2.18
CA GLY D 122 37.08 40.62 -2.65
C GLY D 122 35.60 40.82 -2.46
N ILE D 123 35.19 41.88 -1.75
CA ILE D 123 33.78 42.11 -1.44
C ILE D 123 33.18 43.08 -2.46
N LYS D 124 33.75 44.28 -2.55
CA LYS D 124 33.24 45.25 -3.53
C LYS D 124 33.54 44.82 -4.96
N GLY D 125 34.62 44.06 -5.16
CA GLY D 125 34.93 43.52 -6.47
C GLY D 125 35.75 42.26 -6.28
N LEU D 126 35.74 41.42 -7.32
CA LEU D 126 36.46 40.14 -7.27
C LEU D 126 37.98 40.38 -7.23
N ILE D 127 38.70 39.34 -6.83
CA ILE D 127 40.15 39.34 -6.86
C ILE D 127 40.58 38.47 -8.03
N GLY D 128 41.11 39.10 -9.07
CA GLY D 128 41.47 38.39 -10.29
C GLY D 128 42.89 37.85 -10.20
N HIS D 129 43.04 36.58 -10.49
CA HIS D 129 44.33 35.89 -10.45
C HIS D 129 44.60 35.32 -11.83
N THR D 130 45.76 35.65 -12.38
CA THR D 130 46.10 35.36 -13.77
C THR D 130 47.18 34.28 -13.82
N GLN D 131 46.96 33.27 -14.65
CA GLN D 131 47.91 32.19 -14.85
C GLN D 131 48.19 32.01 -16.33
N PRO D 132 49.41 31.59 -16.70
CA PRO D 132 49.71 31.43 -18.12
C PRO D 132 48.98 30.26 -18.76
N ARG D 133 48.74 29.19 -18.01
CA ARG D 133 48.10 28.00 -18.55
C ARG D 133 46.78 27.73 -17.82
N ARG D 134 45.90 26.98 -18.50
CA ARG D 134 44.63 26.57 -17.89
C ARG D 134 44.88 25.72 -16.65
N LEU D 135 45.71 24.68 -16.79
CA LEU D 135 45.97 23.79 -15.68
C LEU D 135 46.55 24.52 -14.49
N ALA D 136 47.40 25.54 -14.73
CA ALA D 136 47.97 26.31 -13.64
C ALA D 136 46.88 27.06 -12.86
N ALA D 137 45.88 27.57 -13.55
CA ALA D 137 44.79 28.25 -12.86
C ALA D 137 43.95 27.26 -12.05
N ARG D 138 43.67 26.09 -12.62
CA ARG D 138 42.85 25.11 -11.92
C ARG D 138 43.58 24.52 -10.72
N THR D 139 44.89 24.32 -10.85
CA THR D 139 45.63 23.65 -9.79
C THR D 139 45.69 24.49 -8.52
N VAL D 140 45.94 25.79 -8.66
CA VAL D 140 45.98 26.67 -7.49
C VAL D 140 44.58 26.89 -6.93
N ALA D 141 43.58 26.97 -7.82
CA ALA D 141 42.20 27.13 -7.35
C ALA D 141 41.77 25.93 -6.50
N ASN D 142 41.98 24.71 -7.02
CA ASN D 142 41.70 23.51 -6.22
C ASN D 142 42.56 23.49 -4.97
N ARG D 143 43.72 24.17 -4.98
CA ARG D 143 44.62 24.15 -3.83
C ARG D 143 44.16 25.14 -2.76
N ILE D 144 43.70 26.32 -3.18
CA ILE D 144 43.19 27.28 -2.20
C ILE D 144 41.91 26.76 -1.57
N ALA D 145 41.16 25.93 -2.30
CA ALA D 145 39.94 25.35 -1.75
C ALA D 145 40.26 24.37 -0.64
N GLU D 146 41.25 23.50 -0.84
CA GLU D 146 41.67 22.61 0.22
C GLU D 146 42.13 23.40 1.44
N GLU D 147 42.96 24.42 1.22
CA GLU D 147 43.50 25.19 2.33
C GLU D 147 42.46 26.07 3.01
N LEU D 148 41.25 26.16 2.47
CA LEU D 148 40.18 26.90 3.13
C LEU D 148 39.00 26.00 3.46
N LYS D 149 39.16 24.68 3.34
CA LYS D 149 38.11 23.71 3.66
C LYS D 149 36.83 23.99 2.88
N THR D 150 36.98 24.55 1.69
CA THR D 150 35.88 24.81 0.77
C THR D 150 36.17 24.10 -0.55
N GLU D 151 35.16 24.04 -1.41
CA GLU D 151 35.38 23.43 -2.71
C GLU D 151 35.43 24.50 -3.79
N PRO D 152 36.12 24.23 -4.90
CA PRO D 152 36.26 25.23 -5.95
C PRO D 152 34.92 25.53 -6.60
N GLY D 153 34.80 26.74 -7.12
CA GLY D 153 33.53 27.26 -7.58
C GLY D 153 32.74 27.98 -6.51
N GLY D 154 33.10 27.81 -5.24
CA GLY D 154 32.44 28.53 -4.17
C GLY D 154 33.15 29.83 -3.91
N CYS D 155 33.71 30.00 -2.71
CA CYS D 155 34.39 31.24 -2.36
C CYS D 155 35.46 31.57 -3.39
N ILE D 156 36.19 30.56 -3.85
CA ILE D 156 37.21 30.71 -4.86
C ILE D 156 36.75 29.99 -6.12
N GLY D 157 36.89 30.66 -7.27
CA GLY D 157 36.45 30.09 -8.53
C GLY D 157 37.53 30.25 -9.58
N TYR D 158 37.34 29.52 -10.68
CA TYR D 158 38.29 29.55 -11.78
C TYR D 158 37.51 29.61 -13.09
N LYS D 159 37.97 30.46 -14.02
CA LYS D 159 37.37 30.57 -15.34
C LYS D 159 38.45 30.33 -16.38
N VAL D 160 38.23 29.34 -17.26
CA VAL D 160 39.14 29.03 -18.36
C VAL D 160 38.32 28.97 -19.65
N ARG D 161 39.01 28.68 -20.76
CA ARG D 161 38.40 28.83 -22.09
C ARG D 161 37.06 28.11 -22.23
N PHE D 162 36.83 27.03 -21.49
CA PHE D 162 35.54 26.38 -21.67
C PHE D 162 34.87 25.93 -20.37
N SER D 163 35.36 26.34 -19.20
CA SER D 163 34.71 26.02 -17.94
C SER D 163 34.66 27.28 -17.09
N ASP D 164 33.45 27.79 -16.87
CA ASP D 164 33.24 29.02 -16.12
C ASP D 164 32.68 28.65 -14.75
N HIS D 165 33.55 28.07 -13.92
CA HIS D 165 33.18 27.63 -12.57
C HIS D 165 33.35 28.82 -11.62
N VAL D 166 32.37 29.71 -11.67
CA VAL D 166 32.29 30.86 -10.79
C VAL D 166 30.83 31.02 -10.40
N SER D 167 30.58 31.37 -9.14
CA SER D 167 29.24 31.57 -8.61
C SER D 167 29.10 32.99 -8.06
N ASP D 168 27.92 33.28 -7.51
CA ASP D 168 27.70 34.59 -6.90
C ASP D 168 28.47 34.75 -5.59
N ASN D 169 28.83 33.65 -4.94
CA ASN D 169 29.60 33.69 -3.70
C ASN D 169 31.11 33.68 -3.94
N THR D 170 31.54 33.71 -5.21
CA THR D 170 32.96 33.74 -5.52
C THR D 170 33.58 35.07 -5.07
N MET D 171 34.83 34.99 -4.60
CA MET D 171 35.49 36.17 -4.05
C MET D 171 36.86 36.38 -4.68
N VAL D 172 37.52 35.29 -5.08
CA VAL D 172 38.77 35.33 -5.82
C VAL D 172 38.60 34.50 -7.08
N LYS D 173 39.02 35.04 -8.22
CA LYS D 173 38.75 34.45 -9.53
C LYS D 173 40.05 34.07 -10.22
N LEU D 174 40.40 32.80 -10.16
CA LEU D 174 41.52 32.29 -10.95
C LEU D 174 41.12 32.19 -12.42
N MET D 175 42.10 32.41 -13.29
CA MET D 175 41.85 32.45 -14.72
C MET D 175 43.16 32.55 -15.46
N THR D 176 43.12 32.21 -16.74
CA THR D 176 44.23 32.47 -17.64
C THR D 176 44.28 33.94 -18.04
N ASP D 177 45.49 34.37 -18.41
CA ASP D 177 45.69 35.76 -18.80
C ASP D 177 44.79 36.15 -19.96
N GLY D 178 44.46 35.19 -20.83
CA GLY D 178 43.57 35.49 -21.93
C GLY D 178 42.14 35.72 -21.49
N ILE D 179 41.70 35.06 -20.43
CA ILE D 179 40.35 35.28 -19.91
C ILE D 179 40.20 36.73 -19.47
N LEU D 180 41.16 37.24 -18.71
CA LEU D 180 41.11 38.64 -18.28
C LEU D 180 41.08 39.57 -19.48
N LEU D 181 41.80 39.23 -20.55
CA LEU D 181 41.77 40.02 -21.77
C LEU D 181 40.41 39.96 -22.44
N ALA D 182 39.79 38.78 -22.50
CA ALA D 182 38.48 38.64 -23.12
C ALA D 182 37.43 39.49 -22.42
N GLU D 183 37.57 39.64 -21.10
CA GLU D 183 36.65 40.44 -20.32
C GLU D 183 36.85 41.95 -20.52
N ILE D 184 37.97 42.36 -21.11
CA ILE D 184 38.21 43.79 -21.33
C ILE D 184 37.31 44.35 -22.42
N GLN D 185 37.08 43.58 -23.48
CA GLN D 185 36.23 44.06 -24.57
C GLN D 185 34.82 44.32 -24.07
N GLN D 186 34.31 43.44 -23.20
CA GLN D 186 32.98 43.61 -22.64
C GLN D 186 32.94 44.70 -21.57
N ASP D 187 34.00 44.78 -20.75
CA ASP D 187 34.09 45.69 -19.61
C ASP D 187 35.46 46.36 -19.65
N ARG D 188 35.59 47.48 -20.36
CA ARG D 188 36.89 48.12 -20.50
C ARG D 188 37.45 48.58 -19.15
N LEU D 189 36.59 48.92 -18.20
CA LEU D 189 37.05 49.34 -16.88
C LEU D 189 37.32 48.19 -15.92
N LEU D 190 37.04 46.95 -16.32
CA LEU D 190 37.24 45.78 -15.47
C LEU D 190 36.56 45.99 -14.11
N MET D 191 35.29 46.43 -14.17
CA MET D 191 34.56 46.74 -12.95
C MET D 191 34.26 45.51 -12.11
N GLN D 192 34.37 44.31 -12.68
CA GLN D 192 34.17 43.09 -11.91
C GLN D 192 35.18 42.98 -10.77
N TYR D 193 36.35 43.57 -10.93
CA TYR D 193 37.47 43.32 -10.03
C TYR D 193 37.81 44.56 -9.22
N ASP D 194 38.12 44.34 -7.95
CA ASP D 194 38.71 45.35 -7.09
C ASP D 194 40.22 45.19 -6.99
N THR D 195 40.74 44.00 -7.31
CA THR D 195 42.16 43.70 -7.28
C THR D 195 42.49 42.79 -8.46
N ILE D 196 43.70 42.97 -9.01
CA ILE D 196 44.19 42.14 -10.11
C ILE D 196 45.57 41.62 -9.73
N ILE D 197 45.72 40.29 -9.73
CA ILE D 197 47.00 39.62 -9.51
C ILE D 197 47.40 38.93 -10.79
N ILE D 198 48.52 39.35 -11.38
CA ILE D 198 49.08 38.72 -12.57
C ILE D 198 50.28 37.89 -12.15
N ASP D 199 50.19 36.58 -12.33
CA ASP D 199 51.14 35.63 -11.77
C ASP D 199 51.98 35.01 -12.88
N GLU D 200 53.13 34.48 -12.47
CA GLU D 200 54.12 33.92 -13.40
C GLU D 200 54.45 34.95 -14.47
N ALA D 201 54.58 36.22 -14.04
CA ALA D 201 54.83 37.30 -14.98
C ALA D 201 56.22 37.25 -15.58
N HIS D 202 57.13 36.48 -14.98
CA HIS D 202 58.48 36.38 -15.52
C HIS D 202 58.52 35.80 -16.92
N GLU D 203 57.52 35.01 -17.31
CA GLU D 203 57.50 34.43 -18.65
C GLU D 203 57.42 35.47 -19.76
N ARG D 204 56.91 36.66 -19.48
CA ARG D 204 56.85 37.75 -20.46
C ARG D 204 56.12 37.31 -21.73
N SER D 205 54.93 36.77 -21.55
CA SER D 205 54.06 36.34 -22.64
C SER D 205 53.45 37.55 -23.35
N LEU D 206 52.92 37.31 -24.56
CA LEU D 206 52.17 38.34 -25.27
C LEU D 206 50.96 38.81 -24.47
N ASN D 207 50.20 37.87 -23.90
CA ASN D 207 49.10 38.27 -23.03
C ASN D 207 49.63 38.95 -21.76
N ILE D 208 50.73 38.44 -21.19
CA ILE D 208 51.27 39.03 -19.98
C ILE D 208 51.71 40.46 -20.24
N ASP D 209 52.47 40.68 -21.33
CA ASP D 209 52.93 42.04 -21.62
C ASP D 209 51.77 42.96 -21.95
N PHE D 210 50.79 42.47 -22.71
CA PHE D 210 49.67 43.34 -23.08
C PHE D 210 48.86 43.74 -21.87
N LEU D 211 48.64 42.82 -20.94
CA LEU D 211 47.94 43.14 -19.71
C LEU D 211 48.74 44.14 -18.86
N LEU D 212 50.06 43.99 -18.82
CA LEU D 212 50.87 44.94 -18.07
C LEU D 212 50.79 46.34 -18.65
N GLY D 213 50.52 46.45 -19.95
CA GLY D 213 50.33 47.75 -20.56
C GLY D 213 48.96 48.28 -20.27
N TYR D 214 47.94 47.45 -20.48
CA TYR D 214 46.56 47.87 -20.28
C TYR D 214 46.30 48.25 -18.83
N LEU D 215 46.92 47.53 -17.90
CA LEU D 215 46.73 47.85 -16.48
C LEU D 215 47.41 49.17 -16.13
N LYS D 216 48.57 49.43 -16.71
CA LYS D 216 49.26 50.71 -16.51
C LYS D 216 48.41 51.88 -16.98
N GLU D 217 47.61 51.68 -18.02
CA GLU D 217 46.86 52.77 -18.62
C GLU D 217 45.64 53.18 -17.80
N LEU D 218 44.97 52.22 -17.15
CA LEU D 218 43.75 52.55 -16.44
C LEU D 218 43.97 52.92 -14.97
N LEU D 219 45.18 52.78 -14.45
CA LEU D 219 45.43 53.13 -13.05
C LEU D 219 44.97 54.54 -12.67
N PRO D 220 45.14 55.58 -13.51
CA PRO D 220 44.51 56.87 -13.15
C PRO D 220 42.99 56.80 -13.18
N ARG D 221 42.42 56.05 -14.12
CA ARG D 221 40.98 55.91 -14.26
C ARG D 221 40.36 54.99 -13.23
N ARG D 222 41.16 54.38 -12.35
CA ARG D 222 40.65 53.41 -11.36
C ARG D 222 41.47 53.50 -10.09
N PRO D 223 41.21 54.51 -9.25
CA PRO D 223 42.05 54.67 -8.04
C PRO D 223 41.74 53.65 -6.97
N ASP D 224 40.50 53.15 -6.91
CA ASP D 224 40.13 52.19 -5.88
C ASP D 224 40.68 50.79 -6.15
N LEU D 225 41.19 50.54 -7.36
CA LEU D 225 41.69 49.23 -7.74
C LEU D 225 43.17 49.07 -7.38
N LYS D 226 43.56 47.84 -7.06
CA LYS D 226 44.94 47.51 -6.74
C LYS D 226 45.45 46.37 -7.62
N ILE D 227 46.76 46.39 -7.87
CA ILE D 227 47.41 45.49 -8.82
C ILE D 227 48.64 44.89 -8.16
N ILE D 228 48.84 43.59 -8.35
CA ILE D 228 50.01 42.89 -7.82
C ILE D 228 50.65 42.07 -8.93
N ILE D 229 51.98 42.16 -9.03
CA ILE D 229 52.75 41.44 -10.04
C ILE D 229 53.67 40.46 -9.33
N THR D 230 53.62 39.20 -9.73
CA THR D 230 54.43 38.16 -9.13
C THR D 230 55.23 37.44 -10.20
N SER D 231 56.43 37.02 -9.84
CA SER D 231 57.39 36.39 -10.76
C SER D 231 58.47 35.74 -9.92
N ALA D 232 59.52 35.26 -10.58
CA ALA D 232 60.67 34.70 -9.88
C ALA D 232 61.66 35.81 -9.54
N THR D 233 62.81 35.41 -8.99
CA THR D 233 63.84 36.37 -8.61
C THR D 233 64.70 36.80 -9.80
N ILE D 234 64.20 36.62 -11.01
CA ILE D 234 64.95 36.92 -12.23
C ILE D 234 64.28 38.13 -12.86
N ASP D 235 65.00 39.25 -12.85
CA ASP D 235 64.52 40.51 -13.40
C ASP D 235 63.15 40.93 -12.86
N PRO D 236 62.99 41.02 -11.55
CA PRO D 236 61.75 41.63 -11.01
C PRO D 236 61.82 43.14 -11.06
N GLU D 237 63.00 43.69 -11.36
CA GLU D 237 63.22 45.12 -11.34
C GLU D 237 62.49 45.82 -12.48
N ARG D 238 62.38 45.16 -13.64
CA ARG D 238 61.68 45.76 -14.77
C ARG D 238 60.23 46.08 -14.43
N PHE D 239 59.56 45.18 -13.72
CA PHE D 239 58.16 45.40 -13.38
C PHE D 239 57.99 46.63 -12.49
N SER D 240 58.90 46.83 -11.54
CA SER D 240 58.84 48.02 -10.70
C SER D 240 59.07 49.28 -11.54
N ARG D 241 60.02 49.22 -12.48
CA ARG D 241 60.24 50.33 -13.41
C ARG D 241 58.97 50.68 -14.16
N HIS D 242 58.17 49.67 -14.51
CA HIS D 242 56.98 49.90 -15.32
C HIS D 242 55.97 50.78 -14.61
N PHE D 243 55.73 50.54 -13.32
CA PHE D 243 54.76 51.29 -12.54
C PHE D 243 55.51 52.24 -11.60
N ASN D 244 55.94 53.38 -12.18
CA ASN D 244 56.77 54.35 -11.47
C ASN D 244 57.97 53.68 -10.81
N ASN D 245 58.00 53.72 -9.48
CA ASN D 245 59.01 52.99 -8.73
C ASN D 245 58.30 52.08 -7.72
N ALA D 246 57.53 51.12 -8.23
CA ALA D 246 56.69 50.32 -7.36
C ALA D 246 57.55 49.48 -6.42
N PRO D 247 57.11 49.27 -5.18
CA PRO D 247 57.90 48.47 -4.24
C PRO D 247 57.96 47.01 -4.65
N ILE D 248 59.06 46.37 -4.28
CA ILE D 248 59.28 44.95 -4.52
C ILE D 248 59.54 44.27 -3.18
N ILE D 249 59.04 43.05 -3.04
CA ILE D 249 59.27 42.25 -1.84
C ILE D 249 59.69 40.86 -2.29
N GLU D 250 60.83 40.39 -1.77
CA GLU D 250 61.39 39.11 -2.16
C GLU D 250 61.25 38.10 -1.02
N VAL D 251 60.86 36.87 -1.35
CA VAL D 251 60.65 35.80 -0.38
C VAL D 251 61.48 34.60 -0.83
N SER D 252 62.16 33.97 0.13
CA SER D 252 63.04 32.85 -0.17
C SER D 252 62.23 31.65 -0.67
N GLY D 253 62.95 30.61 -1.06
CA GLY D 253 62.33 29.38 -1.49
C GLY D 253 62.91 28.19 -0.77
N ARG D 254 62.05 27.19 -0.54
CA ARG D 254 62.43 25.97 0.16
C ARG D 254 62.82 24.91 -0.86
N THR D 255 64.13 24.76 -1.08
CA THR D 255 64.67 23.76 -1.99
C THR D 255 65.99 23.24 -1.44
N TYR D 256 66.24 21.97 -1.71
CA TYR D 256 67.45 21.29 -1.28
C TYR D 256 68.61 21.69 -2.18
N PRO D 257 69.85 21.59 -1.68
CA PRO D 257 70.99 22.07 -2.46
C PRO D 257 71.12 21.36 -3.80
N VAL D 258 71.37 22.16 -4.85
CA VAL D 258 71.58 21.64 -6.19
C VAL D 258 73.00 22.00 -6.62
N GLU D 259 73.71 21.02 -7.18
CA GLU D 259 75.08 21.18 -7.64
C GLU D 259 75.13 21.15 -9.15
N VAL D 260 75.89 22.06 -9.75
CA VAL D 260 76.11 22.10 -11.19
C VAL D 260 77.52 21.63 -11.46
N ARG D 261 77.68 20.80 -12.49
CA ARG D 261 78.99 20.33 -12.92
C ARG D 261 79.06 20.47 -14.44
N TYR D 262 79.97 21.32 -14.91
CA TYR D 262 80.12 21.59 -16.34
C TYR D 262 80.97 20.51 -16.99
N ARG D 263 80.36 19.75 -17.89
CA ARG D 263 80.98 18.62 -18.60
C ARG D 263 80.67 18.80 -20.08
N PRO D 264 81.57 19.46 -20.84
CA PRO D 264 81.23 19.86 -22.22
C PRO D 264 81.32 18.74 -23.24
N ILE D 265 81.48 19.10 -24.51
CA ILE D 265 81.32 18.15 -25.61
C ILE D 265 82.60 17.41 -25.98
N VAL D 266 83.77 17.90 -25.56
CA VAL D 266 85.05 17.19 -25.66
C VAL D 266 85.42 16.85 -27.11
N GLU D 267 84.54 16.14 -27.81
CA GLU D 267 84.80 15.69 -29.17
C GLU D 267 84.90 16.87 -30.15
N ASP D 271 80.00 15.04 -36.56
CA ASP D 271 78.67 14.51 -36.27
C ASP D 271 78.25 14.81 -34.84
N THR D 272 77.40 15.82 -34.65
CA THR D 272 76.96 16.16 -33.30
C THR D 272 75.93 15.17 -32.76
N GLU D 273 75.24 14.42 -33.64
CA GLU D 273 74.33 13.39 -33.16
C GLU D 273 75.08 12.24 -32.49
N ARG D 274 76.34 12.03 -32.87
CA ARG D 274 77.19 11.03 -32.23
C ARG D 274 78.06 11.64 -31.13
N ASP D 275 78.48 12.90 -31.29
CA ASP D 275 79.26 13.56 -30.24
C ASP D 275 78.42 13.79 -29.00
N GLN D 276 77.28 14.46 -29.16
CA GLN D 276 76.43 14.80 -28.00
C GLN D 276 75.87 13.56 -27.33
N LEU D 277 75.59 12.51 -28.10
CA LEU D 277 75.05 11.28 -27.52
C LEU D 277 76.01 10.69 -26.50
N GLN D 278 77.30 10.61 -26.84
CA GLN D 278 78.29 10.07 -25.90
C GLN D 278 78.46 10.99 -24.69
N ALA D 279 78.30 12.30 -24.89
CA ALA D 279 78.33 13.23 -23.75
C ALA D 279 77.22 12.91 -22.76
N ILE D 280 76.07 12.47 -23.26
CA ILE D 280 75.00 12.05 -22.35
C ILE D 280 75.35 10.74 -21.68
N PHE D 281 75.93 9.80 -22.43
CA PHE D 281 76.32 8.52 -21.85
C PHE D 281 77.34 8.72 -20.73
N ASP D 282 78.36 9.54 -20.97
CA ASP D 282 79.34 9.80 -19.92
C ASP D 282 78.70 10.51 -18.73
N ALA D 283 77.71 11.37 -18.98
CA ALA D 283 77.06 12.11 -17.90
C ALA D 283 76.19 11.20 -17.05
N VAL D 284 75.46 10.27 -17.66
CA VAL D 284 74.65 9.32 -16.87
C VAL D 284 75.55 8.36 -16.10
N ASP D 285 76.71 8.00 -16.67
CA ASP D 285 77.65 7.17 -15.93
C ASP D 285 78.16 7.90 -14.69
N GLU D 286 78.42 9.20 -14.82
CA GLU D 286 78.87 9.99 -13.68
C GLU D 286 77.78 10.11 -12.62
N LEU D 287 76.53 10.29 -13.05
CA LEU D 287 75.43 10.47 -12.11
C LEU D 287 75.07 9.15 -11.43
N SER D 288 75.17 8.04 -12.17
CA SER D 288 74.85 6.73 -11.60
C SER D 288 75.84 6.33 -10.51
N GLN D 289 77.08 6.84 -10.57
CA GLN D 289 78.04 6.56 -9.51
C GLN D 289 77.58 7.16 -8.19
N GLU D 290 76.94 8.33 -8.24
CA GLU D 290 76.45 8.98 -7.04
C GLU D 290 75.32 8.18 -6.41
N SER D 291 74.24 7.97 -7.15
CA SER D 291 73.13 7.16 -6.67
C SER D 291 72.36 6.63 -7.86
N HIS D 292 71.55 5.60 -7.59
CA HIS D 292 70.71 4.98 -8.61
C HIS D 292 69.30 5.54 -8.52
N GLY D 293 69.17 6.79 -8.94
CA GLY D 293 67.93 7.52 -8.83
C GLY D 293 67.40 7.94 -10.20
N ASP D 294 66.18 8.48 -10.19
CA ASP D 294 65.54 8.91 -11.42
C ASP D 294 66.27 10.13 -11.98
N ILE D 295 66.40 10.16 -13.31
CA ILE D 295 67.16 11.20 -14.00
C ILE D 295 66.33 11.75 -15.16
N LEU D 296 66.26 13.09 -15.25
CA LEU D 296 65.54 13.80 -16.31
C LEU D 296 66.51 14.37 -17.33
N ILE D 297 66.35 13.95 -18.59
CA ILE D 297 67.20 14.37 -19.71
C ILE D 297 66.38 15.30 -20.59
N PHE D 298 66.83 16.55 -20.72
CA PHE D 298 66.11 17.49 -21.56
C PHE D 298 66.47 17.31 -23.03
N MET D 299 65.45 17.35 -23.87
CA MET D 299 65.58 17.08 -25.30
C MET D 299 64.85 18.17 -26.08
N SER D 300 65.29 18.43 -27.31
CA SER D 300 64.75 19.55 -28.06
C SER D 300 63.68 19.16 -29.07
N GLY D 301 63.52 17.88 -29.38
CA GLY D 301 62.56 17.48 -30.40
C GLY D 301 62.17 16.02 -30.26
N GLU D 302 61.11 15.66 -30.99
CA GLU D 302 60.70 14.26 -31.01
C GLU D 302 61.72 13.38 -31.74
N ARG D 303 62.25 13.85 -32.87
CA ARG D 303 63.27 13.06 -33.58
C ARG D 303 64.53 12.92 -32.74
N GLU D 304 64.86 13.93 -31.93
CA GLU D 304 66.02 13.80 -31.05
C GLU D 304 65.73 12.86 -29.88
N ILE D 305 64.48 12.83 -29.40
CA ILE D 305 64.12 11.91 -28.33
C ILE D 305 64.20 10.47 -28.81
N ARG D 306 63.62 10.18 -29.98
CA ARG D 306 63.61 8.82 -30.49
C ARG D 306 65.02 8.27 -30.64
N ASP D 307 65.97 9.12 -31.05
CA ASP D 307 67.35 8.65 -31.19
C ASP D 307 67.99 8.42 -29.83
N THR D 308 67.69 9.26 -28.83
CA THR D 308 68.25 9.03 -27.50
C THR D 308 67.56 7.85 -26.81
N ALA D 309 66.25 7.68 -27.03
CA ALA D 309 65.54 6.55 -26.46
C ALA D 309 66.03 5.24 -27.06
N ASP D 310 66.18 5.20 -28.39
CA ASP D 310 66.69 3.99 -29.03
C ASP D 310 68.11 3.68 -28.59
N ALA D 311 68.90 4.71 -28.31
CA ALA D 311 70.29 4.50 -27.93
C ALA D 311 70.40 3.93 -26.52
N LEU D 312 69.66 4.50 -25.57
CA LEU D 312 69.73 4.04 -24.19
C LEU D 312 69.13 2.65 -24.03
N ASN D 313 68.05 2.36 -24.76
CA ASN D 313 67.40 1.06 -24.63
C ASN D 313 68.27 -0.06 -25.17
N LYS D 314 69.17 0.23 -26.11
CA LYS D 314 70.12 -0.76 -26.58
C LYS D 314 71.10 -1.14 -25.49
N LEU D 315 71.48 -0.18 -24.64
CA LEU D 315 72.45 -0.46 -23.59
C LEU D 315 71.93 -1.47 -22.57
N ASN D 316 70.61 -1.55 -22.43
CA ASN D 316 69.98 -2.40 -21.41
C ASN D 316 70.66 -2.20 -20.05
N LEU D 317 70.49 -0.99 -19.53
CA LEU D 317 71.04 -0.69 -18.21
C LEU D 317 70.21 -1.36 -17.13
N ARG D 318 70.82 -1.53 -15.96
CA ARG D 318 70.23 -2.36 -14.92
C ARG D 318 69.07 -1.65 -14.22
N HIS D 319 67.95 -2.36 -14.07
CA HIS D 319 66.85 -1.96 -13.20
C HIS D 319 66.35 -0.55 -13.53
N THR D 320 66.29 -0.22 -14.82
CA THR D 320 66.00 1.14 -15.22
C THR D 320 65.15 1.15 -16.48
N GLU D 321 64.33 2.19 -16.63
CA GLU D 321 63.40 2.35 -17.75
C GLU D 321 63.62 3.69 -18.43
N ILE D 322 63.47 3.70 -19.75
CA ILE D 322 63.56 4.92 -20.54
C ILE D 322 62.16 5.30 -21.00
N LEU D 323 61.67 6.44 -20.54
CA LEU D 323 60.34 6.92 -20.81
C LEU D 323 60.40 8.29 -21.50
N PRO D 324 59.70 8.47 -22.61
CA PRO D 324 59.69 9.77 -23.28
C PRO D 324 58.59 10.67 -22.74
N LEU D 325 58.80 11.98 -22.92
CA LEU D 325 57.82 12.98 -22.53
C LEU D 325 57.91 14.16 -23.48
N TYR D 326 56.84 14.40 -24.24
CA TYR D 326 56.75 15.55 -25.11
C TYR D 326 55.29 15.96 -25.18
N ALA D 327 55.05 17.15 -25.73
CA ALA D 327 53.72 17.77 -25.62
C ALA D 327 52.65 16.94 -26.30
N ARG D 328 52.93 16.46 -27.52
CA ARG D 328 51.92 15.74 -28.30
C ARG D 328 51.74 14.28 -27.88
N LEU D 329 52.50 13.80 -26.90
CA LEU D 329 52.42 12.40 -26.50
C LEU D 329 51.03 12.09 -25.97
N SER D 330 50.61 10.83 -26.13
CA SER D 330 49.31 10.38 -25.64
C SER D 330 49.20 10.64 -24.15
N ASN D 331 48.02 11.09 -23.71
CA ASN D 331 47.83 11.42 -22.31
C ASN D 331 48.15 10.22 -21.41
N SER D 332 47.85 9.01 -21.89
CA SER D 332 48.23 7.82 -21.13
C SER D 332 49.74 7.69 -21.05
N GLU D 333 50.41 7.71 -22.20
CA GLU D 333 51.87 7.64 -22.20
C GLU D 333 52.48 8.87 -21.53
N GLN D 334 51.78 10.00 -21.58
CA GLN D 334 52.23 11.18 -20.85
C GLN D 334 52.08 10.96 -19.35
N ASN D 335 50.92 10.48 -18.91
CA ASN D 335 50.67 10.31 -17.48
C ASN D 335 51.67 9.36 -16.85
N ARG D 336 51.94 8.22 -17.51
CA ARG D 336 52.84 7.18 -17.02
C ARG D 336 54.09 7.73 -16.35
N VAL D 337 54.54 8.91 -16.81
CA VAL D 337 55.71 9.56 -16.25
C VAL D 337 55.49 9.98 -14.80
N PHE D 338 54.24 10.18 -14.37
CA PHE D 338 53.97 10.68 -13.03
C PHE D 338 53.62 9.62 -11.99
N GLN D 339 53.43 8.35 -12.36
CA GLN D 339 53.01 7.35 -11.38
C GLN D 339 54.07 6.27 -11.15
N SER D 340 54.14 5.84 -9.88
CA SER D 340 54.83 4.63 -9.39
C SER D 340 56.04 4.18 -10.20
N HIS D 341 57.23 4.57 -9.75
CA HIS D 341 58.46 4.03 -10.31
C HIS D 341 58.71 2.63 -9.80
N SER D 342 59.19 1.75 -10.67
CA SER D 342 59.58 0.41 -10.24
C SER D 342 60.93 0.43 -9.55
N GLY D 343 61.87 1.23 -10.05
CA GLY D 343 63.18 1.34 -9.45
C GLY D 343 63.90 2.60 -9.88
N ARG D 344 64.30 2.66 -11.15
CA ARG D 344 64.93 3.84 -11.72
C ARG D 344 64.28 4.17 -13.05
N ARG D 345 64.01 5.45 -13.28
CA ARG D 345 63.40 5.91 -14.52
C ARG D 345 64.22 7.03 -15.14
N ILE D 346 64.47 6.91 -16.44
CA ILE D 346 65.15 7.94 -17.21
C ILE D 346 64.09 8.55 -18.12
N VAL D 347 63.73 9.80 -17.84
CA VAL D 347 62.69 10.49 -18.58
C VAL D 347 63.36 11.39 -19.61
N LEU D 348 63.11 11.13 -20.88
CA LEU D 348 63.59 11.98 -21.95
C LEU D 348 62.46 12.95 -22.30
N ALA D 349 62.63 14.21 -21.90
CA ALA D 349 61.57 15.20 -21.97
C ALA D 349 62.08 16.42 -22.71
N THR D 350 61.14 17.31 -23.06
CA THR D 350 61.44 18.53 -23.80
C THR D 350 61.19 19.73 -22.89
N ASN D 351 60.94 20.89 -23.50
CA ASN D 351 60.70 22.10 -22.73
C ASN D 351 59.52 21.94 -21.78
N VAL D 352 58.63 20.98 -22.09
CA VAL D 352 57.45 20.74 -21.28
C VAL D 352 57.83 20.54 -19.82
N ALA D 353 58.98 19.91 -19.57
CA ALA D 353 59.48 19.70 -18.22
C ALA D 353 60.15 20.93 -17.62
N GLU D 354 60.31 22.01 -18.39
CA GLU D 354 60.98 23.21 -17.88
C GLU D 354 60.02 24.23 -17.30
N THR D 355 58.79 24.33 -17.82
CA THR D 355 57.83 25.31 -17.34
C THR D 355 56.52 24.68 -16.91
N SER D 356 55.87 23.90 -17.77
CA SER D 356 54.50 23.48 -17.52
C SER D 356 54.41 22.33 -16.51
N LEU D 357 55.10 21.22 -16.79
CA LEU D 357 54.74 19.95 -16.14
C LEU D 357 55.34 19.72 -14.76
N THR D 358 56.66 19.94 -14.59
CA THR D 358 57.34 19.58 -13.34
C THR D 358 57.24 18.09 -13.02
N VAL D 359 58.12 17.29 -13.60
CA VAL D 359 58.09 15.83 -13.42
C VAL D 359 58.48 15.48 -11.99
N PRO D 360 57.73 14.61 -11.30
CA PRO D 360 58.00 14.35 -9.88
C PRO D 360 59.01 13.23 -9.66
N GLY D 361 59.52 13.18 -8.43
CA GLY D 361 60.43 12.12 -8.02
C GLY D 361 61.68 12.09 -8.88
N ILE D 362 62.36 13.22 -8.94
CA ILE D 362 63.53 13.41 -9.79
C ILE D 362 64.73 13.75 -8.92
N LYS D 363 65.85 13.08 -9.18
CA LYS D 363 67.09 13.33 -8.45
C LYS D 363 68.15 14.04 -9.26
N TYR D 364 68.25 13.77 -10.56
CA TYR D 364 69.33 14.30 -11.39
C TYR D 364 68.79 14.85 -12.70
N VAL D 365 69.48 15.86 -13.23
CA VAL D 365 69.11 16.50 -14.49
C VAL D 365 70.35 16.66 -15.35
N ILE D 366 70.22 16.34 -16.64
CA ILE D 366 71.27 16.54 -17.62
C ILE D 366 70.77 17.55 -18.64
N ASP D 367 71.55 18.62 -18.83
CA ASP D 367 71.12 19.75 -19.65
C ASP D 367 72.05 19.88 -20.86
N PRO D 368 71.64 19.38 -22.03
CA PRO D 368 72.41 19.66 -23.25
C PRO D 368 72.41 21.12 -23.64
N GLY D 369 71.51 21.92 -23.09
CA GLY D 369 71.51 23.34 -23.33
C GLY D 369 70.94 23.79 -24.65
N THR D 370 70.18 22.94 -25.33
CA THR D 370 69.61 23.26 -26.63
C THR D 370 68.09 23.10 -26.57
N ALA D 371 67.39 24.05 -27.18
CA ALA D 371 65.95 24.00 -27.28
C ALA D 371 65.50 24.76 -28.51
N ARG D 372 64.38 24.31 -29.05
CA ARG D 372 63.80 24.90 -30.24
C ARG D 372 62.96 26.11 -29.88
N ILE D 373 63.19 27.24 -30.55
CA ILE D 373 62.57 28.53 -30.22
C ILE D 373 61.86 29.09 -31.45
N SER D 374 60.71 29.74 -31.23
CA SER D 374 59.88 30.26 -32.30
C SER D 374 60.16 31.73 -32.57
N ARG D 375 60.37 32.08 -33.84
CA ARG D 375 60.77 33.43 -34.23
C ARG D 375 59.99 33.87 -35.47
N TYR D 376 59.55 35.13 -35.47
CA TYR D 376 58.94 35.74 -36.64
C TYR D 376 59.60 37.08 -36.88
N SER D 377 60.01 37.34 -38.12
CA SER D 377 60.62 38.61 -38.48
C SER D 377 60.10 39.06 -39.83
N TYR D 378 59.98 40.38 -39.98
CA TYR D 378 59.58 40.98 -41.26
C TYR D 378 60.52 40.58 -42.39
N ARG D 379 61.73 40.12 -42.06
CA ARG D 379 62.72 39.74 -43.05
C ARG D 379 62.16 38.67 -43.98
N THR D 380 61.96 37.47 -43.44
CA THR D 380 61.41 36.38 -44.23
C THR D 380 59.89 36.45 -44.35
N LYS D 381 59.24 37.10 -43.37
CA LYS D 381 57.77 37.18 -43.26
C LYS D 381 57.16 35.79 -43.10
N VAL D 382 57.95 34.85 -42.58
CA VAL D 382 57.57 33.47 -42.38
C VAL D 382 58.05 33.03 -41.02
N GLN D 383 57.27 32.17 -40.36
CA GLN D 383 57.67 31.66 -39.05
C GLN D 383 58.80 30.66 -39.21
N ARG D 384 59.78 30.76 -38.32
CA ARG D 384 60.95 29.88 -38.29
C ARG D 384 61.23 29.49 -36.84
N LEU D 385 61.46 28.21 -36.63
CA LEU D 385 61.73 27.64 -35.30
C LEU D 385 63.05 26.86 -35.30
N PRO D 386 64.17 27.58 -35.14
CA PRO D 386 65.49 26.93 -35.07
C PRO D 386 65.81 26.40 -33.69
N ILE D 387 66.80 25.52 -33.65
CA ILE D 387 67.33 24.98 -32.40
C ILE D 387 68.51 25.85 -31.99
N GLU D 388 68.36 26.59 -30.90
CA GLU D 388 69.36 27.56 -30.46
C GLU D 388 69.84 27.22 -29.06
N PRO D 389 71.01 27.72 -28.66
CA PRO D 389 71.42 27.59 -27.25
C PRO D 389 70.49 28.38 -26.34
N ILE D 390 70.12 27.76 -25.23
CA ILE D 390 69.18 28.38 -24.32
C ILE D 390 69.89 29.43 -23.47
N SER D 391 69.09 30.29 -22.84
CA SER D 391 69.61 31.40 -22.05
C SER D 391 69.99 30.96 -20.63
N GLN D 392 70.59 31.88 -19.88
CA GLN D 392 70.92 31.61 -18.49
C GLN D 392 69.67 31.31 -17.66
N ALA D 393 68.63 32.14 -17.82
CA ALA D 393 67.41 31.94 -17.03
C ALA D 393 66.74 30.61 -17.38
N SER D 394 66.77 30.23 -18.67
CA SER D 394 66.18 28.97 -19.07
C SER D 394 66.97 27.78 -18.53
N ALA D 395 68.31 27.88 -18.55
CA ALA D 395 69.14 26.81 -18.00
C ALA D 395 68.97 26.69 -16.49
N ASN D 396 68.91 27.81 -15.76
CA ASN D 396 68.71 27.75 -14.32
C ASN D 396 67.33 27.18 -13.98
N GLN D 397 66.34 27.40 -14.84
CA GLN D 397 65.04 26.77 -14.63
C GLN D 397 65.13 25.26 -14.81
N ARG D 398 65.90 24.81 -15.81
CA ARG D 398 66.13 23.38 -15.98
C ARG D 398 66.85 22.79 -14.76
N LYS D 399 67.85 23.51 -14.24
CA LYS D 399 68.58 23.03 -13.07
C LYS D 399 67.66 22.90 -11.86
N GLY D 400 66.68 23.79 -11.73
CA GLY D 400 65.80 23.78 -10.58
C GLY D 400 64.80 22.64 -10.55
N ARG D 401 64.60 21.95 -11.67
CA ARG D 401 63.59 20.90 -11.75
C ARG D 401 64.02 19.59 -11.09
N CYS D 402 65.15 19.54 -10.38
CA CYS D 402 65.61 18.29 -9.76
C CYS D 402 65.79 18.38 -8.25
N GLY D 403 65.71 19.56 -7.67
CA GLY D 403 65.94 19.79 -6.26
C GLY D 403 64.73 19.63 -5.37
N ARG D 404 63.62 19.12 -5.92
CA ARG D 404 62.34 19.20 -5.22
C ARG D 404 62.35 18.39 -3.93
N VAL D 405 62.61 17.09 -4.03
CA VAL D 405 62.41 16.18 -2.91
C VAL D 405 63.70 15.93 -2.14
N SER D 406 64.81 15.73 -2.84
CA SER D 406 66.11 15.47 -2.22
C SER D 406 67.15 16.38 -2.87
N GLU D 407 68.33 16.43 -2.24
CA GLU D 407 69.48 17.09 -2.86
C GLU D 407 69.69 16.55 -4.27
N GLY D 408 69.88 17.45 -5.24
CA GLY D 408 69.99 17.08 -6.63
C GLY D 408 71.30 17.54 -7.25
N ILE D 409 71.58 16.98 -8.43
CA ILE D 409 72.76 17.32 -9.22
C ILE D 409 72.29 17.66 -10.63
N CYS D 410 72.92 18.67 -11.24
CA CYS D 410 72.64 19.07 -12.61
C CYS D 410 73.92 19.02 -13.42
N ILE D 411 73.90 18.25 -14.50
CA ILE D 411 75.05 18.14 -15.41
C ILE D 411 74.75 19.00 -16.64
N ARG D 412 75.62 19.96 -16.91
CA ARG D 412 75.48 20.87 -18.04
C ARG D 412 76.52 20.53 -19.07
N LEU D 413 76.07 20.20 -20.28
CA LEU D 413 76.97 19.73 -21.34
C LEU D 413 77.62 20.90 -22.06
N TYR D 414 78.18 21.84 -21.29
CA TYR D 414 78.88 22.99 -21.85
C TYR D 414 79.75 23.59 -20.74
N SER D 415 80.66 24.48 -21.16
CA SER D 415 81.59 25.10 -20.24
C SER D 415 80.92 26.19 -19.43
N GLU D 416 81.50 26.47 -18.26
CA GLU D 416 81.01 27.58 -17.44
C GLU D 416 81.19 28.90 -18.18
N ASP D 417 82.25 29.04 -18.97
CA ASP D 417 82.41 30.22 -19.80
C ASP D 417 81.32 30.29 -20.86
N ASP D 418 80.88 29.14 -21.38
CA ASP D 418 79.76 29.13 -22.31
C ASP D 418 78.48 29.61 -21.64
N PHE D 419 78.20 29.10 -20.44
CA PHE D 419 77.00 29.51 -19.71
C PHE D 419 77.01 31.01 -19.42
N LEU D 420 78.13 31.52 -18.90
CA LEU D 420 78.23 32.95 -18.60
C LEU D 420 78.24 33.80 -19.86
N SER D 421 78.64 33.25 -21.01
CA SER D 421 78.60 33.98 -22.26
C SER D 421 77.21 34.05 -22.86
N ARG D 422 76.30 33.17 -22.44
CA ARG D 422 74.97 33.14 -23.01
C ARG D 422 74.15 34.34 -22.50
N PRO D 423 73.15 34.79 -23.26
CA PRO D 423 72.32 35.90 -22.80
C PRO D 423 71.61 35.53 -21.50
N GLU D 424 71.40 36.55 -20.66
CA GLU D 424 70.79 36.31 -19.35
C GLU D 424 69.34 35.87 -19.49
N PHE D 425 68.57 36.49 -20.38
CA PHE D 425 67.14 36.27 -20.47
C PHE D 425 66.75 35.93 -21.91
N THR D 426 65.68 35.15 -22.03
CA THR D 426 65.13 34.83 -23.34
C THR D 426 64.36 36.02 -23.89
N ASP D 427 64.39 36.16 -25.21
CA ASP D 427 63.73 37.29 -25.85
C ASP D 427 62.24 37.23 -25.58
N PRO D 428 61.61 38.30 -25.11
CA PRO D 428 60.15 38.25 -24.90
C PRO D 428 59.43 37.93 -26.20
N GLU D 429 58.28 37.27 -26.05
CA GLU D 429 57.58 36.77 -27.24
C GLU D 429 57.02 37.92 -28.07
N ILE D 430 56.74 39.07 -27.43
CA ILE D 430 56.23 40.22 -28.17
C ILE D 430 57.24 40.72 -29.20
N LEU D 431 58.53 40.49 -28.95
CA LEU D 431 59.57 40.96 -29.84
C LEU D 431 59.81 40.04 -31.02
N ARG D 432 59.35 38.78 -30.93
CA ARG D 432 59.71 37.76 -31.90
C ARG D 432 58.52 37.00 -32.48
N THR D 433 57.31 37.47 -32.28
CA THR D 433 56.14 36.82 -32.85
C THR D 433 55.39 37.75 -33.79
N ASN D 434 54.51 37.16 -34.58
CA ASN D 434 53.67 37.93 -35.47
C ASN D 434 52.68 38.75 -34.65
N LEU D 435 52.62 40.06 -34.90
CA LEU D 435 51.81 40.97 -34.11
C LEU D 435 50.49 41.30 -34.79
N ALA D 436 50.05 40.46 -35.72
CA ALA D 436 48.83 40.76 -36.47
C ALA D 436 47.62 40.78 -35.56
N SER D 437 47.43 39.70 -34.79
CA SER D 437 46.26 39.63 -33.92
C SER D 437 46.33 40.66 -32.81
N VAL D 438 47.54 41.02 -32.37
CA VAL D 438 47.68 41.98 -31.28
C VAL D 438 47.14 43.34 -31.69
N ILE D 439 47.58 43.86 -32.85
CA ILE D 439 47.16 45.19 -33.23
C ILE D 439 45.68 45.22 -33.57
N LEU D 440 45.13 44.11 -34.08
CA LEU D 440 43.71 44.05 -34.37
C LEU D 440 42.88 44.22 -33.10
N GLN D 441 43.23 43.49 -32.04
CA GLN D 441 42.50 43.65 -30.78
C GLN D 441 42.74 45.03 -30.18
N MET D 442 43.95 45.58 -30.33
CA MET D 442 44.22 46.92 -29.79
C MET D 442 43.36 47.96 -30.49
N THR D 443 43.34 47.95 -31.83
CA THR D 443 42.48 48.86 -32.55
C THR D 443 41.01 48.51 -32.34
N ALA D 444 40.70 47.24 -32.06
CA ALA D 444 39.33 46.86 -31.74
C ALA D 444 38.87 47.52 -30.45
N LEU D 445 39.78 47.68 -29.49
CA LEU D 445 39.47 48.32 -28.23
C LEU D 445 39.64 49.84 -28.30
N GLY D 446 39.97 50.38 -29.47
CA GLY D 446 40.14 51.80 -29.66
C GLY D 446 41.52 52.35 -29.39
N LEU D 447 42.53 51.49 -29.23
CA LEU D 447 43.89 51.96 -28.98
C LEU D 447 44.69 51.90 -30.28
N GLY D 448 44.31 52.79 -31.21
CA GLY D 448 44.89 52.74 -32.54
C GLY D 448 46.35 53.18 -32.55
N ASP D 449 46.67 54.24 -31.82
CA ASP D 449 48.03 54.78 -31.84
C ASP D 449 48.98 53.86 -31.06
N ILE D 450 49.55 52.88 -31.77
CA ILE D 450 50.38 51.88 -31.10
C ILE D 450 51.68 52.48 -30.60
N ALA D 451 52.12 53.60 -31.19
CA ALA D 451 53.33 54.25 -30.67
C ALA D 451 53.09 54.85 -29.29
N ALA D 452 51.85 55.28 -29.00
CA ALA D 452 51.50 55.86 -27.71
C ALA D 452 51.24 54.81 -26.64
N PHE D 453 51.05 53.56 -27.03
CA PHE D 453 50.73 52.50 -26.09
C PHE D 453 51.89 52.27 -25.13
N PRO D 454 51.65 52.27 -23.81
CA PRO D 454 52.71 52.14 -22.79
C PRO D 454 53.20 50.71 -22.60
N PHE D 455 54.00 50.23 -23.54
CA PHE D 455 54.55 48.88 -23.45
C PHE D 455 55.55 48.76 -22.31
N VAL D 456 55.66 47.54 -21.78
CA VAL D 456 56.74 47.26 -20.85
C VAL D 456 58.05 47.03 -21.61
N GLU D 457 57.95 46.55 -22.86
CA GLU D 457 59.11 46.47 -23.74
C GLU D 457 58.60 46.64 -25.17
N ALA D 458 58.83 47.83 -25.73
CA ALA D 458 58.29 48.16 -27.05
C ALA D 458 58.99 47.39 -28.16
N PRO D 459 58.25 46.90 -29.15
CA PRO D 459 58.87 46.22 -30.30
C PRO D 459 59.34 47.21 -31.35
N ASP D 460 60.12 46.70 -32.31
CA ASP D 460 60.59 47.52 -33.42
C ASP D 460 59.44 47.86 -34.37
N LYS D 461 59.43 49.12 -34.84
CA LYS D 461 58.29 49.59 -35.62
C LYS D 461 58.19 48.89 -36.98
N ARG D 462 59.32 48.46 -37.53
CA ARG D 462 59.26 47.70 -38.79
C ARG D 462 58.48 46.41 -38.62
N ASN D 463 58.45 45.86 -37.41
CA ASN D 463 57.57 44.71 -37.15
C ASN D 463 56.11 45.13 -37.03
N ILE D 464 55.85 46.27 -36.37
CA ILE D 464 54.47 46.71 -36.21
C ILE D 464 53.83 46.96 -37.57
N GLN D 465 54.57 47.61 -38.47
CA GLN D 465 54.07 47.82 -39.82
C GLN D 465 53.79 46.49 -40.52
N ASP D 466 54.62 45.48 -40.26
CA ASP D 466 54.35 44.15 -40.81
C ASP D 466 52.99 43.64 -40.35
N GLY D 467 52.69 43.81 -39.07
CA GLY D 467 51.36 43.45 -38.59
C GLY D 467 50.26 44.25 -39.26
N VAL D 468 50.48 45.55 -39.42
CA VAL D 468 49.51 46.37 -40.13
C VAL D 468 49.27 45.83 -41.53
N ARG D 469 50.35 45.40 -42.21
CA ARG D 469 50.26 44.88 -43.58
C ARG D 469 49.44 43.61 -43.66
N LEU D 470 49.63 42.68 -42.72
CA LEU D 470 48.87 41.44 -42.78
C LEU D 470 47.38 41.69 -42.56
N LEU D 471 47.02 42.68 -41.75
CA LEU D 471 45.61 43.01 -41.59
C LEU D 471 45.04 43.59 -42.88
N GLU D 472 45.82 44.43 -43.57
CA GLU D 472 45.39 44.92 -44.88
C GLU D 472 45.22 43.78 -45.87
N GLU D 473 46.09 42.75 -45.78
CA GLU D 473 45.94 41.55 -46.61
C GLU D 473 44.59 40.89 -46.39
N LEU D 474 44.06 40.97 -45.17
CA LEU D 474 42.75 40.42 -44.83
C LEU D 474 41.63 41.42 -44.98
N GLY D 475 41.95 42.69 -45.22
CA GLY D 475 40.93 43.71 -45.37
C GLY D 475 40.34 44.19 -44.06
N ALA D 476 41.10 44.13 -42.97
CA ALA D 476 40.55 44.38 -41.64
C ALA D 476 40.72 45.80 -41.14
N ILE D 477 41.75 46.53 -41.60
CA ILE D 477 42.05 47.83 -41.02
C ILE D 477 42.29 48.86 -42.12
N THR D 478 42.11 50.13 -41.76
CA THR D 478 42.55 51.24 -42.60
C THR D 478 43.10 52.33 -41.68
N THR D 479 43.99 53.15 -42.23
CA THR D 479 44.66 54.20 -41.47
C THR D 479 44.22 55.60 -41.91
N ASP D 480 44.59 56.58 -41.09
CA ASP D 480 44.51 58.00 -41.43
C ASP D 480 45.43 58.82 -40.53
N TYR D 486 44.93 53.64 -36.44
CA TYR D 486 44.23 52.82 -37.42
C TYR D 486 42.77 52.60 -36.97
N LYS D 487 41.88 52.40 -37.94
CA LYS D 487 40.47 52.10 -37.70
C LYS D 487 40.04 50.87 -38.48
N LEU D 488 39.21 50.04 -37.87
CA LEU D 488 38.89 48.72 -38.37
C LEU D 488 37.72 48.75 -39.36
N THR D 489 37.70 47.74 -40.22
CA THR D 489 36.65 47.56 -41.21
C THR D 489 35.45 46.87 -40.57
N PRO D 490 34.25 47.07 -41.11
CA PRO D 490 33.11 46.25 -40.68
C PRO D 490 33.39 44.76 -40.71
N LEU D 491 34.23 44.27 -41.63
CA LEU D 491 34.63 42.87 -41.55
C LEU D 491 35.80 42.69 -40.59
N GLY D 492 36.67 43.70 -40.47
CA GLY D 492 37.74 43.62 -39.49
C GLY D 492 37.23 43.52 -38.07
N ARG D 493 36.12 44.20 -37.76
CA ARG D 493 35.50 44.06 -36.45
C ARG D 493 35.00 42.64 -36.23
N GLN D 494 34.51 41.99 -37.29
CA GLN D 494 34.08 40.60 -37.16
C GLN D 494 35.26 39.67 -36.90
N LEU D 495 36.41 39.95 -37.52
CA LEU D 495 37.64 39.21 -37.21
C LEU D 495 37.96 39.26 -35.72
N SER D 496 37.69 40.39 -35.07
CA SER D 496 37.94 40.50 -33.63
C SER D 496 36.92 39.73 -32.81
N GLN D 497 35.70 39.58 -33.33
CA GLN D 497 34.67 38.84 -32.62
C GLN D 497 34.87 37.33 -32.70
N LEU D 498 35.69 36.83 -33.66
CA LEU D 498 35.92 35.40 -33.81
C LEU D 498 37.16 34.96 -33.05
N PRO D 499 37.08 33.86 -32.27
CA PRO D 499 38.16 33.44 -31.38
C PRO D 499 39.16 32.48 -32.01
N VAL D 500 39.71 32.87 -33.16
CA VAL D 500 40.70 32.08 -33.87
C VAL D 500 41.75 33.05 -34.41
N ASP D 501 42.78 32.51 -35.05
CA ASP D 501 43.77 33.36 -35.70
C ASP D 501 43.06 34.26 -36.71
N PRO D 502 43.50 35.51 -36.86
CA PRO D 502 42.82 36.40 -37.81
C PRO D 502 42.74 35.81 -39.21
N ARG D 503 43.80 35.16 -39.68
CA ARG D 503 43.76 34.49 -40.98
C ARG D 503 42.62 33.49 -41.06
N LEU D 504 42.43 32.68 -40.01
CA LEU D 504 41.36 31.70 -40.03
C LEU D 504 39.99 32.37 -39.96
N ALA D 505 39.88 33.44 -39.15
CA ALA D 505 38.61 34.15 -39.04
C ALA D 505 38.16 34.69 -40.40
N ARG D 506 39.11 35.13 -41.22
CA ARG D 506 38.78 35.64 -42.54
C ARG D 506 38.17 34.55 -43.42
N MET D 507 38.67 33.31 -43.28
CA MET D 507 38.13 32.22 -44.09
C MET D 507 36.69 31.90 -43.70
N VAL D 508 36.37 32.05 -42.41
CA VAL D 508 35.01 31.85 -41.95
C VAL D 508 34.09 32.93 -42.54
N LEU D 509 34.59 34.15 -42.66
CA LEU D 509 33.80 35.24 -43.21
C LEU D 509 33.58 35.07 -44.71
N GLU D 510 34.65 34.81 -45.47
CA GLU D 510 34.50 34.53 -46.90
C GLU D 510 33.63 33.32 -47.15
N ALA D 511 33.50 32.44 -46.15
CA ALA D 511 32.67 31.24 -46.29
C ALA D 511 31.21 31.58 -46.54
N GLN D 512 30.77 32.81 -46.23
CA GLN D 512 29.39 33.18 -46.50
C GLN D 512 29.16 33.45 -47.99
N LYS D 513 30.19 33.93 -48.69
CA LYS D 513 30.06 34.22 -50.13
C LYS D 513 29.79 32.96 -50.93
N HIS D 514 30.32 31.82 -50.49
CA HIS D 514 30.08 30.53 -51.12
C HIS D 514 29.22 29.68 -50.20
N GLY D 515 28.86 28.48 -50.67
CA GLY D 515 27.99 27.61 -49.91
C GLY D 515 28.71 26.73 -48.91
N CYS D 516 29.78 27.25 -48.27
CA CYS D 516 30.70 26.44 -47.48
C CYS D 516 31.10 27.16 -46.18
N VAL D 517 30.14 27.38 -45.29
CA VAL D 517 30.43 28.03 -44.01
C VAL D 517 30.58 27.01 -42.90
N ARG D 518 29.79 25.93 -42.97
CA ARG D 518 29.90 24.86 -41.98
C ARG D 518 31.29 24.21 -42.01
N GLU D 519 31.72 23.76 -43.19
CA GLU D 519 33.05 23.16 -43.31
C GLU D 519 34.13 24.14 -42.89
N ALA D 520 33.96 25.43 -43.22
CA ALA D 520 34.98 26.43 -42.87
C ALA D 520 35.15 26.52 -41.36
N MET D 521 34.05 26.41 -40.60
CA MET D 521 34.16 26.38 -39.16
C MET D 521 34.88 25.12 -38.69
N ILE D 522 34.65 24.00 -39.37
CA ILE D 522 35.33 22.75 -39.02
C ILE D 522 36.83 22.86 -39.28
N ILE D 523 37.20 23.38 -40.45
CA ILE D 523 38.61 23.44 -40.81
C ILE D 523 39.36 24.37 -39.86
N THR D 524 38.85 25.59 -39.69
CA THR D 524 39.58 26.60 -38.92
C THR D 524 39.70 26.19 -37.46
N SER D 525 38.63 25.64 -36.88
CA SER D 525 38.72 25.15 -35.51
C SER D 525 39.82 24.10 -35.38
N ALA D 526 39.90 23.19 -36.35
CA ALA D 526 40.93 22.14 -36.31
C ALA D 526 42.33 22.75 -36.43
N LEU D 527 42.48 23.76 -37.28
CA LEU D 527 43.77 24.41 -37.46
C LEU D 527 44.15 25.31 -36.30
N SER D 528 43.28 25.48 -35.30
CA SER D 528 43.56 26.34 -34.16
C SER D 528 44.06 25.57 -32.95
N ILE D 529 44.23 24.25 -33.07
CA ILE D 529 44.73 23.40 -32.00
C ILE D 529 45.87 22.54 -32.52
N GLN D 530 46.56 21.88 -31.59
CA GLN D 530 47.52 20.84 -31.97
C GLN D 530 46.76 19.69 -32.61
N ASP D 531 47.39 19.06 -33.60
CA ASP D 531 46.73 18.03 -34.40
C ASP D 531 46.24 16.88 -33.52
N PRO D 532 44.93 16.61 -33.48
CA PRO D 532 44.44 15.47 -32.70
C PRO D 532 44.93 14.13 -33.22
N ARG D 533 45.25 14.03 -34.51
CA ARG D 533 45.79 12.79 -35.05
C ARG D 533 47.22 12.60 -34.54
N GLU D 534 47.48 11.51 -33.83
CA GLU D 534 48.78 11.24 -33.22
C GLU D 534 49.39 9.99 -33.82
N ARG D 535 50.70 10.06 -34.11
CA ARG D 535 51.44 8.87 -34.58
C ARG D 535 52.52 8.57 -33.55
N PRO D 536 52.31 7.61 -32.66
CA PRO D 536 53.28 7.34 -31.60
C PRO D 536 54.60 6.82 -32.16
N MET D 537 55.63 6.93 -31.32
CA MET D 537 57.00 6.64 -31.77
C MET D 537 57.15 5.19 -32.21
N ASP D 538 56.64 4.25 -31.42
CA ASP D 538 56.53 2.88 -31.90
C ASP D 538 55.20 2.68 -32.61
N LYS D 539 55.17 1.71 -33.52
CA LYS D 539 53.98 1.42 -34.33
C LYS D 539 53.56 2.66 -35.14
N GLN D 540 54.55 3.26 -35.81
CA GLN D 540 54.29 4.43 -36.66
C GLN D 540 53.44 4.07 -37.87
N GLN D 541 53.69 2.92 -38.50
CA GLN D 541 52.93 2.55 -39.68
C GLN D 541 51.48 2.27 -39.35
N ALA D 542 51.22 1.67 -38.18
CA ALA D 542 49.85 1.34 -37.80
C ALA D 542 49.00 2.60 -37.66
N SER D 543 49.53 3.65 -37.04
CA SER D 543 48.80 4.90 -36.93
C SER D 543 48.59 5.54 -38.30
N ASP D 544 49.62 5.53 -39.15
CA ASP D 544 49.48 6.09 -40.49
C ASP D 544 48.52 5.26 -41.34
N GLU D 545 48.41 3.97 -41.05
CA GLU D 545 47.45 3.12 -41.76
C GLU D 545 46.01 3.50 -41.43
N LYS D 546 45.76 3.94 -40.20
CA LYS D 546 44.41 4.31 -39.77
C LYS D 546 44.09 5.78 -40.02
N HIS D 547 45.09 6.67 -39.96
CA HIS D 547 44.78 8.08 -40.21
C HIS D 547 44.51 8.32 -41.68
N ARG D 548 45.12 7.52 -42.55
CA ARG D 548 44.92 7.62 -43.99
C ARG D 548 43.55 7.07 -44.42
N ARG D 549 42.66 6.73 -43.49
CA ARG D 549 41.34 6.24 -43.87
C ARG D 549 40.47 7.35 -44.43
N PHE D 550 40.59 8.56 -43.88
CA PHE D 550 39.76 9.70 -44.24
C PHE D 550 40.57 10.80 -44.94
N HIS D 551 41.53 10.38 -45.74
CA HIS D 551 42.42 11.24 -46.49
C HIS D 551 41.84 11.59 -47.86
N ASP D 552 42.03 12.84 -48.29
CA ASP D 552 41.63 13.28 -49.62
C ASP D 552 42.87 13.45 -50.49
N LYS D 553 42.75 13.05 -51.76
CA LYS D 553 43.90 13.04 -52.65
C LYS D 553 44.46 14.42 -52.94
N GLU D 554 43.61 15.44 -53.04
CA GLU D 554 44.06 16.75 -53.44
C GLU D 554 43.99 17.80 -52.33
N SER D 555 43.40 17.48 -51.18
CA SER D 555 43.20 18.47 -50.12
C SER D 555 43.44 17.84 -48.77
N ASP D 556 44.45 18.33 -48.06
CA ASP D 556 44.64 17.94 -46.66
C ASP D 556 43.53 18.50 -45.78
N PHE D 557 42.96 19.64 -46.16
CA PHE D 557 41.96 20.30 -45.32
C PHE D 557 40.69 19.47 -45.19
N LEU D 558 40.21 18.87 -46.29
CA LEU D 558 38.99 18.08 -46.23
C LEU D 558 39.13 16.85 -45.36
N ALA D 559 40.36 16.39 -45.10
CA ALA D 559 40.55 15.26 -44.20
C ALA D 559 39.94 15.54 -42.84
N PHE D 560 40.03 16.78 -42.37
CA PHE D 560 39.38 17.13 -41.12
C PHE D 560 37.87 16.95 -41.23
N VAL D 561 37.28 17.34 -42.36
CA VAL D 561 35.84 17.17 -42.54
C VAL D 561 35.45 15.71 -42.45
N ASN D 562 36.19 14.84 -43.14
CA ASN D 562 35.89 13.42 -43.11
C ASN D 562 36.04 12.85 -41.71
N LEU D 563 37.13 13.19 -41.04
CA LEU D 563 37.32 12.75 -39.66
C LEU D 563 36.21 13.31 -38.76
N TRP D 564 35.77 14.54 -39.04
CA TRP D 564 34.72 15.16 -38.24
C TRP D 564 33.40 14.43 -38.39
N ASN D 565 33.00 14.13 -39.63
CA ASN D 565 31.74 13.43 -39.87
C ASN D 565 31.78 12.02 -39.29
N TYR D 566 32.94 11.36 -39.36
CA TYR D 566 33.09 10.03 -38.77
C TYR D 566 32.89 10.09 -37.25
N LEU D 567 33.62 10.97 -36.58
CA LEU D 567 33.53 11.06 -35.12
C LEU D 567 32.18 11.55 -34.65
N GLY D 568 31.52 12.42 -35.43
CA GLY D 568 30.21 12.88 -35.03
C GLY D 568 29.16 11.79 -35.05
N GLU D 569 29.25 10.88 -36.02
CA GLU D 569 28.30 9.76 -36.06
C GLU D 569 28.58 8.76 -34.95
N GLN D 570 29.85 8.49 -34.68
CA GLN D 570 30.22 7.52 -33.63
C GLN D 570 30.01 8.06 -32.22
N GLN D 571 29.98 9.39 -32.04
CA GLN D 571 29.77 9.95 -30.72
C GLN D 571 28.36 9.67 -30.21
N LYS D 572 27.36 9.87 -31.08
CA LYS D 572 25.97 9.61 -30.70
C LYS D 572 25.63 8.13 -30.64
N ALA D 573 26.35 7.28 -31.37
CA ALA D 573 26.08 5.84 -31.46
C ALA D 573 26.66 5.04 -30.31
N LEU D 574 27.86 5.35 -29.86
CA LEU D 574 28.53 4.59 -28.80
C LEU D 574 28.40 5.31 -27.47
N SER D 575 28.74 4.58 -26.40
CA SER D 575 28.77 5.12 -25.06
C SER D 575 30.02 5.98 -24.85
N SER D 576 30.13 6.58 -23.67
CA SER D 576 31.31 7.39 -23.38
C SER D 576 32.54 6.51 -23.21
N ASN D 577 32.37 5.32 -22.64
CA ASN D 577 33.49 4.41 -22.51
C ASN D 577 33.85 3.76 -23.83
N ALA D 578 32.85 3.47 -24.67
CA ALA D 578 33.13 2.89 -25.99
C ALA D 578 33.77 3.90 -26.93
N PHE D 579 33.56 5.19 -26.72
CA PHE D 579 34.19 6.19 -27.57
C PHE D 579 35.66 6.35 -27.22
N ARG D 580 35.97 6.65 -25.96
CA ARG D 580 37.36 6.86 -25.55
C ARG D 580 38.23 5.65 -25.85
N ARG D 581 37.63 4.46 -25.95
CA ARG D 581 38.37 3.30 -26.47
C ARG D 581 38.64 3.45 -27.95
N LEU D 582 37.63 3.89 -28.71
CA LEU D 582 37.81 4.08 -30.14
C LEU D 582 38.83 5.18 -30.43
N CYS D 583 38.90 6.20 -29.57
CA CYS D 583 39.93 7.23 -29.72
C CYS D 583 41.32 6.70 -29.40
N ARG D 584 41.44 5.64 -28.63
CA ARG D 584 42.76 5.09 -28.36
C ARG D 584 43.15 4.01 -29.37
N THR D 585 42.18 3.30 -29.93
CA THR D 585 42.47 2.32 -30.97
C THR D 585 42.55 2.94 -32.36
N ASP D 586 42.12 4.19 -32.52
CA ASP D 586 42.25 4.91 -33.77
C ASP D 586 43.30 6.00 -33.69
N TYR D 587 44.09 6.01 -32.62
CA TYR D 587 45.23 6.92 -32.46
C TYR D 587 44.80 8.38 -32.53
N LEU D 588 43.83 8.74 -31.70
CA LEU D 588 43.23 10.08 -31.66
C LEU D 588 43.23 10.57 -30.23
N ASN D 589 43.85 11.72 -29.97
CA ASN D 589 43.83 12.29 -28.64
C ASN D 589 42.40 12.76 -28.34
N TYR D 590 41.72 12.06 -27.43
CA TYR D 590 40.33 12.39 -27.11
C TYR D 590 40.21 13.81 -26.61
N LEU D 591 41.10 14.21 -25.69
CA LEU D 591 41.04 15.56 -25.14
C LEU D 591 41.10 16.62 -26.24
N ARG D 592 41.92 16.37 -27.26
CA ARG D 592 41.97 17.31 -28.38
C ARG D 592 40.72 17.20 -29.24
N VAL D 593 40.24 15.97 -29.46
CA VAL D 593 38.95 15.79 -30.14
C VAL D 593 37.86 16.51 -29.37
N ARG D 594 37.97 16.50 -28.05
CA ARG D 594 37.02 17.23 -27.20
C ARG D 594 37.13 18.72 -27.42
N GLU D 595 38.36 19.25 -27.42
CA GLU D 595 38.56 20.69 -27.60
C GLU D 595 38.19 21.14 -29.00
N TRP D 596 38.50 20.33 -30.01
CA TRP D 596 38.11 20.65 -31.39
C TRP D 596 36.60 20.84 -31.49
N GLN D 597 35.82 20.05 -30.75
CA GLN D 597 34.39 20.26 -30.73
C GLN D 597 34.03 21.55 -30.00
N ASP D 598 34.72 21.84 -28.90
CA ASP D 598 34.39 23.03 -28.11
C ASP D 598 34.70 24.31 -28.88
N ILE D 599 35.82 24.36 -29.61
CA ILE D 599 36.13 25.53 -30.44
C ILE D 599 35.05 25.72 -31.51
N TYR D 600 34.67 24.63 -32.17
CA TYR D 600 33.64 24.70 -33.21
C TYR D 600 32.33 25.24 -32.65
N THR D 601 31.92 24.76 -31.48
CA THR D 601 30.65 25.21 -30.93
C THR D 601 30.67 26.70 -30.61
N GLN D 602 31.78 27.19 -30.04
CA GLN D 602 31.91 28.62 -29.79
C GLN D 602 31.84 29.41 -31.08
N LEU D 603 32.60 28.96 -32.07
CA LEU D 603 32.62 29.61 -33.37
C LEU D 603 31.23 29.62 -33.99
N ARG D 604 30.51 28.49 -33.92
CA ARG D 604 29.16 28.43 -34.47
C ARG D 604 28.25 29.46 -33.85
N GLN D 605 28.21 29.52 -32.51
CA GLN D 605 27.26 30.41 -31.87
C GLN D 605 27.69 31.87 -31.87
N VAL D 606 28.92 32.17 -32.26
CA VAL D 606 29.29 33.55 -32.59
C VAL D 606 28.95 33.88 -34.04
N VAL D 607 29.13 32.89 -34.93
CA VAL D 607 28.74 33.05 -36.33
C VAL D 607 27.24 33.29 -36.45
N LYS D 608 26.44 32.61 -35.63
CA LYS D 608 25.00 32.84 -35.64
C LYS D 608 24.65 34.24 -35.16
N GLU D 609 25.38 34.75 -34.15
CA GLU D 609 25.08 36.10 -33.65
C GLU D 609 25.34 37.19 -34.69
N LEU D 610 26.20 36.93 -35.68
CA LEU D 610 26.41 37.83 -36.80
C LEU D 610 25.45 37.58 -37.96
N GLY D 611 24.61 36.56 -37.88
CA GLY D 611 23.64 36.31 -38.92
C GLY D 611 24.14 35.55 -40.13
N ILE D 612 25.33 34.98 -40.09
CA ILE D 612 25.80 34.17 -41.22
C ILE D 612 24.96 32.89 -41.28
N PRO D 613 24.39 32.54 -42.44
CA PRO D 613 23.68 31.26 -42.54
C PRO D 613 24.66 30.11 -42.61
N VAL D 614 24.33 29.01 -41.92
CA VAL D 614 25.16 27.81 -41.85
C VAL D 614 24.56 26.73 -42.75
N ASN D 615 25.43 26.04 -43.49
CA ASN D 615 24.96 25.04 -44.44
C ASN D 615 24.47 23.78 -43.73
N SER D 616 23.62 23.05 -44.45
CA SER D 616 23.18 21.72 -44.06
C SER D 616 23.62 20.65 -45.03
N GLU D 617 23.87 21.01 -46.28
CA GLU D 617 24.37 20.13 -47.34
C GLU D 617 25.84 20.42 -47.58
N PRO D 618 26.68 19.39 -47.68
CA PRO D 618 28.10 19.61 -47.94
C PRO D 618 28.33 20.31 -49.28
N ALA D 619 29.37 21.13 -49.32
CA ALA D 619 29.68 21.94 -50.49
C ALA D 619 30.66 21.21 -51.41
N GLU D 620 30.95 21.81 -52.55
CA GLU D 620 31.83 21.25 -53.55
C GLU D 620 33.28 21.63 -53.24
N TYR D 621 34.22 20.97 -53.93
CA TYR D 621 35.64 21.18 -53.64
C TYR D 621 36.07 22.61 -53.93
N ARG D 622 35.61 23.19 -55.03
CA ARG D 622 36.07 24.52 -55.42
C ARG D 622 35.56 25.59 -54.48
N GLU D 623 34.36 25.41 -53.92
CA GLU D 623 33.76 26.46 -53.10
C GLU D 623 34.45 26.56 -51.74
N ILE D 624 34.72 25.43 -51.09
CA ILE D 624 35.36 25.44 -49.77
C ILE D 624 36.74 26.09 -49.85
N HIS D 625 37.50 25.78 -50.90
CA HIS D 625 38.90 26.20 -50.95
C HIS D 625 39.08 27.65 -51.39
N ILE D 626 38.14 28.19 -52.17
CA ILE D 626 38.18 29.63 -52.43
C ILE D 626 37.93 30.41 -51.15
N ALA D 627 36.95 29.98 -50.34
CA ALA D 627 36.71 30.63 -49.06
C ALA D 627 37.92 30.49 -48.14
N LEU D 628 38.55 29.32 -48.16
CA LEU D 628 39.76 29.12 -47.37
C LEU D 628 40.91 29.97 -47.88
N LEU D 629 40.98 30.17 -49.20
CA LEU D 629 42.10 30.86 -49.82
C LEU D 629 42.26 32.30 -49.31
N THR D 630 41.17 32.93 -48.86
CA THR D 630 41.24 34.34 -48.50
C THR D 630 42.22 34.60 -47.37
N GLY D 631 42.47 33.59 -46.54
CA GLY D 631 43.40 33.75 -45.45
C GLY D 631 44.78 33.22 -45.73
N LEU D 632 45.02 32.70 -46.94
CA LEU D 632 46.27 32.04 -47.27
C LEU D 632 46.89 32.61 -48.54
N LEU D 633 46.73 33.92 -48.77
CA LEU D 633 47.29 34.53 -49.97
C LEU D 633 48.80 34.64 -49.88
N SER D 634 49.34 34.83 -48.68
CA SER D 634 50.79 34.81 -48.49
C SER D 634 51.39 33.40 -48.49
N HIS D 635 50.55 32.36 -48.50
CA HIS D 635 50.99 30.98 -48.36
C HIS D 635 50.65 30.16 -49.60
N ILE D 636 50.80 30.74 -50.79
CA ILE D 636 50.59 30.01 -52.03
C ILE D 636 51.94 29.77 -52.68
N GLY D 637 51.98 28.74 -53.51
CA GLY D 637 53.18 28.43 -54.29
C GLY D 637 52.82 27.74 -55.58
N MET D 638 53.70 27.89 -56.57
CA MET D 638 53.53 27.21 -57.85
C MET D 638 54.73 26.29 -58.06
N LYS D 639 54.46 25.06 -58.48
CA LYS D 639 55.47 24.01 -58.44
C LYS D 639 56.65 24.38 -59.32
N ASP D 640 57.85 24.29 -58.75
CA ASP D 640 59.08 24.39 -59.52
C ASP D 640 58.99 23.48 -60.73
N ALA D 641 59.42 24.00 -61.88
CA ALA D 641 59.31 23.24 -63.12
C ALA D 641 60.17 21.99 -63.05
N ASP D 642 59.53 20.84 -63.26
CA ASP D 642 60.19 19.53 -63.25
C ASP D 642 60.97 19.30 -61.96
N LYS D 643 60.28 19.49 -60.84
CA LYS D 643 60.87 19.33 -59.52
C LYS D 643 59.75 19.28 -58.51
N GLN D 644 60.03 18.67 -57.36
CA GLN D 644 59.07 18.57 -56.26
C GLN D 644 59.23 19.72 -55.27
N GLU D 645 59.45 20.94 -55.79
CA GLU D 645 59.61 22.13 -54.97
C GLU D 645 58.59 23.16 -55.43
N TYR D 646 58.27 24.11 -54.55
CA TYR D 646 57.29 25.15 -54.82
C TYR D 646 57.90 26.54 -54.71
N THR D 647 57.51 27.43 -55.61
CA THR D 647 57.87 28.85 -55.53
C THR D 647 56.69 29.62 -54.98
N GLY D 648 56.88 30.27 -53.83
CA GLY D 648 55.82 30.92 -53.11
C GLY D 648 55.93 32.43 -53.11
N ALA D 649 55.29 33.05 -52.11
CA ALA D 649 55.31 34.50 -51.98
C ALA D 649 56.74 34.99 -51.82
N ARG D 650 57.01 36.19 -52.33
CA ARG D 650 58.39 36.67 -52.52
C ARG D 650 59.08 35.72 -53.49
N ASN D 651 60.41 35.70 -53.52
CA ASN D 651 61.13 34.68 -54.29
C ASN D 651 61.45 33.51 -53.36
N ALA D 652 60.59 33.28 -52.37
CA ALA D 652 60.79 32.20 -51.41
C ALA D 652 60.24 30.91 -51.99
N ARG D 653 60.99 29.82 -51.74
CA ARG D 653 60.62 28.48 -52.20
C ARG D 653 60.49 27.56 -51.00
N PHE D 654 59.39 26.80 -50.97
CA PHE D 654 59.12 25.83 -49.91
C PHE D 654 58.70 24.50 -50.52
N SER D 655 59.02 23.42 -49.82
CA SER D 655 58.60 22.07 -50.22
C SER D 655 57.45 21.60 -49.34
N ILE D 656 56.63 20.70 -49.89
CA ILE D 656 55.45 20.22 -49.19
C ILE D 656 55.88 19.31 -48.04
N PHE D 657 55.21 19.46 -46.89
CA PHE D 657 55.56 18.70 -45.69
C PHE D 657 55.38 17.20 -45.95
N PRO D 658 56.29 16.35 -45.47
CA PRO D 658 56.21 14.92 -45.80
C PRO D 658 54.97 14.23 -45.26
N GLY D 659 54.38 14.75 -44.19
CA GLY D 659 53.17 14.14 -43.65
C GLY D 659 51.91 14.60 -44.34
N SER D 660 52.03 15.05 -45.59
CA SER D 660 50.90 15.58 -46.33
C SER D 660 50.36 14.52 -47.28
N GLY D 661 49.04 14.46 -47.41
CA GLY D 661 48.40 13.47 -48.26
C GLY D 661 48.68 13.62 -49.74
N LEU D 662 49.14 14.78 -50.17
CA LEU D 662 49.48 15.03 -51.57
C LEU D 662 50.99 15.19 -51.74
N PHE D 663 51.75 14.59 -50.81
CA PHE D 663 53.20 14.58 -50.90
C PHE D 663 53.69 13.72 -52.06
N LYS D 664 52.96 12.66 -52.38
CA LYS D 664 53.28 11.86 -53.55
C LYS D 664 53.26 12.72 -54.81
N LYS D 665 52.13 13.37 -55.08
CA LYS D 665 51.88 14.10 -56.32
C LYS D 665 51.56 15.56 -56.01
N PRO D 666 52.57 16.38 -55.76
CA PRO D 666 52.34 17.81 -55.59
C PRO D 666 51.86 18.43 -56.88
N PRO D 667 50.72 19.13 -56.85
CA PRO D 667 50.21 19.77 -58.06
C PRO D 667 51.02 21.01 -58.39
N LYS D 668 50.72 21.60 -59.55
CA LYS D 668 51.45 22.80 -59.96
C LYS D 668 51.22 23.93 -58.99
N TRP D 669 49.96 24.32 -58.80
CA TRP D 669 49.61 25.45 -57.95
C TRP D 669 49.03 24.95 -56.64
N VAL D 670 49.58 25.42 -55.53
CA VAL D 670 49.19 24.96 -54.21
C VAL D 670 48.95 26.16 -53.31
N MET D 671 48.25 25.91 -52.20
CA MET D 671 48.20 26.82 -51.06
C MET D 671 48.46 25.98 -49.82
N VAL D 672 49.25 26.52 -48.90
CA VAL D 672 49.54 25.83 -47.64
C VAL D 672 48.90 26.60 -46.50
N ALA D 673 48.63 25.89 -45.40
CA ALA D 673 48.02 26.55 -44.25
C ALA D 673 49.05 27.22 -43.37
N GLU D 674 50.27 26.68 -43.30
CA GLU D 674 51.26 27.20 -42.36
C GLU D 674 52.65 26.99 -42.94
N LEU D 675 53.46 28.04 -42.91
CA LEU D 675 54.83 28.00 -43.36
C LEU D 675 55.76 28.09 -42.15
N VAL D 676 56.55 27.04 -41.93
CA VAL D 676 57.49 26.95 -40.81
C VAL D 676 58.84 26.52 -41.35
N GLU D 677 59.90 27.18 -40.87
CA GLU D 677 61.25 26.93 -41.34
C GLU D 677 62.03 26.20 -40.26
N THR D 678 62.44 24.97 -40.57
CA THR D 678 63.27 24.16 -39.69
C THR D 678 64.64 23.98 -40.33
N SER D 679 64.72 23.04 -41.29
CA SER D 679 65.85 22.93 -42.20
C SER D 679 65.41 23.48 -43.54
N ARG D 680 64.47 22.81 -44.18
CA ARG D 680 63.77 23.33 -45.36
C ARG D 680 62.60 24.21 -44.91
N LEU D 681 62.04 24.96 -45.87
CA LEU D 681 60.76 25.63 -45.67
C LEU D 681 59.64 24.63 -45.93
N TRP D 682 58.80 24.39 -44.93
CA TRP D 682 57.77 23.37 -45.00
C TRP D 682 56.38 24.02 -45.01
N GLY D 683 55.51 23.52 -45.90
CA GLY D 683 54.12 23.91 -45.89
C GLY D 683 53.25 22.79 -45.37
N ARG D 684 52.78 22.90 -44.13
CA ARG D 684 52.28 21.72 -43.41
C ARG D 684 50.96 21.21 -43.98
N ILE D 685 49.93 22.05 -44.02
CA ILE D 685 48.64 21.63 -44.55
C ILE D 685 48.42 22.31 -45.88
N ALA D 686 48.36 21.53 -46.96
CA ALA D 686 48.32 22.07 -48.32
C ALA D 686 47.17 21.44 -49.10
N ALA D 687 46.80 22.11 -50.20
CA ALA D 687 45.72 21.64 -51.06
C ALA D 687 45.87 22.27 -52.44
N ARG D 688 45.43 21.53 -53.45
CA ARG D 688 45.54 22.02 -54.83
C ARG D 688 44.57 23.16 -55.06
N ILE D 689 45.04 24.19 -55.76
CA ILE D 689 44.21 25.31 -56.18
C ILE D 689 44.46 25.58 -57.66
N ASP D 690 43.44 26.10 -58.31
CA ASP D 690 43.49 26.62 -59.67
C ASP D 690 43.78 28.12 -59.63
N PRO D 691 44.81 28.61 -60.33
CA PRO D 691 45.14 30.04 -60.23
C PRO D 691 44.04 30.96 -60.73
N GLU D 692 43.10 30.45 -61.52
CA GLU D 692 41.97 31.27 -61.95
C GLU D 692 41.13 31.74 -60.77
N TRP D 693 41.16 31.02 -59.66
CA TRP D 693 40.37 31.39 -58.49
C TRP D 693 40.94 32.59 -57.75
N VAL D 694 42.27 32.75 -57.77
CA VAL D 694 42.91 33.71 -56.86
C VAL D 694 42.72 35.15 -57.32
N GLU D 695 42.57 35.39 -58.63
CA GLU D 695 42.50 36.78 -59.10
C GLU D 695 41.31 37.55 -58.55
N PRO D 696 40.08 37.04 -58.58
CA PRO D 696 38.96 37.81 -58.01
C PRO D 696 39.13 38.11 -56.53
N VAL D 697 39.97 37.37 -55.83
CA VAL D 697 40.14 37.55 -54.40
C VAL D 697 41.34 38.43 -54.07
N ALA D 698 42.29 38.58 -54.98
CA ALA D 698 43.51 39.34 -54.72
C ALA D 698 43.50 40.70 -55.41
N GLN D 699 42.31 41.27 -55.61
CA GLN D 699 42.20 42.56 -56.30
C GLN D 699 43.02 43.63 -55.60
N HIS D 700 43.06 43.62 -54.27
CA HIS D 700 43.84 44.58 -53.51
C HIS D 700 45.34 44.30 -53.55
N LEU D 701 45.75 43.15 -54.09
CA LEU D 701 47.15 42.76 -54.09
C LEU D 701 47.75 42.56 -55.47
N ILE D 702 46.96 42.19 -56.48
CA ILE D 702 47.53 41.90 -57.79
C ILE D 702 48.20 43.14 -58.33
N LYS D 703 49.31 42.93 -59.03
CA LYS D 703 49.98 43.98 -59.78
C LYS D 703 49.94 43.60 -61.25
N ARG D 704 49.49 44.53 -62.09
CA ARG D 704 49.30 44.26 -63.51
C ARG D 704 50.46 44.87 -64.28
N THR D 705 51.08 44.06 -65.14
CA THR D 705 52.16 44.48 -66.01
C THR D 705 51.74 44.22 -67.45
N TYR D 706 52.03 45.18 -68.33
CA TYR D 706 51.63 45.09 -69.73
C TYR D 706 52.86 45.08 -70.63
N SER D 707 52.80 44.25 -71.67
CA SER D 707 53.94 44.03 -72.54
C SER D 707 53.45 43.74 -73.95
N GLU D 708 54.37 43.91 -74.90
CA GLU D 708 54.12 43.68 -76.32
C GLU D 708 52.88 44.40 -76.85
N PRO D 709 52.85 45.74 -76.78
CA PRO D 709 51.71 46.48 -77.34
C PRO D 709 51.85 46.63 -78.85
N HIS D 710 50.75 46.38 -79.56
CA HIS D 710 50.74 46.43 -81.02
C HIS D 710 49.34 46.78 -81.48
N TRP D 711 49.23 47.35 -82.68
CA TRP D 711 47.93 47.75 -83.23
C TRP D 711 47.37 46.61 -84.08
N GLU D 712 46.36 45.93 -83.52
CA GLU D 712 45.64 44.87 -84.23
C GLU D 712 44.68 45.52 -85.21
N ARG D 713 44.89 45.28 -86.51
CA ARG D 713 44.14 46.02 -87.52
C ARG D 713 42.67 45.63 -87.52
N ALA D 714 42.36 44.37 -87.22
CA ALA D 714 41.00 43.88 -87.35
C ALA D 714 40.05 44.60 -86.39
N GLN D 715 40.46 44.75 -85.13
CA GLN D 715 39.60 45.40 -84.14
C GLN D 715 39.86 46.89 -84.01
N GLY D 716 40.92 47.42 -84.62
CA GLY D 716 41.14 48.85 -84.58
C GLY D 716 41.49 49.40 -83.21
N ALA D 717 42.40 48.73 -82.51
CA ALA D 717 42.81 49.16 -81.18
C ALA D 717 44.23 48.69 -80.93
N VAL D 718 44.81 49.18 -79.84
CA VAL D 718 46.12 48.72 -79.41
C VAL D 718 45.92 47.52 -78.49
N MET D 719 46.66 46.46 -78.74
CA MET D 719 46.56 45.23 -77.96
C MET D 719 47.89 44.94 -77.28
N ALA D 720 47.84 44.22 -76.17
CA ALA D 720 49.04 43.88 -75.43
C ALA D 720 48.79 42.63 -74.59
N THR D 721 49.86 42.11 -74.01
CA THR D 721 49.81 40.93 -73.16
C THR D 721 50.02 41.34 -71.71
N GLU D 722 49.11 40.90 -70.85
CA GLU D 722 49.06 41.31 -69.45
C GLU D 722 49.66 40.23 -68.57
N LYS D 723 50.36 40.66 -67.51
CA LYS D 723 50.99 39.76 -66.55
C LYS D 723 50.58 40.15 -65.14
N VAL D 724 49.70 39.37 -64.54
CA VAL D 724 49.25 39.61 -63.18
C VAL D 724 50.14 38.84 -62.21
N THR D 725 50.53 39.50 -61.12
CA THR D 725 51.50 38.95 -60.17
C THR D 725 51.09 39.36 -58.76
N VAL D 726 50.84 38.37 -57.91
CA VAL D 726 50.59 38.60 -56.49
C VAL D 726 51.81 38.11 -55.71
N TYR D 727 52.44 39.02 -54.97
CA TYR D 727 53.66 38.76 -54.21
C TYR D 727 54.75 38.17 -55.10
N GLY D 728 54.69 38.43 -56.41
CA GLY D 728 55.67 37.93 -57.35
C GLY D 728 55.29 36.68 -58.12
N LEU D 729 54.08 36.15 -57.92
CA LEU D 729 53.72 34.87 -58.52
C LEU D 729 52.90 35.08 -59.78
N PRO D 730 53.29 34.52 -60.91
CA PRO D 730 52.53 34.74 -62.14
C PRO D 730 51.22 33.96 -62.15
N ILE D 731 50.16 34.57 -61.60
CA ILE D 731 48.83 33.96 -61.67
C ILE D 731 48.41 33.76 -63.12
N VAL D 732 48.68 34.73 -63.97
CA VAL D 732 48.53 34.59 -65.41
C VAL D 732 49.86 34.98 -66.03
N ALA D 733 50.46 34.05 -66.79
CA ALA D 733 51.75 34.34 -67.40
C ALA D 733 51.61 35.40 -68.48
N ALA D 734 50.58 35.27 -69.32
CA ALA D 734 50.28 36.27 -70.33
C ALA D 734 48.88 36.02 -70.86
N ARG D 735 48.20 37.10 -71.22
CA ARG D 735 46.89 37.03 -71.86
C ARG D 735 46.71 38.25 -72.74
N LYS D 736 46.33 38.02 -73.99
CA LYS D 736 46.14 39.13 -74.92
C LYS D 736 44.93 39.94 -74.49
N VAL D 737 45.12 41.25 -74.33
CA VAL D 737 44.07 42.13 -73.83
C VAL D 737 44.06 43.42 -74.64
N ASN D 738 42.87 44.03 -74.71
CA ASN D 738 42.66 45.26 -75.47
C ASN D 738 43.23 46.43 -74.67
N TYR D 739 44.46 46.84 -75.00
CA TYR D 739 45.10 47.89 -74.23
C TYR D 739 44.41 49.22 -74.43
N SER D 740 43.76 49.42 -75.58
CA SER D 740 43.10 50.70 -75.84
C SER D 740 41.95 50.94 -74.87
N GLN D 741 41.23 49.87 -74.49
CA GLN D 741 40.17 50.04 -73.51
C GLN D 741 40.73 50.24 -72.10
N ILE D 742 41.90 49.68 -71.82
CA ILE D 742 42.46 49.75 -70.47
C ILE D 742 43.00 51.14 -70.17
N ASP D 743 43.75 51.72 -71.10
CA ASP D 743 44.30 53.07 -70.93
C ASP D 743 44.32 53.77 -72.26
N PRO D 744 43.21 54.37 -72.68
CA PRO D 744 43.18 55.03 -73.99
C PRO D 744 44.18 56.16 -74.11
N ALA D 745 44.44 56.88 -73.01
CA ALA D 745 45.37 57.99 -73.06
C ALA D 745 46.79 57.51 -73.34
N LEU D 746 47.19 56.40 -72.70
CA LEU D 746 48.53 55.87 -72.90
C LEU D 746 48.71 55.31 -74.30
N CYS D 747 47.70 54.61 -74.83
CA CYS D 747 47.80 54.10 -76.19
C CYS D 747 47.87 55.23 -77.20
N ARG D 748 47.10 56.29 -77.00
CA ARG D 748 47.20 57.45 -77.87
C ARG D 748 48.59 58.10 -77.78
N GLU D 749 49.13 58.20 -76.56
CA GLU D 749 50.43 58.86 -76.42
C GLU D 749 51.56 58.02 -77.02
N LEU D 750 51.46 56.69 -76.92
CA LEU D 750 52.45 55.83 -77.57
C LEU D 750 52.28 55.83 -79.08
N PHE D 751 51.04 55.89 -79.54
CA PHE D 751 50.77 55.96 -80.98
C PHE D 751 51.47 57.16 -81.61
N ILE D 752 51.47 58.30 -80.93
CA ILE D 752 52.17 59.48 -81.44
C ILE D 752 53.67 59.23 -81.50
N ARG D 753 54.25 58.74 -80.41
CA ARG D 753 55.69 58.60 -80.33
C ARG D 753 56.20 57.40 -81.13
N HIS D 754 55.44 56.30 -81.15
CA HIS D 754 55.78 55.20 -82.07
C HIS D 754 55.77 55.71 -83.51
N ALA D 755 54.73 56.46 -83.89
CA ALA D 755 54.66 57.06 -85.21
C ALA D 755 55.33 58.43 -85.25
#